data_2MJW
#
_entry.id   2MJW
#
loop_
_entity.id
_entity.type
_entity.pdbx_description
1 polymer 'Advanced glycosylation end product-specific receptor'
2 polymer 'Protein S100-P'
#
loop_
_entity_poly.entity_id
_entity_poly.type
_entity_poly.pdbx_seq_one_letter_code
_entity_poly.pdbx_strand_id
1 'polypeptide(L)'
;AMAQNITARIGEPLVLKCKGAPKKPPQRLEWKLNTGRTEAWKVLSPQGGGPWDSVARVLPNGSLFLPAVGIQDEGIFRCQ
AMNRNGKETKSNYRVRVYQIP
;
A,C
2 'polypeptide(L)'
;MTELETAMGMIIDVFSRYSGSEGSTQTLTKGELKVLMEKELPGFLQSGKDKDAVDKLLKDLDANGDAQVDFSEFIVFVAA
ITSACHKYFEKAGL
;
B,D
#
# COMPACT_ATOMS: atom_id res chain seq x y z
N ALA A 1 13.16 -22.04 -10.97
CA ALA A 1 12.07 -21.51 -11.81
C ALA A 1 12.46 -21.53 -13.28
N MET A 2 11.54 -21.95 -14.14
CA MET A 2 11.80 -22.00 -15.57
C MET A 2 10.91 -21.01 -16.31
N ALA A 3 11.48 -20.36 -17.33
CA ALA A 3 10.75 -19.40 -18.13
C ALA A 3 11.23 -19.47 -19.57
N GLN A 4 10.27 -19.48 -20.50
CA GLN A 4 10.59 -19.57 -21.91
C GLN A 4 11.26 -18.29 -22.41
N ASN A 5 12.23 -18.44 -23.30
CA ASN A 5 12.95 -17.29 -23.85
C ASN A 5 12.23 -16.76 -25.09
N ILE A 6 11.87 -15.49 -25.05
CA ILE A 6 11.19 -14.85 -26.18
C ILE A 6 11.90 -13.57 -26.59
N THR A 7 12.53 -13.59 -27.76
CA THR A 7 13.24 -12.42 -28.27
C THR A 7 12.25 -11.49 -28.98
N ALA A 8 12.18 -10.25 -28.54
CA ALA A 8 11.26 -9.28 -29.13
C ALA A 8 11.97 -7.99 -29.51
N ARG A 9 11.22 -7.12 -30.17
CA ARG A 9 11.73 -5.83 -30.61
C ARG A 9 10.87 -4.71 -30.02
N ILE A 10 11.48 -3.59 -29.67
CA ILE A 10 10.75 -2.48 -29.09
C ILE A 10 9.80 -1.85 -30.12
N GLY A 11 8.53 -1.81 -29.79
CA GLY A 11 7.54 -1.25 -30.68
C GLY A 11 6.99 -2.25 -31.67
N GLU A 12 7.08 -3.53 -31.32
CA GLU A 12 6.60 -4.58 -32.20
C GLU A 12 5.35 -5.23 -31.62
N PRO A 13 4.26 -5.34 -32.42
CA PRO A 13 3.02 -5.98 -31.99
C PRO A 13 3.20 -7.49 -31.83
N LEU A 14 3.05 -7.97 -30.60
CA LEU A 14 3.21 -9.39 -30.32
C LEU A 14 1.92 -9.98 -29.76
N VAL A 15 1.64 -11.22 -30.14
CA VAL A 15 0.46 -11.92 -29.67
C VAL A 15 0.87 -13.21 -28.96
N LEU A 16 0.42 -13.38 -27.72
CA LEU A 16 0.78 -14.56 -26.95
C LEU A 16 -0.46 -15.37 -26.58
N LYS A 17 -0.33 -16.69 -26.58
CA LYS A 17 -1.43 -17.57 -26.23
C LYS A 17 -1.29 -18.03 -24.77
N CYS A 18 -2.26 -17.68 -23.94
CA CYS A 18 -2.23 -18.06 -22.54
C CYS A 18 -3.33 -19.06 -22.23
N LYS A 19 -2.98 -20.34 -22.23
CA LYS A 19 -3.92 -21.39 -21.95
C LYS A 19 -4.09 -21.57 -20.44
N GLY A 20 -5.13 -22.29 -20.04
CA GLY A 20 -5.39 -22.51 -18.64
C GLY A 20 -6.86 -22.73 -18.37
N ALA A 21 -7.70 -22.12 -19.20
CA ALA A 21 -9.14 -22.25 -19.06
C ALA A 21 -9.61 -23.60 -19.61
N PRO A 22 -10.13 -24.48 -18.74
CA PRO A 22 -10.62 -25.79 -19.14
C PRO A 22 -11.97 -25.72 -19.84
N LYS A 23 -12.59 -26.87 -20.06
CA LYS A 23 -13.89 -26.93 -20.74
C LYS A 23 -15.00 -26.61 -19.74
N LYS A 24 -14.93 -25.44 -19.13
CA LYS A 24 -15.91 -24.99 -18.16
C LYS A 24 -16.16 -23.50 -18.34
N PRO A 25 -17.25 -22.96 -17.74
CA PRO A 25 -17.56 -21.53 -17.85
C PRO A 25 -16.41 -20.64 -17.38
N PRO A 26 -16.22 -19.47 -18.03
CA PRO A 26 -15.15 -18.53 -17.70
C PRO A 26 -15.11 -18.18 -16.21
N GLN A 27 -14.01 -18.56 -15.58
CA GLN A 27 -13.81 -18.32 -14.16
C GLN A 27 -12.93 -17.08 -13.97
N ARG A 28 -12.66 -16.73 -12.70
CA ARG A 28 -11.85 -15.56 -12.39
C ARG A 28 -10.38 -15.82 -12.77
N LEU A 29 -9.73 -14.80 -13.31
CA LEU A 29 -8.34 -14.92 -13.74
C LEU A 29 -7.43 -14.02 -12.91
N GLU A 30 -6.65 -14.64 -12.04
CA GLU A 30 -5.73 -13.91 -11.19
C GLU A 30 -4.38 -13.74 -11.89
N TRP A 31 -4.32 -12.83 -12.84
CA TRP A 31 -3.11 -12.58 -13.60
C TRP A 31 -2.01 -12.02 -12.68
N LYS A 32 -0.79 -12.51 -12.88
CA LYS A 32 0.35 -12.08 -12.08
C LYS A 32 1.62 -12.13 -12.91
N LEU A 33 2.74 -11.73 -12.30
CA LEU A 33 4.03 -11.73 -12.98
C LEU A 33 5.14 -11.66 -11.95
N ASN A 34 6.38 -11.73 -12.43
CA ASN A 34 7.55 -11.67 -11.54
C ASN A 34 8.48 -10.56 -11.98
N THR A 35 8.51 -9.48 -11.22
CA THR A 35 9.36 -8.33 -11.51
C THR A 35 9.94 -7.74 -10.23
N GLY A 36 10.71 -6.67 -10.37
CA GLY A 36 11.29 -6.03 -9.22
C GLY A 36 10.25 -5.22 -8.45
N ARG A 37 9.97 -4.01 -8.92
CA ARG A 37 8.98 -3.17 -8.26
C ARG A 37 7.59 -3.56 -8.73
N THR A 38 7.54 -4.16 -9.92
CA THR A 38 6.29 -4.63 -10.52
C THR A 38 5.38 -3.47 -10.91
N GLU A 39 5.44 -3.09 -12.18
CA GLU A 39 4.62 -1.99 -12.69
C GLU A 39 3.53 -2.50 -13.64
N ALA A 40 3.73 -3.69 -14.20
CA ALA A 40 2.78 -4.26 -15.14
C ALA A 40 1.88 -5.31 -14.52
N TRP A 41 1.35 -5.03 -13.34
CA TRP A 41 0.47 -5.97 -12.67
C TRP A 41 -0.96 -5.45 -12.69
N LYS A 42 -1.91 -6.33 -12.99
CA LYS A 42 -3.31 -5.96 -13.04
C LYS A 42 -4.20 -7.19 -13.14
N VAL A 43 -5.08 -7.36 -12.17
CA VAL A 43 -6.00 -8.49 -12.16
C VAL A 43 -7.04 -8.30 -13.27
N LEU A 44 -7.20 -9.30 -14.11
CA LEU A 44 -8.14 -9.23 -15.22
C LEU A 44 -9.44 -9.98 -14.91
N SER A 45 -10.53 -9.46 -15.42
CA SER A 45 -11.84 -10.06 -15.21
C SER A 45 -12.43 -10.48 -16.54
N PRO A 46 -13.08 -11.65 -16.58
CA PRO A 46 -13.72 -12.14 -17.81
C PRO A 46 -14.94 -11.30 -18.18
N GLN A 47 -15.29 -10.38 -17.30
CA GLN A 47 -16.44 -9.50 -17.51
C GLN A 47 -16.11 -8.06 -17.07
N GLY A 48 -14.83 -7.74 -17.04
CA GLY A 48 -14.42 -6.40 -16.63
C GLY A 48 -13.07 -6.02 -17.19
N GLY A 49 -12.67 -4.77 -16.97
CA GLY A 49 -11.39 -4.30 -17.46
C GLY A 49 -10.65 -3.46 -16.43
N GLY A 50 -9.95 -2.44 -16.90
CA GLY A 50 -9.21 -1.58 -16.00
C GLY A 50 -7.97 -1.01 -16.67
N PRO A 51 -7.14 -0.25 -15.93
CA PRO A 51 -5.92 0.36 -16.44
C PRO A 51 -4.84 -0.67 -16.79
N TRP A 52 -5.04 -1.34 -17.93
CA TRP A 52 -4.13 -2.37 -18.42
C TRP A 52 -4.70 -2.94 -19.71
N ASP A 53 -6.02 -2.99 -19.77
CA ASP A 53 -6.74 -3.51 -20.94
C ASP A 53 -6.46 -2.64 -22.17
N SER A 54 -6.20 -1.36 -21.93
CA SER A 54 -5.91 -0.42 -22.99
C SER A 54 -4.49 -0.64 -23.53
N VAL A 55 -3.69 -1.40 -22.77
CA VAL A 55 -2.32 -1.71 -23.15
C VAL A 55 -2.26 -3.10 -23.77
N ALA A 56 -2.80 -4.07 -23.05
CA ALA A 56 -2.83 -5.44 -23.50
C ALA A 56 -4.27 -5.93 -23.59
N ARG A 57 -4.69 -6.27 -24.79
CA ARG A 57 -6.05 -6.75 -25.01
C ARG A 57 -6.11 -8.27 -24.98
N VAL A 58 -7.12 -8.79 -24.30
CA VAL A 58 -7.30 -10.23 -24.20
C VAL A 58 -8.36 -10.71 -25.18
N LEU A 59 -7.99 -11.64 -26.04
CA LEU A 59 -8.90 -12.20 -27.02
C LEU A 59 -9.78 -13.26 -26.36
N PRO A 60 -11.05 -13.38 -26.80
CA PRO A 60 -12.00 -14.36 -26.25
C PRO A 60 -11.52 -15.82 -26.34
N ASN A 61 -10.53 -16.06 -27.17
CA ASN A 61 -9.99 -17.42 -27.35
C ASN A 61 -8.89 -17.71 -26.32
N GLY A 62 -8.56 -16.72 -25.51
CA GLY A 62 -7.53 -16.91 -24.51
C GLY A 62 -6.15 -16.53 -25.02
N SER A 63 -5.99 -15.28 -25.42
CA SER A 63 -4.72 -14.80 -25.93
C SER A 63 -4.52 -13.33 -25.59
N LEU A 64 -3.27 -12.92 -25.45
CA LEU A 64 -2.94 -11.55 -25.11
C LEU A 64 -2.30 -10.85 -26.31
N PHE A 65 -2.81 -9.68 -26.65
CA PHE A 65 -2.29 -8.91 -27.77
C PHE A 65 -1.68 -7.60 -27.30
N LEU A 66 -0.43 -7.38 -27.67
CA LEU A 66 0.29 -6.16 -27.32
C LEU A 66 0.60 -5.37 -28.60
N PRO A 67 -0.06 -4.21 -28.77
CA PRO A 67 0.13 -3.36 -29.96
C PRO A 67 1.58 -2.95 -30.18
N ALA A 68 2.31 -2.71 -29.10
CA ALA A 68 3.70 -2.31 -29.20
C ALA A 68 4.45 -2.63 -27.92
N VAL A 69 5.19 -3.73 -27.93
CA VAL A 69 5.98 -4.14 -26.77
C VAL A 69 7.15 -3.20 -26.56
N GLY A 70 7.21 -2.57 -25.40
CA GLY A 70 8.29 -1.63 -25.11
C GLY A 70 9.28 -2.19 -24.10
N ILE A 71 9.61 -1.38 -23.11
CA ILE A 71 10.56 -1.79 -22.09
C ILE A 71 9.85 -2.04 -20.76
N GLN A 72 8.59 -1.61 -20.69
CA GLN A 72 7.81 -1.78 -19.47
C GLN A 72 7.20 -3.17 -19.43
N ASP A 73 6.93 -3.71 -20.62
CA ASP A 73 6.35 -5.03 -20.77
C ASP A 73 7.43 -6.11 -20.82
N GLU A 74 8.68 -5.68 -20.67
CA GLU A 74 9.79 -6.62 -20.70
C GLU A 74 10.01 -7.21 -19.31
N GLY A 75 9.72 -8.49 -19.18
CA GLY A 75 9.88 -9.17 -17.91
C GLY A 75 9.37 -10.60 -17.96
N ILE A 76 8.93 -11.11 -16.83
CA ILE A 76 8.41 -12.46 -16.73
C ILE A 76 6.93 -12.45 -16.39
N PHE A 77 6.10 -12.80 -17.37
CA PHE A 77 4.64 -12.82 -17.18
C PHE A 77 4.17 -14.18 -16.72
N ARG A 78 2.99 -14.23 -16.10
CA ARG A 78 2.40 -15.48 -15.64
C ARG A 78 0.89 -15.44 -15.73
N CYS A 79 0.35 -16.01 -16.80
CA CYS A 79 -1.10 -16.05 -16.98
C CYS A 79 -1.70 -17.13 -16.08
N GLN A 80 -2.13 -16.72 -14.90
CA GLN A 80 -2.70 -17.63 -13.92
C GLN A 80 -4.20 -17.44 -13.79
N ALA A 81 -4.91 -18.54 -13.57
CA ALA A 81 -6.35 -18.53 -13.39
C ALA A 81 -6.68 -19.18 -12.05
N MET A 82 -7.83 -18.89 -11.49
CA MET A 82 -8.20 -19.47 -10.20
C MET A 82 -9.60 -20.05 -10.21
N ASN A 83 -9.69 -21.37 -10.12
CA ASN A 83 -10.96 -22.05 -10.08
C ASN A 83 -11.39 -22.18 -8.63
N ARG A 84 -12.70 -22.21 -8.39
CA ARG A 84 -13.24 -22.32 -7.02
C ARG A 84 -13.11 -23.75 -6.50
N ASN A 85 -11.99 -24.38 -6.81
CA ASN A 85 -11.69 -25.74 -6.37
C ASN A 85 -10.22 -25.85 -6.03
N GLY A 86 -9.53 -24.71 -6.13
CA GLY A 86 -8.11 -24.69 -5.85
C GLY A 86 -7.30 -25.20 -7.03
N LYS A 87 -7.41 -24.51 -8.16
CA LYS A 87 -6.70 -24.91 -9.36
C LYS A 87 -6.12 -23.70 -10.06
N GLU A 88 -4.81 -23.74 -10.31
CA GLU A 88 -4.11 -22.66 -10.98
C GLU A 88 -3.04 -23.23 -11.92
N THR A 89 -2.08 -22.41 -12.33
CA THR A 89 -1.03 -22.87 -13.22
C THR A 89 0.22 -22.01 -13.08
N LYS A 90 1.39 -22.64 -13.16
CA LYS A 90 2.66 -21.95 -13.03
C LYS A 90 3.31 -21.77 -14.40
N SER A 91 2.65 -21.02 -15.27
CA SER A 91 3.16 -20.75 -16.61
C SER A 91 3.93 -19.44 -16.63
N ASN A 92 5.22 -19.51 -16.96
CA ASN A 92 6.06 -18.31 -16.99
C ASN A 92 6.75 -18.13 -18.33
N TYR A 93 6.76 -16.90 -18.82
CA TYR A 93 7.39 -16.55 -20.08
C TYR A 93 8.25 -15.32 -19.89
N ARG A 94 9.47 -15.34 -20.42
CA ARG A 94 10.36 -14.20 -20.28
C ARG A 94 10.61 -13.55 -21.63
N VAL A 95 10.17 -12.31 -21.75
CA VAL A 95 10.35 -11.55 -22.98
C VAL A 95 11.58 -10.66 -22.85
N ARG A 96 12.37 -10.58 -23.91
CA ARG A 96 13.57 -9.76 -23.90
C ARG A 96 13.67 -8.98 -25.21
N VAL A 97 13.81 -7.67 -25.09
CA VAL A 97 13.91 -6.82 -26.27
C VAL A 97 15.36 -6.66 -26.69
N TYR A 98 15.57 -6.26 -27.94
CA TYR A 98 16.92 -6.07 -28.46
C TYR A 98 17.53 -4.76 -27.96
N GLN A 99 16.67 -3.79 -27.67
CA GLN A 99 17.12 -2.50 -27.18
C GLN A 99 16.81 -2.35 -25.69
N ILE A 100 17.70 -2.84 -24.86
CA ILE A 100 17.53 -2.77 -23.42
C ILE A 100 18.20 -1.52 -22.85
N PRO A 101 17.69 -0.99 -21.73
CA PRO A 101 18.26 0.20 -21.09
C PRO A 101 19.52 -0.14 -20.31
N MET B 1 7.53 12.03 2.57
CA MET B 1 6.86 10.71 2.68
C MET B 1 7.79 9.61 2.18
N THR B 2 7.97 8.57 2.98
CA THR B 2 8.82 7.45 2.61
C THR B 2 8.08 6.51 1.68
N GLU B 3 8.80 5.56 1.09
CA GLU B 3 8.21 4.62 0.15
C GLU B 3 7.12 3.77 0.79
N LEU B 4 7.44 3.09 1.90
CA LEU B 4 6.47 2.27 2.59
C LEU B 4 5.28 3.13 3.07
N GLU B 5 5.58 4.37 3.45
CA GLU B 5 4.57 5.30 3.91
C GLU B 5 3.60 5.64 2.77
N THR B 6 4.15 5.89 1.59
CA THR B 6 3.34 6.20 0.42
C THR B 6 2.42 5.04 0.10
N ALA B 7 2.95 3.82 0.19
CA ALA B 7 2.18 2.62 -0.08
C ALA B 7 0.97 2.53 0.85
N MET B 8 1.23 2.75 2.13
CA MET B 8 0.16 2.71 3.15
C MET B 8 -0.83 3.85 2.95
N GLY B 9 -0.30 5.04 2.68
CA GLY B 9 -1.15 6.21 2.47
C GLY B 9 -2.03 6.06 1.25
N MET B 10 -1.50 5.44 0.20
CA MET B 10 -2.26 5.25 -1.04
C MET B 10 -3.49 4.39 -0.78
N ILE B 11 -3.35 3.40 0.10
CA ILE B 11 -4.45 2.52 0.44
C ILE B 11 -5.58 3.32 1.09
N ILE B 12 -5.19 4.26 1.94
CA ILE B 12 -6.13 5.12 2.64
C ILE B 12 -6.91 5.98 1.64
N ASP B 13 -6.17 6.62 0.75
CA ASP B 13 -6.78 7.48 -0.27
C ASP B 13 -7.77 6.70 -1.12
N VAL B 14 -7.36 5.52 -1.58
CA VAL B 14 -8.22 4.67 -2.39
C VAL B 14 -9.53 4.39 -1.66
N PHE B 15 -9.43 4.09 -0.37
CA PHE B 15 -10.59 3.81 0.45
C PHE B 15 -11.50 5.04 0.53
N SER B 16 -10.93 6.15 0.98
CA SER B 16 -11.68 7.39 1.14
C SER B 16 -12.21 7.94 -0.19
N ARG B 17 -11.67 7.45 -1.30
CA ARG B 17 -12.11 7.90 -2.62
C ARG B 17 -13.33 7.13 -3.09
N TYR B 18 -13.59 5.97 -2.50
CA TYR B 18 -14.73 5.17 -2.88
C TYR B 18 -15.82 5.21 -1.81
N SER B 19 -15.40 5.34 -0.55
CA SER B 19 -16.35 5.41 0.54
C SER B 19 -16.78 6.85 0.77
N GLY B 20 -18.04 7.13 0.54
CA GLY B 20 -18.55 8.46 0.71
C GLY B 20 -19.55 8.82 -0.36
N SER B 21 -20.02 7.81 -1.07
CA SER B 21 -21.00 8.00 -2.11
C SER B 21 -22.40 7.86 -1.53
N GLU B 22 -22.50 7.05 -0.48
CA GLU B 22 -23.77 6.81 0.20
C GLU B 22 -23.51 6.19 1.57
N GLY B 23 -24.46 6.33 2.47
CA GLY B 23 -24.33 5.74 3.80
C GLY B 23 -23.41 6.53 4.70
N SER B 24 -22.11 6.40 4.48
CA SER B 24 -21.14 7.09 5.30
C SER B 24 -20.05 7.70 4.43
N THR B 25 -19.03 8.25 5.08
CA THR B 25 -17.90 8.86 4.38
C THR B 25 -16.60 8.16 4.77
N GLN B 26 -16.66 7.34 5.83
CA GLN B 26 -15.49 6.62 6.31
C GLN B 26 -15.78 5.13 6.41
N THR B 27 -16.78 4.67 5.66
CA THR B 27 -17.17 3.27 5.66
C THR B 27 -17.66 2.87 4.27
N LEU B 28 -17.29 1.68 3.83
CA LEU B 28 -17.69 1.20 2.51
C LEU B 28 -19.01 0.44 2.57
N THR B 29 -20.01 0.94 1.85
CA THR B 29 -21.31 0.29 1.78
C THR B 29 -21.27 -0.78 0.69
N LYS B 30 -22.34 -1.58 0.59
CA LYS B 30 -22.40 -2.65 -0.40
C LYS B 30 -22.28 -2.08 -1.81
N GLY B 31 -22.93 -0.96 -2.06
CA GLY B 31 -22.88 -0.34 -3.36
C GLY B 31 -21.49 0.13 -3.74
N GLU B 32 -20.86 0.86 -2.84
CA GLU B 32 -19.51 1.37 -3.07
C GLU B 32 -18.50 0.23 -3.16
N LEU B 33 -18.71 -0.81 -2.36
CA LEU B 33 -17.82 -1.97 -2.35
C LEU B 33 -17.81 -2.63 -3.73
N LYS B 34 -18.98 -2.68 -4.37
CA LYS B 34 -19.10 -3.28 -5.69
C LYS B 34 -18.31 -2.44 -6.69
N VAL B 35 -18.42 -1.12 -6.58
CA VAL B 35 -17.72 -0.21 -7.46
C VAL B 35 -16.21 -0.39 -7.31
N LEU B 36 -15.78 -0.54 -6.07
CA LEU B 36 -14.36 -0.73 -5.77
C LEU B 36 -13.85 -2.04 -6.38
N MET B 37 -14.64 -3.10 -6.24
CA MET B 37 -14.28 -4.41 -6.76
C MET B 37 -14.34 -4.44 -8.29
N GLU B 38 -15.11 -3.54 -8.87
CA GLU B 38 -15.24 -3.49 -10.32
C GLU B 38 -14.28 -2.46 -10.93
N LYS B 39 -13.35 -1.95 -10.13
CA LYS B 39 -12.40 -0.96 -10.62
C LYS B 39 -10.98 -1.26 -10.16
N GLU B 40 -10.81 -1.38 -8.85
CA GLU B 40 -9.49 -1.64 -8.28
C GLU B 40 -9.08 -3.09 -8.48
N LEU B 41 -9.93 -4.02 -8.07
CA LEU B 41 -9.62 -5.45 -8.19
C LEU B 41 -10.69 -6.21 -8.98
N PRO B 42 -10.89 -5.86 -10.26
CA PRO B 42 -11.87 -6.52 -11.10
C PRO B 42 -11.31 -7.81 -11.67
N GLY B 43 -11.75 -8.93 -11.13
CA GLY B 43 -11.27 -10.23 -11.60
C GLY B 43 -11.17 -11.24 -10.49
N PHE B 44 -11.23 -10.76 -9.25
CA PHE B 44 -11.17 -11.64 -8.10
C PHE B 44 -12.55 -12.23 -7.82
N LEU B 45 -13.54 -11.73 -8.54
CA LEU B 45 -14.91 -12.20 -8.38
C LEU B 45 -15.26 -13.29 -9.39
N GLN B 46 -15.77 -14.40 -8.89
CA GLN B 46 -16.18 -15.52 -9.74
C GLN B 46 -17.40 -15.15 -10.57
N SER B 47 -18.13 -14.14 -10.11
CA SER B 47 -19.32 -13.67 -10.79
C SER B 47 -18.97 -12.67 -11.89
N GLY B 48 -17.67 -12.45 -12.09
CA GLY B 48 -17.22 -11.52 -13.09
C GLY B 48 -17.43 -10.08 -12.68
N LYS B 49 -18.66 -9.61 -12.80
CA LYS B 49 -19.02 -8.24 -12.43
C LYS B 49 -20.36 -8.22 -11.72
N ASP B 50 -20.93 -9.39 -11.50
CA ASP B 50 -22.23 -9.50 -10.85
C ASP B 50 -22.14 -9.31 -9.35
N LYS B 51 -23.28 -9.05 -8.72
CA LYS B 51 -23.35 -8.82 -7.28
C LYS B 51 -23.43 -10.13 -6.48
N ASP B 52 -23.36 -11.26 -7.17
CA ASP B 52 -23.44 -12.58 -6.53
C ASP B 52 -22.41 -12.73 -5.41
N ALA B 53 -21.15 -12.75 -5.80
CA ALA B 53 -20.06 -12.91 -4.83
C ALA B 53 -19.85 -11.65 -4.01
N VAL B 54 -20.34 -10.51 -4.50
CA VAL B 54 -20.18 -9.25 -3.80
C VAL B 54 -20.93 -9.26 -2.47
N ASP B 55 -22.18 -9.73 -2.50
CA ASP B 55 -23.00 -9.81 -1.29
C ASP B 55 -22.35 -10.74 -0.27
N LYS B 56 -21.83 -11.85 -0.76
CA LYS B 56 -21.18 -12.83 0.08
C LYS B 56 -19.87 -12.27 0.64
N LEU B 57 -19.13 -11.56 -0.19
CA LEU B 57 -17.86 -10.96 0.22
C LEU B 57 -18.08 -9.91 1.30
N LEU B 58 -19.16 -9.16 1.17
CA LEU B 58 -19.48 -8.13 2.16
C LEU B 58 -19.72 -8.78 3.52
N LYS B 59 -20.48 -9.87 3.51
CA LYS B 59 -20.79 -10.60 4.74
C LYS B 59 -19.56 -11.34 5.26
N ASP B 60 -18.56 -11.49 4.41
CA ASP B 60 -17.32 -12.16 4.80
C ASP B 60 -16.43 -11.17 5.53
N LEU B 61 -16.37 -9.95 5.02
CA LEU B 61 -15.57 -8.89 5.61
C LEU B 61 -16.25 -8.31 6.85
N ASP B 62 -17.58 -8.20 6.80
CA ASP B 62 -18.35 -7.67 7.92
C ASP B 62 -18.16 -8.51 9.16
N ALA B 63 -17.31 -8.04 10.06
CA ALA B 63 -17.02 -8.75 11.29
C ALA B 63 -17.68 -8.05 12.47
N ASN B 64 -17.98 -6.77 12.28
CA ASN B 64 -18.63 -6.00 13.33
C ASN B 64 -20.12 -6.31 13.37
N GLY B 65 -20.65 -6.78 12.25
CA GLY B 65 -22.05 -7.16 12.17
C GLY B 65 -22.98 -5.99 11.90
N ASP B 66 -22.64 -5.16 10.92
CA ASP B 66 -23.50 -4.02 10.58
C ASP B 66 -23.65 -3.89 9.07
N ALA B 67 -23.05 -4.84 8.34
CA ALA B 67 -23.11 -4.89 6.88
C ALA B 67 -22.44 -3.69 6.24
N GLN B 68 -21.41 -3.17 6.90
CA GLN B 68 -20.65 -2.04 6.40
C GLN B 68 -19.17 -2.30 6.62
N VAL B 69 -18.42 -2.37 5.54
CA VAL B 69 -17.00 -2.66 5.62
C VAL B 69 -16.18 -1.45 6.05
N ASP B 70 -15.63 -1.54 7.26
CA ASP B 70 -14.80 -0.49 7.81
C ASP B 70 -13.37 -0.72 7.37
N PHE B 71 -12.51 0.28 7.48
CA PHE B 71 -11.12 0.13 7.07
C PHE B 71 -10.43 -0.98 7.88
N SER B 72 -10.87 -1.17 9.12
CA SER B 72 -10.30 -2.20 9.98
C SER B 72 -10.54 -3.59 9.37
N GLU B 73 -11.69 -3.76 8.75
CA GLU B 73 -12.03 -5.04 8.13
C GLU B 73 -11.53 -5.09 6.69
N PHE B 74 -11.48 -3.92 6.04
CA PHE B 74 -11.03 -3.81 4.66
C PHE B 74 -9.53 -4.06 4.55
N ILE B 75 -8.76 -3.52 5.49
CA ILE B 75 -7.31 -3.69 5.47
C ILE B 75 -6.91 -5.16 5.56
N VAL B 76 -7.74 -5.95 6.25
CA VAL B 76 -7.49 -7.37 6.40
C VAL B 76 -7.57 -8.06 5.03
N PHE B 77 -8.56 -7.66 4.26
CA PHE B 77 -8.77 -8.21 2.92
C PHE B 77 -7.55 -7.91 2.05
N VAL B 78 -7.13 -6.65 2.05
CA VAL B 78 -5.98 -6.20 1.27
C VAL B 78 -4.73 -6.96 1.69
N ALA B 79 -4.52 -7.07 3.00
CA ALA B 79 -3.36 -7.76 3.55
C ALA B 79 -3.36 -9.23 3.12
N ALA B 80 -4.51 -9.87 3.23
CA ALA B 80 -4.65 -11.28 2.86
C ALA B 80 -4.27 -11.53 1.41
N ILE B 81 -4.82 -10.71 0.51
CA ILE B 81 -4.55 -10.86 -0.92
C ILE B 81 -3.06 -10.69 -1.21
N THR B 82 -2.45 -9.67 -0.61
CA THR B 82 -1.03 -9.40 -0.80
C THR B 82 -0.17 -10.56 -0.25
N SER B 83 -0.54 -11.06 0.91
CA SER B 83 0.19 -12.16 1.54
C SER B 83 0.15 -13.41 0.66
N ALA B 84 -1.03 -13.72 0.13
CA ALA B 84 -1.20 -14.88 -0.73
C ALA B 84 -0.38 -14.75 -2.01
N CYS B 85 -0.32 -13.53 -2.55
CA CYS B 85 0.43 -13.28 -3.77
C CYS B 85 1.93 -13.49 -3.55
N HIS B 86 2.46 -12.91 -2.47
CA HIS B 86 3.89 -13.04 -2.16
C HIS B 86 4.25 -14.49 -1.88
N LYS B 87 3.41 -15.17 -1.09
CA LYS B 87 3.67 -16.56 -0.75
C LYS B 87 3.71 -17.42 -2.01
N TYR B 88 2.91 -17.05 -3.00
CA TYR B 88 2.88 -17.77 -4.26
C TYR B 88 4.19 -17.55 -5.01
N PHE B 89 4.71 -16.33 -4.93
CA PHE B 89 5.97 -16.00 -5.60
C PHE B 89 7.12 -16.73 -4.93
N GLU B 90 6.99 -16.97 -3.63
CA GLU B 90 8.01 -17.69 -2.87
C GLU B 90 8.15 -19.10 -3.42
N LYS B 91 7.01 -19.73 -3.68
CA LYS B 91 6.99 -21.08 -4.22
C LYS B 91 7.21 -21.07 -5.73
N ALA B 92 7.06 -19.89 -6.33
CA ALA B 92 7.26 -19.72 -7.76
C ALA B 92 8.73 -19.86 -8.14
N GLY B 93 9.59 -19.69 -7.14
CA GLY B 93 11.02 -19.82 -7.38
C GLY B 93 11.43 -21.26 -7.53
N LEU B 94 10.76 -22.12 -6.78
CA LEU B 94 11.03 -23.55 -6.81
C LEU B 94 10.20 -24.19 -7.92
N MET C 1 -1.60 -1.12 -14.53
CA MET C 1 -1.69 -1.37 -13.07
C MET C 1 -2.67 -0.38 -12.43
N THR C 2 -3.55 -0.90 -11.58
CA THR C 2 -4.53 -0.05 -10.92
C THR C 2 -3.92 0.58 -9.67
N GLU C 3 -4.54 1.64 -9.18
CA GLU C 3 -4.06 2.37 -8.01
C GLU C 3 -3.87 1.45 -6.79
N LEU C 4 -4.90 0.70 -6.43
CA LEU C 4 -4.81 -0.22 -5.29
C LEU C 4 -3.74 -1.27 -5.51
N GLU C 5 -3.64 -1.76 -6.74
CA GLU C 5 -2.65 -2.78 -7.08
C GLU C 5 -1.24 -2.24 -6.90
N THR C 6 -1.00 -1.02 -7.35
CA THR C 6 0.30 -0.39 -7.22
C THR C 6 0.69 -0.26 -5.74
N ALA C 7 -0.30 0.09 -4.92
CA ALA C 7 -0.07 0.23 -3.49
C ALA C 7 0.37 -1.09 -2.89
N MET C 8 -0.32 -2.17 -3.25
CA MET C 8 0.01 -3.50 -2.76
C MET C 8 1.36 -3.96 -3.30
N GLY C 9 1.61 -3.67 -4.57
CA GLY C 9 2.85 -4.05 -5.20
C GLY C 9 4.05 -3.37 -4.58
N MET C 10 3.90 -2.10 -4.24
CA MET C 10 4.99 -1.34 -3.62
C MET C 10 5.41 -1.96 -2.30
N ILE C 11 4.44 -2.50 -1.57
CA ILE C 11 4.73 -3.13 -0.28
C ILE C 11 5.65 -4.33 -0.49
N ILE C 12 5.40 -5.07 -1.56
CA ILE C 12 6.20 -6.25 -1.90
C ILE C 12 7.62 -5.81 -2.27
N ASP C 13 7.71 -4.74 -3.04
CA ASP C 13 8.99 -4.18 -3.47
C ASP C 13 9.81 -3.75 -2.27
N VAL C 14 9.21 -2.96 -1.39
CA VAL C 14 9.90 -2.48 -0.19
C VAL C 14 10.46 -3.65 0.61
N PHE C 15 9.65 -4.69 0.78
CA PHE C 15 10.06 -5.88 1.52
C PHE C 15 11.26 -6.56 0.85
N SER C 16 11.09 -6.90 -0.43
CA SER C 16 12.14 -7.59 -1.19
C SER C 16 13.41 -6.75 -1.33
N ARG C 17 13.29 -5.44 -1.19
CA ARG C 17 14.45 -4.55 -1.31
C ARG C 17 15.22 -4.46 -0.01
N TYR C 18 14.70 -5.08 1.04
CA TYR C 18 15.37 -5.06 2.34
C TYR C 18 15.77 -6.47 2.75
N SER C 19 14.91 -7.44 2.47
CA SER C 19 15.19 -8.83 2.79
C SER C 19 16.06 -9.46 1.71
N GLY C 20 17.22 -9.95 2.09
CA GLY C 20 18.11 -10.56 1.13
C GLY C 20 19.55 -10.17 1.36
N SER C 21 19.77 -9.39 2.41
CA SER C 21 21.11 -8.94 2.76
C SER C 21 21.85 -10.04 3.50
N GLU C 22 21.09 -10.81 4.29
CA GLU C 22 21.65 -11.92 5.06
C GLU C 22 20.54 -12.89 5.43
N GLY C 23 20.92 -14.10 5.80
CA GLY C 23 19.96 -15.12 6.18
C GLY C 23 19.24 -15.75 5.01
N SER C 24 18.30 -15.03 4.43
CA SER C 24 17.51 -15.53 3.32
C SER C 24 17.29 -14.43 2.28
N THR C 25 16.32 -14.64 1.40
CA THR C 25 16.00 -13.66 0.37
C THR C 25 14.52 -13.26 0.43
N GLN C 26 13.72 -14.08 1.08
CA GLN C 26 12.28 -13.81 1.19
C GLN C 26 11.85 -13.76 2.66
N THR C 27 12.80 -13.47 3.53
CA THR C 27 12.54 -13.37 4.95
C THR C 27 13.38 -12.26 5.57
N LEU C 28 12.80 -11.50 6.48
CA LEU C 28 13.51 -10.40 7.12
C LEU C 28 14.18 -10.86 8.41
N THR C 29 15.49 -10.75 8.46
CA THR C 29 16.25 -11.13 9.64
C THR C 29 16.25 -9.97 10.64
N LYS C 30 16.89 -10.17 11.79
CA LYS C 30 16.95 -9.15 12.82
C LYS C 30 17.72 -7.93 12.33
N GLY C 31 18.81 -8.16 11.62
CA GLY C 31 19.62 -7.07 11.10
C GLY C 31 18.90 -6.26 10.05
N GLU C 32 18.25 -6.95 9.12
CA GLU C 32 17.52 -6.28 8.05
C GLU C 32 16.29 -5.55 8.59
N LEU C 33 15.61 -6.15 9.55
CA LEU C 33 14.43 -5.55 10.16
C LEU C 33 14.78 -4.20 10.78
N LYS C 34 15.94 -4.12 11.41
CA LYS C 34 16.39 -2.89 12.04
C LYS C 34 16.59 -1.81 10.98
N VAL C 35 17.22 -2.19 9.86
CA VAL C 35 17.47 -1.25 8.77
C VAL C 35 16.15 -0.72 8.21
N LEU C 36 15.17 -1.61 8.09
CA LEU C 36 13.86 -1.24 7.58
C LEU C 36 13.19 -0.22 8.49
N MET C 37 13.23 -0.48 9.79
CA MET C 37 12.62 0.42 10.77
C MET C 37 13.39 1.73 10.88
N GLU C 38 14.68 1.69 10.55
CA GLU C 38 15.52 2.88 10.60
C GLU C 38 15.43 3.69 9.31
N LYS C 39 14.55 3.29 8.40
CA LYS C 39 14.44 4.00 7.13
C LYS C 39 12.99 4.24 6.73
N GLU C 40 12.19 3.19 6.64
CA GLU C 40 10.79 3.31 6.23
C GLU C 40 9.93 3.91 7.33
N LEU C 41 9.98 3.33 8.53
CA LEU C 41 9.17 3.83 9.64
C LEU C 41 10.02 4.23 10.85
N PRO C 42 10.89 5.26 10.69
CA PRO C 42 11.75 5.73 11.77
C PRO C 42 11.01 6.71 12.67
N GLY C 43 10.66 6.25 13.87
CA GLY C 43 9.94 7.10 14.79
C GLY C 43 8.97 6.33 15.64
N PHE C 44 8.55 5.17 15.14
CA PHE C 44 7.61 4.33 15.86
C PHE C 44 8.33 3.62 17.00
N LEU C 45 9.64 3.51 16.87
CA LEU C 45 10.45 2.85 17.87
C LEU C 45 10.61 3.74 19.10
N GLN C 46 10.21 3.21 20.26
CA GLN C 46 10.31 3.95 21.51
C GLN C 46 11.76 4.14 21.92
N SER C 47 12.65 3.36 21.33
CA SER C 47 14.07 3.44 21.63
C SER C 47 14.78 4.35 20.62
N GLY C 48 13.99 5.09 19.83
CA GLY C 48 14.55 6.00 18.86
C GLY C 48 15.02 5.28 17.60
N LYS C 49 16.25 4.79 17.63
CA LYS C 49 16.82 4.09 16.48
C LYS C 49 17.78 3.00 16.94
N ASP C 50 17.72 2.69 18.23
CA ASP C 50 18.58 1.66 18.82
C ASP C 50 17.92 0.29 18.65
N LYS C 51 18.48 -0.73 19.29
CA LYS C 51 17.89 -2.07 19.21
C LYS C 51 16.76 -2.17 20.21
N ASP C 52 16.98 -2.91 21.31
CA ASP C 52 15.99 -3.10 22.38
C ASP C 52 14.60 -3.43 21.84
N ALA C 53 13.83 -2.38 21.51
CA ALA C 53 12.48 -2.54 20.98
C ALA C 53 12.50 -3.34 19.69
N VAL C 54 13.55 -3.20 18.89
CA VAL C 54 13.68 -3.93 17.63
C VAL C 54 13.67 -5.44 17.88
N ASP C 55 14.41 -5.85 18.90
CA ASP C 55 14.51 -7.26 19.26
C ASP C 55 13.15 -7.76 19.77
N LYS C 56 12.49 -6.93 20.57
CA LYS C 56 11.19 -7.28 21.12
C LYS C 56 10.13 -7.31 20.03
N LEU C 57 10.23 -6.37 19.09
CA LEU C 57 9.30 -6.28 17.97
C LEU C 57 9.42 -7.51 17.08
N LEU C 58 10.65 -7.97 16.89
CA LEU C 58 10.89 -9.16 16.08
C LEU C 58 10.21 -10.37 16.70
N LYS C 59 10.33 -10.48 18.02
CA LYS C 59 9.72 -11.58 18.76
C LYS C 59 8.19 -11.47 18.73
N ASP C 60 7.70 -10.25 18.58
CA ASP C 60 6.26 -10.01 18.54
C ASP C 60 5.71 -10.38 17.17
N LEU C 61 6.48 -10.07 16.13
CA LEU C 61 6.07 -10.38 14.76
C LEU C 61 6.24 -11.87 14.47
N ASP C 62 7.31 -12.45 15.02
CA ASP C 62 7.59 -13.88 14.84
C ASP C 62 6.44 -14.73 15.39
N ALA C 63 5.69 -15.34 14.49
CA ALA C 63 4.56 -16.16 14.88
C ALA C 63 4.84 -17.63 14.63
N ASN C 64 5.72 -17.90 13.69
CA ASN C 64 6.07 -19.28 13.36
C ASN C 64 7.10 -19.84 14.34
N GLY C 65 7.96 -18.97 14.87
CA GLY C 65 8.97 -19.40 15.80
C GLY C 65 10.29 -19.71 15.14
N ASP C 66 10.74 -18.81 14.28
CA ASP C 66 11.99 -18.99 13.55
C ASP C 66 12.90 -17.77 13.75
N ALA C 67 12.34 -16.74 14.39
CA ALA C 67 13.07 -15.49 14.67
C ALA C 67 13.31 -14.72 13.37
N GLN C 68 12.52 -15.04 12.37
CA GLN C 68 12.60 -14.38 11.08
C GLN C 68 11.22 -13.87 10.71
N VAL C 69 11.16 -12.63 10.23
CA VAL C 69 9.89 -12.03 9.87
C VAL C 69 9.55 -12.30 8.41
N ASP C 70 8.57 -13.17 8.20
CA ASP C 70 8.10 -13.50 6.86
C ASP C 70 7.04 -12.49 6.42
N PHE C 71 6.78 -12.41 5.13
CA PHE C 71 5.81 -11.46 4.60
C PHE C 71 4.43 -11.66 5.23
N SER C 72 4.07 -12.92 5.50
CA SER C 72 2.77 -13.24 6.09
C SER C 72 2.63 -12.60 7.48
N GLU C 73 3.75 -12.43 8.16
CA GLU C 73 3.75 -11.82 9.48
C GLU C 73 4.03 -10.33 9.39
N PHE C 74 4.80 -9.95 8.37
CA PHE C 74 5.16 -8.55 8.15
C PHE C 74 3.94 -7.75 7.67
N ILE C 75 3.15 -8.35 6.79
CA ILE C 75 1.96 -7.68 6.24
C ILE C 75 0.96 -7.35 7.36
N VAL C 76 0.95 -8.17 8.41
CA VAL C 76 0.05 -7.95 9.54
C VAL C 76 0.45 -6.67 10.26
N PHE C 77 1.76 -6.48 10.41
CA PHE C 77 2.29 -5.29 11.08
C PHE C 77 1.87 -4.04 10.32
N VAL C 78 2.09 -4.06 9.00
CA VAL C 78 1.74 -2.94 8.14
C VAL C 78 0.24 -2.66 8.21
N ALA C 79 -0.56 -3.73 8.12
CA ALA C 79 -2.01 -3.62 8.18
C ALA C 79 -2.46 -2.98 9.49
N ALA C 80 -1.91 -3.45 10.60
CA ALA C 80 -2.24 -2.94 11.92
C ALA C 80 -1.96 -1.45 12.04
N ILE C 81 -0.76 -1.03 11.62
CA ILE C 81 -0.37 0.38 11.69
C ILE C 81 -1.34 1.24 10.87
N THR C 82 -1.61 0.82 9.64
CA THR C 82 -2.50 1.55 8.75
C THR C 82 -3.93 1.60 9.31
N SER C 83 -4.39 0.50 9.87
CA SER C 83 -5.73 0.41 10.44
C SER C 83 -5.89 1.41 11.58
N ALA C 84 -4.91 1.41 12.49
CA ALA C 84 -4.94 2.31 13.64
C ALA C 84 -4.92 3.77 13.21
N CYS C 85 -4.16 4.06 12.14
CA CYS C 85 -4.07 5.43 11.64
C CYS C 85 -5.40 5.90 11.07
N HIS C 86 -6.05 5.04 10.29
CA HIS C 86 -7.34 5.39 9.69
C HIS C 86 -8.39 5.60 10.77
N LYS C 87 -8.42 4.70 11.74
CA LYS C 87 -9.38 4.80 12.83
C LYS C 87 -9.19 6.11 13.60
N TYR C 88 -7.93 6.54 13.68
CA TYR C 88 -7.61 7.79 14.35
C TYR C 88 -8.20 8.97 13.59
N PHE C 89 -8.09 8.91 12.26
CA PHE C 89 -8.61 9.97 11.40
C PHE C 89 -10.14 9.98 11.43
N GLU C 90 -10.72 8.80 11.61
CA GLU C 90 -12.17 8.66 11.66
C GLU C 90 -12.73 9.40 12.87
N LYS C 91 -12.05 9.26 14.01
CA LYS C 91 -12.47 9.92 15.24
C LYS C 91 -11.88 11.32 15.34
N ALA C 92 -11.10 11.70 14.32
CA ALA C 92 -10.48 13.01 14.30
C ALA C 92 -11.46 14.07 13.86
N GLY C 93 -12.47 13.66 13.08
CA GLY C 93 -13.47 14.57 12.59
C GLY C 93 -14.43 15.06 13.68
N LEU C 94 -14.59 14.27 14.73
CA LEU C 94 -15.46 14.64 15.83
C LEU C 94 -14.77 15.62 16.75
N ALA D 1 -14.99 18.79 14.42
CA ALA D 1 -13.54 19.08 14.47
C ALA D 1 -13.30 20.59 14.46
N MET D 2 -12.32 21.02 15.22
CA MET D 2 -11.97 22.43 15.30
C MET D 2 -10.55 22.64 14.78
N ALA D 3 -10.36 23.70 14.01
CA ALA D 3 -9.05 24.00 13.46
C ALA D 3 -8.80 25.51 13.46
N GLN D 4 -7.61 25.91 13.87
CA GLN D 4 -7.24 27.31 13.91
C GLN D 4 -6.98 27.84 12.50
N ASN D 5 -7.43 29.06 12.24
CA ASN D 5 -7.24 29.67 10.93
C ASN D 5 -5.92 30.43 10.85
N ILE D 6 -5.04 29.97 9.97
CA ILE D 6 -3.73 30.59 9.79
C ILE D 6 -3.54 31.03 8.35
N THR D 7 -3.59 32.33 8.11
CA THR D 7 -3.42 32.90 6.78
C THR D 7 -1.93 33.00 6.44
N ALA D 8 -1.52 32.33 5.37
CA ALA D 8 -0.12 32.35 4.96
C ALA D 8 0.03 32.78 3.50
N ARG D 9 1.29 32.93 3.10
CA ARG D 9 1.61 33.35 1.74
C ARG D 9 2.53 32.30 1.11
N ILE D 10 2.37 32.07 -0.19
CA ILE D 10 3.21 31.10 -0.89
C ILE D 10 4.65 31.58 -0.96
N GLY D 11 5.57 30.73 -0.50
CA GLY D 11 6.97 31.09 -0.52
C GLY D 11 7.38 31.87 0.71
N GLU D 12 6.56 31.85 1.74
CA GLU D 12 6.85 32.56 2.98
C GLU D 12 7.34 31.59 4.06
N PRO D 13 8.45 31.92 4.74
CA PRO D 13 8.98 31.08 5.81
C PRO D 13 8.12 31.19 7.08
N LEU D 14 7.52 30.09 7.49
CA LEU D 14 6.66 30.09 8.66
C LEU D 14 7.20 29.18 9.76
N VAL D 15 6.97 29.56 11.00
CA VAL D 15 7.41 28.78 12.16
C VAL D 15 6.20 28.42 13.00
N LEU D 16 6.06 27.14 13.32
CA LEU D 16 4.94 26.67 14.11
C LEU D 16 5.41 25.99 15.39
N LYS D 17 4.74 26.28 16.49
CA LYS D 17 5.10 25.68 17.78
C LYS D 17 4.13 24.55 18.12
N CYS D 18 4.64 23.33 18.14
CA CYS D 18 3.83 22.17 18.45
C CYS D 18 4.16 21.63 19.84
N LYS D 19 3.27 21.90 20.79
CA LYS D 19 3.45 21.43 22.16
C LYS D 19 2.88 20.03 22.31
N GLY D 20 3.20 19.38 23.42
CA GLY D 20 2.72 18.04 23.66
C GLY D 20 3.69 17.22 24.49
N ALA D 21 4.97 17.56 24.37
CA ALA D 21 6.00 16.85 25.11
C ALA D 21 6.06 17.34 26.55
N PRO D 22 5.82 16.44 27.52
CA PRO D 22 5.85 16.79 28.95
C PRO D 22 7.27 16.89 29.49
N LYS D 23 7.40 16.92 30.80
CA LYS D 23 8.71 17.01 31.44
C LYS D 23 9.32 15.61 31.60
N LYS D 24 9.30 14.86 30.51
CA LYS D 24 9.84 13.51 30.49
C LYS D 24 10.74 13.33 29.29
N PRO D 25 11.57 12.27 29.27
CA PRO D 25 12.48 11.99 28.16
C PRO D 25 11.75 11.96 26.81
N PRO D 26 12.44 12.40 25.73
CA PRO D 26 11.88 12.46 24.38
C PRO D 26 11.33 11.12 23.91
N GLN D 27 10.01 11.06 23.81
CA GLN D 27 9.32 9.85 23.37
C GLN D 27 9.11 9.90 21.85
N ARG D 28 8.37 8.93 21.33
CA ARG D 28 8.11 8.87 19.90
C ARG D 28 7.02 9.86 19.50
N LEU D 29 7.19 10.47 18.33
CA LEU D 29 6.25 11.46 17.82
C LEU D 29 5.54 10.92 16.59
N GLU D 30 4.29 10.50 16.78
CA GLU D 30 3.49 9.97 15.68
C GLU D 30 2.80 11.10 14.92
N TRP D 31 3.60 11.91 14.23
CA TRP D 31 3.09 13.03 13.46
C TRP D 31 2.07 12.57 12.41
N LYS D 32 0.96 13.29 12.34
CA LYS D 32 -0.09 12.97 11.38
C LYS D 32 -0.74 14.26 10.88
N LEU D 33 -1.75 14.13 10.03
CA LEU D 33 -2.44 15.28 9.48
C LEU D 33 -3.76 14.85 8.85
N ASN D 34 -4.60 15.80 8.48
CA ASN D 34 -5.88 15.50 7.86
C ASN D 34 -5.94 16.08 6.46
N THR D 35 -5.86 15.22 5.46
CA THR D 35 -5.91 15.63 4.07
C THR D 35 -6.68 14.60 3.24
N GLY D 36 -6.91 14.91 1.97
CA GLY D 36 -7.63 14.00 1.10
C GLY D 36 -6.81 12.78 0.74
N ARG D 37 -5.79 12.97 -0.10
CA ARG D 37 -4.94 11.87 -0.51
C ARG D 37 -3.77 11.73 0.47
N THR D 38 -3.43 12.86 1.11
CA THR D 38 -2.36 12.91 2.09
C THR D 38 -0.98 12.71 1.45
N GLU D 39 -0.32 13.82 1.15
CA GLU D 39 1.00 13.78 0.52
C GLU D 39 2.09 14.10 1.55
N ALA D 40 1.84 15.10 2.37
CA ALA D 40 2.82 15.53 3.37
C ALA D 40 2.70 14.75 4.68
N TRP D 41 2.88 13.44 4.61
CA TRP D 41 2.82 12.59 5.80
C TRP D 41 4.14 11.87 5.99
N LYS D 42 4.62 11.82 7.23
CA LYS D 42 5.86 11.15 7.55
C LYS D 42 6.04 11.04 9.06
N VAL D 43 6.22 9.82 9.55
CA VAL D 43 6.42 9.59 10.98
C VAL D 43 7.79 10.13 11.38
N LEU D 44 7.82 11.01 12.37
CA LEU D 44 9.06 11.62 12.82
C LEU D 44 9.70 10.82 13.96
N SER D 45 11.00 10.98 14.12
CA SER D 45 11.74 10.30 15.17
C SER D 45 12.62 11.29 15.91
N PRO D 46 12.74 11.14 17.24
CA PRO D 46 13.58 12.02 18.05
C PRO D 46 15.07 11.72 17.87
N GLN D 47 15.36 10.61 17.18
CA GLN D 47 16.75 10.22 16.95
C GLN D 47 17.01 9.91 15.47
N GLY D 48 15.94 9.69 14.71
CA GLY D 48 16.10 9.39 13.29
C GLY D 48 15.42 10.40 12.39
N GLY D 49 15.69 10.31 11.09
CA GLY D 49 15.09 11.23 10.14
C GLY D 49 14.44 10.53 8.97
N GLY D 50 14.22 11.25 7.89
CA GLY D 50 13.58 10.67 6.71
C GLY D 50 13.18 11.73 5.71
N PRO D 51 12.61 11.33 4.55
CA PRO D 51 12.17 12.28 3.50
C PRO D 51 11.01 13.15 3.96
N TRP D 52 11.36 14.24 4.64
CA TRP D 52 10.39 15.21 5.15
C TRP D 52 11.13 16.27 5.94
N ASP D 53 12.14 15.82 6.67
CA ASP D 53 12.97 16.70 7.50
C ASP D 53 13.68 17.73 6.64
N SER D 54 13.95 17.36 5.39
CA SER D 54 14.60 18.25 4.44
C SER D 54 13.68 19.42 4.09
N VAL D 55 12.39 19.19 4.22
CA VAL D 55 11.39 20.22 3.91
C VAL D 55 11.03 20.98 5.19
N ALA D 56 10.64 20.24 6.21
CA ALA D 56 10.27 20.83 7.48
C ALA D 56 11.20 20.36 8.58
N ARG D 57 11.92 21.30 9.18
CA ARG D 57 12.86 20.99 10.24
C ARG D 57 12.22 21.14 11.61
N VAL D 58 12.51 20.19 12.49
CA VAL D 58 11.97 20.20 13.84
C VAL D 58 13.02 20.70 14.83
N LEU D 59 12.72 21.80 15.50
CA LEU D 59 13.62 22.38 16.47
C LEU D 59 13.56 21.58 17.77
N PRO D 60 14.71 21.47 18.48
CA PRO D 60 14.81 20.71 19.74
C PRO D 60 13.86 21.22 20.85
N ASN D 61 13.32 22.41 20.67
CA ASN D 61 12.41 22.98 21.67
C ASN D 61 10.96 22.59 21.39
N GLY D 62 10.75 21.90 20.27
CA GLY D 62 9.41 21.47 19.91
C GLY D 62 8.72 22.45 18.97
N SER D 63 9.39 22.80 17.88
CA SER D 63 8.83 23.71 16.90
C SER D 63 9.16 23.25 15.50
N LEU D 64 8.30 23.59 14.55
CA LEU D 64 8.49 23.21 13.16
C LEU D 64 8.78 24.45 12.32
N PHE D 65 9.82 24.38 11.51
CA PHE D 65 10.19 25.50 10.66
C PHE D 65 10.07 25.14 9.18
N LEU D 66 9.31 25.95 8.46
CA LEU D 66 9.11 25.74 7.02
C LEU D 66 9.78 26.87 6.25
N PRO D 67 10.87 26.55 5.53
CA PRO D 67 11.63 27.54 4.73
C PRO D 67 10.76 28.31 3.74
N ALA D 68 9.80 27.62 3.14
CA ALA D 68 8.91 28.25 2.18
C ALA D 68 7.62 27.45 2.03
N VAL D 69 6.55 27.96 2.64
CA VAL D 69 5.25 27.30 2.57
C VAL D 69 4.68 27.44 1.16
N GLY D 70 4.38 26.32 0.53
CA GLY D 70 3.83 26.35 -0.80
C GLY D 70 2.36 26.01 -0.82
N ILE D 71 1.97 25.09 -1.70
CA ILE D 71 0.57 24.68 -1.81
C ILE D 71 0.40 23.23 -1.37
N GLN D 72 1.52 22.55 -1.14
CA GLN D 72 1.50 21.16 -0.72
C GLN D 72 1.39 21.09 0.79
N ASP D 73 1.95 22.09 1.45
CA ASP D 73 1.93 22.18 2.91
C ASP D 73 0.65 22.85 3.39
N GLU D 74 -0.22 23.21 2.46
CA GLU D 74 -1.48 23.85 2.80
C GLU D 74 -2.53 22.81 3.14
N GLY D 75 -2.82 22.69 4.43
CA GLY D 75 -3.80 21.73 4.88
C GLY D 75 -4.00 21.79 6.38
N ILE D 76 -4.42 20.67 6.95
CA ILE D 76 -4.64 20.59 8.39
C ILE D 76 -3.61 19.66 9.03
N PHE D 77 -2.65 20.24 9.73
CA PHE D 77 -1.60 19.47 10.39
C PHE D 77 -2.04 19.02 11.77
N ARG D 78 -1.36 18.00 12.29
CA ARG D 78 -1.68 17.46 13.60
C ARG D 78 -0.42 16.93 14.30
N CYS D 79 0.19 17.76 15.13
CA CYS D 79 1.38 17.35 15.87
C CYS D 79 0.97 16.48 17.05
N GLN D 80 0.94 15.17 16.81
CA GLN D 80 0.54 14.22 17.84
C GLN D 80 1.73 13.38 18.31
N ALA D 81 1.80 13.18 19.62
CA ALA D 81 2.85 12.36 20.20
C ALA D 81 2.24 11.10 20.78
N MET D 82 3.04 10.11 21.14
CA MET D 82 2.52 8.89 21.70
C MET D 82 3.39 8.37 22.82
N ASN D 83 2.84 8.36 24.02
CA ASN D 83 3.56 7.86 25.19
C ASN D 83 3.25 6.37 25.36
N ARG D 84 4.13 5.66 26.06
CA ARG D 84 3.96 4.23 26.26
C ARG D 84 2.83 3.92 27.24
N ASN D 85 2.18 4.96 27.71
CA ASN D 85 1.06 4.81 28.63
C ASN D 85 -0.26 5.12 27.92
N GLY D 86 -0.16 5.42 26.63
CA GLY D 86 -1.33 5.75 25.84
C GLY D 86 -1.78 7.18 26.06
N LYS D 87 -0.98 8.13 25.59
CA LYS D 87 -1.29 9.54 25.75
C LYS D 87 -0.94 10.30 24.47
N GLU D 88 -1.93 10.98 23.90
CA GLU D 88 -1.73 11.76 22.69
C GLU D 88 -2.43 13.11 22.81
N THR D 89 -2.52 13.84 21.70
CA THR D 89 -3.16 15.15 21.70
C THR D 89 -3.95 15.38 20.41
N LYS D 90 -5.07 16.08 20.54
CA LYS D 90 -5.93 16.39 19.41
C LYS D 90 -5.74 17.84 18.95
N SER D 91 -4.52 18.19 18.59
CA SER D 91 -4.21 19.54 18.16
C SER D 91 -4.25 19.63 16.62
N ASN D 92 -5.13 20.49 16.10
CA ASN D 92 -5.27 20.65 14.66
C ASN D 92 -5.11 22.11 14.25
N TYR D 93 -4.30 22.33 13.22
CA TYR D 93 -4.06 23.68 12.71
C TYR D 93 -4.31 23.70 11.21
N ARG D 94 -5.04 24.70 10.72
CA ARG D 94 -5.34 24.80 9.30
C ARG D 94 -4.66 26.00 8.68
N VAL D 95 -3.75 25.75 7.76
CA VAL D 95 -3.03 26.80 7.07
C VAL D 95 -3.72 27.06 5.73
N ARG D 96 -3.84 28.33 5.36
CA ARG D 96 -4.47 28.70 4.10
C ARG D 96 -3.65 29.79 3.42
N VAL D 97 -3.23 29.54 2.19
CA VAL D 97 -2.44 30.49 1.45
C VAL D 97 -3.32 31.47 0.67
N TYR D 98 -2.78 32.63 0.37
CA TYR D 98 -3.52 33.65 -0.36
C TYR D 98 -3.70 33.28 -1.83
N GLN D 99 -2.78 32.50 -2.37
CA GLN D 99 -2.86 32.07 -3.75
C GLN D 99 -3.18 30.58 -3.82
N ILE D 100 -4.46 30.27 -3.79
CA ILE D 100 -4.91 28.88 -3.83
C ILE D 100 -5.16 28.42 -5.26
N PRO D 101 -4.67 27.22 -5.60
CA PRO D 101 -4.84 26.65 -6.94
C PRO D 101 -6.26 26.11 -7.16
N ALA A 1 13.55 -21.19 -10.50
CA ALA A 1 12.34 -20.99 -11.34
C ALA A 1 12.63 -21.32 -12.79
N MET A 2 11.58 -21.57 -13.57
CA MET A 2 11.71 -21.88 -14.97
C MET A 2 11.04 -20.80 -15.81
N ALA A 3 11.72 -20.34 -16.84
CA ALA A 3 11.18 -19.30 -17.70
C ALA A 3 11.66 -19.47 -19.14
N GLN A 4 10.72 -19.42 -20.08
CA GLN A 4 11.06 -19.56 -21.49
C GLN A 4 11.51 -18.22 -22.04
N ASN A 5 12.73 -18.18 -22.56
CA ASN A 5 13.29 -16.95 -23.10
C ASN A 5 12.76 -16.70 -24.52
N ILE A 6 12.30 -15.47 -24.75
CA ILE A 6 11.77 -15.08 -26.04
C ILE A 6 12.35 -13.73 -26.46
N THR A 7 13.02 -13.70 -27.61
CA THR A 7 13.62 -12.48 -28.12
C THR A 7 12.59 -11.64 -28.85
N ALA A 8 12.50 -10.36 -28.50
CA ALA A 8 11.57 -9.45 -29.12
C ALA A 8 12.24 -8.14 -29.50
N ARG A 9 11.50 -7.31 -30.23
CA ARG A 9 11.99 -6.01 -30.68
C ARG A 9 11.11 -4.90 -30.13
N ILE A 10 11.71 -3.76 -29.82
CA ILE A 10 10.97 -2.62 -29.29
C ILE A 10 10.07 -2.01 -30.37
N GLY A 11 8.80 -1.88 -30.05
CA GLY A 11 7.84 -1.31 -30.98
C GLY A 11 7.26 -2.35 -31.92
N GLU A 12 7.56 -3.61 -31.65
CA GLU A 12 7.05 -4.70 -32.47
C GLU A 12 5.85 -5.37 -31.79
N PRO A 13 4.73 -5.53 -32.51
CA PRO A 13 3.53 -6.17 -31.96
C PRO A 13 3.73 -7.68 -31.81
N LEU A 14 3.44 -8.20 -30.61
CA LEU A 14 3.60 -9.62 -30.35
C LEU A 14 2.30 -10.23 -29.88
N VAL A 15 2.07 -11.49 -30.23
CA VAL A 15 0.86 -12.20 -29.84
C VAL A 15 1.21 -13.46 -29.06
N LEU A 16 0.93 -13.44 -27.77
CA LEU A 16 1.22 -14.59 -26.92
C LEU A 16 -0.03 -15.43 -26.71
N LYS A 17 0.15 -16.63 -26.17
CA LYS A 17 -0.96 -17.54 -25.90
C LYS A 17 -0.92 -17.97 -24.45
N CYS A 18 -2.02 -17.76 -23.74
CA CYS A 18 -2.07 -18.13 -22.33
C CYS A 18 -3.18 -19.14 -22.06
N LYS A 19 -2.78 -20.40 -21.89
CA LYS A 19 -3.72 -21.46 -21.59
C LYS A 19 -3.92 -21.56 -20.08
N GLY A 20 -4.88 -22.37 -19.65
CA GLY A 20 -5.13 -22.52 -18.23
C GLY A 20 -6.58 -22.81 -17.96
N ALA A 21 -7.46 -22.09 -18.65
CA ALA A 21 -8.89 -22.28 -18.48
C ALA A 21 -9.34 -23.59 -19.13
N PRO A 22 -9.90 -24.51 -18.34
CA PRO A 22 -10.36 -25.80 -18.85
C PRO A 22 -11.75 -25.71 -19.47
N LYS A 23 -12.35 -26.86 -19.74
CA LYS A 23 -13.69 -26.89 -20.33
C LYS A 23 -14.73 -26.62 -19.25
N LYS A 24 -14.87 -25.36 -18.89
CA LYS A 24 -15.81 -24.93 -17.87
C LYS A 24 -16.12 -23.46 -18.07
N PRO A 25 -17.20 -22.94 -17.42
CA PRO A 25 -17.57 -21.51 -17.53
C PRO A 25 -16.43 -20.58 -17.14
N PRO A 26 -16.38 -19.39 -17.76
CA PRO A 26 -15.34 -18.39 -17.51
C PRO A 26 -15.16 -18.09 -16.02
N GLN A 27 -14.01 -18.47 -15.49
CA GLN A 27 -13.71 -18.25 -14.09
C GLN A 27 -12.82 -17.03 -13.92
N ARG A 28 -12.41 -16.75 -12.70
CA ARG A 28 -11.58 -15.60 -12.41
C ARG A 28 -10.11 -15.88 -12.75
N LEU A 29 -9.42 -14.87 -13.26
CA LEU A 29 -8.03 -15.03 -13.65
C LEU A 29 -7.15 -14.05 -12.87
N GLU A 30 -6.26 -14.62 -12.06
CA GLU A 30 -5.35 -13.82 -11.25
C GLU A 30 -4.02 -13.65 -11.95
N TRP A 31 -3.97 -12.72 -12.90
CA TRP A 31 -2.75 -12.45 -13.65
C TRP A 31 -1.67 -11.89 -12.73
N LYS A 32 -0.44 -12.36 -12.90
CA LYS A 32 0.69 -11.92 -12.09
C LYS A 32 1.98 -12.03 -12.91
N LEU A 33 2.98 -11.24 -12.57
CA LEU A 33 4.25 -11.29 -13.28
C LEU A 33 5.40 -11.02 -12.33
N ASN A 34 6.61 -11.37 -12.75
CA ASN A 34 7.80 -11.17 -11.93
C ASN A 34 8.66 -10.07 -12.50
N THR A 35 8.83 -9.01 -11.71
CA THR A 35 9.64 -7.87 -12.11
C THR A 35 10.18 -7.15 -10.88
N GLY A 36 10.81 -6.01 -11.09
CA GLY A 36 11.35 -5.24 -9.98
C GLY A 36 10.28 -4.41 -9.32
N ARG A 37 9.78 -3.42 -10.05
CA ARG A 37 8.72 -2.55 -9.54
C ARG A 37 7.36 -3.17 -9.79
N THR A 38 7.27 -3.93 -10.88
CA THR A 38 6.04 -4.62 -11.25
C THR A 38 4.87 -3.66 -11.48
N GLU A 39 5.13 -2.58 -12.20
CA GLU A 39 4.11 -1.58 -12.49
C GLU A 39 3.24 -2.02 -13.67
N ALA A 40 3.65 -3.10 -14.31
CA ALA A 40 2.91 -3.64 -15.46
C ALA A 40 1.95 -4.72 -15.00
N TRP A 41 1.65 -4.72 -13.71
CA TRP A 41 0.75 -5.71 -13.12
C TRP A 41 -0.69 -5.21 -13.11
N LYS A 42 -1.62 -6.13 -13.31
CA LYS A 42 -3.04 -5.81 -13.31
C LYS A 42 -3.85 -7.10 -13.40
N VAL A 43 -4.73 -7.31 -12.44
CA VAL A 43 -5.58 -8.51 -12.43
C VAL A 43 -6.60 -8.41 -13.56
N LEU A 44 -6.58 -9.38 -14.45
CA LEU A 44 -7.49 -9.41 -15.59
C LEU A 44 -8.89 -9.83 -15.17
N SER A 45 -9.86 -9.61 -16.05
CA SER A 45 -11.24 -9.97 -15.78
C SER A 45 -11.88 -10.59 -17.02
N PRO A 46 -12.59 -11.70 -16.86
CA PRO A 46 -13.25 -12.38 -17.97
C PRO A 46 -14.48 -11.61 -18.46
N GLN A 47 -14.97 -10.71 -17.61
CA GLN A 47 -16.15 -9.91 -17.94
C GLN A 47 -15.86 -8.43 -17.77
N GLY A 48 -14.59 -8.08 -17.72
CA GLY A 48 -14.21 -6.69 -17.54
C GLY A 48 -12.88 -6.37 -18.18
N GLY A 49 -12.17 -5.40 -17.61
CA GLY A 49 -10.88 -5.01 -18.15
C GLY A 49 -10.07 -4.18 -17.18
N GLY A 50 -9.94 -2.90 -17.47
CA GLY A 50 -9.18 -2.01 -16.61
C GLY A 50 -8.16 -1.22 -17.40
N PRO A 51 -7.23 -0.53 -16.71
CA PRO A 51 -6.20 0.28 -17.37
C PRO A 51 -5.17 -0.56 -18.13
N TRP A 52 -5.28 -1.88 -18.01
CA TRP A 52 -4.36 -2.78 -18.69
C TRP A 52 -4.89 -3.14 -20.07
N ASP A 53 -6.20 -2.95 -20.26
CA ASP A 53 -6.85 -3.25 -21.53
C ASP A 53 -6.32 -2.34 -22.64
N SER A 54 -5.96 -1.13 -22.25
CA SER A 54 -5.41 -0.15 -23.19
C SER A 54 -3.97 -0.47 -23.54
N VAL A 55 -3.36 -1.36 -22.77
CA VAL A 55 -1.98 -1.76 -23.00
C VAL A 55 -1.90 -3.05 -23.78
N ALA A 56 -2.69 -4.04 -23.36
CA ALA A 56 -2.72 -5.33 -24.02
C ALA A 56 -4.16 -5.84 -24.13
N ARG A 57 -4.51 -6.33 -25.31
CA ARG A 57 -5.85 -6.84 -25.54
C ARG A 57 -5.85 -8.36 -25.59
N VAL A 58 -6.77 -8.95 -24.85
CA VAL A 58 -6.89 -10.39 -24.80
C VAL A 58 -7.98 -10.87 -25.75
N LEU A 59 -7.63 -11.80 -26.62
CA LEU A 59 -8.59 -12.33 -27.58
C LEU A 59 -9.41 -13.44 -26.91
N PRO A 60 -10.66 -13.65 -27.39
CA PRO A 60 -11.57 -14.66 -26.81
C PRO A 60 -11.05 -16.09 -26.93
N ASN A 61 -9.98 -16.29 -27.70
CA ASN A 61 -9.40 -17.62 -27.88
C ASN A 61 -8.29 -17.87 -26.88
N GLY A 62 -7.92 -16.84 -26.11
CA GLY A 62 -6.86 -17.00 -25.11
C GLY A 62 -5.53 -16.42 -25.55
N SER A 63 -5.55 -15.61 -26.61
CA SER A 63 -4.32 -15.00 -27.09
C SER A 63 -4.18 -13.58 -26.54
N LEU A 64 -2.95 -13.17 -26.31
CA LEU A 64 -2.66 -11.83 -25.79
C LEU A 64 -1.97 -11.00 -26.86
N PHE A 65 -2.64 -9.95 -27.29
CA PHE A 65 -2.10 -9.08 -28.32
C PHE A 65 -1.44 -7.84 -27.71
N LEU A 66 -0.15 -7.71 -27.97
CA LEU A 66 0.62 -6.57 -27.49
C LEU A 66 0.89 -5.62 -28.65
N PRO A 67 0.19 -4.47 -28.69
CA PRO A 67 0.33 -3.48 -29.76
C PRO A 67 1.78 -3.04 -29.97
N ALA A 68 2.45 -2.68 -28.90
CA ALA A 68 3.83 -2.23 -28.98
C ALA A 68 4.61 -2.57 -27.72
N VAL A 69 5.52 -3.53 -27.84
CA VAL A 69 6.33 -3.95 -26.71
C VAL A 69 7.50 -2.98 -26.52
N GLY A 70 7.71 -2.53 -25.29
CA GLY A 70 8.79 -1.61 -25.02
C GLY A 70 9.70 -2.13 -23.93
N ILE A 71 9.95 -1.31 -22.91
CA ILE A 71 10.79 -1.71 -21.81
C ILE A 71 10.00 -1.74 -20.52
N GLN A 72 8.70 -1.45 -20.61
CA GLN A 72 7.83 -1.44 -19.47
C GLN A 72 7.21 -2.81 -19.27
N ASP A 73 7.03 -3.50 -20.39
CA ASP A 73 6.46 -4.83 -20.42
C ASP A 73 7.57 -5.87 -20.43
N GLU A 74 8.78 -5.39 -20.14
CA GLU A 74 9.96 -6.25 -20.12
C GLU A 74 10.08 -6.93 -18.76
N GLY A 75 9.77 -8.22 -18.73
CA GLY A 75 9.86 -8.97 -17.49
C GLY A 75 9.42 -10.40 -17.67
N ILE A 76 9.02 -11.04 -16.58
CA ILE A 76 8.57 -12.43 -16.64
C ILE A 76 7.06 -12.50 -16.47
N PHE A 77 6.35 -12.65 -17.58
CA PHE A 77 4.89 -12.71 -17.58
C PHE A 77 4.40 -14.07 -17.06
N ARG A 78 3.18 -14.09 -16.54
CA ARG A 78 2.59 -15.30 -16.01
C ARG A 78 1.06 -15.22 -16.01
N CYS A 79 0.42 -16.03 -16.82
CA CYS A 79 -1.03 -16.05 -16.89
C CYS A 79 -1.58 -17.12 -15.95
N GLN A 80 -1.86 -16.72 -14.71
CA GLN A 80 -2.37 -17.65 -13.71
C GLN A 80 -3.88 -17.51 -13.56
N ALA A 81 -4.57 -18.64 -13.51
CA ALA A 81 -6.01 -18.66 -13.34
C ALA A 81 -6.34 -19.18 -11.95
N MET A 82 -7.54 -18.90 -11.47
CA MET A 82 -7.93 -19.35 -10.14
C MET A 82 -9.36 -19.86 -10.12
N ASN A 83 -9.50 -21.17 -10.05
CA ASN A 83 -10.82 -21.77 -10.00
C ASN A 83 -11.34 -21.73 -8.56
N ARG A 84 -12.65 -21.75 -8.39
CA ARG A 84 -13.27 -21.69 -7.07
C ARG A 84 -12.93 -22.92 -6.22
N ASN A 85 -12.34 -23.93 -6.85
CA ASN A 85 -11.96 -25.14 -6.14
C ASN A 85 -10.48 -25.09 -5.74
N GLY A 86 -9.81 -24.01 -6.11
CA GLY A 86 -8.40 -23.85 -5.79
C GLY A 86 -7.50 -24.42 -6.86
N LYS A 87 -7.74 -24.02 -8.11
CA LYS A 87 -6.93 -24.50 -9.22
C LYS A 87 -6.15 -23.35 -9.84
N GLU A 88 -4.87 -23.57 -10.09
CA GLU A 88 -4.00 -22.54 -10.67
C GLU A 88 -2.99 -23.15 -11.63
N THR A 89 -1.99 -22.37 -12.02
CA THR A 89 -0.96 -22.84 -12.93
C THR A 89 0.38 -22.13 -12.64
N LYS A 90 1.47 -22.73 -13.06
CA LYS A 90 2.80 -22.18 -12.85
C LYS A 90 3.54 -22.07 -14.18
N SER A 91 3.18 -21.08 -14.97
CA SER A 91 3.81 -20.87 -16.28
C SER A 91 4.44 -19.48 -16.33
N ASN A 92 5.68 -19.39 -16.80
CA ASN A 92 6.38 -18.10 -16.88
C ASN A 92 7.02 -17.89 -18.25
N TYR A 93 6.92 -16.66 -18.74
CA TYR A 93 7.50 -16.30 -20.04
C TYR A 93 8.47 -15.13 -19.86
N ARG A 94 9.69 -15.28 -20.36
CA ARG A 94 10.69 -14.22 -20.24
C ARG A 94 10.95 -13.55 -21.57
N VAL A 95 10.27 -12.45 -21.81
CA VAL A 95 10.43 -11.71 -23.05
C VAL A 95 11.61 -10.74 -22.91
N ARG A 96 12.57 -10.84 -23.82
CA ARG A 96 13.74 -9.98 -23.80
C ARG A 96 13.82 -9.16 -25.08
N VAL A 97 13.86 -7.84 -24.93
CA VAL A 97 13.93 -6.95 -26.09
C VAL A 97 15.36 -6.75 -26.53
N TYR A 98 15.54 -6.33 -27.78
CA TYR A 98 16.86 -6.08 -28.34
C TYR A 98 17.51 -4.87 -27.68
N GLN A 99 16.88 -3.71 -27.82
CA GLN A 99 17.39 -2.49 -27.23
C GLN A 99 17.00 -2.40 -25.76
N ILE A 100 17.89 -2.85 -24.89
CA ILE A 100 17.64 -2.83 -23.47
C ILE A 100 18.21 -1.56 -22.83
N PRO A 101 17.46 -0.98 -21.88
CA PRO A 101 17.86 0.25 -21.19
C PRO A 101 19.06 0.01 -20.27
N MET B 1 6.65 11.28 2.95
CA MET B 1 6.05 10.03 2.48
C MET B 1 7.11 9.10 1.93
N THR B 2 7.54 8.15 2.74
CA THR B 2 8.54 7.17 2.32
C THR B 2 7.88 6.14 1.42
N GLU B 3 8.62 5.10 1.03
CA GLU B 3 8.08 4.06 0.16
C GLU B 3 6.85 3.42 0.81
N LEU B 4 7.02 2.97 2.05
CA LEU B 4 5.94 2.32 2.77
C LEU B 4 4.82 3.32 3.11
N GLU B 5 5.20 4.54 3.48
CA GLU B 5 4.24 5.58 3.82
C GLU B 5 3.32 5.88 2.65
N THR B 6 3.91 5.99 1.45
CA THR B 6 3.14 6.28 0.24
C THR B 6 2.10 5.18 0.00
N ALA B 7 2.51 3.94 0.23
CA ALA B 7 1.62 2.80 0.03
C ALA B 7 0.47 2.82 1.02
N MET B 8 0.80 3.05 2.29
CA MET B 8 -0.21 3.10 3.35
C MET B 8 -1.21 4.21 3.09
N GLY B 9 -0.70 5.39 2.72
CA GLY B 9 -1.57 6.52 2.46
C GLY B 9 -2.45 6.30 1.24
N MET B 10 -1.91 5.60 0.24
CA MET B 10 -2.65 5.32 -0.98
C MET B 10 -3.91 4.51 -0.69
N ILE B 11 -3.79 3.50 0.18
CA ILE B 11 -4.92 2.67 0.55
C ILE B 11 -6.04 3.51 1.17
N ILE B 12 -5.64 4.47 1.98
CA ILE B 12 -6.59 5.37 2.64
C ILE B 12 -7.36 6.18 1.60
N ASP B 13 -6.63 6.71 0.62
CA ASP B 13 -7.23 7.52 -0.44
C ASP B 13 -8.22 6.68 -1.24
N VAL B 14 -7.81 5.46 -1.58
CA VAL B 14 -8.66 4.56 -2.35
C VAL B 14 -9.99 4.33 -1.62
N PHE B 15 -9.89 4.00 -0.34
CA PHE B 15 -11.06 3.76 0.49
C PHE B 15 -11.95 5.00 0.53
N SER B 16 -11.34 6.14 0.83
CA SER B 16 -12.07 7.41 0.92
C SER B 16 -12.73 7.79 -0.41
N ARG B 17 -12.27 7.22 -1.51
CA ARG B 17 -12.82 7.53 -2.82
C ARG B 17 -13.97 6.60 -3.19
N TYR B 18 -14.30 5.66 -2.32
CA TYR B 18 -15.39 4.74 -2.60
C TYR B 18 -16.48 4.81 -1.53
N SER B 19 -16.09 4.82 -0.26
CA SER B 19 -17.06 4.91 0.82
C SER B 19 -17.56 6.34 0.97
N GLY B 20 -18.85 6.51 0.84
CA GLY B 20 -19.45 7.83 0.94
C GLY B 20 -20.55 8.03 -0.07
N SER B 21 -20.97 6.93 -0.68
CA SER B 21 -22.03 6.98 -1.66
C SER B 21 -23.38 6.85 -0.99
N GLU B 22 -23.40 6.17 0.16
CA GLU B 22 -24.61 5.98 0.92
C GLU B 22 -24.28 5.49 2.33
N GLY B 23 -25.14 5.84 3.28
CA GLY B 23 -24.94 5.42 4.65
C GLY B 23 -23.95 6.27 5.41
N SER B 24 -22.68 5.92 5.32
CA SER B 24 -21.64 6.65 6.02
C SER B 24 -20.48 6.97 5.08
N THR B 25 -19.45 7.61 5.63
CA THR B 25 -18.28 7.96 4.84
C THR B 25 -17.07 7.13 5.27
N GLN B 26 -17.25 6.34 6.32
CA GLN B 26 -16.17 5.51 6.84
C GLN B 26 -16.47 4.01 6.71
N THR B 27 -17.55 3.68 6.03
CA THR B 27 -17.92 2.28 5.85
C THR B 27 -18.34 2.01 4.42
N LEU B 28 -18.07 0.81 3.95
CA LEU B 28 -18.42 0.41 2.60
C LEU B 28 -19.69 -0.44 2.62
N THR B 29 -20.75 0.06 2.01
CA THR B 29 -22.00 -0.67 1.93
C THR B 29 -21.92 -1.74 0.83
N LYS B 30 -23.00 -2.47 0.64
CA LYS B 30 -23.03 -3.52 -0.38
C LYS B 30 -22.88 -2.93 -1.78
N GLY B 31 -23.54 -1.79 -2.00
CA GLY B 31 -23.47 -1.14 -3.30
C GLY B 31 -22.07 -0.62 -3.61
N GLU B 32 -21.46 0.00 -2.61
CA GLU B 32 -20.11 0.57 -2.78
C GLU B 32 -19.07 -0.53 -2.90
N LEU B 33 -19.27 -1.63 -2.18
CA LEU B 33 -18.34 -2.74 -2.23
C LEU B 33 -18.22 -3.28 -3.65
N LYS B 34 -19.35 -3.38 -4.33
CA LYS B 34 -19.36 -3.87 -5.70
C LYS B 34 -18.64 -2.88 -6.62
N VAL B 35 -18.88 -1.59 -6.39
CA VAL B 35 -18.23 -0.55 -7.19
C VAL B 35 -16.72 -0.64 -7.07
N LEU B 36 -16.25 -0.86 -5.84
CA LEU B 36 -14.82 -0.98 -5.58
C LEU B 36 -14.23 -2.18 -6.31
N MET B 37 -14.89 -3.33 -6.17
CA MET B 37 -14.43 -4.57 -6.79
C MET B 37 -14.54 -4.49 -8.31
N GLU B 38 -15.44 -3.66 -8.80
CA GLU B 38 -15.64 -3.52 -10.24
C GLU B 38 -14.70 -2.47 -10.83
N LYS B 39 -13.78 -1.95 -10.03
CA LYS B 39 -12.84 -0.94 -10.50
C LYS B 39 -11.40 -1.25 -10.08
N GLU B 40 -11.20 -1.43 -8.78
CA GLU B 40 -9.87 -1.70 -8.25
C GLU B 40 -9.39 -3.11 -8.60
N LEU B 41 -10.21 -4.11 -8.29
CA LEU B 41 -9.85 -5.50 -8.56
C LEU B 41 -10.89 -6.20 -9.43
N PRO B 42 -11.12 -5.73 -10.67
CA PRO B 42 -12.08 -6.34 -11.57
C PRO B 42 -11.54 -7.65 -12.12
N GLY B 43 -12.20 -8.75 -11.77
CA GLY B 43 -11.77 -10.05 -12.23
C GLY B 43 -11.52 -10.98 -11.07
N PHE B 44 -11.41 -10.42 -9.87
CA PHE B 44 -11.20 -11.21 -8.67
C PHE B 44 -12.50 -11.88 -8.26
N LEU B 45 -13.60 -11.37 -8.82
CA LEU B 45 -14.92 -11.90 -8.54
C LEU B 45 -15.22 -13.08 -9.44
N GLN B 46 -15.54 -14.22 -8.84
CA GLN B 46 -15.85 -15.43 -9.59
C GLN B 46 -17.14 -15.27 -10.40
N SER B 47 -17.98 -14.34 -9.98
CA SER B 47 -19.25 -14.07 -10.65
C SER B 47 -19.05 -13.07 -11.80
N GLY B 48 -17.78 -12.80 -12.13
CA GLY B 48 -17.48 -11.86 -13.19
C GLY B 48 -17.64 -10.43 -12.73
N LYS B 49 -18.83 -9.88 -12.92
CA LYS B 49 -19.11 -8.51 -12.52
C LYS B 49 -20.52 -8.41 -11.93
N ASP B 50 -21.01 -9.52 -11.41
CA ASP B 50 -22.33 -9.55 -10.80
C ASP B 50 -22.23 -9.34 -9.29
N LYS B 51 -23.35 -9.46 -8.59
CA LYS B 51 -23.37 -9.25 -7.14
C LYS B 51 -23.56 -10.56 -6.39
N ASP B 52 -23.47 -11.67 -7.11
CA ASP B 52 -23.65 -12.99 -6.51
C ASP B 52 -22.68 -13.24 -5.36
N ALA B 53 -21.39 -13.14 -5.64
CA ALA B 53 -20.37 -13.36 -4.62
C ALA B 53 -20.11 -12.08 -3.82
N VAL B 54 -20.63 -10.95 -4.30
CA VAL B 54 -20.45 -9.67 -3.62
C VAL B 54 -21.14 -9.68 -2.27
N ASP B 55 -22.38 -10.14 -2.25
CA ASP B 55 -23.17 -10.22 -1.01
C ASP B 55 -22.49 -11.17 -0.03
N LYS B 56 -21.86 -12.21 -0.58
CA LYS B 56 -21.17 -13.21 0.23
C LYS B 56 -19.90 -12.60 0.84
N LEU B 57 -19.13 -11.89 0.02
CA LEU B 57 -17.90 -11.25 0.48
C LEU B 57 -18.20 -10.19 1.53
N LEU B 58 -19.26 -9.42 1.30
CA LEU B 58 -19.66 -8.37 2.23
C LEU B 58 -19.92 -8.96 3.61
N LYS B 59 -20.68 -10.04 3.65
CA LYS B 59 -21.03 -10.70 4.90
C LYS B 59 -19.82 -11.43 5.50
N ASP B 60 -18.82 -11.68 4.68
CA ASP B 60 -17.62 -12.34 5.15
C ASP B 60 -16.69 -11.33 5.81
N LEU B 61 -16.69 -10.12 5.26
CA LEU B 61 -15.86 -9.04 5.79
C LEU B 61 -16.54 -8.41 7.01
N ASP B 62 -17.87 -8.30 6.95
CA ASP B 62 -18.66 -7.73 8.04
C ASP B 62 -18.46 -8.54 9.32
N ALA B 63 -17.68 -8.01 10.23
CA ALA B 63 -17.41 -8.67 11.49
C ALA B 63 -18.03 -7.88 12.64
N ASN B 64 -18.59 -6.73 12.32
CA ASN B 64 -19.23 -5.88 13.32
C ASN B 64 -20.71 -6.24 13.45
N GLY B 65 -21.28 -6.76 12.37
CA GLY B 65 -22.67 -7.17 12.40
C GLY B 65 -23.62 -6.09 11.94
N ASP B 66 -23.24 -5.34 10.92
CA ASP B 66 -24.09 -4.28 10.39
C ASP B 66 -24.14 -4.33 8.87
N ALA B 67 -23.47 -5.33 8.31
CA ALA B 67 -23.39 -5.52 6.86
C ALA B 67 -22.64 -4.35 6.22
N GLN B 68 -21.83 -3.67 7.02
CA GLN B 68 -21.04 -2.54 6.57
C GLN B 68 -19.57 -2.81 6.85
N VAL B 69 -18.77 -2.82 5.80
CA VAL B 69 -17.35 -3.09 5.94
C VAL B 69 -16.58 -1.80 6.23
N ASP B 70 -15.98 -1.72 7.41
CA ASP B 70 -15.21 -0.55 7.79
C ASP B 70 -13.76 -0.72 7.38
N PHE B 71 -12.98 0.34 7.49
CA PHE B 71 -11.56 0.30 7.11
C PHE B 71 -10.79 -0.76 7.88
N SER B 72 -11.16 -0.97 9.14
CA SER B 72 -10.49 -1.96 9.99
C SER B 72 -10.70 -3.38 9.45
N GLU B 73 -11.87 -3.62 8.87
CA GLU B 73 -12.18 -4.94 8.30
C GLU B 73 -11.68 -5.01 6.86
N PHE B 74 -11.76 -3.88 6.17
CA PHE B 74 -11.33 -3.78 4.78
C PHE B 74 -9.82 -3.99 4.65
N ILE B 75 -9.06 -3.40 5.56
CA ILE B 75 -7.61 -3.51 5.53
C ILE B 75 -7.16 -4.97 5.70
N VAL B 76 -7.94 -5.74 6.46
CA VAL B 76 -7.62 -7.14 6.70
C VAL B 76 -7.75 -7.93 5.39
N PHE B 77 -8.80 -7.60 4.64
CA PHE B 77 -9.06 -8.24 3.36
C PHE B 77 -7.91 -7.98 2.40
N VAL B 78 -7.51 -6.71 2.31
CA VAL B 78 -6.41 -6.32 1.43
C VAL B 78 -5.12 -7.03 1.83
N ALA B 79 -4.87 -7.08 3.13
CA ALA B 79 -3.67 -7.74 3.65
C ALA B 79 -3.66 -9.21 3.27
N ALA B 80 -4.81 -9.87 3.41
CA ALA B 80 -4.95 -11.28 3.07
C ALA B 80 -4.66 -11.52 1.60
N ILE B 81 -5.28 -10.72 0.73
CA ILE B 81 -5.09 -10.85 -0.71
C ILE B 81 -3.62 -10.68 -1.09
N THR B 82 -2.99 -9.65 -0.54
CA THR B 82 -1.58 -9.38 -0.81
C THR B 82 -0.70 -10.53 -0.30
N SER B 83 -1.02 -11.03 0.88
CA SER B 83 -0.26 -12.12 1.47
C SER B 83 -0.36 -13.38 0.61
N ALA B 84 -1.56 -13.68 0.14
CA ALA B 84 -1.80 -14.84 -0.70
C ALA B 84 -1.04 -14.73 -2.02
N CYS B 85 -1.01 -13.54 -2.59
CA CYS B 85 -0.33 -13.32 -3.85
C CYS B 85 1.18 -13.54 -3.70
N HIS B 86 1.77 -12.95 -2.66
CA HIS B 86 3.19 -13.07 -2.42
C HIS B 86 3.56 -14.51 -2.02
N LYS B 87 2.63 -15.18 -1.35
CA LYS B 87 2.85 -16.57 -0.92
C LYS B 87 3.14 -17.44 -2.13
N TYR B 88 2.46 -17.17 -3.22
CA TYR B 88 2.65 -17.92 -4.46
C TYR B 88 4.01 -17.58 -5.06
N PHE B 89 4.41 -16.33 -4.92
CA PHE B 89 5.69 -15.87 -5.45
C PHE B 89 6.85 -16.47 -4.64
N GLU B 90 6.59 -16.74 -3.37
CA GLU B 90 7.58 -17.32 -2.48
C GLU B 90 8.03 -18.70 -2.99
N LYS B 91 7.05 -19.52 -3.35
CA LYS B 91 7.32 -20.87 -3.87
C LYS B 91 7.55 -20.83 -5.38
N ALA B 92 7.32 -19.68 -5.99
CA ALA B 92 7.50 -19.52 -7.43
C ALA B 92 8.98 -19.48 -7.78
N GLY B 93 9.80 -19.15 -6.80
CA GLY B 93 11.23 -19.09 -7.02
C GLY B 93 11.82 -20.47 -7.27
N LEU B 94 11.10 -21.49 -6.84
CA LEU B 94 11.54 -22.87 -7.03
C LEU B 94 11.16 -23.35 -8.42
N MET C 1 -2.17 -1.64 -13.45
CA MET C 1 -1.97 -1.27 -12.03
C MET C 1 -2.93 -0.17 -11.62
N THR C 2 -4.05 -0.56 -11.00
CA THR C 2 -5.03 0.40 -10.54
C THR C 2 -4.54 1.03 -9.24
N GLU C 3 -5.38 1.83 -8.61
CA GLU C 3 -5.01 2.50 -7.36
C GLU C 3 -4.62 1.48 -6.29
N LEU C 4 -5.50 0.53 -6.04
CA LEU C 4 -5.25 -0.49 -5.02
C LEU C 4 -4.07 -1.39 -5.43
N GLU C 5 -4.00 -1.71 -6.72
CA GLU C 5 -2.92 -2.57 -7.23
C GLU C 5 -1.56 -1.91 -7.02
N THR C 6 -1.49 -0.61 -7.30
CA THR C 6 -0.24 0.13 -7.13
C THR C 6 0.18 0.12 -5.67
N ALA C 7 -0.80 0.25 -4.77
CA ALA C 7 -0.52 0.24 -3.35
C ALA C 7 -0.02 -1.12 -2.90
N MET C 8 -0.72 -2.17 -3.30
CA MET C 8 -0.35 -3.54 -2.94
C MET C 8 1.02 -3.89 -3.50
N GLY C 9 1.23 -3.55 -4.78
CA GLY C 9 2.50 -3.85 -5.42
C GLY C 9 3.66 -3.10 -4.77
N MET C 10 3.40 -1.86 -4.36
CA MET C 10 4.42 -1.04 -3.71
C MET C 10 4.94 -1.71 -2.44
N ILE C 11 4.02 -2.25 -1.65
CA ILE C 11 4.40 -2.92 -0.41
C ILE C 11 5.33 -4.10 -0.69
N ILE C 12 5.05 -4.80 -1.78
CA ILE C 12 5.86 -5.94 -2.18
C ILE C 12 7.29 -5.50 -2.50
N ASP C 13 7.41 -4.41 -3.24
CA ASP C 13 8.73 -3.87 -3.62
C ASP C 13 9.49 -3.44 -2.37
N VAL C 14 8.81 -2.73 -1.47
CA VAL C 14 9.43 -2.27 -0.22
C VAL C 14 10.05 -3.45 0.52
N PHE C 15 9.27 -4.51 0.68
CA PHE C 15 9.71 -5.72 1.36
C PHE C 15 10.90 -6.35 0.64
N SER C 16 10.77 -6.49 -0.68
CA SER C 16 11.81 -7.11 -1.50
C SER C 16 13.09 -6.29 -1.53
N ARG C 17 13.01 -5.01 -1.18
CA ARG C 17 14.19 -4.15 -1.20
C ARG C 17 14.91 -4.15 0.15
N TYR C 18 14.43 -4.96 1.08
CA TYR C 18 15.04 -5.06 2.39
C TYR C 18 15.37 -6.51 2.74
N SER C 19 14.50 -7.44 2.35
CA SER C 19 14.73 -8.85 2.61
C SER C 19 15.70 -9.43 1.60
N GLY C 20 16.70 -10.16 2.08
CA GLY C 20 17.68 -10.75 1.20
C GLY C 20 19.10 -10.38 1.58
N SER C 21 19.25 -9.75 2.72
CA SER C 21 20.56 -9.33 3.20
C SER C 21 21.25 -10.48 3.91
N GLU C 22 20.47 -11.36 4.53
CA GLU C 22 21.00 -12.51 5.24
C GLU C 22 19.87 -13.47 5.60
N GLY C 23 20.20 -14.74 5.75
CA GLY C 23 19.21 -15.73 6.11
C GLY C 23 18.40 -16.21 4.92
N SER C 24 17.62 -15.30 4.36
CA SER C 24 16.78 -15.62 3.23
C SER C 24 16.43 -14.36 2.45
N THR C 25 15.65 -14.52 1.40
CA THR C 25 15.23 -13.38 0.58
C THR C 25 13.71 -13.20 0.66
N GLN C 26 13.08 -14.02 1.49
CA GLN C 26 11.63 -13.96 1.66
C GLN C 26 11.26 -13.71 3.13
N THR C 27 12.26 -13.46 3.95
CA THR C 27 12.03 -13.20 5.37
C THR C 27 12.91 -12.06 5.86
N LEU C 28 12.44 -11.37 6.89
CA LEU C 28 13.18 -10.26 7.48
C LEU C 28 13.82 -10.68 8.80
N THR C 29 15.15 -10.62 8.85
CA THR C 29 15.87 -10.97 10.05
C THR C 29 15.88 -9.79 11.01
N LYS C 30 16.50 -9.95 12.18
CA LYS C 30 16.56 -8.88 13.18
C LYS C 30 17.29 -7.65 12.62
N GLY C 31 18.37 -7.91 11.89
CA GLY C 31 19.14 -6.82 11.30
C GLY C 31 18.37 -6.10 10.22
N GLU C 32 17.78 -6.87 9.31
CA GLU C 32 17.01 -6.31 8.21
C GLU C 32 15.80 -5.54 8.72
N LEU C 33 15.12 -6.09 9.73
CA LEU C 33 13.94 -5.45 10.30
C LEU C 33 14.29 -4.06 10.82
N LYS C 34 15.45 -3.95 11.47
CA LYS C 34 15.90 -2.67 12.00
C LYS C 34 16.15 -1.69 10.86
N VAL C 35 16.79 -2.17 9.80
CA VAL C 35 17.09 -1.34 8.63
C VAL C 35 15.80 -0.75 8.06
N LEU C 36 14.79 -1.60 7.94
CA LEU C 36 13.50 -1.19 7.41
C LEU C 36 12.87 -0.11 8.29
N MET C 37 12.91 -0.33 9.60
CA MET C 37 12.34 0.61 10.56
C MET C 37 13.09 1.94 10.55
N GLU C 38 14.38 1.90 10.27
CA GLU C 38 15.19 3.11 10.24
C GLU C 38 15.14 3.80 8.88
N LYS C 39 14.25 3.35 8.01
CA LYS C 39 14.13 3.94 6.69
C LYS C 39 12.69 4.26 6.34
N GLU C 40 11.83 3.25 6.42
CA GLU C 40 10.41 3.43 6.09
C GLU C 40 9.66 4.18 7.17
N LEU C 41 9.78 3.71 8.41
CA LEU C 41 9.06 4.34 9.52
C LEU C 41 10.02 4.77 10.64
N PRO C 42 10.95 5.69 10.36
CA PRO C 42 11.90 6.18 11.36
C PRO C 42 11.24 7.13 12.33
N GLY C 43 11.03 6.66 13.55
CA GLY C 43 10.39 7.48 14.55
C GLY C 43 9.34 6.72 15.31
N PHE C 44 8.88 5.61 14.73
CA PHE C 44 7.86 4.78 15.36
C PHE C 44 8.49 3.92 16.45
N LEU C 45 9.80 3.81 16.40
CA LEU C 45 10.55 3.03 17.38
C LEU C 45 10.71 3.83 18.66
N GLN C 46 10.20 3.30 19.76
CA GLN C 46 10.28 3.99 21.05
C GLN C 46 11.73 4.07 21.57
N SER C 47 12.62 3.28 20.99
CA SER C 47 14.02 3.29 21.38
C SER C 47 14.84 4.24 20.50
N GLY C 48 14.16 4.89 19.56
CA GLY C 48 14.83 5.81 18.68
C GLY C 48 15.36 5.13 17.43
N LYS C 49 16.66 4.88 17.40
CA LYS C 49 17.30 4.23 16.26
C LYS C 49 18.25 3.13 16.74
N ASP C 50 17.90 2.52 17.86
CA ASP C 50 18.70 1.43 18.41
C ASP C 50 17.92 0.14 18.38
N LYS C 51 18.35 -0.85 19.13
CA LYS C 51 17.67 -2.14 19.18
C LYS C 51 16.54 -2.06 20.21
N ASP C 52 16.73 -2.72 21.35
CA ASP C 52 15.77 -2.73 22.45
C ASP C 52 14.36 -3.17 22.01
N ALA C 53 13.58 -2.22 21.51
CA ALA C 53 12.23 -2.51 21.06
C ALA C 53 12.23 -3.36 19.79
N VAL C 54 13.31 -3.29 19.02
CA VAL C 54 13.45 -4.07 17.80
C VAL C 54 13.31 -5.56 18.08
N ASP C 55 13.96 -6.01 19.14
CA ASP C 55 13.91 -7.41 19.52
C ASP C 55 12.50 -7.80 19.93
N LYS C 56 11.85 -6.90 20.66
CA LYS C 56 10.49 -7.12 21.12
C LYS C 56 9.54 -7.22 19.93
N LEU C 57 9.69 -6.30 18.98
CA LEU C 57 8.84 -6.29 17.80
C LEU C 57 9.07 -7.53 16.94
N LEU C 58 10.34 -7.91 16.78
CA LEU C 58 10.69 -9.08 15.98
C LEU C 58 10.01 -10.33 16.51
N LYS C 59 10.14 -10.55 17.81
CA LYS C 59 9.55 -11.72 18.45
C LYS C 59 8.02 -11.61 18.52
N ASP C 60 7.51 -10.39 18.39
CA ASP C 60 6.07 -10.17 18.43
C ASP C 60 5.45 -10.52 17.09
N LEU C 61 6.21 -10.24 16.02
CA LEU C 61 5.76 -10.51 14.67
C LEU C 61 5.98 -11.97 14.31
N ASP C 62 7.13 -12.50 14.70
CA ASP C 62 7.48 -13.89 14.43
C ASP C 62 6.49 -14.83 15.10
N ALA C 63 5.59 -15.38 14.30
CA ALA C 63 4.58 -16.30 14.80
C ALA C 63 4.87 -17.71 14.31
N ASN C 64 5.92 -17.83 13.51
CA ASN C 64 6.31 -19.13 12.98
C ASN C 64 7.32 -19.81 13.90
N GLY C 65 8.10 -19.01 14.63
CA GLY C 65 9.06 -19.56 15.57
C GLY C 65 10.46 -19.71 15.02
N ASP C 66 10.83 -18.85 14.09
CA ASP C 66 12.17 -18.92 13.49
C ASP C 66 12.88 -17.59 13.66
N ALA C 67 12.24 -16.65 14.37
CA ALA C 67 12.79 -15.32 14.61
C ALA C 67 12.98 -14.58 13.29
N GLN C 68 12.20 -14.97 12.30
CA GLN C 68 12.25 -14.36 10.98
C GLN C 68 10.85 -13.98 10.56
N VAL C 69 10.64 -12.70 10.29
CA VAL C 69 9.33 -12.21 9.89
C VAL C 69 9.10 -12.40 8.40
N ASP C 70 8.11 -13.20 8.05
CA ASP C 70 7.78 -13.45 6.65
C ASP C 70 6.81 -12.39 6.14
N PHE C 71 6.51 -12.40 4.85
CA PHE C 71 5.61 -11.41 4.26
C PHE C 71 4.21 -11.49 4.89
N SER C 72 3.76 -12.69 5.23
CA SER C 72 2.46 -12.87 5.83
C SER C 72 2.39 -12.17 7.17
N GLU C 73 3.39 -12.39 8.01
CA GLU C 73 3.45 -11.76 9.31
C GLU C 73 3.71 -10.25 9.17
N PHE C 74 4.50 -9.89 8.17
CA PHE C 74 4.85 -8.51 7.90
C PHE C 74 3.64 -7.69 7.46
N ILE C 75 2.83 -8.26 6.56
CA ILE C 75 1.65 -7.57 6.05
C ILE C 75 0.65 -7.29 7.17
N VAL C 76 0.60 -8.17 8.17
CA VAL C 76 -0.30 -8.00 9.29
C VAL C 76 0.10 -6.76 10.10
N PHE C 77 1.41 -6.60 10.28
CA PHE C 77 1.94 -5.46 11.03
C PHE C 77 1.56 -4.16 10.33
N VAL C 78 1.81 -4.10 9.03
CA VAL C 78 1.50 -2.92 8.24
C VAL C 78 0.00 -2.62 8.28
N ALA C 79 -0.81 -3.65 8.14
CA ALA C 79 -2.26 -3.50 8.17
C ALA C 79 -2.72 -2.92 9.50
N ALA C 80 -2.17 -3.45 10.59
CA ALA C 80 -2.52 -2.99 11.93
C ALA C 80 -2.16 -1.51 12.12
N ILE C 81 -0.96 -1.14 11.70
CA ILE C 81 -0.50 0.24 11.82
C ILE C 81 -1.42 1.18 11.04
N THR C 82 -1.74 0.81 9.80
CA THR C 82 -2.61 1.62 8.97
C THR C 82 -4.01 1.72 9.58
N SER C 83 -4.49 0.61 10.12
CA SER C 83 -5.80 0.56 10.75
C SER C 83 -5.85 1.49 11.96
N ALA C 84 -4.80 1.44 12.79
CA ALA C 84 -4.73 2.28 13.97
C ALA C 84 -4.71 3.77 13.60
N CYS C 85 -3.94 4.10 12.57
CA CYS C 85 -3.83 5.48 12.11
C CYS C 85 -5.19 6.00 11.66
N HIS C 86 -5.90 5.21 10.87
CA HIS C 86 -7.21 5.60 10.36
C HIS C 86 -8.23 5.65 11.49
N LYS C 87 -8.04 4.80 12.49
CA LYS C 87 -8.95 4.75 13.64
C LYS C 87 -8.95 6.10 14.36
N TYR C 88 -7.78 6.71 14.43
CA TYR C 88 -7.64 8.01 15.07
C TYR C 88 -8.30 9.09 14.22
N PHE C 89 -8.18 8.96 12.91
CA PHE C 89 -8.77 9.92 11.98
C PHE C 89 -10.29 9.80 11.97
N GLU C 90 -10.79 8.60 12.22
CA GLU C 90 -12.21 8.34 12.25
C GLU C 90 -12.89 9.20 13.31
N LYS C 91 -12.28 9.28 14.48
CA LYS C 91 -12.82 10.09 15.57
C LYS C 91 -12.28 11.52 15.53
N ALA C 92 -11.40 11.79 14.58
CA ALA C 92 -10.81 13.11 14.43
C ALA C 92 -11.82 14.08 13.81
N GLY C 93 -12.82 13.52 13.13
CA GLY C 93 -13.83 14.33 12.51
C GLY C 93 -14.72 15.02 13.54
N LEU C 94 -14.79 14.43 14.73
CA LEU C 94 -15.59 14.97 15.80
C LEU C 94 -14.84 16.09 16.52
N ALA D 1 -14.71 18.54 14.33
CA ALA D 1 -13.26 18.76 14.19
C ALA D 1 -12.91 20.22 14.46
N MET D 2 -11.85 20.44 15.23
CA MET D 2 -11.40 21.79 15.54
C MET D 2 -10.06 22.07 14.89
N ALA D 3 -9.95 23.23 14.27
CA ALA D 3 -8.71 23.62 13.60
C ALA D 3 -8.58 25.14 13.56
N GLN D 4 -7.45 25.64 14.02
CA GLN D 4 -7.20 27.08 14.03
C GLN D 4 -6.72 27.55 12.66
N ASN D 5 -7.40 28.55 12.11
CA ASN D 5 -7.04 29.06 10.79
C ASN D 5 -5.88 30.04 10.89
N ILE D 6 -4.90 29.87 10.01
CA ILE D 6 -3.73 30.75 9.98
C ILE D 6 -3.42 31.17 8.56
N THR D 7 -3.47 32.47 8.30
CA THR D 7 -3.18 33.01 6.98
C THR D 7 -1.68 33.05 6.72
N ALA D 8 -1.26 32.54 5.57
CA ALA D 8 0.16 32.52 5.21
C ALA D 8 0.37 32.98 3.77
N ARG D 9 1.64 33.14 3.41
CA ARG D 9 1.99 33.58 2.07
C ARG D 9 2.87 32.53 1.41
N ILE D 10 2.69 32.33 0.10
CA ILE D 10 3.48 31.34 -0.63
C ILE D 10 4.94 31.77 -0.73
N GLY D 11 5.83 30.90 -0.30
CA GLY D 11 7.25 31.20 -0.34
C GLY D 11 7.74 31.91 0.89
N GLU D 12 6.87 32.08 1.88
CA GLU D 12 7.23 32.76 3.11
C GLU D 12 7.54 31.75 4.20
N PRO D 13 8.72 31.87 4.85
CA PRO D 13 9.11 30.98 5.94
C PRO D 13 8.28 31.17 7.21
N LEU D 14 7.64 30.11 7.66
CA LEU D 14 6.81 30.17 8.85
C LEU D 14 7.37 29.27 9.93
N VAL D 15 7.33 29.74 11.17
CA VAL D 15 7.83 28.98 12.29
C VAL D 15 6.66 28.61 13.22
N LEU D 16 6.33 27.33 13.27
CA LEU D 16 5.24 26.86 14.10
C LEU D 16 5.78 26.30 15.41
N LYS D 17 4.91 26.08 16.38
CA LYS D 17 5.31 25.54 17.67
C LYS D 17 4.42 24.38 18.04
N CYS D 18 5.00 23.19 18.17
CA CYS D 18 4.24 22.01 18.51
C CYS D 18 4.60 21.53 19.91
N LYS D 19 3.62 21.55 20.80
CA LYS D 19 3.82 21.13 22.17
C LYS D 19 3.19 19.76 22.38
N GLY D 20 3.67 19.02 23.37
CA GLY D 20 3.14 17.71 23.65
C GLY D 20 4.06 16.89 24.52
N ALA D 21 5.36 17.08 24.33
CA ALA D 21 6.36 16.35 25.11
C ALA D 21 6.43 16.89 26.54
N PRO D 22 6.08 16.06 27.53
CA PRO D 22 6.08 16.45 28.94
C PRO D 22 7.49 16.41 29.54
N LYS D 23 7.55 16.50 30.86
CA LYS D 23 8.82 16.47 31.58
C LYS D 23 9.36 15.05 31.66
N LYS D 24 9.77 14.51 30.52
CA LYS D 24 10.31 13.17 30.43
C LYS D 24 11.22 13.06 29.21
N PRO D 25 12.10 12.04 29.16
CA PRO D 25 13.03 11.83 28.04
C PRO D 25 12.31 11.81 26.69
N PRO D 26 13.01 12.23 25.61
CA PRO D 26 12.45 12.27 24.26
C PRO D 26 11.84 10.94 23.82
N GLN D 27 10.52 10.93 23.70
CA GLN D 27 9.79 9.75 23.28
C GLN D 27 9.51 9.81 21.77
N ARG D 28 8.80 8.83 21.24
CA ARG D 28 8.49 8.79 19.83
C ARG D 28 7.38 9.79 19.48
N LEU D 29 7.46 10.37 18.30
CA LEU D 29 6.48 11.36 17.85
C LEU D 29 5.82 10.91 16.55
N GLU D 30 4.55 10.57 16.62
CA GLU D 30 3.81 10.12 15.45
C GLU D 30 3.12 11.30 14.77
N TRP D 31 3.88 12.05 13.98
CA TRP D 31 3.34 13.19 13.27
C TRP D 31 2.32 12.76 12.22
N LYS D 32 1.23 13.52 12.10
CA LYS D 32 0.18 13.22 11.14
C LYS D 32 -0.46 14.52 10.66
N LEU D 33 -1.30 14.42 9.64
CA LEU D 33 -1.99 15.59 9.11
C LEU D 33 -3.19 15.14 8.29
N ASN D 34 -4.15 16.04 8.09
CA ASN D 34 -5.34 15.72 7.34
C ASN D 34 -5.31 16.38 5.97
N THR D 35 -5.41 15.58 4.92
CA THR D 35 -5.40 16.09 3.55
C THR D 35 -6.04 15.07 2.62
N GLY D 36 -6.00 15.33 1.32
CA GLY D 36 -6.57 14.42 0.36
C GLY D 36 -5.60 13.33 -0.01
N ARG D 37 -4.51 13.71 -0.66
CA ARG D 37 -3.48 12.76 -1.06
C ARG D 37 -2.54 12.49 0.11
N THR D 38 -2.35 13.51 0.94
CA THR D 38 -1.52 13.42 2.14
C THR D 38 -0.07 13.06 1.80
N GLU D 39 0.47 13.69 0.76
CA GLU D 39 1.85 13.44 0.32
C GLU D 39 2.85 14.06 1.30
N ALA D 40 2.37 15.05 2.05
CA ALA D 40 3.22 15.75 3.01
C ALA D 40 3.34 15.02 4.34
N TRP D 41 2.83 13.78 4.39
CA TRP D 41 2.89 13.00 5.62
C TRP D 41 4.23 12.28 5.75
N LYS D 42 4.74 12.23 6.97
CA LYS D 42 6.00 11.55 7.26
C LYS D 42 6.24 11.51 8.76
N VAL D 43 6.31 10.32 9.32
CA VAL D 43 6.55 10.14 10.75
C VAL D 43 7.93 10.70 11.13
N LEU D 44 7.96 11.55 12.16
CA LEU D 44 9.21 12.15 12.61
C LEU D 44 9.89 11.29 13.67
N SER D 45 11.12 11.64 13.99
CA SER D 45 11.89 10.90 14.98
C SER D 45 12.75 11.86 15.80
N PRO D 46 12.83 11.65 17.13
CA PRO D 46 13.64 12.48 18.02
C PRO D 46 15.13 12.15 17.89
N GLN D 47 15.41 10.99 17.31
CA GLN D 47 16.78 10.54 17.13
C GLN D 47 17.18 10.52 15.66
N GLY D 48 16.23 10.17 14.80
CA GLY D 48 16.51 10.10 13.37
C GLY D 48 15.95 11.30 12.63
N GLY D 49 15.48 11.05 11.40
CA GLY D 49 14.92 12.11 10.59
C GLY D 49 14.10 11.58 9.45
N GLY D 50 14.61 11.70 8.24
CA GLY D 50 13.90 11.22 7.08
C GLY D 50 13.82 12.26 5.98
N PRO D 51 13.12 11.95 4.87
CA PRO D 51 12.97 12.89 3.73
C PRO D 51 12.18 14.15 4.08
N TRP D 52 11.54 14.14 5.25
CA TRP D 52 10.75 15.28 5.69
C TRP D 52 11.64 16.37 6.26
N ASP D 53 12.84 15.98 6.69
CA ASP D 53 13.81 16.91 7.25
C ASP D 53 14.26 17.92 6.21
N SER D 54 14.25 17.51 4.96
CA SER D 54 14.63 18.38 3.86
C SER D 54 13.51 19.36 3.54
N VAL D 55 12.34 19.10 4.09
CA VAL D 55 11.18 19.95 3.88
C VAL D 55 11.00 20.91 5.04
N ALA D 56 11.05 20.39 6.25
CA ALA D 56 10.91 21.19 7.45
C ALA D 56 11.92 20.79 8.51
N ARG D 57 12.44 21.77 9.23
CA ARG D 57 13.42 21.51 10.27
C ARG D 57 12.80 21.67 11.65
N VAL D 58 12.97 20.66 12.48
CA VAL D 58 12.44 20.69 13.83
C VAL D 58 13.51 21.16 14.81
N LEU D 59 13.24 22.27 15.48
CA LEU D 59 14.18 22.82 16.45
C LEU D 59 14.07 22.06 17.77
N PRO D 60 15.17 21.97 18.54
CA PRO D 60 15.20 21.26 19.83
C PRO D 60 14.30 21.88 20.90
N ASN D 61 13.69 23.02 20.59
CA ASN D 61 12.81 23.69 21.53
C ASN D 61 11.35 23.36 21.25
N GLY D 62 11.11 22.64 20.17
CA GLY D 62 9.75 22.25 19.83
C GLY D 62 9.16 23.09 18.71
N SER D 63 9.96 23.93 18.10
CA SER D 63 9.48 24.77 17.01
C SER D 63 9.75 24.12 15.66
N LEU D 64 8.83 24.31 14.73
CA LEU D 64 8.95 23.74 13.39
C LEU D 64 9.23 24.86 12.39
N PHE D 65 10.35 24.78 11.71
CA PHE D 65 10.74 25.80 10.74
C PHE D 65 10.45 25.35 9.31
N LEU D 66 9.61 26.12 8.63
CA LEU D 66 9.27 25.85 7.25
C LEU D 66 9.98 26.85 6.34
N PRO D 67 11.00 26.39 5.60
CA PRO D 67 11.79 27.26 4.70
C PRO D 67 10.92 28.04 3.73
N ALA D 68 9.98 27.36 3.09
CA ALA D 68 9.10 27.99 2.13
C ALA D 68 7.78 27.23 2.02
N VAL D 69 6.70 27.86 2.45
CA VAL D 69 5.38 27.25 2.39
C VAL D 69 4.81 27.40 0.99
N GLY D 70 4.36 26.31 0.41
CA GLY D 70 3.79 26.34 -0.91
C GLY D 70 2.34 25.91 -0.92
N ILE D 71 2.02 24.91 -1.73
CA ILE D 71 0.66 24.40 -1.81
C ILE D 71 0.61 22.91 -1.46
N GLN D 72 1.78 22.35 -1.22
CA GLN D 72 1.89 20.93 -0.86
C GLN D 72 1.71 20.78 0.64
N ASP D 73 2.11 21.82 1.36
CA ASP D 73 2.02 21.86 2.80
C ASP D 73 0.66 22.43 3.22
N GLU D 74 -0.20 22.62 2.23
CA GLU D 74 -1.53 23.16 2.45
C GLU D 74 -2.45 22.07 2.99
N GLY D 75 -2.69 22.09 4.28
CA GLY D 75 -3.56 21.09 4.89
C GLY D 75 -3.71 21.31 6.38
N ILE D 76 -4.21 20.30 7.08
CA ILE D 76 -4.40 20.40 8.51
C ILE D 76 -3.30 19.62 9.25
N PHE D 77 -2.29 20.35 9.71
CA PHE D 77 -1.16 19.75 10.42
C PHE D 77 -1.57 19.27 11.81
N ARG D 78 -0.91 18.22 12.30
CA ARG D 78 -1.21 17.67 13.62
C ARG D 78 0.03 17.03 14.25
N CYS D 79 0.64 17.74 15.18
CA CYS D 79 1.82 17.23 15.88
C CYS D 79 1.38 16.33 17.04
N GLN D 80 1.34 15.04 16.78
CA GLN D 80 0.92 14.08 17.80
C GLN D 80 2.10 13.29 18.35
N ALA D 81 2.13 13.13 19.66
CA ALA D 81 3.18 12.38 20.33
C ALA D 81 2.59 11.08 20.86
N MET D 82 3.43 10.09 21.12
CA MET D 82 2.96 8.81 21.64
C MET D 82 3.91 8.26 22.69
N ASN D 83 3.46 8.27 23.94
CA ASN D 83 4.26 7.75 25.03
C ASN D 83 4.05 6.25 25.16
N ARG D 84 5.00 5.58 25.79
CA ARG D 84 4.94 4.12 25.96
C ARG D 84 3.78 3.70 26.87
N ASN D 85 3.12 4.69 27.46
CA ASN D 85 1.99 4.43 28.34
C ASN D 85 0.68 4.72 27.63
N GLY D 86 0.76 5.00 26.34
CA GLY D 86 -0.42 5.29 25.56
C GLY D 86 -0.90 6.73 25.76
N LYS D 87 0.00 7.67 25.53
CA LYS D 87 -0.33 9.08 25.69
C LYS D 87 -0.24 9.80 24.35
N GLU D 88 -1.31 10.47 23.98
CA GLU D 88 -1.37 11.19 22.71
C GLU D 88 -2.06 12.54 22.89
N THR D 89 -2.24 13.26 21.79
CA THR D 89 -2.90 14.57 21.83
C THR D 89 -3.78 14.76 20.59
N LYS D 90 -4.56 15.84 20.57
CA LYS D 90 -5.45 16.14 19.45
C LYS D 90 -5.40 17.63 19.12
N SER D 91 -4.27 18.05 18.54
CA SER D 91 -4.08 19.44 18.15
C SER D 91 -4.01 19.55 16.63
N ASN D 92 -4.77 20.49 16.06
CA ASN D 92 -4.80 20.67 14.61
C ASN D 92 -4.62 22.12 14.21
N TYR D 93 -3.79 22.34 13.18
CA TYR D 93 -3.53 23.68 12.68
C TYR D 93 -3.91 23.74 11.20
N ARG D 94 -4.69 24.75 10.82
CA ARG D 94 -5.11 24.88 9.44
C ARG D 94 -4.49 26.12 8.80
N VAL D 95 -3.39 25.90 8.10
CA VAL D 95 -2.70 26.98 7.42
C VAL D 95 -3.36 27.21 6.05
N ARG D 96 -3.54 28.46 5.69
CA ARG D 96 -4.16 28.82 4.41
C ARG D 96 -3.30 29.83 3.69
N VAL D 97 -2.88 29.50 2.48
CA VAL D 97 -2.04 30.39 1.69
C VAL D 97 -2.88 31.42 0.95
N TYR D 98 -2.24 32.53 0.56
CA TYR D 98 -2.92 33.60 -0.16
C TYR D 98 -3.29 33.17 -1.57
N GLN D 99 -2.35 32.53 -2.26
CA GLN D 99 -2.58 32.07 -3.61
C GLN D 99 -2.89 30.58 -3.61
N ILE D 100 -4.18 30.27 -3.75
CA ILE D 100 -4.62 28.88 -3.76
C ILE D 100 -4.84 28.38 -5.19
N PRO D 101 -4.40 27.15 -5.48
CA PRO D 101 -4.56 26.54 -6.79
C PRO D 101 -5.97 26.02 -7.03
N ALA A 1 12.72 -22.01 -10.43
CA ALA A 1 11.72 -21.34 -11.30
C ALA A 1 12.10 -21.50 -12.76
N MET A 2 11.11 -21.81 -13.59
CA MET A 2 11.33 -22.00 -15.01
C MET A 2 10.70 -20.85 -15.79
N ALA A 3 11.43 -20.33 -16.76
CA ALA A 3 10.94 -19.24 -17.59
C ALA A 3 11.52 -19.31 -18.99
N GLN A 4 10.66 -19.40 -19.99
CA GLN A 4 11.10 -19.48 -21.37
C GLN A 4 11.46 -18.10 -21.88
N ASN A 5 12.67 -17.96 -22.40
CA ASN A 5 13.14 -16.67 -22.92
C ASN A 5 12.63 -16.42 -24.34
N ILE A 6 12.20 -15.19 -24.59
CA ILE A 6 11.68 -14.78 -25.89
C ILE A 6 12.30 -13.45 -26.31
N THR A 7 13.02 -13.45 -27.42
CA THR A 7 13.66 -12.24 -27.92
C THR A 7 12.69 -11.41 -28.77
N ALA A 8 12.49 -10.16 -28.39
CA ALA A 8 11.58 -9.28 -29.11
C ALA A 8 12.24 -7.94 -29.42
N ARG A 9 11.52 -7.08 -30.10
CA ARG A 9 12.00 -5.76 -30.47
C ARG A 9 11.09 -4.67 -29.91
N ILE A 10 11.68 -3.60 -29.42
CA ILE A 10 10.91 -2.49 -28.86
C ILE A 10 10.09 -1.79 -29.93
N GLY A 11 8.80 -1.64 -29.66
CA GLY A 11 7.91 -0.98 -30.60
C GLY A 11 7.23 -1.94 -31.54
N GLU A 12 7.58 -3.21 -31.45
CA GLU A 12 7.00 -4.23 -32.31
C GLU A 12 5.83 -4.92 -31.62
N PRO A 13 4.70 -5.09 -32.33
CA PRO A 13 3.52 -5.78 -31.80
C PRO A 13 3.79 -7.26 -31.58
N LEU A 14 3.30 -7.81 -30.49
CA LEU A 14 3.52 -9.21 -30.19
C LEU A 14 2.21 -9.93 -29.91
N VAL A 15 2.16 -11.21 -30.27
CA VAL A 15 0.97 -12.03 -30.06
C VAL A 15 1.32 -13.23 -29.19
N LEU A 16 0.86 -13.21 -27.95
CA LEU A 16 1.13 -14.29 -27.02
C LEU A 16 -0.12 -15.14 -26.82
N LYS A 17 0.07 -16.36 -26.33
CA LYS A 17 -1.04 -17.27 -26.09
C LYS A 17 -0.89 -17.89 -24.71
N CYS A 18 -1.93 -17.77 -23.89
CA CYS A 18 -1.91 -18.32 -22.55
C CYS A 18 -3.02 -19.35 -22.38
N LYS A 19 -2.66 -20.62 -22.59
CA LYS A 19 -3.61 -21.71 -22.45
C LYS A 19 -3.74 -22.14 -21.00
N GLY A 20 -4.71 -21.56 -20.29
CA GLY A 20 -4.93 -21.91 -18.91
C GLY A 20 -6.40 -22.14 -18.61
N ALA A 21 -7.19 -22.24 -19.66
CA ALA A 21 -8.63 -22.46 -19.51
C ALA A 21 -9.03 -23.85 -19.99
N PRO A 22 -9.63 -24.65 -19.09
CA PRO A 22 -10.09 -26.00 -19.43
C PRO A 22 -11.43 -25.99 -20.16
N LYS A 23 -12.14 -27.10 -20.11
CA LYS A 23 -13.45 -27.21 -20.76
C LYS A 23 -14.56 -26.71 -19.85
N LYS A 24 -14.25 -25.68 -19.08
CA LYS A 24 -15.20 -25.10 -18.16
C LYS A 24 -15.56 -23.69 -18.59
N PRO A 25 -16.67 -23.14 -18.08
CA PRO A 25 -17.09 -21.76 -18.41
C PRO A 25 -16.05 -20.73 -17.98
N PRO A 26 -16.12 -19.50 -18.53
CA PRO A 26 -15.17 -18.43 -18.22
C PRO A 26 -15.00 -18.20 -16.72
N GLN A 27 -13.84 -18.56 -16.21
CA GLN A 27 -13.54 -18.41 -14.79
C GLN A 27 -12.72 -17.14 -14.57
N ARG A 28 -12.31 -16.90 -13.32
CA ARG A 28 -11.53 -15.72 -12.99
C ARG A 28 -10.07 -15.92 -13.39
N LEU A 29 -9.47 -14.89 -13.95
CA LEU A 29 -8.09 -14.96 -14.40
C LEU A 29 -7.20 -14.02 -13.59
N GLU A 30 -6.38 -14.59 -12.74
CA GLU A 30 -5.48 -13.82 -11.90
C GLU A 30 -4.14 -13.60 -12.59
N TRP A 31 -4.08 -12.56 -13.42
CA TRP A 31 -2.87 -12.25 -14.15
C TRP A 31 -1.80 -11.72 -13.21
N LYS A 32 -0.60 -12.28 -13.30
CA LYS A 32 0.51 -11.87 -12.46
C LYS A 32 1.82 -11.95 -13.22
N LEU A 33 2.89 -11.48 -12.59
CA LEU A 33 4.21 -11.50 -13.21
C LEU A 33 5.28 -11.42 -12.14
N ASN A 34 6.43 -12.02 -12.42
CA ASN A 34 7.55 -12.02 -11.48
C ASN A 34 8.58 -11.01 -11.93
N THR A 35 8.39 -9.76 -11.52
CA THR A 35 9.29 -8.69 -11.88
C THR A 35 9.39 -7.69 -10.73
N GLY A 36 10.46 -6.90 -10.69
CA GLY A 36 10.63 -5.91 -9.64
C GLY A 36 9.84 -4.64 -9.91
N ARG A 37 9.86 -4.19 -11.16
CA ARG A 37 9.14 -2.98 -11.54
C ARG A 37 7.63 -3.21 -11.50
N THR A 38 7.19 -4.29 -12.14
CA THR A 38 5.78 -4.68 -12.17
C THR A 38 4.90 -3.57 -12.77
N GLU A 39 5.15 -3.25 -14.03
CA GLU A 39 4.38 -2.21 -14.72
C GLU A 39 3.08 -2.79 -15.27
N ALA A 40 3.22 -3.82 -16.09
CA ALA A 40 2.08 -4.46 -16.71
C ALA A 40 1.39 -5.46 -15.77
N TRP A 41 0.76 -4.94 -14.74
CA TRP A 41 0.04 -5.79 -13.79
C TRP A 41 -1.40 -5.33 -13.65
N LYS A 42 -2.32 -6.28 -13.73
CA LYS A 42 -3.74 -5.98 -13.59
C LYS A 42 -4.54 -7.28 -13.59
N VAL A 43 -5.40 -7.45 -12.59
CA VAL A 43 -6.22 -8.65 -12.49
C VAL A 43 -7.32 -8.63 -13.54
N LEU A 44 -7.41 -9.68 -14.35
CA LEU A 44 -8.41 -9.75 -15.40
C LEU A 44 -9.74 -10.29 -14.89
N SER A 45 -10.81 -9.84 -15.50
CA SER A 45 -12.15 -10.27 -15.14
C SER A 45 -12.89 -10.75 -16.38
N PRO A 46 -13.61 -11.88 -16.29
CA PRO A 46 -14.35 -12.44 -17.42
C PRO A 46 -15.51 -11.53 -17.85
N GLN A 47 -15.77 -10.50 -17.07
CA GLN A 47 -16.84 -9.56 -17.38
C GLN A 47 -16.41 -8.12 -17.08
N GLY A 48 -15.11 -7.90 -17.03
CA GLY A 48 -14.60 -6.57 -16.75
C GLY A 48 -13.22 -6.33 -17.33
N GLY A 49 -12.98 -5.11 -17.80
CA GLY A 49 -11.69 -4.80 -18.39
C GLY A 49 -10.70 -4.20 -17.40
N GLY A 50 -10.48 -2.91 -17.51
CA GLY A 50 -9.56 -2.22 -16.63
C GLY A 50 -8.61 -1.33 -17.41
N PRO A 51 -7.76 -0.55 -16.73
CA PRO A 51 -6.81 0.35 -17.39
C PRO A 51 -5.78 -0.39 -18.25
N TRP A 52 -5.59 -1.68 -17.96
CA TRP A 52 -4.64 -2.50 -18.70
C TRP A 52 -5.23 -2.94 -20.04
N ASP A 53 -6.54 -2.77 -20.19
CA ASP A 53 -7.23 -3.14 -21.42
C ASP A 53 -6.74 -2.29 -22.59
N SER A 54 -6.39 -1.05 -22.29
CA SER A 54 -5.89 -0.13 -23.29
C SER A 54 -4.42 -0.40 -23.57
N VAL A 55 -3.84 -1.31 -22.80
CA VAL A 55 -2.44 -1.69 -22.94
C VAL A 55 -2.33 -3.01 -23.70
N ALA A 56 -3.08 -4.01 -23.26
CA ALA A 56 -3.07 -5.31 -23.89
C ALA A 56 -4.49 -5.81 -24.13
N ARG A 57 -4.70 -6.46 -25.26
CA ARG A 57 -6.02 -6.97 -25.61
C ARG A 57 -6.06 -8.48 -25.49
N VAL A 58 -6.98 -8.98 -24.68
CA VAL A 58 -7.14 -10.41 -24.48
C VAL A 58 -8.26 -10.94 -25.37
N LEU A 59 -7.89 -11.81 -26.31
CA LEU A 59 -8.85 -12.39 -27.23
C LEU A 59 -9.55 -13.58 -26.58
N PRO A 60 -10.83 -13.81 -26.90
CA PRO A 60 -11.63 -14.92 -26.32
C PRO A 60 -11.07 -16.31 -26.63
N ASN A 61 -10.10 -16.37 -27.53
CA ASN A 61 -9.51 -17.65 -27.90
C ASN A 61 -8.32 -17.98 -26.99
N GLY A 62 -7.92 -17.02 -26.17
CA GLY A 62 -6.81 -17.24 -25.26
C GLY A 62 -5.53 -16.55 -25.69
N SER A 63 -5.63 -15.67 -26.67
CA SER A 63 -4.47 -14.94 -27.16
C SER A 63 -4.39 -13.54 -26.56
N LEU A 64 -3.18 -13.08 -26.29
CA LEU A 64 -2.94 -11.78 -25.73
C LEU A 64 -2.17 -10.94 -26.75
N PHE A 65 -2.78 -9.86 -27.21
CA PHE A 65 -2.15 -9.01 -28.21
C PHE A 65 -1.58 -7.74 -27.59
N LEU A 66 -0.32 -7.47 -27.90
CA LEU A 66 0.38 -6.28 -27.42
C LEU A 66 0.68 -5.36 -28.61
N PRO A 67 0.07 -4.16 -28.63
CA PRO A 67 0.25 -3.18 -29.71
C PRO A 67 1.72 -2.84 -29.98
N ALA A 68 2.47 -2.64 -28.91
CA ALA A 68 3.88 -2.31 -29.02
C ALA A 68 4.61 -2.68 -27.74
N VAL A 69 5.53 -3.62 -27.85
CA VAL A 69 6.30 -4.05 -26.69
C VAL A 69 7.43 -3.08 -26.41
N GLY A 70 7.39 -2.45 -25.25
CA GLY A 70 8.42 -1.50 -24.89
C GLY A 70 9.37 -2.07 -23.86
N ILE A 71 9.72 -1.27 -22.87
CA ILE A 71 10.62 -1.73 -21.82
C ILE A 71 9.85 -2.01 -20.53
N GLN A 72 8.59 -1.57 -20.53
CA GLN A 72 7.70 -1.77 -19.39
C GLN A 72 7.12 -3.17 -19.42
N ASP A 73 7.10 -3.75 -20.60
CA ASP A 73 6.57 -5.09 -20.80
C ASP A 73 7.67 -6.13 -20.67
N GLU A 74 8.84 -5.67 -20.21
CA GLU A 74 9.98 -6.56 -20.02
C GLU A 74 9.91 -7.20 -18.64
N GLY A 75 10.10 -8.51 -18.59
CA GLY A 75 10.05 -9.22 -17.34
C GLY A 75 9.59 -10.65 -17.51
N ILE A 76 9.04 -11.22 -16.45
CA ILE A 76 8.54 -12.59 -16.49
C ILE A 76 7.03 -12.62 -16.26
N PHE A 77 6.28 -12.77 -17.33
CA PHE A 77 4.82 -12.80 -17.24
C PHE A 77 4.32 -14.17 -16.78
N ARG A 78 3.09 -14.20 -16.26
CA ARG A 78 2.50 -15.44 -15.77
C ARG A 78 0.96 -15.39 -15.88
N CYS A 79 0.42 -16.10 -16.85
CA CYS A 79 -1.02 -16.15 -17.05
C CYS A 79 -1.63 -17.23 -16.16
N GLN A 80 -2.10 -16.85 -14.99
CA GLN A 80 -2.69 -17.79 -14.06
C GLN A 80 -4.21 -17.73 -14.05
N ALA A 81 -4.83 -18.89 -14.02
CA ALA A 81 -6.27 -19.01 -13.94
C ALA A 81 -6.60 -19.67 -12.62
N MET A 82 -7.69 -19.28 -11.99
CA MET A 82 -8.04 -19.86 -10.70
C MET A 82 -9.47 -20.36 -10.67
N ASN A 83 -9.62 -21.67 -10.53
CA ASN A 83 -10.94 -22.27 -10.44
C ASN A 83 -11.37 -22.30 -8.98
N ARG A 84 -12.67 -22.31 -8.73
CA ARG A 84 -13.19 -22.30 -7.37
C ARG A 84 -12.85 -23.59 -6.61
N ASN A 85 -12.34 -24.59 -7.32
CA ASN A 85 -11.97 -25.85 -6.70
C ASN A 85 -10.50 -25.81 -6.28
N GLY A 86 -9.85 -24.69 -6.55
CA GLY A 86 -8.45 -24.53 -6.21
C GLY A 86 -7.54 -25.14 -7.25
N LYS A 87 -7.32 -24.41 -8.33
CA LYS A 87 -6.47 -24.89 -9.42
C LYS A 87 -5.81 -23.73 -10.13
N GLU A 88 -4.49 -23.78 -10.25
CA GLU A 88 -3.72 -22.74 -10.91
C GLU A 88 -2.89 -23.32 -12.06
N THR A 89 -1.91 -22.56 -12.53
CA THR A 89 -1.03 -23.00 -13.61
C THR A 89 0.33 -22.32 -13.52
N LYS A 90 1.39 -23.11 -13.61
CA LYS A 90 2.75 -22.59 -13.53
C LYS A 90 3.30 -22.30 -14.92
N SER A 91 2.87 -21.18 -15.49
CA SER A 91 3.31 -20.79 -16.82
C SER A 91 4.05 -19.45 -16.74
N ASN A 92 5.35 -19.47 -17.03
CA ASN A 92 6.16 -18.25 -16.97
C ASN A 92 6.92 -18.03 -18.27
N TYR A 93 6.84 -16.80 -18.79
CA TYR A 93 7.52 -16.43 -20.02
C TYR A 93 8.36 -15.18 -19.77
N ARG A 94 9.60 -15.20 -20.26
CA ARG A 94 10.50 -14.06 -20.07
C ARG A 94 10.73 -13.33 -21.39
N VAL A 95 10.22 -12.11 -21.48
CA VAL A 95 10.36 -11.31 -22.68
C VAL A 95 11.59 -10.40 -22.55
N ARG A 96 12.41 -10.39 -23.59
CA ARG A 96 13.62 -9.56 -23.59
C ARG A 96 13.79 -8.88 -24.95
N VAL A 97 14.06 -7.59 -24.93
CA VAL A 97 14.23 -6.84 -26.16
C VAL A 97 15.71 -6.68 -26.51
N TYR A 98 15.96 -6.19 -27.72
CA TYR A 98 17.33 -5.99 -28.21
C TYR A 98 17.97 -4.78 -27.52
N GLN A 99 17.26 -3.67 -27.49
CA GLN A 99 17.76 -2.45 -26.88
C GLN A 99 17.24 -2.32 -25.46
N ILE A 100 18.04 -2.75 -24.49
CA ILE A 100 17.65 -2.71 -23.10
C ILE A 100 18.25 -1.49 -22.38
N PRO A 101 17.46 -0.83 -21.53
CA PRO A 101 17.92 0.35 -20.78
C PRO A 101 18.86 -0.02 -19.64
N MET B 1 7.33 10.83 3.58
CA MET B 1 6.74 10.31 2.34
C MET B 1 7.66 9.28 1.70
N THR B 2 8.07 8.29 2.50
CA THR B 2 8.95 7.23 2.00
C THR B 2 8.13 6.27 1.14
N GLU B 3 8.77 5.22 0.64
CA GLU B 3 8.11 4.25 -0.20
C GLU B 3 6.92 3.61 0.52
N LEU B 4 7.18 3.07 1.71
CA LEU B 4 6.15 2.43 2.51
C LEU B 4 5.10 3.44 2.94
N GLU B 5 5.55 4.63 3.33
CA GLU B 5 4.64 5.69 3.78
C GLU B 5 3.67 6.07 2.66
N THR B 6 4.19 6.16 1.43
CA THR B 6 3.36 6.51 0.29
C THR B 6 2.36 5.40 -0.01
N ALA B 7 2.81 4.15 0.09
CA ALA B 7 1.95 3.00 -0.16
C ALA B 7 0.78 2.99 0.83
N MET B 8 1.11 3.19 2.10
CA MET B 8 0.10 3.21 3.15
C MET B 8 -0.89 4.34 2.94
N GLY B 9 -0.36 5.52 2.62
CA GLY B 9 -1.21 6.68 2.38
C GLY B 9 -2.13 6.47 1.19
N MET B 10 -1.61 5.79 0.16
CA MET B 10 -2.37 5.53 -1.04
C MET B 10 -3.60 4.69 -0.73
N ILE B 11 -3.43 3.71 0.17
CA ILE B 11 -4.53 2.84 0.57
C ILE B 11 -5.65 3.66 1.20
N ILE B 12 -5.26 4.62 2.04
CA ILE B 12 -6.20 5.50 2.70
C ILE B 12 -6.97 6.33 1.67
N ASP B 13 -6.21 6.89 0.72
CA ASP B 13 -6.79 7.69 -0.35
C ASP B 13 -7.85 6.88 -1.10
N VAL B 14 -7.46 5.68 -1.54
CA VAL B 14 -8.35 4.78 -2.26
C VAL B 14 -9.64 4.55 -1.48
N PHE B 15 -9.51 4.20 -0.21
CA PHE B 15 -10.65 3.94 0.66
C PHE B 15 -11.60 5.13 0.67
N SER B 16 -11.07 6.30 0.99
CA SER B 16 -11.87 7.52 1.08
C SER B 16 -12.44 7.97 -0.27
N ARG B 17 -11.99 7.33 -1.35
CA ARG B 17 -12.49 7.69 -2.68
C ARG B 17 -13.79 6.95 -2.97
N TYR B 18 -14.06 5.90 -2.22
CA TYR B 18 -15.27 5.12 -2.41
C TYR B 18 -16.23 5.31 -1.24
N SER B 19 -15.70 5.33 -0.02
CA SER B 19 -16.52 5.50 1.16
C SER B 19 -16.98 6.95 1.26
N GLY B 20 -18.28 7.16 1.25
CA GLY B 20 -18.81 8.50 1.32
C GLY B 20 -19.85 8.74 0.26
N SER B 21 -20.24 7.67 -0.41
CA SER B 21 -21.25 7.74 -1.45
C SER B 21 -22.62 7.52 -0.82
N GLU B 22 -22.67 6.70 0.22
CA GLU B 22 -23.91 6.40 0.92
C GLU B 22 -23.59 5.72 2.25
N GLY B 23 -24.49 5.85 3.21
CA GLY B 23 -24.28 5.22 4.50
C GLY B 23 -23.37 6.00 5.42
N SER B 24 -22.09 6.05 5.08
CA SER B 24 -21.10 6.75 5.89
C SER B 24 -19.92 7.21 5.04
N THR B 25 -19.11 8.08 5.61
CA THR B 25 -17.93 8.60 4.93
C THR B 25 -16.67 7.90 5.43
N GLN B 26 -16.84 7.08 6.48
CA GLN B 26 -15.71 6.37 7.08
C GLN B 26 -15.98 4.86 7.07
N THR B 27 -16.96 4.43 6.29
CA THR B 27 -17.31 3.02 6.21
C THR B 27 -17.79 2.70 4.79
N LEU B 28 -17.57 1.46 4.35
CA LEU B 28 -17.99 1.03 3.03
C LEU B 28 -19.26 0.20 3.11
N THR B 29 -20.27 0.61 2.35
CA THR B 29 -21.54 -0.11 2.31
C THR B 29 -21.47 -1.23 1.27
N LYS B 30 -22.56 -1.97 1.10
CA LYS B 30 -22.61 -3.06 0.13
C LYS B 30 -22.45 -2.50 -1.28
N GLY B 31 -23.02 -1.32 -1.52
CA GLY B 31 -22.94 -0.70 -2.81
C GLY B 31 -21.55 -0.17 -3.10
N GLU B 32 -20.97 0.53 -2.13
CA GLU B 32 -19.63 1.10 -2.27
C GLU B 32 -18.58 0.01 -2.38
N LEU B 33 -18.71 -1.04 -1.59
CA LEU B 33 -17.77 -2.16 -1.62
C LEU B 33 -17.68 -2.75 -3.02
N LYS B 34 -18.84 -2.89 -3.67
CA LYS B 34 -18.90 -3.44 -5.01
C LYS B 34 -18.16 -2.53 -5.99
N VAL B 35 -18.38 -1.22 -5.86
CA VAL B 35 -17.72 -0.25 -6.74
C VAL B 35 -16.21 -0.37 -6.64
N LEU B 36 -15.71 -0.51 -5.42
CA LEU B 36 -14.27 -0.64 -5.18
C LEU B 36 -13.73 -1.90 -5.84
N MET B 37 -14.40 -3.02 -5.63
CA MET B 37 -13.98 -4.29 -6.20
C MET B 37 -14.26 -4.37 -7.70
N GLU B 38 -14.97 -3.38 -8.21
CA GLU B 38 -15.33 -3.32 -9.62
C GLU B 38 -14.43 -2.33 -10.35
N LYS B 39 -13.48 -1.73 -9.63
CA LYS B 39 -12.57 -0.76 -10.21
C LYS B 39 -11.13 -1.04 -9.83
N GLU B 40 -10.88 -1.18 -8.54
CA GLU B 40 -9.53 -1.42 -8.04
C GLU B 40 -9.06 -2.84 -8.36
N LEU B 41 -9.75 -3.84 -7.83
CA LEU B 41 -9.36 -5.23 -8.07
C LEU B 41 -10.50 -6.03 -8.71
N PRO B 42 -10.89 -5.69 -9.96
CA PRO B 42 -11.94 -6.40 -10.67
C PRO B 42 -11.40 -7.64 -11.36
N GLY B 43 -11.49 -8.77 -10.69
CA GLY B 43 -11.01 -10.01 -11.25
C GLY B 43 -11.10 -11.17 -10.29
N PHE B 44 -10.93 -10.88 -9.00
CA PHE B 44 -11.00 -11.92 -7.97
C PHE B 44 -12.43 -12.43 -7.79
N LEU B 45 -13.38 -11.65 -8.27
CA LEU B 45 -14.79 -12.01 -8.18
C LEU B 45 -15.10 -13.19 -9.08
N GLN B 46 -15.55 -14.28 -8.47
CA GLN B 46 -15.91 -15.49 -9.20
C GLN B 46 -17.13 -15.26 -10.09
N SER B 47 -17.85 -14.18 -9.81
CA SER B 47 -19.04 -13.85 -10.59
C SER B 47 -18.73 -12.75 -11.61
N GLY B 48 -17.43 -12.57 -11.88
CA GLY B 48 -17.01 -11.55 -12.82
C GLY B 48 -17.06 -10.16 -12.21
N LYS B 49 -18.25 -9.59 -12.16
CA LYS B 49 -18.49 -8.28 -11.58
C LYS B 49 -19.92 -8.17 -11.11
N ASP B 50 -20.57 -9.32 -10.95
CA ASP B 50 -21.95 -9.36 -10.51
C ASP B 50 -22.01 -9.20 -8.99
N LYS B 51 -23.21 -9.16 -8.44
CA LYS B 51 -23.40 -8.97 -7.01
C LYS B 51 -23.63 -10.30 -6.29
N ASP B 52 -23.46 -11.40 -7.00
CA ASP B 52 -23.68 -12.73 -6.43
C ASP B 52 -22.76 -13.02 -5.25
N ALA B 53 -21.45 -12.96 -5.48
CA ALA B 53 -20.49 -13.24 -4.42
C ALA B 53 -20.13 -11.99 -3.61
N VAL B 54 -20.65 -10.84 -4.02
CA VAL B 54 -20.37 -9.59 -3.32
C VAL B 54 -20.97 -9.65 -1.91
N ASP B 55 -22.18 -10.17 -1.82
CA ASP B 55 -22.88 -10.30 -0.54
C ASP B 55 -22.11 -11.24 0.39
N LYS B 56 -21.53 -12.28 -0.20
CA LYS B 56 -20.74 -13.26 0.54
C LYS B 56 -19.47 -12.61 1.08
N LEU B 57 -18.85 -11.77 0.26
CA LEU B 57 -17.63 -11.07 0.63
C LEU B 57 -17.91 -10.08 1.75
N LEU B 58 -19.00 -9.36 1.64
CA LEU B 58 -19.40 -8.38 2.64
C LEU B 58 -19.55 -9.05 4.01
N LYS B 59 -20.27 -10.17 4.03
CA LYS B 59 -20.51 -10.92 5.26
C LYS B 59 -19.26 -11.68 5.70
N ASP B 60 -18.23 -11.66 4.87
CA ASP B 60 -16.99 -12.33 5.18
C ASP B 60 -16.02 -11.36 5.83
N LEU B 61 -16.21 -10.09 5.53
CA LEU B 61 -15.38 -9.03 6.07
C LEU B 61 -16.01 -8.44 7.31
N ASP B 62 -17.34 -8.29 7.28
CA ASP B 62 -18.10 -7.73 8.40
C ASP B 62 -18.00 -8.67 9.60
N ALA B 63 -17.14 -8.30 10.54
CA ALA B 63 -16.93 -9.10 11.73
C ALA B 63 -17.54 -8.44 12.95
N ASN B 64 -18.10 -7.26 12.74
CA ASN B 64 -18.74 -6.53 13.83
C ASN B 64 -20.25 -6.68 13.76
N GLY B 65 -20.73 -7.22 12.64
CA GLY B 65 -22.14 -7.47 12.47
C GLY B 65 -22.93 -6.21 12.17
N ASP B 66 -22.40 -5.39 11.26
CA ASP B 66 -23.07 -4.14 10.89
C ASP B 66 -23.46 -4.14 9.42
N ALA B 67 -23.06 -5.19 8.71
CA ALA B 67 -23.33 -5.32 7.28
C ALA B 67 -22.60 -4.23 6.50
N GLN B 68 -21.56 -3.69 7.13
CA GLN B 68 -20.73 -2.64 6.55
C GLN B 68 -19.29 -2.98 6.80
N VAL B 69 -18.40 -2.49 5.95
CA VAL B 69 -16.98 -2.79 6.10
C VAL B 69 -16.19 -1.58 6.56
N ASP B 70 -15.65 -1.65 7.77
CA ASP B 70 -14.82 -0.58 8.32
C ASP B 70 -13.41 -0.77 7.81
N PHE B 71 -12.59 0.28 7.89
CA PHE B 71 -11.21 0.20 7.43
C PHE B 71 -10.46 -0.93 8.13
N SER B 72 -10.77 -1.15 9.41
CA SER B 72 -10.13 -2.19 10.19
C SER B 72 -10.43 -3.57 9.62
N GLU B 73 -11.63 -3.75 9.09
CA GLU B 73 -12.04 -5.03 8.51
C GLU B 73 -11.60 -5.11 7.05
N PHE B 74 -11.60 -3.96 6.38
CA PHE B 74 -11.21 -3.87 4.98
C PHE B 74 -9.71 -4.14 4.80
N ILE B 75 -8.90 -3.58 5.68
CA ILE B 75 -7.46 -3.75 5.61
C ILE B 75 -7.06 -5.21 5.72
N VAL B 76 -7.86 -6.00 6.46
CA VAL B 76 -7.58 -7.42 6.63
C VAL B 76 -7.69 -8.13 5.29
N PHE B 77 -8.70 -7.76 4.53
CA PHE B 77 -8.94 -8.34 3.21
C PHE B 77 -7.75 -8.05 2.31
N VAL B 78 -7.35 -6.78 2.26
CA VAL B 78 -6.23 -6.34 1.45
C VAL B 78 -4.95 -7.06 1.85
N ALA B 79 -4.72 -7.15 3.16
CA ALA B 79 -3.53 -7.82 3.69
C ALA B 79 -3.49 -9.27 3.25
N ALA B 80 -4.60 -9.98 3.44
CA ALA B 80 -4.70 -11.38 3.07
C ALA B 80 -4.40 -11.60 1.59
N ILE B 81 -5.00 -10.76 0.74
CA ILE B 81 -4.80 -10.85 -0.70
C ILE B 81 -3.33 -10.63 -1.06
N THR B 82 -2.70 -9.67 -0.39
CA THR B 82 -1.29 -9.37 -0.64
C THR B 82 -0.39 -10.53 -0.23
N SER B 83 -0.66 -11.12 0.94
CA SER B 83 0.14 -12.25 1.43
C SER B 83 0.03 -13.44 0.48
N ALA B 84 -1.19 -13.71 0.02
CA ALA B 84 -1.44 -14.81 -0.90
C ALA B 84 -0.65 -14.64 -2.20
N CYS B 85 -0.48 -13.40 -2.62
CA CYS B 85 0.26 -13.10 -3.83
C CYS B 85 1.76 -13.28 -3.64
N HIS B 86 2.29 -12.78 -2.53
CA HIS B 86 3.71 -12.90 -2.26
C HIS B 86 4.11 -14.35 -2.02
N LYS B 87 3.33 -15.06 -1.22
CA LYS B 87 3.62 -16.46 -0.93
C LYS B 87 3.55 -17.29 -2.21
N TYR B 88 2.76 -16.80 -3.16
CA TYR B 88 2.61 -17.46 -4.45
C TYR B 88 3.92 -17.38 -5.21
N PHE B 89 4.59 -16.23 -5.11
CA PHE B 89 5.87 -16.01 -5.78
C PHE B 89 6.97 -16.78 -5.04
N GLU B 90 6.81 -16.92 -3.73
CA GLU B 90 7.77 -17.64 -2.92
C GLU B 90 7.85 -19.10 -3.38
N LYS B 91 6.68 -19.66 -3.68
CA LYS B 91 6.60 -21.04 -4.14
C LYS B 91 6.91 -21.12 -5.63
N ALA B 92 6.89 -19.96 -6.29
CA ALA B 92 7.18 -19.90 -7.72
C ALA B 92 8.68 -19.96 -7.96
N GLY B 93 9.45 -19.44 -7.01
CA GLY B 93 10.91 -19.45 -7.12
C GLY B 93 11.47 -20.85 -7.21
N LEU B 94 10.79 -21.79 -6.57
CA LEU B 94 11.19 -23.17 -6.58
C LEU B 94 10.60 -23.86 -7.80
N MET C 1 -2.96 -1.89 -13.18
CA MET C 1 -2.10 -1.09 -12.28
C MET C 1 -2.90 0.07 -11.71
N THR C 2 -4.04 -0.27 -11.11
CA THR C 2 -4.92 0.73 -10.51
C THR C 2 -4.27 1.32 -9.26
N GLU C 3 -5.00 2.15 -8.56
CA GLU C 3 -4.48 2.77 -7.35
C GLU C 3 -4.18 1.70 -6.29
N LEU C 4 -5.14 0.82 -6.06
CA LEU C 4 -4.95 -0.25 -5.08
C LEU C 4 -3.92 -1.26 -5.58
N GLU C 5 -3.98 -1.59 -6.88
CA GLU C 5 -3.04 -2.54 -7.46
C GLU C 5 -1.60 -2.04 -7.29
N THR C 6 -1.39 -0.75 -7.53
CA THR C 6 -0.08 -0.16 -7.39
C THR C 6 0.34 -0.07 -5.92
N ALA C 7 -0.60 0.31 -5.06
CA ALA C 7 -0.33 0.42 -3.62
C ALA C 7 0.14 -0.92 -3.06
N MET C 8 -0.58 -1.99 -3.42
CA MET C 8 -0.23 -3.33 -2.97
C MET C 8 1.11 -3.74 -3.55
N GLY C 9 1.30 -3.47 -4.84
CA GLY C 9 2.55 -3.82 -5.50
C GLY C 9 3.73 -3.09 -4.89
N MET C 10 3.51 -1.84 -4.50
CA MET C 10 4.55 -1.03 -3.89
C MET C 10 5.05 -1.67 -2.60
N ILE C 11 4.12 -2.24 -1.83
CA ILE C 11 4.46 -2.90 -0.58
C ILE C 11 5.41 -4.07 -0.85
N ILE C 12 5.11 -4.82 -1.90
CA ILE C 12 5.93 -5.96 -2.29
C ILE C 12 7.32 -5.48 -2.70
N ASP C 13 7.36 -4.38 -3.43
CA ASP C 13 8.61 -3.78 -3.88
C ASP C 13 9.46 -3.38 -2.67
N VAL C 14 8.84 -2.68 -1.72
CA VAL C 14 9.54 -2.24 -0.51
C VAL C 14 10.13 -3.43 0.24
N PHE C 15 9.30 -4.46 0.43
CA PHE C 15 9.73 -5.67 1.12
C PHE C 15 10.95 -6.28 0.46
N SER C 16 10.84 -6.52 -0.84
CA SER C 16 11.91 -7.14 -1.63
C SER C 16 13.17 -6.27 -1.71
N ARG C 17 13.08 -5.01 -1.30
CA ARG C 17 14.23 -4.12 -1.33
C ARG C 17 15.07 -4.27 -0.08
N TYR C 18 14.49 -4.86 0.96
CA TYR C 18 15.20 -5.04 2.22
C TYR C 18 15.49 -6.52 2.48
N SER C 19 14.57 -7.39 2.09
CA SER C 19 14.76 -8.82 2.29
C SER C 19 15.70 -9.36 1.22
N GLY C 20 16.81 -9.93 1.66
CA GLY C 20 17.78 -10.46 0.72
C GLY C 20 19.18 -9.95 1.02
N SER C 21 19.34 -9.42 2.22
CA SER C 21 20.63 -8.92 2.65
C SER C 21 21.36 -10.03 3.40
N GLU C 22 20.59 -10.79 4.17
CA GLU C 22 21.13 -11.91 4.94
C GLU C 22 20.03 -12.89 5.27
N GLY C 23 20.38 -14.16 5.38
CA GLY C 23 19.40 -15.17 5.71
C GLY C 23 18.63 -15.67 4.51
N SER C 24 17.62 -14.91 4.09
CA SER C 24 16.80 -15.31 2.96
C SER C 24 16.33 -14.09 2.17
N THR C 25 15.98 -14.33 0.92
CA THR C 25 15.51 -13.27 0.04
C THR C 25 14.00 -13.07 0.19
N GLN C 26 13.34 -14.01 0.88
CA GLN C 26 11.89 -13.94 1.06
C GLN C 26 11.52 -13.82 2.53
N THR C 27 12.47 -13.41 3.36
CA THR C 27 12.22 -13.27 4.79
C THR C 27 13.08 -12.13 5.36
N LEU C 28 12.54 -11.44 6.36
CA LEU C 28 13.25 -10.33 6.97
C LEU C 28 13.90 -10.77 8.29
N THR C 29 15.23 -10.67 8.34
CA THR C 29 15.97 -11.02 9.53
C THR C 29 15.90 -9.86 10.54
N LYS C 30 16.52 -10.04 11.70
CA LYS C 30 16.52 -9.00 12.73
C LYS C 30 17.29 -7.77 12.24
N GLY C 31 18.30 -8.01 11.41
CA GLY C 31 19.09 -6.92 10.87
C GLY C 31 18.37 -6.15 9.81
N GLU C 32 17.79 -6.89 8.84
CA GLU C 32 17.06 -6.27 7.75
C GLU C 32 15.82 -5.54 8.25
N LEU C 33 15.14 -6.14 9.23
CA LEU C 33 13.93 -5.55 9.81
C LEU C 33 14.24 -4.17 10.38
N LYS C 34 15.40 -4.05 11.01
CA LYS C 34 15.83 -2.80 11.60
C LYS C 34 16.04 -1.77 10.51
N VAL C 35 16.67 -2.18 9.40
CA VAL C 35 16.94 -1.29 8.28
C VAL C 35 15.63 -0.74 7.72
N LEU C 36 14.65 -1.62 7.54
CA LEU C 36 13.35 -1.23 7.01
C LEU C 36 12.68 -0.21 7.92
N MET C 37 12.70 -0.46 9.22
CA MET C 37 12.08 0.44 10.19
C MET C 37 12.93 1.69 10.42
N GLU C 38 14.17 1.64 9.95
CA GLU C 38 15.08 2.77 10.11
C GLU C 38 15.07 3.66 8.87
N LYS C 39 14.34 3.23 7.84
CA LYS C 39 14.26 3.99 6.59
C LYS C 39 12.82 4.30 6.20
N GLU C 40 12.00 3.27 6.10
CA GLU C 40 10.61 3.43 5.69
C GLU C 40 9.76 4.12 6.76
N LEU C 41 9.67 3.51 7.94
CA LEU C 41 8.87 4.07 9.03
C LEU C 41 9.69 4.32 10.30
N PRO C 42 10.68 5.22 10.24
CA PRO C 42 11.51 5.54 11.39
C PRO C 42 10.86 6.61 12.27
N GLY C 43 10.08 6.18 13.24
CA GLY C 43 9.41 7.12 14.13
C GLY C 43 8.61 6.43 15.22
N PHE C 44 8.00 5.31 14.89
CA PHE C 44 7.21 4.56 15.86
C PHE C 44 8.11 3.84 16.86
N LEU C 45 9.40 3.78 16.55
CA LEU C 45 10.36 3.14 17.42
C LEU C 45 10.57 3.99 18.67
N GLN C 46 10.23 3.45 19.83
CA GLN C 46 10.37 4.18 21.07
C GLN C 46 11.83 4.36 21.46
N SER C 47 12.72 3.63 20.79
CA SER C 47 14.15 3.73 21.05
C SER C 47 14.80 4.63 20.00
N GLY C 48 13.97 5.37 19.28
CA GLY C 48 14.46 6.26 18.24
C GLY C 48 14.79 5.53 16.96
N LYS C 49 16.00 5.00 16.89
CA LYS C 49 16.45 4.24 15.73
C LYS C 49 17.42 3.16 16.18
N ASP C 50 17.53 2.99 17.48
CA ASP C 50 18.41 1.99 18.06
C ASP C 50 17.68 0.66 18.17
N LYS C 51 18.37 -0.36 18.67
CA LYS C 51 17.75 -1.67 18.82
C LYS C 51 16.85 -1.69 20.06
N ASP C 52 17.04 -2.67 20.94
CA ASP C 52 16.24 -2.80 22.17
C ASP C 52 14.77 -3.08 21.84
N ALA C 53 14.03 -2.05 21.44
CA ALA C 53 12.62 -2.20 21.08
C ALA C 53 12.48 -3.02 19.80
N VAL C 54 13.52 -2.99 18.97
CA VAL C 54 13.51 -3.73 17.71
C VAL C 54 13.39 -5.23 18.00
N ASP C 55 14.10 -5.68 19.02
CA ASP C 55 14.08 -7.08 19.42
C ASP C 55 12.68 -7.46 19.88
N LYS C 56 12.04 -6.55 20.61
CA LYS C 56 10.69 -6.76 21.11
C LYS C 56 9.69 -6.78 19.96
N LEU C 57 9.92 -5.91 18.98
CA LEU C 57 9.05 -5.83 17.81
C LEU C 57 9.16 -7.10 16.98
N LEU C 58 10.39 -7.58 16.80
CA LEU C 58 10.63 -8.80 16.04
C LEU C 58 9.90 -9.98 16.68
N LYS C 59 10.02 -10.08 18.00
CA LYS C 59 9.39 -11.14 18.76
C LYS C 59 7.87 -10.94 18.84
N ASP C 60 7.42 -9.74 18.54
CA ASP C 60 5.98 -9.44 18.57
C ASP C 60 5.34 -9.85 17.25
N LEU C 61 6.13 -9.80 16.19
CA LEU C 61 5.66 -10.17 14.86
C LEU C 61 5.89 -11.65 14.60
N ASP C 62 6.98 -12.16 15.15
CA ASP C 62 7.33 -13.57 15.00
C ASP C 62 6.30 -14.44 15.71
N ALA C 63 5.43 -15.06 14.92
CA ALA C 63 4.39 -15.92 15.46
C ALA C 63 4.71 -17.38 15.16
N ASN C 64 5.48 -17.59 14.10
CA ASN C 64 5.87 -18.94 13.70
C ASN C 64 7.00 -19.47 14.57
N GLY C 65 7.68 -18.56 15.26
CA GLY C 65 8.76 -18.96 16.14
C GLY C 65 10.04 -19.29 15.40
N ASP C 66 10.48 -18.38 14.55
CA ASP C 66 11.71 -18.58 13.78
C ASP C 66 12.66 -17.40 13.98
N ALA C 67 12.17 -16.37 14.67
CA ALA C 67 12.95 -15.16 14.91
C ALA C 67 13.24 -14.47 13.59
N GLN C 68 12.31 -14.67 12.67
CA GLN C 68 12.40 -14.11 11.33
C GLN C 68 11.00 -13.67 10.92
N VAL C 69 10.89 -12.52 10.29
CA VAL C 69 9.59 -12.00 9.89
C VAL C 69 9.25 -12.36 8.44
N ASP C 70 8.21 -13.18 8.29
CA ASP C 70 7.74 -13.57 6.97
C ASP C 70 6.76 -12.51 6.48
N PHE C 71 6.51 -12.44 5.17
CA PHE C 71 5.58 -11.47 4.62
C PHE C 71 4.20 -11.60 5.26
N SER C 72 3.83 -12.82 5.60
CA SER C 72 2.55 -13.09 6.23
C SER C 72 2.44 -12.39 7.58
N GLU C 73 3.53 -12.40 8.35
CA GLU C 73 3.55 -11.77 9.65
C GLU C 73 3.81 -10.26 9.51
N PHE C 74 4.60 -9.90 8.50
CA PHE C 74 4.95 -8.51 8.23
C PHE C 74 3.73 -7.70 7.79
N ILE C 75 2.89 -8.29 6.93
CA ILE C 75 1.72 -7.59 6.43
C ILE C 75 0.74 -7.26 7.57
N VAL C 76 0.73 -8.08 8.61
CA VAL C 76 -0.16 -7.84 9.75
C VAL C 76 0.25 -6.57 10.47
N PHE C 77 1.56 -6.37 10.59
CA PHE C 77 2.10 -5.18 11.24
C PHE C 77 1.70 -3.92 10.48
N VAL C 78 1.91 -3.96 9.16
CA VAL C 78 1.56 -2.84 8.30
C VAL C 78 0.06 -2.54 8.38
N ALA C 79 -0.75 -3.59 8.32
CA ALA C 79 -2.19 -3.46 8.39
C ALA C 79 -2.62 -2.79 9.70
N ALA C 80 -2.11 -3.31 10.80
CA ALA C 80 -2.43 -2.78 12.13
C ALA C 80 -2.10 -1.28 12.23
N ILE C 81 -0.89 -0.93 11.80
CA ILE C 81 -0.45 0.48 11.85
C ILE C 81 -1.37 1.37 11.01
N THR C 82 -1.70 0.92 9.81
CA THR C 82 -2.58 1.67 8.92
C THR C 82 -3.99 1.82 9.51
N SER C 83 -4.48 0.74 10.13
CA SER C 83 -5.80 0.75 10.74
C SER C 83 -5.87 1.76 11.88
N ALA C 84 -4.85 1.75 12.73
CA ALA C 84 -4.78 2.66 13.87
C ALA C 84 -4.75 4.11 13.41
N CYS C 85 -4.11 4.34 12.26
CA CYS C 85 -4.00 5.68 11.70
C CYS C 85 -5.35 6.17 11.18
N HIS C 86 -6.05 5.31 10.43
CA HIS C 86 -7.34 5.68 9.88
C HIS C 86 -8.38 5.85 10.97
N LYS C 87 -8.40 4.94 11.93
CA LYS C 87 -9.35 5.01 13.03
C LYS C 87 -9.10 6.28 13.85
N TYR C 88 -7.85 6.72 13.84
CA TYR C 88 -7.47 7.94 14.55
C TYR C 88 -8.09 9.15 13.87
N PHE C 89 -8.10 9.12 12.53
CA PHE C 89 -8.67 10.21 11.75
C PHE C 89 -10.19 10.21 11.88
N GLU C 90 -10.75 9.05 12.17
CA GLU C 90 -12.19 8.92 12.36
C GLU C 90 -12.60 9.68 13.62
N LYS C 91 -11.67 9.76 14.57
CA LYS C 91 -11.90 10.47 15.82
C LYS C 91 -11.47 11.93 15.68
N ALA C 92 -10.92 12.27 14.52
CA ALA C 92 -10.49 13.64 14.25
C ALA C 92 -11.67 14.46 13.74
N GLY C 93 -12.53 13.79 12.97
CA GLY C 93 -13.71 14.44 12.42
C GLY C 93 -14.67 14.87 13.51
N LEU C 94 -14.70 14.13 14.60
CA LEU C 94 -15.60 14.43 15.71
C LEU C 94 -14.88 15.32 16.73
N ALA D 1 -14.76 18.25 14.57
CA ALA D 1 -13.40 18.60 14.08
C ALA D 1 -13.08 20.06 14.35
N MET D 2 -11.99 20.31 15.06
CA MET D 2 -11.57 21.67 15.38
C MET D 2 -10.20 21.95 14.80
N ALA D 3 -10.13 22.92 13.90
CA ALA D 3 -8.88 23.31 13.27
C ALA D 3 -8.77 24.81 13.18
N GLN D 4 -7.63 25.35 13.60
CA GLN D 4 -7.39 26.79 13.58
C GLN D 4 -6.82 27.20 12.23
N ASN D 5 -7.47 28.15 11.57
CA ASN D 5 -7.03 28.61 10.26
C ASN D 5 -5.88 29.60 10.37
N ILE D 6 -4.91 29.46 9.48
CA ILE D 6 -3.75 30.33 9.44
C ILE D 6 -3.44 30.77 8.01
N THR D 7 -3.52 32.06 7.76
CA THR D 7 -3.25 32.60 6.43
C THR D 7 -1.74 32.78 6.22
N ALA D 8 -1.22 32.20 5.15
CA ALA D 8 0.19 32.28 4.84
C ALA D 8 0.42 32.66 3.38
N ARG D 9 1.69 32.74 3.00
CA ARG D 9 2.07 33.09 1.64
C ARG D 9 3.00 32.02 1.06
N ILE D 10 2.82 31.68 -0.21
CA ILE D 10 3.64 30.68 -0.86
C ILE D 10 5.09 31.15 -1.00
N GLY D 11 6.01 30.29 -0.61
CA GLY D 11 7.43 30.62 -0.70
C GLY D 11 7.92 31.34 0.53
N GLU D 12 7.02 31.61 1.46
CA GLU D 12 7.37 32.29 2.69
C GLU D 12 7.67 31.29 3.80
N PRO D 13 8.77 31.49 4.53
CA PRO D 13 9.15 30.60 5.64
C PRO D 13 8.20 30.76 6.82
N LEU D 14 7.85 29.66 7.46
CA LEU D 14 6.94 29.70 8.59
C LEU D 14 7.53 28.99 9.80
N VAL D 15 7.18 29.49 10.99
CA VAL D 15 7.66 28.92 12.24
C VAL D 15 6.46 28.49 13.09
N LEU D 16 6.28 27.19 13.26
CA LEU D 16 5.17 26.67 14.04
C LEU D 16 5.66 26.10 15.36
N LYS D 17 4.75 25.95 16.31
CA LYS D 17 5.10 25.40 17.61
C LYS D 17 4.11 24.30 18.00
N CYS D 18 4.62 23.13 18.31
CA CYS D 18 3.76 22.01 18.68
C CYS D 18 4.10 21.52 20.08
N LYS D 19 3.35 22.01 21.06
CA LYS D 19 3.55 21.62 22.45
C LYS D 19 2.77 20.34 22.75
N GLY D 20 3.43 19.20 22.57
CA GLY D 20 2.78 17.92 22.84
C GLY D 20 3.64 17.00 23.68
N ALA D 21 4.68 17.56 24.28
CA ALA D 21 5.58 16.78 25.11
C ALA D 21 5.55 17.26 26.56
N PRO D 22 5.24 16.34 27.50
CA PRO D 22 5.18 16.68 28.93
C PRO D 22 6.58 16.72 29.56
N LYS D 23 6.62 16.68 30.89
CA LYS D 23 7.89 16.71 31.61
C LYS D 23 8.53 15.32 31.66
N LYS D 24 8.57 14.66 30.52
CA LYS D 24 9.13 13.32 30.42
C LYS D 24 10.20 13.30 29.34
N PRO D 25 11.12 12.32 29.37
CA PRO D 25 12.19 12.19 28.36
C PRO D 25 11.63 12.08 26.95
N PRO D 26 12.44 12.41 25.93
CA PRO D 26 12.04 12.35 24.52
C PRO D 26 11.36 11.03 24.15
N GLN D 27 10.10 11.13 23.77
CA GLN D 27 9.31 9.97 23.37
C GLN D 27 9.11 9.99 21.86
N ARG D 28 8.32 9.05 21.35
CA ARG D 28 8.05 8.98 19.92
C ARG D 28 6.98 9.98 19.52
N LEU D 29 7.11 10.54 18.33
CA LEU D 29 6.17 11.52 17.83
C LEU D 29 5.59 11.07 16.49
N GLU D 30 4.38 10.54 16.52
CA GLU D 30 3.74 10.07 15.31
C GLU D 30 3.00 11.21 14.62
N TRP D 31 3.73 11.92 13.77
CA TRP D 31 3.18 13.05 13.03
C TRP D 31 2.14 12.57 12.02
N LYS D 32 1.02 13.27 11.97
CA LYS D 32 -0.07 12.92 11.05
C LYS D 32 -0.79 14.18 10.59
N LEU D 33 -1.65 14.05 9.59
CA LEU D 33 -2.40 15.18 9.09
C LEU D 33 -3.71 14.70 8.46
N ASN D 34 -4.77 15.49 8.63
CA ASN D 34 -6.07 15.14 8.10
C ASN D 34 -6.28 15.82 6.75
N THR D 35 -5.66 15.28 5.71
CA THR D 35 -5.75 15.82 4.37
C THR D 35 -5.84 14.68 3.35
N GLY D 36 -6.36 14.97 2.17
CA GLY D 36 -6.50 13.94 1.14
C GLY D 36 -5.21 13.65 0.41
N ARG D 37 -4.47 14.70 0.04
CA ARG D 37 -3.21 14.53 -0.68
C ARG D 37 -2.15 13.89 0.21
N THR D 38 -2.06 14.37 1.46
CA THR D 38 -1.11 13.85 2.43
C THR D 38 0.32 13.91 1.89
N GLU D 39 0.72 15.09 1.44
CA GLU D 39 2.06 15.29 0.89
C GLU D 39 3.11 15.31 2.01
N ALA D 40 2.95 16.25 2.93
CA ALA D 40 3.88 16.41 4.04
C ALA D 40 3.59 15.42 5.16
N TRP D 41 3.82 14.13 4.91
CA TRP D 41 3.60 13.11 5.91
C TRP D 41 4.87 12.32 6.16
N LYS D 42 5.18 12.10 7.43
CA LYS D 42 6.36 11.34 7.82
C LYS D 42 6.40 11.21 9.34
N VAL D 43 6.58 10.00 9.83
CA VAL D 43 6.65 9.77 11.27
C VAL D 43 7.98 10.25 11.83
N LEU D 44 7.93 11.09 12.85
CA LEU D 44 9.14 11.65 13.45
C LEU D 44 9.74 10.70 14.49
N SER D 45 11.06 10.71 14.59
CA SER D 45 11.78 9.88 15.54
C SER D 45 12.66 10.74 16.43
N PRO D 46 12.72 10.43 17.72
CA PRO D 46 13.55 11.17 18.67
C PRO D 46 15.04 10.92 18.47
N GLN D 47 15.36 10.05 17.52
CA GLN D 47 16.75 9.71 17.24
C GLN D 47 16.97 9.46 15.74
N GLY D 48 16.00 9.87 14.92
CA GLY D 48 16.11 9.65 13.49
C GLY D 48 15.37 10.70 12.68
N GLY D 49 15.86 10.99 11.48
CA GLY D 49 15.22 11.99 10.63
C GLY D 49 14.33 11.38 9.56
N GLY D 50 14.83 11.34 8.34
CA GLY D 50 14.04 10.78 7.24
C GLY D 50 13.98 11.73 6.06
N PRO D 51 13.21 11.40 5.01
CA PRO D 51 13.08 12.24 3.81
C PRO D 51 12.44 13.59 4.12
N TRP D 52 11.58 13.63 5.12
CA TRP D 52 10.89 14.87 5.50
C TRP D 52 11.80 15.79 6.30
N ASP D 53 12.92 15.23 6.76
CA ASP D 53 13.89 15.99 7.55
C ASP D 53 14.52 17.09 6.70
N SER D 54 14.55 16.85 5.39
CA SER D 54 15.12 17.81 4.45
C SER D 54 14.03 18.78 3.97
N VAL D 55 12.82 18.61 4.49
CA VAL D 55 11.70 19.46 4.12
C VAL D 55 11.38 20.41 5.28
N ALA D 56 11.20 19.85 6.46
CA ALA D 56 10.89 20.64 7.64
C ALA D 56 11.94 20.39 8.72
N ARG D 57 12.28 21.44 9.47
CA ARG D 57 13.26 21.33 10.53
C ARG D 57 12.58 21.37 11.90
N VAL D 58 12.75 20.31 12.68
CA VAL D 58 12.17 20.24 14.01
C VAL D 58 13.20 20.67 15.05
N LEU D 59 12.91 21.77 15.74
CA LEU D 59 13.80 22.28 16.76
C LEU D 59 13.53 21.58 18.09
N PRO D 60 14.59 21.34 18.89
CA PRO D 60 14.48 20.64 20.19
C PRO D 60 13.58 21.35 21.19
N ASN D 61 13.22 22.60 20.90
CA ASN D 61 12.35 23.36 21.81
C ASN D 61 10.88 23.10 21.50
N GLY D 62 10.62 22.31 20.46
CA GLY D 62 9.25 21.99 20.10
C GLY D 62 8.71 22.87 18.99
N SER D 63 9.60 23.48 18.22
CA SER D 63 9.19 24.34 17.12
C SER D 63 9.48 23.68 15.78
N LEU D 64 8.61 23.92 14.81
CA LEU D 64 8.77 23.35 13.48
C LEU D 64 9.01 24.48 12.49
N PHE D 65 10.14 24.45 11.82
CA PHE D 65 10.48 25.47 10.86
C PHE D 65 10.35 24.98 9.42
N LEU D 66 9.70 25.78 8.60
CA LEU D 66 9.52 25.47 7.19
C LEU D 66 10.23 26.52 6.35
N PRO D 67 11.25 26.09 5.57
CA PRO D 67 12.04 27.00 4.71
C PRO D 67 11.17 27.81 3.75
N ALA D 68 10.15 27.17 3.19
CA ALA D 68 9.25 27.82 2.27
C ALA D 68 7.97 27.01 2.12
N VAL D 69 6.85 27.59 2.56
CA VAL D 69 5.56 26.91 2.48
C VAL D 69 5.02 26.99 1.05
N GLY D 70 4.68 25.84 0.48
CA GLY D 70 4.15 25.82 -0.86
C GLY D 70 2.67 25.48 -0.88
N ILE D 71 2.30 24.58 -1.78
CA ILE D 71 0.90 24.17 -1.91
C ILE D 71 0.70 22.75 -1.40
N GLN D 72 1.81 22.05 -1.20
CA GLN D 72 1.76 20.67 -0.71
C GLN D 72 1.65 20.66 0.80
N ASP D 73 2.05 21.77 1.40
CA ASP D 73 2.02 21.95 2.85
C ASP D 73 0.64 22.46 3.28
N GLU D 74 -0.28 22.51 2.34
CA GLU D 74 -1.63 22.96 2.62
C GLU D 74 -2.47 21.80 3.15
N GLY D 75 -3.31 22.11 4.12
CA GLY D 75 -4.16 21.09 4.70
C GLY D 75 -4.33 21.28 6.19
N ILE D 76 -4.52 20.19 6.91
CA ILE D 76 -4.70 20.25 8.35
C ILE D 76 -3.65 19.38 9.04
N PHE D 77 -2.62 20.03 9.57
CA PHE D 77 -1.53 19.33 10.26
C PHE D 77 -1.91 18.95 11.68
N ARG D 78 -1.22 17.95 12.22
CA ARG D 78 -1.47 17.49 13.58
C ARG D 78 -0.20 16.91 14.20
N CYS D 79 0.33 17.62 15.20
CA CYS D 79 1.52 17.15 15.89
C CYS D 79 1.11 16.25 17.05
N GLN D 80 1.01 14.96 16.78
CA GLN D 80 0.59 14.01 17.79
C GLN D 80 1.77 13.25 18.39
N ALA D 81 1.75 13.13 19.70
CA ALA D 81 2.77 12.38 20.42
C ALA D 81 2.11 11.17 21.04
N MET D 82 2.86 10.14 21.36
CA MET D 82 2.28 8.95 21.94
C MET D 82 3.13 8.38 23.06
N ASN D 83 2.58 8.44 24.27
CA ASN D 83 3.26 7.89 25.44
C ASN D 83 2.90 6.42 25.60
N ARG D 84 3.78 5.65 26.22
CA ARG D 84 3.55 4.22 26.41
C ARG D 84 2.25 3.96 27.19
N ASN D 85 1.90 4.88 28.07
CA ASN D 85 0.70 4.75 28.88
C ASN D 85 -0.56 4.98 28.05
N GLY D 86 -0.39 5.45 26.82
CA GLY D 86 -1.52 5.70 25.96
C GLY D 86 -2.00 7.13 26.07
N LYS D 87 -1.19 8.06 25.63
CA LYS D 87 -1.53 9.47 25.70
C LYS D 87 -1.19 10.19 24.39
N GLU D 88 -2.20 10.83 23.81
CA GLU D 88 -2.03 11.57 22.56
C GLU D 88 -2.42 13.03 22.77
N THR D 89 -2.64 13.75 21.68
CA THR D 89 -3.01 15.15 21.77
C THR D 89 -3.80 15.57 20.53
N LYS D 90 -4.98 16.15 20.76
CA LYS D 90 -5.85 16.58 19.67
C LYS D 90 -5.53 18.01 19.25
N SER D 91 -4.50 18.16 18.43
CA SER D 91 -4.09 19.46 17.94
C SER D 91 -4.15 19.51 16.43
N ASN D 92 -4.95 20.41 15.88
CA ASN D 92 -5.11 20.54 14.43
C ASN D 92 -5.02 21.99 13.98
N TYR D 93 -4.15 22.24 13.00
CA TYR D 93 -3.96 23.57 12.46
C TYR D 93 -4.16 23.52 10.95
N ARG D 94 -4.89 24.49 10.41
CA ARG D 94 -5.16 24.53 8.99
C ARG D 94 -4.44 25.69 8.33
N VAL D 95 -3.48 25.36 7.48
CA VAL D 95 -2.71 26.37 6.76
C VAL D 95 -3.36 26.66 5.41
N ARG D 96 -3.44 27.94 5.05
CA ARG D 96 -4.02 28.35 3.79
C ARG D 96 -3.25 29.53 3.21
N VAL D 97 -2.83 29.42 1.96
CA VAL D 97 -2.08 30.49 1.31
C VAL D 97 -2.99 31.45 0.56
N TYR D 98 -2.40 32.51 0.02
CA TYR D 98 -3.17 33.51 -0.73
C TYR D 98 -3.39 33.04 -2.15
N GLN D 99 -2.37 32.43 -2.73
CA GLN D 99 -2.45 31.93 -4.10
C GLN D 99 -2.69 30.43 -4.08
N ILE D 100 -3.95 30.04 -4.18
CA ILE D 100 -4.32 28.63 -4.16
C ILE D 100 -4.59 28.09 -5.57
N PRO D 101 -4.07 26.89 -5.87
CA PRO D 101 -4.24 26.25 -7.17
C PRO D 101 -5.53 25.45 -7.27
N ALA A 1 12.79 -22.07 -10.20
CA ALA A 1 11.89 -21.43 -11.19
C ALA A 1 12.27 -21.84 -12.61
N MET A 2 11.38 -21.59 -13.56
CA MET A 2 11.62 -21.94 -14.95
C MET A 2 10.74 -21.10 -15.88
N ALA A 3 11.33 -20.60 -16.95
CA ALA A 3 10.59 -19.78 -17.93
C ALA A 3 11.28 -19.85 -19.29
N GLN A 4 10.49 -19.88 -20.36
CA GLN A 4 11.04 -19.92 -21.71
C GLN A 4 11.57 -18.54 -22.09
N ASN A 5 12.63 -18.52 -22.90
CA ASN A 5 13.23 -17.26 -23.32
C ASN A 5 12.63 -16.80 -24.66
N ILE A 6 12.17 -15.57 -24.69
CA ILE A 6 11.58 -15.00 -25.89
C ILE A 6 12.22 -13.64 -26.20
N THR A 7 12.84 -13.55 -27.37
CA THR A 7 13.49 -12.32 -27.80
C THR A 7 12.50 -11.46 -28.59
N ALA A 8 12.30 -10.23 -28.13
CA ALA A 8 11.38 -9.32 -28.79
C ALA A 8 12.06 -8.03 -29.22
N ARG A 9 11.31 -7.15 -29.86
CA ARG A 9 11.84 -5.88 -30.33
C ARG A 9 10.95 -4.74 -29.83
N ILE A 10 11.57 -3.65 -29.40
CA ILE A 10 10.83 -2.49 -28.92
C ILE A 10 10.06 -1.83 -30.07
N GLY A 11 8.75 -1.74 -29.91
CA GLY A 11 7.91 -1.14 -30.93
C GLY A 11 7.41 -2.18 -31.92
N GLU A 12 7.46 -3.44 -31.49
CA GLU A 12 7.02 -4.54 -32.32
C GLU A 12 5.78 -5.21 -31.72
N PRO A 13 4.75 -5.46 -32.52
CA PRO A 13 3.52 -6.12 -32.06
C PRO A 13 3.77 -7.60 -31.78
N LEU A 14 3.31 -8.07 -30.63
CA LEU A 14 3.51 -9.47 -30.27
C LEU A 14 2.18 -10.19 -30.06
N VAL A 15 2.13 -11.46 -30.44
CA VAL A 15 0.93 -12.27 -30.29
C VAL A 15 1.24 -13.49 -29.43
N LEU A 16 0.72 -13.49 -28.21
CA LEU A 16 0.96 -14.60 -27.29
C LEU A 16 -0.30 -15.42 -27.09
N LYS A 17 -0.15 -16.62 -26.56
CA LYS A 17 -1.28 -17.50 -26.32
C LYS A 17 -1.16 -18.10 -24.92
N CYS A 18 -2.16 -17.84 -24.09
CA CYS A 18 -2.16 -18.34 -22.72
C CYS A 18 -3.33 -19.28 -22.48
N LYS A 19 -3.01 -20.49 -22.07
CA LYS A 19 -4.02 -21.49 -21.78
C LYS A 19 -4.32 -21.51 -20.28
N GLY A 20 -5.09 -22.49 -19.84
CA GLY A 20 -5.44 -22.59 -18.44
C GLY A 20 -6.91 -22.82 -18.23
N ALA A 21 -7.71 -22.20 -19.09
CA ALA A 21 -9.16 -22.34 -19.01
C ALA A 21 -9.62 -23.61 -19.74
N PRO A 22 -10.26 -24.53 -19.00
CA PRO A 22 -10.76 -25.78 -19.56
C PRO A 22 -12.09 -25.59 -20.29
N LYS A 23 -12.71 -26.68 -20.69
CA LYS A 23 -14.00 -26.62 -21.37
C LYS A 23 -15.12 -26.39 -20.37
N LYS A 24 -15.09 -25.22 -19.73
CA LYS A 24 -16.08 -24.84 -18.73
C LYS A 24 -16.38 -23.35 -18.85
N PRO A 25 -17.47 -22.86 -18.23
CA PRO A 25 -17.83 -21.44 -18.26
C PRO A 25 -16.68 -20.53 -17.82
N PRO A 26 -16.59 -19.33 -18.42
CA PRO A 26 -15.53 -18.35 -18.12
C PRO A 26 -15.38 -18.06 -16.62
N GLN A 27 -14.20 -18.32 -16.10
CA GLN A 27 -13.91 -18.08 -14.69
C GLN A 27 -13.04 -16.84 -14.52
N ARG A 28 -12.59 -16.58 -13.30
CA ARG A 28 -11.76 -15.42 -13.03
C ARG A 28 -10.31 -15.69 -13.42
N LEU A 29 -9.64 -14.66 -13.95
CA LEU A 29 -8.26 -14.78 -14.39
C LEU A 29 -7.33 -13.94 -13.55
N GLU A 30 -6.61 -14.58 -12.63
CA GLU A 30 -5.67 -13.90 -11.75
C GLU A 30 -4.33 -13.71 -12.46
N TRP A 31 -4.30 -12.80 -13.41
CA TRP A 31 -3.10 -12.51 -14.17
C TRP A 31 -2.00 -11.98 -13.25
N LYS A 32 -0.78 -12.49 -13.44
CA LYS A 32 0.36 -12.08 -12.63
C LYS A 32 1.64 -12.10 -13.46
N LEU A 33 2.74 -11.68 -12.85
CA LEU A 33 4.03 -11.66 -13.51
C LEU A 33 5.13 -11.46 -12.46
N ASN A 34 6.32 -11.94 -12.76
CA ASN A 34 7.45 -11.82 -11.84
C ASN A 34 8.47 -10.83 -12.36
N THR A 35 8.48 -9.64 -11.78
CA THR A 35 9.40 -8.58 -12.17
C THR A 35 9.70 -7.68 -10.98
N GLY A 36 10.77 -6.90 -11.07
CA GLY A 36 11.12 -6.00 -9.98
C GLY A 36 10.26 -4.74 -9.96
N ARG A 37 9.72 -4.38 -11.12
CA ARG A 37 8.88 -3.20 -11.23
C ARG A 37 7.40 -3.58 -11.20
N THR A 38 7.04 -4.60 -11.99
CA THR A 38 5.66 -5.09 -12.05
C THR A 38 4.66 -3.98 -12.42
N GLU A 39 5.08 -3.10 -13.34
CA GLU A 39 4.24 -1.99 -13.78
C GLU A 39 3.05 -2.48 -14.61
N ALA A 40 3.32 -3.43 -15.51
CA ALA A 40 2.29 -3.97 -16.39
C ALA A 40 1.45 -5.05 -15.71
N TRP A 41 1.12 -4.84 -14.46
CA TRP A 41 0.31 -5.79 -13.72
C TRP A 41 -1.11 -5.28 -13.54
N LYS A 42 -2.08 -6.19 -13.68
CA LYS A 42 -3.49 -5.86 -13.53
C LYS A 42 -4.31 -7.14 -13.69
N VAL A 43 -5.22 -7.38 -12.75
CA VAL A 43 -6.06 -8.58 -12.79
C VAL A 43 -7.04 -8.54 -13.95
N LEU A 44 -7.22 -9.66 -14.65
CA LEU A 44 -8.12 -9.74 -15.78
C LEU A 44 -9.50 -10.24 -15.36
N SER A 45 -10.51 -9.94 -16.15
CA SER A 45 -11.87 -10.37 -15.87
C SER A 45 -12.54 -10.83 -17.16
N PRO A 46 -13.36 -11.90 -17.09
CA PRO A 46 -14.07 -12.44 -18.25
C PRO A 46 -15.07 -11.44 -18.83
N GLN A 47 -15.41 -10.42 -18.04
CA GLN A 47 -16.35 -9.40 -18.46
C GLN A 47 -15.90 -8.02 -17.97
N GLY A 48 -14.59 -7.83 -17.89
CA GLY A 48 -14.06 -6.57 -17.43
C GLY A 48 -12.60 -6.37 -17.84
N GLY A 49 -12.25 -5.15 -18.21
CA GLY A 49 -10.90 -4.86 -18.63
C GLY A 49 -10.16 -3.94 -17.66
N GLY A 50 -10.17 -2.65 -17.98
CA GLY A 50 -9.49 -1.67 -17.14
C GLY A 50 -8.35 -1.01 -17.90
N PRO A 51 -7.44 -0.32 -17.19
CA PRO A 51 -6.30 0.37 -17.82
C PRO A 51 -5.32 -0.59 -18.51
N TRP A 52 -5.48 -1.88 -18.24
CA TRP A 52 -4.63 -2.90 -18.84
C TRP A 52 -5.07 -3.19 -20.26
N ASP A 53 -6.37 -3.03 -20.51
CA ASP A 53 -6.95 -3.27 -21.83
C ASP A 53 -6.41 -2.25 -22.84
N SER A 54 -6.02 -1.09 -22.32
CA SER A 54 -5.48 -0.03 -23.14
C SER A 54 -4.03 -0.35 -23.52
N VAL A 55 -3.46 -1.34 -22.87
CA VAL A 55 -2.07 -1.74 -23.13
C VAL A 55 -2.05 -3.06 -23.90
N ALA A 56 -2.67 -4.09 -23.32
CA ALA A 56 -2.71 -5.40 -23.96
C ALA A 56 -4.15 -5.83 -24.16
N ARG A 57 -4.44 -6.37 -25.34
CA ARG A 57 -5.78 -6.81 -25.65
C ARG A 57 -5.86 -8.33 -25.70
N VAL A 58 -6.73 -8.89 -24.86
CA VAL A 58 -6.91 -10.33 -24.80
C VAL A 58 -8.08 -10.75 -25.67
N LEU A 59 -7.81 -11.60 -26.64
CA LEU A 59 -8.83 -12.09 -27.55
C LEU A 59 -9.60 -13.26 -26.91
N PRO A 60 -10.91 -13.36 -27.19
CA PRO A 60 -11.77 -14.42 -26.64
C PRO A 60 -11.25 -15.85 -26.88
N ASN A 61 -10.35 -16.02 -27.84
CA ASN A 61 -9.80 -17.34 -28.15
C ASN A 61 -8.64 -17.70 -27.23
N GLY A 62 -8.18 -16.74 -26.43
CA GLY A 62 -7.09 -17.00 -25.52
C GLY A 62 -5.77 -16.38 -25.97
N SER A 63 -5.82 -15.62 -27.05
CA SER A 63 -4.61 -14.98 -27.57
C SER A 63 -4.46 -13.57 -27.00
N LEU A 64 -3.25 -13.26 -26.57
CA LEU A 64 -2.94 -11.95 -26.01
C LEU A 64 -2.20 -11.12 -27.05
N PHE A 65 -2.82 -10.03 -27.48
CA PHE A 65 -2.22 -9.19 -28.49
C PHE A 65 -1.62 -7.93 -27.87
N LEU A 66 -0.34 -7.72 -28.14
CA LEU A 66 0.38 -6.56 -27.66
C LEU A 66 0.68 -5.64 -28.84
N PRO A 67 0.02 -4.47 -28.91
CA PRO A 67 0.20 -3.51 -30.00
C PRO A 67 1.66 -3.12 -30.20
N ALA A 68 2.32 -2.71 -29.14
CA ALA A 68 3.72 -2.32 -29.23
C ALA A 68 4.45 -2.65 -27.94
N VAL A 69 5.30 -3.66 -27.99
CA VAL A 69 6.07 -4.07 -26.84
C VAL A 69 7.24 -3.12 -26.63
N GLY A 70 7.30 -2.55 -25.44
CA GLY A 70 8.37 -1.63 -25.12
C GLY A 70 9.26 -2.16 -24.01
N ILE A 71 9.58 -1.32 -23.05
CA ILE A 71 10.42 -1.72 -21.93
C ILE A 71 9.58 -1.94 -20.68
N GLN A 72 8.31 -1.58 -20.77
CA GLN A 72 7.40 -1.72 -19.65
C GLN A 72 6.75 -3.10 -19.67
N ASP A 73 6.72 -3.69 -20.86
CA ASP A 73 6.14 -5.01 -21.06
C ASP A 73 7.23 -6.08 -20.99
N GLU A 74 8.38 -5.70 -20.44
CA GLU A 74 9.49 -6.63 -20.30
C GLU A 74 9.43 -7.31 -18.95
N GLY A 75 9.83 -8.57 -18.92
CA GLY A 75 9.81 -9.32 -17.68
C GLY A 75 9.37 -10.75 -17.89
N ILE A 76 8.80 -11.34 -16.86
CA ILE A 76 8.33 -12.72 -16.92
C ILE A 76 6.83 -12.79 -16.64
N PHE A 77 6.04 -12.86 -17.70
CA PHE A 77 4.59 -12.92 -17.57
C PHE A 77 4.14 -14.27 -17.04
N ARG A 78 3.06 -14.27 -16.27
CA ARG A 78 2.53 -15.50 -15.69
C ARG A 78 1.01 -15.57 -15.82
N CYS A 79 0.53 -16.23 -16.85
CA CYS A 79 -0.90 -16.37 -17.07
C CYS A 79 -1.46 -17.45 -16.13
N GLN A 80 -2.19 -17.01 -15.11
CA GLN A 80 -2.75 -17.95 -14.14
C GLN A 80 -4.26 -17.76 -14.03
N ALA A 81 -4.96 -18.87 -13.89
CA ALA A 81 -6.40 -18.86 -13.74
C ALA A 81 -6.77 -19.49 -12.41
N MET A 82 -7.92 -19.16 -11.86
CA MET A 82 -8.33 -19.71 -10.57
C MET A 82 -9.78 -20.14 -10.60
N ASN A 83 -9.99 -21.44 -10.59
CA ASN A 83 -11.34 -22.00 -10.57
C ASN A 83 -11.82 -22.08 -9.12
N ARG A 84 -13.13 -22.04 -8.91
CA ARG A 84 -13.70 -22.09 -7.56
C ARG A 84 -13.49 -23.45 -6.91
N ASN A 85 -12.82 -24.34 -7.61
CA ASN A 85 -12.52 -25.66 -7.09
C ASN A 85 -11.08 -25.72 -6.59
N GLY A 86 -10.37 -24.61 -6.76
CA GLY A 86 -8.99 -24.53 -6.33
C GLY A 86 -8.03 -25.09 -7.37
N LYS A 87 -8.13 -24.59 -8.59
CA LYS A 87 -7.26 -25.07 -9.66
C LYS A 87 -6.59 -23.90 -10.37
N GLU A 88 -5.27 -23.96 -10.46
CA GLU A 88 -4.50 -22.90 -11.10
C GLU A 88 -3.51 -23.50 -12.10
N THR A 89 -2.49 -22.73 -12.49
CA THR A 89 -1.48 -23.19 -13.44
C THR A 89 -0.19 -22.39 -13.27
N LYS A 90 0.94 -23.04 -13.51
CA LYS A 90 2.24 -22.40 -13.39
C LYS A 90 2.89 -22.21 -14.76
N SER A 91 2.46 -21.17 -15.46
CA SER A 91 3.00 -20.87 -16.79
C SER A 91 3.76 -19.54 -16.75
N ASN A 92 5.06 -19.58 -17.04
CA ASN A 92 5.87 -18.37 -17.03
C ASN A 92 6.64 -18.19 -18.33
N TYR A 93 6.62 -16.98 -18.87
CA TYR A 93 7.32 -16.67 -20.11
C TYR A 93 8.24 -15.46 -19.91
N ARG A 94 9.52 -15.62 -20.25
CA ARG A 94 10.48 -14.53 -20.09
C ARG A 94 10.69 -13.80 -21.42
N VAL A 95 10.21 -12.57 -21.47
CA VAL A 95 10.34 -11.75 -22.67
C VAL A 95 11.40 -10.69 -22.47
N ARG A 96 12.28 -10.54 -23.45
CA ARG A 96 13.35 -9.54 -23.38
C ARG A 96 13.63 -8.98 -24.76
N VAL A 97 13.85 -7.67 -24.83
CA VAL A 97 14.14 -7.02 -26.10
C VAL A 97 15.63 -6.99 -26.37
N TYR A 98 16.01 -6.56 -27.56
CA TYR A 98 17.42 -6.47 -27.95
C TYR A 98 18.06 -5.19 -27.40
N GLN A 99 17.27 -4.13 -27.32
CA GLN A 99 17.76 -2.86 -26.82
C GLN A 99 17.23 -2.61 -25.41
N ILE A 100 17.90 -3.20 -24.43
CA ILE A 100 17.48 -3.07 -23.04
C ILE A 100 18.11 -1.83 -22.39
N PRO A 101 17.34 -1.12 -21.55
CA PRO A 101 17.82 0.08 -20.85
C PRO A 101 18.81 -0.25 -19.75
N MET B 1 7.29 11.67 3.19
CA MET B 1 6.58 10.40 2.96
C MET B 1 7.56 9.36 2.40
N THR B 2 7.78 8.30 3.15
CA THR B 2 8.66 7.22 2.72
C THR B 2 7.89 6.28 1.81
N GLU B 3 8.55 5.25 1.31
CA GLU B 3 7.90 4.29 0.42
C GLU B 3 6.75 3.60 1.15
N LEU B 4 7.02 3.13 2.36
CA LEU B 4 6.01 2.45 3.16
C LEU B 4 4.88 3.42 3.53
N GLU B 5 5.25 4.65 3.89
CA GLU B 5 4.27 5.67 4.26
C GLU B 5 3.32 5.94 3.10
N THR B 6 3.88 6.05 1.88
CA THR B 6 3.08 6.29 0.69
C THR B 6 2.14 5.12 0.42
N ALA B 7 2.66 3.90 0.57
CA ALA B 7 1.86 2.70 0.34
C ALA B 7 0.67 2.65 1.30
N MET B 8 0.95 2.91 2.57
CA MET B 8 -0.09 2.92 3.59
C MET B 8 -1.10 4.02 3.32
N GLY B 9 -0.60 5.20 3.00
CA GLY B 9 -1.45 6.34 2.71
C GLY B 9 -2.34 6.10 1.50
N MET B 10 -1.78 5.43 0.49
CA MET B 10 -2.51 5.15 -0.74
C MET B 10 -3.75 4.31 -0.44
N ILE B 11 -3.62 3.34 0.45
CA ILE B 11 -4.74 2.48 0.83
C ILE B 11 -5.84 3.32 1.47
N ILE B 12 -5.43 4.27 2.30
CA ILE B 12 -6.37 5.16 2.98
C ILE B 12 -7.08 6.03 1.96
N ASP B 13 -6.31 6.53 1.00
CA ASP B 13 -6.84 7.38 -0.07
C ASP B 13 -7.88 6.62 -0.88
N VAL B 14 -7.56 5.39 -1.26
CA VAL B 14 -8.47 4.56 -2.04
C VAL B 14 -9.78 4.37 -1.28
N PHE B 15 -9.68 4.00 0.00
CA PHE B 15 -10.85 3.78 0.82
C PHE B 15 -11.73 5.03 0.91
N SER B 16 -11.12 6.15 1.29
CA SER B 16 -11.84 7.40 1.45
C SER B 16 -12.39 7.94 0.12
N ARG B 17 -11.94 7.40 -1.00
CA ARG B 17 -12.42 7.85 -2.30
C ARG B 17 -13.54 6.96 -2.82
N TYR B 18 -13.97 6.01 -2.00
CA TYR B 18 -15.05 5.10 -2.39
C TYR B 18 -16.16 5.13 -1.34
N SER B 19 -15.79 5.11 -0.06
CA SER B 19 -16.76 5.16 1.02
C SER B 19 -17.19 6.60 1.24
N GLY B 20 -18.46 6.88 1.00
CA GLY B 20 -18.97 8.23 1.16
C GLY B 20 -20.00 8.58 0.11
N SER B 21 -20.48 7.56 -0.57
CA SER B 21 -21.48 7.74 -1.60
C SER B 21 -22.86 7.53 -0.98
N GLU B 22 -22.89 6.67 0.03
CA GLU B 22 -24.11 6.36 0.75
C GLU B 22 -23.76 5.80 2.12
N GLY B 23 -24.73 5.81 3.02
CA GLY B 23 -24.49 5.29 4.36
C GLY B 23 -23.67 6.24 5.20
N SER B 24 -22.36 6.17 5.06
CA SER B 24 -21.44 7.01 5.81
C SER B 24 -20.09 7.10 5.10
N THR B 25 -19.36 8.17 5.37
CA THR B 25 -18.05 8.39 4.76
C THR B 25 -16.94 7.60 5.47
N GLN B 26 -17.32 6.77 6.44
CA GLN B 26 -16.35 5.98 7.19
C GLN B 26 -16.61 4.47 7.07
N THR B 27 -17.53 4.08 6.19
CA THR B 27 -17.86 2.67 6.01
C THR B 27 -18.25 2.37 4.57
N LEU B 28 -17.88 1.19 4.09
CA LEU B 28 -18.21 0.78 2.73
C LEU B 28 -19.48 -0.06 2.71
N THR B 29 -20.49 0.43 2.02
CA THR B 29 -21.75 -0.28 1.91
C THR B 29 -21.64 -1.38 0.84
N LYS B 30 -22.71 -2.13 0.64
CA LYS B 30 -22.72 -3.21 -0.35
C LYS B 30 -22.57 -2.63 -1.75
N GLY B 31 -23.14 -1.45 -1.96
CA GLY B 31 -23.06 -0.81 -3.26
C GLY B 31 -21.68 -0.27 -3.53
N GLU B 32 -21.12 0.47 -2.57
CA GLU B 32 -19.80 1.05 -2.71
C GLU B 32 -18.73 -0.04 -2.81
N LEU B 33 -18.91 -1.12 -2.05
CA LEU B 33 -17.98 -2.23 -2.08
C LEU B 33 -17.89 -2.82 -3.48
N LYS B 34 -19.04 -2.90 -4.14
CA LYS B 34 -19.09 -3.43 -5.50
C LYS B 34 -18.32 -2.52 -6.44
N VAL B 35 -18.53 -1.21 -6.28
CA VAL B 35 -17.86 -0.22 -7.12
C VAL B 35 -16.35 -0.32 -6.92
N LEU B 36 -15.93 -0.49 -5.68
CA LEU B 36 -14.51 -0.60 -5.35
C LEU B 36 -13.90 -1.82 -6.04
N MET B 37 -14.56 -2.97 -5.88
CA MET B 37 -14.07 -4.21 -6.47
C MET B 37 -14.24 -4.21 -7.98
N GLU B 38 -15.04 -3.27 -8.48
CA GLU B 38 -15.29 -3.15 -9.92
C GLU B 38 -14.30 -2.19 -10.56
N LYS B 39 -13.45 -1.57 -9.75
CA LYS B 39 -12.48 -0.61 -10.28
C LYS B 39 -11.06 -0.95 -9.83
N GLU B 40 -10.88 -1.17 -8.54
CA GLU B 40 -9.56 -1.47 -8.01
C GLU B 40 -9.12 -2.88 -8.36
N LEU B 41 -9.95 -3.87 -8.06
CA LEU B 41 -9.62 -5.26 -8.37
C LEU B 41 -10.72 -5.94 -9.19
N PRO B 42 -10.97 -5.45 -10.42
CA PRO B 42 -11.99 -6.02 -11.29
C PRO B 42 -11.49 -7.29 -11.96
N GLY B 43 -11.97 -8.43 -11.47
CA GLY B 43 -11.57 -9.71 -12.01
C GLY B 43 -11.43 -10.76 -10.94
N PHE B 44 -11.39 -10.32 -9.69
CA PHE B 44 -11.26 -11.25 -8.57
C PHE B 44 -12.62 -11.86 -8.22
N LEU B 45 -13.66 -11.37 -8.87
CA LEU B 45 -15.01 -11.86 -8.64
C LEU B 45 -15.30 -13.09 -9.48
N GLN B 46 -15.91 -14.09 -8.85
CA GLN B 46 -16.25 -15.34 -9.53
C GLN B 46 -17.35 -15.13 -10.56
N SER B 47 -18.11 -14.06 -10.38
CA SER B 47 -19.21 -13.72 -11.28
C SER B 47 -18.80 -12.59 -12.21
N GLY B 48 -17.50 -12.49 -12.50
CA GLY B 48 -17.00 -11.44 -13.36
C GLY B 48 -17.02 -10.10 -12.67
N LYS B 49 -18.20 -9.48 -12.64
CA LYS B 49 -18.38 -8.18 -12.00
C LYS B 49 -19.84 -7.96 -11.62
N ASP B 50 -20.60 -9.06 -11.58
CA ASP B 50 -22.02 -8.97 -11.25
C ASP B 50 -22.26 -9.14 -9.75
N LYS B 51 -23.53 -9.14 -9.35
CA LYS B 51 -23.90 -9.25 -7.95
C LYS B 51 -24.20 -10.69 -7.52
N ASP B 52 -23.15 -11.44 -7.25
CA ASP B 52 -23.29 -12.81 -6.78
C ASP B 52 -22.33 -13.04 -5.62
N ALA B 53 -21.07 -12.76 -5.86
CA ALA B 53 -20.05 -12.91 -4.83
C ALA B 53 -19.92 -11.64 -4.01
N VAL B 54 -20.57 -10.56 -4.47
CA VAL B 54 -20.51 -9.27 -3.78
C VAL B 54 -21.11 -9.40 -2.38
N ASP B 55 -22.26 -10.06 -2.30
CA ASP B 55 -22.93 -10.28 -1.02
C ASP B 55 -22.06 -11.14 -0.11
N LYS B 56 -21.44 -12.14 -0.71
CA LYS B 56 -20.56 -13.06 0.00
C LYS B 56 -19.33 -12.34 0.53
N LEU B 57 -18.75 -11.48 -0.29
CA LEU B 57 -17.57 -10.72 0.09
C LEU B 57 -17.88 -9.82 1.27
N LEU B 58 -19.04 -9.17 1.23
CA LEU B 58 -19.45 -8.28 2.31
C LEU B 58 -19.64 -9.07 3.61
N LYS B 59 -20.33 -10.19 3.52
CA LYS B 59 -20.59 -11.02 4.71
C LYS B 59 -19.32 -11.72 5.19
N ASP B 60 -18.32 -11.74 4.33
CA ASP B 60 -17.05 -12.36 4.69
C ASP B 60 -16.15 -11.37 5.40
N LEU B 61 -16.35 -10.08 5.12
CA LEU B 61 -15.56 -9.03 5.73
C LEU B 61 -16.26 -8.43 6.95
N ASP B 62 -17.59 -8.35 6.88
CA ASP B 62 -18.38 -7.79 7.98
C ASP B 62 -18.29 -8.70 9.20
N ALA B 63 -17.42 -8.33 10.12
CA ALA B 63 -17.23 -9.10 11.34
C ALA B 63 -17.90 -8.41 12.52
N ASN B 64 -18.22 -7.14 12.34
CA ASN B 64 -18.87 -6.38 13.41
C ASN B 64 -20.39 -6.57 13.35
N GLY B 65 -20.89 -7.05 12.22
CA GLY B 65 -22.31 -7.29 12.08
C GLY B 65 -23.10 -6.02 11.83
N ASP B 66 -22.84 -5.40 10.68
CA ASP B 66 -23.51 -4.15 10.33
C ASP B 66 -23.79 -4.08 8.82
N ALA B 67 -23.29 -5.06 8.09
CA ALA B 67 -23.45 -5.11 6.62
C ALA B 67 -22.73 -3.93 5.98
N GLN B 68 -21.71 -3.43 6.68
CA GLN B 68 -20.90 -2.33 6.22
C GLN B 68 -19.45 -2.61 6.57
N VAL B 69 -18.62 -2.71 5.55
CA VAL B 69 -17.20 -3.01 5.75
C VAL B 69 -16.44 -1.77 6.20
N ASP B 70 -15.91 -1.82 7.42
CA ASP B 70 -15.14 -0.71 7.96
C ASP B 70 -13.67 -0.88 7.58
N PHE B 71 -12.87 0.17 7.73
CA PHE B 71 -11.46 0.12 7.36
C PHE B 71 -10.71 -0.98 8.12
N SER B 72 -11.07 -1.19 9.38
CA SER B 72 -10.41 -2.22 10.19
C SER B 72 -10.63 -3.61 9.60
N GLU B 73 -11.79 -3.80 8.98
CA GLU B 73 -12.12 -5.07 8.34
C GLU B 73 -11.57 -5.10 6.93
N PHE B 74 -11.64 -3.95 6.26
CA PHE B 74 -11.16 -3.81 4.89
C PHE B 74 -9.65 -4.02 4.78
N ILE B 75 -8.90 -3.47 5.75
CA ILE B 75 -7.45 -3.59 5.74
C ILE B 75 -7.02 -5.06 5.82
N VAL B 76 -7.84 -5.89 6.45
CA VAL B 76 -7.56 -7.31 6.57
C VAL B 76 -7.64 -7.98 5.20
N PHE B 77 -8.63 -7.56 4.42
CA PHE B 77 -8.83 -8.10 3.08
C PHE B 77 -7.61 -7.81 2.21
N VAL B 78 -7.18 -6.56 2.23
CA VAL B 78 -6.02 -6.13 1.46
C VAL B 78 -4.78 -6.91 1.87
N ALA B 79 -4.59 -7.05 3.18
CA ALA B 79 -3.45 -7.77 3.71
C ALA B 79 -3.46 -9.23 3.27
N ALA B 80 -4.64 -9.85 3.36
CA ALA B 80 -4.80 -11.25 2.98
C ALA B 80 -4.48 -11.47 1.50
N ILE B 81 -4.95 -10.57 0.65
CA ILE B 81 -4.70 -10.67 -0.79
C ILE B 81 -3.21 -10.52 -1.10
N THR B 82 -2.60 -9.48 -0.52
CA THR B 82 -1.19 -9.22 -0.72
C THR B 82 -0.33 -10.38 -0.23
N SER B 83 -0.71 -10.95 0.91
CA SER B 83 0.01 -12.08 1.49
C SER B 83 0.00 -13.27 0.53
N ALA B 84 -1.19 -13.60 0.01
CA ALA B 84 -1.33 -14.72 -0.91
C ALA B 84 -0.51 -14.50 -2.19
N CYS B 85 -0.42 -13.26 -2.62
CA CYS B 85 0.34 -12.92 -3.83
C CYS B 85 1.83 -13.21 -3.64
N HIS B 86 2.41 -12.65 -2.60
CA HIS B 86 3.83 -12.85 -2.33
C HIS B 86 4.14 -14.32 -2.01
N LYS B 87 3.27 -14.96 -1.24
CA LYS B 87 3.44 -16.35 -0.87
C LYS B 87 3.49 -17.23 -2.11
N TYR B 88 2.71 -16.86 -3.12
CA TYR B 88 2.68 -17.62 -4.36
C TYR B 88 3.99 -17.49 -5.10
N PHE B 89 4.56 -16.29 -5.10
CA PHE B 89 5.83 -16.04 -5.76
C PHE B 89 6.95 -16.76 -5.02
N GLU B 90 6.82 -16.84 -3.71
CA GLU B 90 7.81 -17.52 -2.87
C GLU B 90 7.88 -19.00 -3.27
N LYS B 91 6.70 -19.60 -3.43
CA LYS B 91 6.61 -21.01 -3.81
C LYS B 91 6.80 -21.17 -5.32
N ALA B 92 7.10 -20.08 -5.99
CA ALA B 92 7.32 -20.10 -7.43
C ALA B 92 8.81 -20.00 -7.73
N GLY B 93 9.58 -19.63 -6.70
CA GLY B 93 11.02 -19.50 -6.85
C GLY B 93 11.68 -20.85 -7.06
N LEU B 94 11.07 -21.88 -6.49
CA LEU B 94 11.59 -23.23 -6.61
C LEU B 94 11.05 -23.87 -7.89
N MET C 1 -2.24 -1.57 -13.56
CA MET C 1 -1.94 -1.26 -12.16
C MET C 1 -2.85 -0.15 -11.65
N THR C 2 -3.88 -0.56 -10.92
CA THR C 2 -4.82 0.39 -10.35
C THR C 2 -4.21 1.02 -9.12
N GLU C 3 -4.96 1.88 -8.44
CA GLU C 3 -4.47 2.52 -7.23
C GLU C 3 -4.18 1.47 -6.17
N LEU C 4 -5.13 0.55 -5.98
CA LEU C 4 -4.96 -0.51 -5.00
C LEU C 4 -3.83 -1.46 -5.42
N GLU C 5 -3.77 -1.79 -6.71
CA GLU C 5 -2.73 -2.69 -7.23
C GLU C 5 -1.36 -2.09 -6.98
N THR C 6 -1.22 -0.79 -7.21
CA THR C 6 0.04 -0.10 -6.99
C THR C 6 0.40 -0.06 -5.51
N ALA C 7 -0.60 0.22 -4.66
CA ALA C 7 -0.38 0.27 -3.22
C ALA C 7 0.12 -1.07 -2.71
N MET C 8 -0.54 -2.14 -3.12
CA MET C 8 -0.16 -3.49 -2.72
C MET C 8 1.24 -3.83 -3.22
N GLY C 9 1.49 -3.50 -4.48
CA GLY C 9 2.79 -3.77 -5.08
C GLY C 9 3.90 -3.01 -4.39
N MET C 10 3.59 -1.80 -3.94
CA MET C 10 4.57 -0.97 -3.25
C MET C 10 5.02 -1.62 -1.95
N ILE C 11 4.08 -2.20 -1.22
CA ILE C 11 4.40 -2.88 0.03
C ILE C 11 5.37 -4.03 -0.22
N ILE C 12 5.13 -4.76 -1.31
CA ILE C 12 5.98 -5.88 -1.69
C ILE C 12 7.37 -5.38 -2.06
N ASP C 13 7.41 -4.26 -2.78
CA ASP C 13 8.67 -3.65 -3.20
C ASP C 13 9.49 -3.26 -1.98
N VAL C 14 8.85 -2.59 -1.02
CA VAL C 14 9.52 -2.17 0.21
C VAL C 14 10.16 -3.37 0.90
N PHE C 15 9.39 -4.44 1.04
CA PHE C 15 9.87 -5.66 1.67
C PHE C 15 11.05 -6.24 0.90
N SER C 16 10.88 -6.40 -0.39
CA SER C 16 11.91 -6.98 -1.27
C SER C 16 13.14 -6.09 -1.40
N ARG C 17 13.10 -4.88 -0.86
CA ARG C 17 14.24 -3.98 -0.95
C ARG C 17 14.97 -3.91 0.38
N TYR C 18 14.54 -4.70 1.34
CA TYR C 18 15.17 -4.72 2.65
C TYR C 18 15.59 -6.14 3.02
N SER C 19 14.73 -7.11 2.75
CA SER C 19 15.06 -8.50 3.05
C SER C 19 15.98 -9.06 1.97
N GLY C 20 17.16 -9.48 2.35
CA GLY C 20 18.11 -10.01 1.39
C GLY C 20 19.51 -9.54 1.69
N SER C 21 19.69 -9.00 2.88
CA SER C 21 20.98 -8.51 3.31
C SER C 21 21.71 -9.61 4.07
N GLU C 22 20.94 -10.50 4.65
CA GLU C 22 21.47 -11.62 5.41
C GLU C 22 20.36 -12.63 5.67
N GLY C 23 20.73 -13.85 6.05
CA GLY C 23 19.75 -14.89 6.32
C GLY C 23 19.11 -15.41 5.06
N SER C 24 18.19 -14.63 4.50
CA SER C 24 17.49 -15.02 3.30
C SER C 24 16.99 -13.77 2.57
N THR C 25 16.34 -13.97 1.44
CA THR C 25 15.79 -12.87 0.66
C THR C 25 14.28 -12.84 0.78
N GLN C 26 13.73 -13.78 1.54
CA GLN C 26 12.28 -13.87 1.73
C GLN C 26 11.88 -13.61 3.18
N THR C 27 12.85 -13.32 4.03
CA THR C 27 12.58 -13.07 5.44
C THR C 27 13.41 -11.91 5.96
N LEU C 28 12.85 -11.18 6.93
CA LEU C 28 13.53 -10.05 7.54
C LEU C 28 14.19 -10.45 8.85
N THR C 29 15.51 -10.43 8.87
CA THR C 29 16.26 -10.77 10.07
C THR C 29 16.18 -9.63 11.08
N LYS C 30 16.70 -9.85 12.28
CA LYS C 30 16.68 -8.81 13.31
C LYS C 30 17.47 -7.59 12.87
N GLY C 31 18.53 -7.83 12.10
CA GLY C 31 19.35 -6.74 11.61
C GLY C 31 18.66 -5.93 10.54
N GLU C 32 18.02 -6.62 9.60
CA GLU C 32 17.31 -5.96 8.50
C GLU C 32 16.08 -5.24 9.01
N LEU C 33 15.39 -5.86 9.97
CA LEU C 33 14.19 -5.27 10.54
C LEU C 33 14.48 -3.89 11.12
N LYS C 34 15.63 -3.78 11.78
CA LYS C 34 16.04 -2.50 12.36
C LYS C 34 16.26 -1.48 11.27
N VAL C 35 16.89 -1.89 10.18
CA VAL C 35 17.15 -0.99 9.05
C VAL C 35 15.84 -0.51 8.44
N LEU C 36 14.90 -1.44 8.29
CA LEU C 36 13.59 -1.11 7.73
C LEU C 36 12.87 -0.07 8.60
N MET C 37 12.85 -0.33 9.90
CA MET C 37 12.19 0.57 10.84
C MET C 37 13.00 1.84 11.07
N GLU C 38 14.21 1.87 10.53
CA GLU C 38 15.07 3.03 10.68
C GLU C 38 15.04 3.90 9.42
N LYS C 39 14.31 3.44 8.41
CA LYS C 39 14.22 4.17 7.15
C LYS C 39 12.76 4.40 6.75
N GLU C 40 11.96 3.34 6.77
CA GLU C 40 10.56 3.43 6.40
C GLU C 40 9.73 4.14 7.48
N LEU C 41 9.78 3.61 8.69
CA LEU C 41 9.04 4.20 9.80
C LEU C 41 9.97 4.56 10.96
N PRO C 42 10.93 5.48 10.74
CA PRO C 42 11.88 5.89 11.77
C PRO C 42 11.22 6.86 12.74
N GLY C 43 11.00 6.40 13.96
CA GLY C 43 10.38 7.23 14.96
C GLY C 43 9.27 6.51 15.68
N PHE C 44 8.89 5.34 15.17
CA PHE C 44 7.84 4.56 15.80
C PHE C 44 8.40 3.78 16.98
N LEU C 45 9.71 3.66 17.02
CA LEU C 45 10.39 2.95 18.10
C LEU C 45 10.36 3.78 19.37
N GLN C 46 10.10 3.12 20.49
CA GLN C 46 10.05 3.79 21.78
C GLN C 46 11.43 4.26 22.20
N SER C 47 12.46 3.58 21.70
CA SER C 47 13.84 3.90 22.00
C SER C 47 14.45 4.77 20.90
N GLY C 48 13.60 5.55 20.24
CA GLY C 48 14.07 6.43 19.17
C GLY C 48 14.30 5.69 17.87
N LYS C 49 15.49 5.13 17.73
CA LYS C 49 15.85 4.40 16.52
C LYS C 49 17.01 3.44 16.80
N ASP C 50 17.22 3.11 18.06
CA ASP C 50 18.29 2.20 18.45
C ASP C 50 17.75 0.81 18.73
N LYS C 51 18.41 0.05 19.60
CA LYS C 51 17.98 -1.30 19.94
C LYS C 51 16.82 -1.26 20.93
N ASP C 52 16.76 -2.26 21.80
CA ASP C 52 15.71 -2.37 22.84
C ASP C 52 14.35 -2.73 22.23
N ALA C 53 13.77 -1.80 21.48
CA ALA C 53 12.47 -1.99 20.86
C ALA C 53 12.54 -2.97 19.69
N VAL C 54 13.69 -3.01 19.02
CA VAL C 54 13.87 -3.90 17.87
C VAL C 54 13.61 -5.36 18.25
N ASP C 55 14.21 -5.79 19.34
CA ASP C 55 14.05 -7.16 19.83
C ASP C 55 12.60 -7.45 20.17
N LYS C 56 11.95 -6.47 20.79
CA LYS C 56 10.56 -6.59 21.19
C LYS C 56 9.65 -6.72 19.96
N LEU C 57 9.87 -5.85 18.98
CA LEU C 57 9.07 -5.85 17.76
C LEU C 57 9.23 -7.17 17.02
N LEU C 58 10.45 -7.68 16.95
CA LEU C 58 10.72 -8.94 16.27
C LEU C 58 9.95 -10.07 16.92
N LYS C 59 10.04 -10.17 18.24
CA LYS C 59 9.37 -11.23 18.98
C LYS C 59 7.86 -11.05 18.99
N ASP C 60 7.40 -9.82 18.77
CA ASP C 60 5.97 -9.52 18.75
C ASP C 60 5.37 -9.88 17.39
N LEU C 61 6.22 -9.94 16.37
CA LEU C 61 5.78 -10.28 15.03
C LEU C 61 6.07 -11.73 14.70
N ASP C 62 7.21 -12.23 15.16
CA ASP C 62 7.62 -13.62 14.94
C ASP C 62 6.60 -14.57 15.55
N ALA C 63 5.73 -15.10 14.71
CA ALA C 63 4.72 -16.03 15.16
C ALA C 63 5.08 -17.44 14.73
N ASN C 64 5.93 -17.53 13.72
CA ASN C 64 6.39 -18.81 13.20
C ASN C 64 7.47 -19.39 14.12
N GLY C 65 8.16 -18.52 14.85
CA GLY C 65 9.19 -18.96 15.78
C GLY C 65 10.52 -19.24 15.10
N ASP C 66 11.09 -18.24 14.45
CA ASP C 66 12.38 -18.40 13.78
C ASP C 66 13.23 -17.15 13.94
N ALA C 67 12.66 -16.14 14.60
CA ALA C 67 13.37 -14.87 14.83
C ALA C 67 13.54 -14.12 13.51
N GLN C 68 12.69 -14.48 12.55
CA GLN C 68 12.69 -13.88 11.24
C GLN C 68 11.27 -13.50 10.87
N VAL C 69 11.08 -12.24 10.53
CA VAL C 69 9.75 -11.76 10.17
C VAL C 69 9.47 -12.05 8.69
N ASP C 70 8.50 -12.92 8.43
CA ASP C 70 8.13 -13.26 7.07
C ASP C 70 7.09 -12.27 6.55
N PHE C 71 6.80 -12.33 5.26
CA PHE C 71 5.85 -11.41 4.65
C PHE C 71 4.45 -11.56 5.26
N SER C 72 4.09 -12.79 5.62
CA SER C 72 2.78 -13.05 6.21
C SER C 72 2.65 -12.32 7.55
N GLU C 73 3.74 -12.30 8.32
CA GLU C 73 3.77 -11.63 9.62
C GLU C 73 3.93 -10.12 9.44
N PHE C 74 4.78 -9.75 8.48
CA PHE C 74 5.06 -8.34 8.19
C PHE C 74 3.80 -7.61 7.72
N ILE C 75 3.01 -8.27 6.88
CA ILE C 75 1.79 -7.65 6.35
C ILE C 75 0.81 -7.34 7.48
N VAL C 76 0.84 -8.13 8.54
CA VAL C 76 -0.04 -7.92 9.69
C VAL C 76 0.35 -6.64 10.41
N PHE C 77 1.64 -6.41 10.54
CA PHE C 77 2.16 -5.22 11.20
C PHE C 77 1.70 -3.97 10.47
N VAL C 78 1.91 -3.96 9.15
CA VAL C 78 1.52 -2.83 8.31
C VAL C 78 0.01 -2.59 8.41
N ALA C 79 -0.76 -3.66 8.35
CA ALA C 79 -2.21 -3.57 8.43
C ALA C 79 -2.66 -2.97 9.76
N ALA C 80 -2.05 -3.44 10.85
CA ALA C 80 -2.38 -2.94 12.19
C ALA C 80 -2.10 -1.45 12.32
N ILE C 81 -0.93 -1.02 11.87
CA ILE C 81 -0.55 0.39 11.94
C ILE C 81 -1.51 1.25 11.12
N THR C 82 -1.80 0.82 9.90
CA THR C 82 -2.71 1.56 9.03
C THR C 82 -4.12 1.63 9.62
N SER C 83 -4.54 0.53 10.25
CA SER C 83 -5.86 0.47 10.87
C SER C 83 -5.98 1.52 11.97
N ALA C 84 -5.01 1.53 12.87
CA ALA C 84 -5.00 2.48 13.99
C ALA C 84 -4.99 3.92 13.49
N CYS C 85 -4.24 4.19 12.43
CA CYS C 85 -4.16 5.52 11.86
C CYS C 85 -5.52 6.00 11.38
N HIS C 86 -6.19 5.18 10.58
CA HIS C 86 -7.51 5.54 10.04
C HIS C 86 -8.53 5.66 11.16
N LYS C 87 -8.46 4.74 12.12
CA LYS C 87 -9.39 4.74 13.24
C LYS C 87 -9.23 6.02 14.06
N TYR C 88 -8.00 6.50 14.17
CA TYR C 88 -7.74 7.73 14.91
C TYR C 88 -8.42 8.91 14.23
N PHE C 89 -8.33 8.96 12.91
CA PHE C 89 -8.94 10.03 12.14
C PHE C 89 -10.46 9.93 12.24
N GLU C 90 -10.96 8.71 12.28
CA GLU C 90 -12.39 8.45 12.40
C GLU C 90 -12.90 9.03 13.72
N LYS C 91 -12.11 8.83 14.77
CA LYS C 91 -12.45 9.33 16.10
C LYS C 91 -12.07 10.81 16.25
N ALA C 92 -11.50 11.36 15.19
CA ALA C 92 -11.10 12.76 15.19
C ALA C 92 -12.10 13.60 14.43
N GLY C 93 -13.00 12.93 13.71
CA GLY C 93 -14.01 13.63 12.95
C GLY C 93 -15.01 14.33 13.85
N LEU C 94 -15.22 13.74 15.02
CA LEU C 94 -16.14 14.29 15.99
C LEU C 94 -15.38 15.17 16.98
N ALA D 1 -14.79 17.77 14.74
CA ALA D 1 -13.41 18.23 14.49
C ALA D 1 -13.30 19.73 14.67
N MET D 2 -12.11 20.21 14.98
CA MET D 2 -11.86 21.62 15.17
C MET D 2 -10.41 21.95 14.84
N ALA D 3 -10.20 22.99 14.04
CA ALA D 3 -8.85 23.39 13.65
C ALA D 3 -8.76 24.91 13.51
N GLN D 4 -7.67 25.49 13.99
CA GLN D 4 -7.45 26.93 13.90
C GLN D 4 -7.14 27.33 12.47
N ASN D 5 -7.56 28.54 12.10
CA ASN D 5 -7.33 29.03 10.74
C ASN D 5 -6.05 29.85 10.67
N ILE D 6 -5.12 29.41 9.83
CA ILE D 6 -3.85 30.09 9.64
C ILE D 6 -3.64 30.39 8.16
N THR D 7 -3.61 31.65 7.81
CA THR D 7 -3.40 32.05 6.43
C THR D 7 -1.92 32.31 6.17
N ALA D 8 -1.39 31.72 5.11
CA ALA D 8 0.02 31.88 4.77
C ALA D 8 0.18 32.32 3.33
N ARG D 9 1.43 32.49 2.92
CA ARG D 9 1.76 32.91 1.57
C ARG D 9 2.70 31.88 0.94
N ILE D 10 2.49 31.59 -0.34
CA ILE D 10 3.33 30.65 -1.04
C ILE D 10 4.73 31.21 -1.21
N GLY D 11 5.71 30.52 -0.64
CA GLY D 11 7.09 30.97 -0.73
C GLY D 11 7.52 31.73 0.50
N GLU D 12 6.67 31.73 1.51
CA GLU D 12 6.94 32.43 2.75
C GLU D 12 7.39 31.44 3.83
N PRO D 13 8.47 31.76 4.56
CA PRO D 13 8.97 30.90 5.64
C PRO D 13 8.06 30.96 6.86
N LEU D 14 7.65 29.79 7.34
CA LEU D 14 6.76 29.72 8.49
C LEU D 14 7.46 29.09 9.69
N VAL D 15 7.09 29.55 10.88
CA VAL D 15 7.66 29.03 12.11
C VAL D 15 6.52 28.61 13.05
N LEU D 16 6.29 27.32 13.13
CA LEU D 16 5.23 26.79 13.98
C LEU D 16 5.79 26.28 15.30
N LYS D 17 4.92 26.11 16.28
CA LYS D 17 5.32 25.61 17.59
C LYS D 17 4.37 24.50 18.02
N CYS D 18 4.90 23.31 18.23
CA CYS D 18 4.07 22.18 18.63
C CYS D 18 4.48 21.64 20.00
N LYS D 19 3.49 21.42 20.84
CA LYS D 19 3.71 20.90 22.18
C LYS D 19 3.35 19.43 22.25
N GLY D 20 3.38 18.87 23.44
CA GLY D 20 3.04 17.46 23.61
C GLY D 20 4.00 16.76 24.54
N ALA D 21 5.29 16.84 24.23
CA ALA D 21 6.32 16.20 25.03
C ALA D 21 6.49 16.93 26.36
N PRO D 22 6.28 16.23 27.49
CA PRO D 22 6.41 16.81 28.82
C PRO D 22 7.88 16.84 29.29
N LYS D 23 8.07 17.04 30.58
CA LYS D 23 9.42 17.09 31.15
C LYS D 23 9.94 15.68 31.38
N LYS D 24 10.01 14.90 30.31
CA LYS D 24 10.49 13.53 30.35
C LYS D 24 11.41 13.29 29.16
N PRO D 25 12.24 12.22 29.21
CA PRO D 25 13.15 11.88 28.11
C PRO D 25 12.45 11.82 26.75
N PRO D 26 13.17 12.19 25.68
CA PRO D 26 12.64 12.20 24.31
C PRO D 26 11.94 10.89 23.94
N GLN D 27 10.67 11.00 23.59
CA GLN D 27 9.87 9.85 23.22
C GLN D 27 9.63 9.82 21.71
N ARG D 28 8.73 8.96 21.26
CA ARG D 28 8.44 8.84 19.85
C ARG D 28 7.40 9.87 19.43
N LEU D 29 7.56 10.43 18.23
CA LEU D 29 6.66 11.45 17.71
C LEU D 29 6.03 10.99 16.40
N GLU D 30 4.86 10.37 16.50
CA GLU D 30 4.17 9.88 15.31
C GLU D 30 3.30 10.97 14.70
N TRP D 31 3.95 11.83 13.91
CA TRP D 31 3.30 12.95 13.23
C TRP D 31 2.19 12.47 12.31
N LYS D 32 1.15 13.30 12.16
CA LYS D 32 0.01 12.98 11.31
C LYS D 32 -0.60 14.28 10.76
N LEU D 33 -1.55 14.16 9.84
CA LEU D 33 -2.22 15.31 9.26
C LEU D 33 -3.45 14.85 8.49
N ASN D 34 -4.45 15.70 8.42
CA ASN D 34 -5.69 15.37 7.70
C ASN D 34 -5.77 16.11 6.38
N THR D 35 -5.59 15.37 5.29
CA THR D 35 -5.65 15.94 3.95
C THR D 35 -6.05 14.87 2.93
N GLY D 36 -6.43 15.28 1.73
CA GLY D 36 -6.80 14.33 0.71
C GLY D 36 -5.60 13.68 0.06
N ARG D 37 -4.50 14.41 0.00
CA ARG D 37 -3.26 13.89 -0.60
C ARG D 37 -2.36 13.34 0.50
N THR D 38 -2.12 14.15 1.53
CA THR D 38 -1.30 13.74 2.67
C THR D 38 0.13 13.35 2.26
N GLU D 39 0.67 14.02 1.23
CA GLU D 39 2.01 13.72 0.75
C GLU D 39 3.07 14.36 1.64
N ALA D 40 2.65 15.28 2.50
CA ALA D 40 3.55 15.95 3.42
C ALA D 40 3.63 15.20 4.74
N TRP D 41 3.23 13.93 4.69
CA TRP D 41 3.24 13.07 5.87
C TRP D 41 4.57 12.35 6.01
N LYS D 42 4.96 12.09 7.26
CA LYS D 42 6.20 11.39 7.58
C LYS D 42 6.36 11.31 9.09
N VAL D 43 6.70 10.12 9.59
CA VAL D 43 6.88 9.91 11.02
C VAL D 43 8.20 10.52 11.50
N LEU D 44 8.15 11.28 12.58
CA LEU D 44 9.34 11.93 13.12
C LEU D 44 10.01 11.05 14.18
N SER D 45 11.30 11.26 14.37
CA SER D 45 12.06 10.51 15.35
C SER D 45 12.99 11.44 16.12
N PRO D 46 13.16 11.21 17.43
CA PRO D 46 14.05 12.02 18.28
C PRO D 46 15.52 11.92 17.85
N GLN D 47 15.85 10.89 17.08
CA GLN D 47 17.21 10.69 16.61
C GLN D 47 17.24 10.31 15.14
N GLY D 48 16.11 10.50 14.47
CA GLY D 48 16.02 10.18 13.06
C GLY D 48 15.19 11.18 12.29
N GLY D 49 15.55 11.43 11.04
CA GLY D 49 14.83 12.38 10.22
C GLY D 49 14.18 11.74 9.00
N GLY D 50 14.91 11.72 7.89
CA GLY D 50 14.38 11.14 6.68
C GLY D 50 14.13 12.19 5.62
N PRO D 51 13.29 11.89 4.60
CA PRO D 51 12.99 12.83 3.51
C PRO D 51 12.22 14.05 3.99
N TRP D 52 11.60 13.95 5.15
CA TRP D 52 10.83 15.05 5.70
C TRP D 52 11.74 16.14 6.22
N ASP D 53 12.95 15.75 6.62
CA ASP D 53 13.95 16.68 7.15
C ASP D 53 14.36 17.70 6.08
N SER D 54 14.28 17.27 4.83
CA SER D 54 14.64 18.13 3.70
C SER D 54 13.49 19.06 3.34
N VAL D 55 12.35 18.87 4.00
CA VAL D 55 11.16 19.68 3.75
C VAL D 55 10.91 20.62 4.92
N ALA D 56 10.83 20.05 6.12
CA ALA D 56 10.59 20.82 7.33
C ALA D 56 11.64 20.48 8.38
N ARG D 57 12.12 21.50 9.08
CA ARG D 57 13.14 21.30 10.11
C ARG D 57 12.55 21.51 11.50
N VAL D 58 12.64 20.48 12.32
CA VAL D 58 12.14 20.55 13.68
C VAL D 58 13.27 20.94 14.63
N LEU D 59 13.05 21.98 15.40
CA LEU D 59 14.05 22.46 16.34
C LEU D 59 13.87 21.75 17.68
N PRO D 60 14.97 21.53 18.41
CA PRO D 60 14.94 20.84 19.73
C PRO D 60 14.04 21.52 20.76
N ASN D 61 13.66 22.76 20.51
CA ASN D 61 12.80 23.49 21.44
C ASN D 61 11.32 23.18 21.17
N GLY D 62 11.04 22.52 20.06
CA GLY D 62 9.67 22.18 19.73
C GLY D 62 9.09 23.04 18.63
N SER D 63 9.94 23.80 17.95
CA SER D 63 9.49 24.67 16.87
C SER D 63 9.70 24.00 15.52
N LEU D 64 8.77 24.23 14.61
CA LEU D 64 8.84 23.66 13.28
C LEU D 64 9.13 24.76 12.27
N PHE D 65 10.26 24.66 11.58
CA PHE D 65 10.64 25.65 10.60
C PHE D 65 10.38 25.17 9.18
N LEU D 66 9.62 25.95 8.44
CA LEU D 66 9.30 25.64 7.06
C LEU D 66 9.96 26.69 6.15
N PRO D 67 11.01 26.29 5.41
CA PRO D 67 11.75 27.19 4.53
C PRO D 67 10.87 27.94 3.54
N ALA D 68 10.00 27.23 2.85
CA ALA D 68 9.10 27.85 1.88
C ALA D 68 7.80 27.08 1.78
N VAL D 69 6.76 27.64 2.36
CA VAL D 69 5.43 27.00 2.33
C VAL D 69 4.79 27.16 0.97
N GLY D 70 4.42 26.05 0.36
CA GLY D 70 3.79 26.09 -0.95
C GLY D 70 2.41 25.45 -0.92
N ILE D 71 2.05 24.76 -1.99
CA ILE D 71 0.75 24.10 -2.07
C ILE D 71 0.80 22.69 -1.52
N GLN D 72 2.00 22.15 -1.39
CA GLN D 72 2.18 20.79 -0.87
C GLN D 72 2.15 20.81 0.66
N ASP D 73 2.44 21.98 1.21
CA ASP D 73 2.48 22.18 2.66
C ASP D 73 1.15 22.71 3.18
N GLU D 74 0.13 22.64 2.34
CA GLU D 74 -1.19 23.11 2.73
C GLU D 74 -2.01 21.97 3.31
N GLY D 75 -2.90 22.29 4.24
CA GLY D 75 -3.73 21.27 4.84
C GLY D 75 -3.89 21.47 6.33
N ILE D 76 -4.16 20.40 7.05
CA ILE D 76 -4.34 20.47 8.49
C ILE D 76 -3.31 19.59 9.20
N PHE D 77 -2.24 20.21 9.68
CA PHE D 77 -1.16 19.51 10.37
C PHE D 77 -1.63 19.06 11.75
N ARG D 78 -1.18 17.89 12.18
CA ARG D 78 -1.56 17.35 13.47
C ARG D 78 -0.35 16.82 14.24
N CYS D 79 0.19 17.66 15.13
CA CYS D 79 1.33 17.27 15.94
C CYS D 79 0.86 16.36 17.07
N GLN D 80 1.21 15.09 16.98
CA GLN D 80 0.79 14.11 17.99
C GLN D 80 1.98 13.25 18.42
N ALA D 81 2.07 13.02 19.72
CA ALA D 81 3.13 12.20 20.29
C ALA D 81 2.50 11.09 21.11
N MET D 82 3.17 9.95 21.22
CA MET D 82 2.63 8.84 21.98
C MET D 82 3.65 8.28 22.95
N ASN D 83 3.31 8.33 24.22
CA ASN D 83 4.19 7.80 25.27
C ASN D 83 3.88 6.32 25.50
N ARG D 84 4.81 5.60 26.12
CA ARG D 84 4.64 4.18 26.37
C ARG D 84 3.47 3.92 27.32
N ASN D 85 2.97 4.97 27.95
CA ASN D 85 1.85 4.84 28.88
C ASN D 85 0.52 5.06 28.17
N GLY D 86 0.56 5.12 26.84
CA GLY D 86 -0.65 5.32 26.07
C GLY D 86 -1.23 6.71 26.22
N LYS D 87 -0.43 7.72 25.87
CA LYS D 87 -0.88 9.10 25.98
C LYS D 87 -0.59 9.85 24.68
N GLU D 88 -1.61 10.53 24.16
CA GLU D 88 -1.49 11.29 22.92
C GLU D 88 -2.05 12.70 23.11
N THR D 89 -2.26 13.42 22.00
CA THR D 89 -2.79 14.77 22.05
C THR D 89 -3.49 15.13 20.73
N LYS D 90 -4.64 15.79 20.83
CA LYS D 90 -5.40 16.19 19.66
C LYS D 90 -5.12 17.64 19.30
N SER D 91 -4.02 17.87 18.58
CA SER D 91 -3.65 19.22 18.16
C SER D 91 -3.70 19.32 16.63
N ASN D 92 -4.59 20.16 16.12
CA ASN D 92 -4.74 20.32 14.67
C ASN D 92 -4.70 21.80 14.27
N TYR D 93 -3.93 22.10 13.23
CA TYR D 93 -3.82 23.47 12.72
C TYR D 93 -4.05 23.49 11.22
N ARG D 94 -4.97 24.34 10.77
CA ARG D 94 -5.30 24.41 9.35
C ARG D 94 -4.58 25.57 8.67
N VAL D 95 -3.72 25.23 7.73
CA VAL D 95 -2.96 26.24 7.00
C VAL D 95 -3.46 26.35 5.56
N ARG D 96 -3.64 27.58 5.10
CA ARG D 96 -4.11 27.84 3.74
C ARG D 96 -3.47 29.12 3.20
N VAL D 97 -3.04 29.08 1.96
CA VAL D 97 -2.42 30.25 1.34
C VAL D 97 -3.45 31.14 0.66
N TYR D 98 -3.00 32.23 0.07
CA TYR D 98 -3.91 33.16 -0.62
C TYR D 98 -4.14 32.71 -2.06
N GLN D 99 -3.09 32.23 -2.71
CA GLN D 99 -3.20 31.78 -4.09
C GLN D 99 -3.35 30.26 -4.12
N ILE D 100 -4.55 29.79 -3.79
CA ILE D 100 -4.84 28.37 -3.77
C ILE D 100 -5.19 27.84 -5.15
N PRO D 101 -4.68 26.65 -5.50
CA PRO D 101 -4.95 26.03 -6.80
C PRO D 101 -6.21 25.17 -6.76
N ALA A 1 13.15 -22.32 -10.57
CA ALA A 1 12.42 -21.39 -11.46
C ALA A 1 12.45 -21.89 -12.90
N MET A 2 11.42 -21.58 -13.67
CA MET A 2 11.35 -22.01 -15.06
C MET A 2 10.57 -21.00 -15.89
N ALA A 3 11.12 -20.63 -17.05
CA ALA A 3 10.47 -19.68 -17.94
C ALA A 3 11.07 -19.77 -19.34
N GLN A 4 10.21 -19.70 -20.35
CA GLN A 4 10.64 -19.77 -21.75
C GLN A 4 11.14 -18.40 -22.18
N ASN A 5 12.31 -18.36 -22.81
CA ASN A 5 12.88 -17.08 -23.26
C ASN A 5 12.49 -16.77 -24.70
N ILE A 6 11.96 -15.57 -24.91
CA ILE A 6 11.55 -15.12 -26.23
C ILE A 6 12.14 -13.75 -26.53
N THR A 7 12.87 -13.65 -27.63
CA THR A 7 13.49 -12.39 -28.01
C THR A 7 12.55 -11.56 -28.88
N ALA A 8 12.49 -10.26 -28.60
CA ALA A 8 11.63 -9.35 -29.35
C ALA A 8 12.31 -8.00 -29.54
N ARG A 9 11.67 -7.13 -30.30
CA ARG A 9 12.20 -5.80 -30.57
C ARG A 9 11.31 -4.74 -29.95
N ILE A 10 11.91 -3.65 -29.48
CA ILE A 10 11.16 -2.57 -28.88
C ILE A 10 10.30 -1.85 -29.92
N GLY A 11 9.02 -1.71 -29.62
CA GLY A 11 8.12 -1.04 -30.55
C GLY A 11 7.55 -2.01 -31.57
N GLU A 12 7.66 -3.29 -31.30
CA GLU A 12 7.16 -4.31 -32.20
C GLU A 12 5.94 -5.00 -31.59
N PRO A 13 4.87 -5.19 -32.37
CA PRO A 13 3.66 -5.87 -31.91
C PRO A 13 3.87 -7.37 -31.73
N LEU A 14 3.42 -7.90 -30.61
CA LEU A 14 3.58 -9.32 -30.32
C LEU A 14 2.25 -9.95 -29.89
N VAL A 15 2.05 -11.19 -30.29
CA VAL A 15 0.83 -11.92 -29.93
C VAL A 15 1.20 -13.22 -29.22
N LEU A 16 0.78 -13.34 -27.97
CA LEU A 16 1.07 -14.53 -27.18
C LEU A 16 -0.20 -15.34 -26.94
N LYS A 17 -0.04 -16.58 -26.52
CA LYS A 17 -1.17 -17.44 -26.24
C LYS A 17 -1.10 -17.94 -24.81
N CYS A 18 -2.10 -17.62 -24.02
CA CYS A 18 -2.13 -18.03 -22.63
C CYS A 18 -3.29 -18.96 -22.35
N LYS A 19 -2.99 -20.25 -22.23
CA LYS A 19 -4.01 -21.24 -21.95
C LYS A 19 -4.22 -21.35 -20.44
N GLY A 20 -5.28 -22.05 -20.04
CA GLY A 20 -5.56 -22.19 -18.62
C GLY A 20 -7.02 -22.46 -18.38
N ALA A 21 -7.86 -21.94 -19.25
CA ALA A 21 -9.30 -22.13 -19.14
C ALA A 21 -9.70 -23.46 -19.78
N PRO A 22 -10.23 -24.39 -18.98
CA PRO A 22 -10.67 -25.70 -19.48
C PRO A 22 -12.04 -25.61 -20.13
N LYS A 23 -12.72 -26.75 -20.25
CA LYS A 23 -14.04 -26.79 -20.86
C LYS A 23 -15.09 -26.36 -19.83
N LYS A 24 -15.01 -25.11 -19.42
CA LYS A 24 -15.92 -24.54 -18.43
C LYS A 24 -16.23 -23.09 -18.80
N PRO A 25 -17.26 -22.49 -18.18
CA PRO A 25 -17.63 -21.10 -18.42
C PRO A 25 -16.57 -20.14 -17.90
N PRO A 26 -16.47 -18.93 -18.50
CA PRO A 26 -15.50 -17.92 -18.09
C PRO A 26 -15.53 -17.67 -16.58
N GLN A 27 -14.42 -17.94 -15.92
CA GLN A 27 -14.34 -17.75 -14.47
C GLN A 27 -13.32 -16.68 -14.11
N ARG A 28 -12.88 -16.70 -12.85
CA ARG A 28 -11.93 -15.74 -12.32
C ARG A 28 -10.50 -16.03 -12.82
N LEU A 29 -9.85 -14.99 -13.33
CA LEU A 29 -8.49 -15.11 -13.85
C LEU A 29 -7.56 -14.09 -13.19
N GLU A 30 -6.68 -14.57 -12.33
CA GLU A 30 -5.75 -13.69 -11.63
C GLU A 30 -4.44 -13.57 -12.37
N TRP A 31 -4.39 -12.70 -13.37
CA TRP A 31 -3.17 -12.50 -14.14
C TRP A 31 -2.06 -11.95 -13.25
N LYS A 32 -0.87 -12.52 -13.37
CA LYS A 32 0.27 -12.10 -12.56
C LYS A 32 1.55 -12.13 -13.40
N LEU A 33 2.66 -11.76 -12.78
CA LEU A 33 3.96 -11.76 -13.43
C LEU A 33 5.05 -11.51 -12.38
N ASN A 34 6.28 -11.90 -12.71
CA ASN A 34 7.40 -11.74 -11.79
C ASN A 34 8.35 -10.68 -12.33
N THR A 35 8.43 -9.56 -11.64
CA THR A 35 9.30 -8.46 -12.05
C THR A 35 9.72 -7.61 -10.87
N GLY A 36 10.67 -6.70 -11.09
CA GLY A 36 11.12 -5.82 -10.04
C GLY A 36 10.21 -4.62 -9.92
N ARG A 37 9.87 -4.03 -11.06
CA ARG A 37 8.98 -2.87 -11.09
C ARG A 37 7.53 -3.33 -11.10
N THR A 38 7.20 -4.22 -12.04
CA THR A 38 5.86 -4.79 -12.16
C THR A 38 4.81 -3.71 -12.41
N GLU A 39 5.10 -2.80 -13.33
CA GLU A 39 4.18 -1.73 -13.66
C GLU A 39 3.07 -2.23 -14.60
N ALA A 40 3.38 -3.30 -15.33
CA ALA A 40 2.42 -3.86 -16.29
C ALA A 40 1.46 -4.85 -15.62
N TRP A 41 1.45 -4.89 -14.30
CA TRP A 41 0.57 -5.80 -13.58
C TRP A 41 -0.84 -5.25 -13.50
N LYS A 42 -1.82 -6.13 -13.69
CA LYS A 42 -3.23 -5.76 -13.64
C LYS A 42 -4.10 -7.01 -13.69
N VAL A 43 -5.05 -7.10 -12.77
CA VAL A 43 -5.95 -8.25 -12.72
C VAL A 43 -6.85 -8.31 -13.96
N LEU A 44 -7.00 -9.50 -14.52
CA LEU A 44 -7.82 -9.68 -15.72
C LEU A 44 -9.21 -10.16 -15.34
N SER A 45 -10.15 -10.04 -16.27
CA SER A 45 -11.51 -10.46 -16.04
C SER A 45 -12.23 -10.64 -17.38
N PRO A 46 -13.06 -11.70 -17.50
CA PRO A 46 -13.82 -11.95 -18.72
C PRO A 46 -15.06 -11.06 -18.79
N GLN A 47 -15.22 -10.22 -17.77
CA GLN A 47 -16.36 -9.32 -17.69
C GLN A 47 -15.90 -7.87 -17.47
N GLY A 48 -14.92 -7.68 -16.60
CA GLY A 48 -14.41 -6.35 -16.31
C GLY A 48 -13.04 -6.12 -16.94
N GLY A 49 -12.69 -4.86 -17.19
CA GLY A 49 -11.40 -4.56 -17.79
C GLY A 49 -10.49 -3.76 -16.88
N GLY A 50 -10.10 -2.58 -17.34
CA GLY A 50 -9.22 -1.73 -16.55
C GLY A 50 -8.23 -0.98 -17.44
N PRO A 51 -7.30 -0.22 -16.84
CA PRO A 51 -6.29 0.55 -17.59
C PRO A 51 -5.36 -0.33 -18.42
N TRP A 52 -5.30 -1.61 -18.08
CA TRP A 52 -4.44 -2.55 -18.79
C TRP A 52 -4.96 -2.78 -20.20
N ASP A 53 -6.25 -2.59 -20.38
CA ASP A 53 -6.90 -2.77 -21.67
C ASP A 53 -6.39 -1.74 -22.68
N SER A 54 -5.90 -0.63 -22.17
CA SER A 54 -5.37 0.42 -23.01
C SER A 54 -3.91 0.13 -23.36
N VAL A 55 -3.37 -0.91 -22.74
CA VAL A 55 -1.98 -1.31 -22.98
C VAL A 55 -1.95 -2.57 -23.85
N ALA A 56 -2.69 -3.58 -23.42
CA ALA A 56 -2.75 -4.84 -24.15
C ALA A 56 -4.18 -5.31 -24.29
N ARG A 57 -4.43 -6.12 -25.30
CA ARG A 57 -5.78 -6.63 -25.55
C ARG A 57 -5.79 -8.15 -25.53
N VAL A 58 -6.85 -8.72 -25.00
CA VAL A 58 -6.98 -10.17 -24.93
C VAL A 58 -8.12 -10.62 -25.83
N LEU A 59 -7.80 -11.47 -26.80
CA LEU A 59 -8.79 -11.98 -27.73
C LEU A 59 -9.57 -13.11 -27.06
N PRO A 60 -10.83 -13.34 -27.49
CA PRO A 60 -11.70 -14.38 -26.91
C PRO A 60 -11.11 -15.80 -27.03
N ASN A 61 -10.08 -15.95 -27.84
CA ASN A 61 -9.45 -17.25 -28.03
C ASN A 61 -8.34 -17.47 -27.00
N GLY A 62 -8.06 -16.45 -26.20
CA GLY A 62 -7.03 -16.56 -25.19
C GLY A 62 -5.68 -16.04 -25.64
N SER A 63 -5.68 -15.17 -26.64
CA SER A 63 -4.42 -14.61 -27.14
C SER A 63 -4.21 -13.20 -26.59
N LEU A 64 -2.96 -12.91 -26.25
CA LEU A 64 -2.58 -11.62 -25.72
C LEU A 64 -1.93 -10.78 -26.83
N PHE A 65 -2.55 -9.67 -27.16
CA PHE A 65 -2.05 -8.80 -28.21
C PHE A 65 -1.42 -7.54 -27.64
N LEU A 66 -0.15 -7.35 -27.94
CA LEU A 66 0.59 -6.18 -27.49
C LEU A 66 0.90 -5.30 -28.71
N PRO A 67 0.29 -4.11 -28.78
CA PRO A 67 0.50 -3.17 -29.90
C PRO A 67 1.97 -2.81 -30.11
N ALA A 68 2.70 -2.66 -29.02
CA ALA A 68 4.11 -2.33 -29.09
C ALA A 68 4.82 -2.73 -27.80
N VAL A 69 5.66 -3.74 -27.90
CA VAL A 69 6.41 -4.23 -26.74
C VAL A 69 7.54 -3.25 -26.40
N GLY A 70 7.55 -2.79 -25.15
CA GLY A 70 8.57 -1.86 -24.72
C GLY A 70 9.39 -2.41 -23.56
N ILE A 71 9.93 -1.51 -22.75
CA ILE A 71 10.73 -1.92 -21.61
C ILE A 71 9.86 -2.17 -20.39
N GLN A 72 8.61 -1.74 -20.48
CA GLN A 72 7.67 -1.93 -19.39
C GLN A 72 7.13 -3.35 -19.42
N ASP A 73 7.17 -3.92 -20.62
CA ASP A 73 6.69 -5.28 -20.85
C ASP A 73 7.85 -6.26 -20.73
N GLU A 74 8.97 -5.75 -20.23
CA GLU A 74 10.18 -6.55 -20.05
C GLU A 74 10.15 -7.28 -18.72
N GLY A 75 9.64 -8.51 -18.73
CA GLY A 75 9.59 -9.30 -17.51
C GLY A 75 9.13 -10.71 -17.74
N ILE A 76 8.73 -11.37 -16.66
CA ILE A 76 8.26 -12.76 -16.73
C ILE A 76 6.75 -12.82 -16.50
N PHE A 77 6.00 -12.90 -17.59
CA PHE A 77 4.54 -12.97 -17.51
C PHE A 77 4.08 -14.30 -16.94
N ARG A 78 2.96 -14.28 -16.22
CA ARG A 78 2.42 -15.48 -15.62
C ARG A 78 0.90 -15.50 -15.73
N CYS A 79 0.41 -16.06 -16.83
CA CYS A 79 -1.04 -16.17 -17.06
C CYS A 79 -1.61 -17.27 -16.20
N GLN A 80 -2.24 -16.89 -15.09
CA GLN A 80 -2.81 -17.86 -14.17
C GLN A 80 -4.31 -17.61 -13.95
N ALA A 81 -5.07 -18.69 -13.94
CA ALA A 81 -6.50 -18.61 -13.69
C ALA A 81 -6.79 -19.20 -12.32
N MET A 82 -7.96 -18.93 -11.76
CA MET A 82 -8.28 -19.47 -10.45
C MET A 82 -9.75 -19.84 -10.33
N ASN A 83 -10.02 -21.14 -10.31
CA ASN A 83 -11.38 -21.64 -10.17
C ASN A 83 -11.74 -21.72 -8.70
N ARG A 84 -13.03 -21.68 -8.39
CA ARG A 84 -13.49 -21.72 -7.01
C ARG A 84 -13.23 -23.08 -6.38
N ASN A 85 -12.93 -24.06 -7.21
CA ASN A 85 -12.63 -25.40 -6.73
C ASN A 85 -11.14 -25.52 -6.41
N GLY A 86 -10.42 -24.42 -6.60
CA GLY A 86 -9.00 -24.40 -6.34
C GLY A 86 -8.20 -24.96 -7.48
N LYS A 87 -8.04 -24.17 -8.54
CA LYS A 87 -7.30 -24.61 -9.72
C LYS A 87 -6.58 -23.44 -10.38
N GLU A 88 -5.26 -23.55 -10.44
CA GLU A 88 -4.44 -22.53 -11.07
C GLU A 88 -3.37 -23.19 -11.93
N THR A 89 -2.53 -22.39 -12.58
CA THR A 89 -1.49 -22.94 -13.44
C THR A 89 -0.17 -22.17 -13.28
N LYS A 90 0.92 -22.92 -13.20
CA LYS A 90 2.24 -22.34 -13.03
C LYS A 90 2.91 -22.16 -14.39
N SER A 91 2.51 -21.12 -15.11
CA SER A 91 3.06 -20.83 -16.43
C SER A 91 3.82 -19.51 -16.40
N ASN A 92 5.03 -19.50 -16.97
CA ASN A 92 5.86 -18.31 -16.99
C ASN A 92 6.53 -18.11 -18.35
N TYR A 93 6.51 -16.87 -18.82
CA TYR A 93 7.12 -16.53 -20.11
C TYR A 93 8.08 -15.35 -19.92
N ARG A 94 9.31 -15.49 -20.40
CA ARG A 94 10.31 -14.44 -20.25
C ARG A 94 10.60 -13.79 -21.59
N VAL A 95 10.15 -12.57 -21.78
CA VAL A 95 10.38 -11.84 -23.01
C VAL A 95 11.57 -10.89 -22.83
N ARG A 96 12.45 -10.85 -23.80
CA ARG A 96 13.62 -10.00 -23.74
C ARG A 96 13.77 -9.22 -25.04
N VAL A 97 13.94 -7.90 -24.92
CA VAL A 97 14.08 -7.06 -26.10
C VAL A 97 15.55 -6.90 -26.51
N TYR A 98 15.77 -6.52 -27.75
CA TYR A 98 17.13 -6.33 -28.28
C TYR A 98 17.80 -5.12 -27.67
N GLN A 99 17.03 -4.11 -27.30
CA GLN A 99 17.57 -2.90 -26.70
C GLN A 99 17.07 -2.77 -25.27
N ILE A 100 17.85 -3.31 -24.34
CA ILE A 100 17.50 -3.28 -22.94
C ILE A 100 18.09 -2.06 -22.23
N PRO A 101 17.38 -1.54 -21.21
CA PRO A 101 17.82 -0.37 -20.44
C PRO A 101 18.94 -0.72 -19.46
N MET B 1 6.93 11.13 3.46
CA MET B 1 6.33 10.09 2.60
C MET B 1 7.43 9.21 2.01
N THR B 2 7.86 8.23 2.81
CA THR B 2 8.88 7.29 2.39
C THR B 2 8.25 6.23 1.49
N GLU B 3 8.96 5.14 1.27
CA GLU B 3 8.44 4.06 0.44
C GLU B 3 7.19 3.45 1.07
N LEU B 4 7.30 3.02 2.32
CA LEU B 4 6.19 2.42 3.02
C LEU B 4 5.11 3.45 3.36
N GLU B 5 5.53 4.67 3.74
CA GLU B 5 4.59 5.73 4.09
C GLU B 5 3.64 6.02 2.93
N THR B 6 4.20 6.08 1.72
CA THR B 6 3.40 6.35 0.52
C THR B 6 2.44 5.21 0.25
N ALA B 7 2.91 3.97 0.39
CA ALA B 7 2.09 2.79 0.17
C ALA B 7 0.91 2.77 1.14
N MET B 8 1.20 3.04 2.41
CA MET B 8 0.18 3.06 3.45
C MET B 8 -0.83 4.18 3.19
N GLY B 9 -0.31 5.36 2.89
CA GLY B 9 -1.17 6.50 2.62
C GLY B 9 -2.06 6.27 1.41
N MET B 10 -1.52 5.58 0.41
CA MET B 10 -2.26 5.29 -0.82
C MET B 10 -3.49 4.43 -0.52
N ILE B 11 -3.32 3.43 0.36
CA ILE B 11 -4.42 2.55 0.74
C ILE B 11 -5.55 3.37 1.38
N ILE B 12 -5.15 4.32 2.22
CA ILE B 12 -6.10 5.20 2.91
C ILE B 12 -6.86 6.04 1.90
N ASP B 13 -6.12 6.65 0.97
CA ASP B 13 -6.71 7.48 -0.08
C ASP B 13 -7.72 6.68 -0.90
N VAL B 14 -7.32 5.48 -1.32
CA VAL B 14 -8.19 4.61 -2.10
C VAL B 14 -9.49 4.37 -1.36
N PHE B 15 -9.39 4.01 -0.09
CA PHE B 15 -10.56 3.74 0.75
C PHE B 15 -11.49 4.95 0.79
N SER B 16 -10.93 6.09 1.15
CA SER B 16 -11.70 7.33 1.26
C SER B 16 -12.31 7.78 -0.07
N ARG B 17 -11.82 7.23 -1.18
CA ARG B 17 -12.33 7.59 -2.49
C ARG B 17 -13.56 6.75 -2.85
N TYR B 18 -13.83 5.72 -2.06
CA TYR B 18 -14.98 4.85 -2.33
C TYR B 18 -16.02 4.96 -1.22
N SER B 19 -15.58 4.91 0.03
CA SER B 19 -16.50 5.01 1.15
C SER B 19 -16.98 6.45 1.31
N GLY B 20 -18.28 6.65 1.21
CA GLY B 20 -18.84 7.98 1.34
C GLY B 20 -19.93 8.24 0.33
N SER B 21 -20.31 7.19 -0.39
CA SER B 21 -21.36 7.30 -1.39
C SER B 21 -22.71 7.35 -0.69
N GLU B 22 -22.88 6.51 0.32
CA GLU B 22 -24.10 6.44 1.09
C GLU B 22 -23.85 5.70 2.40
N GLY B 23 -24.70 5.94 3.39
CA GLY B 23 -24.55 5.28 4.67
C GLY B 23 -23.55 5.98 5.58
N SER B 24 -22.29 5.96 5.19
CA SER B 24 -21.25 6.59 5.98
C SER B 24 -20.01 6.87 5.11
N THR B 25 -19.04 7.55 5.69
CA THR B 25 -17.81 7.88 4.98
C THR B 25 -16.63 7.08 5.50
N GLN B 26 -16.88 6.29 6.55
CA GLN B 26 -15.84 5.48 7.16
C GLN B 26 -16.13 3.99 7.02
N THR B 27 -17.14 3.66 6.23
CA THR B 27 -17.50 2.26 6.02
C THR B 27 -17.93 2.02 4.59
N LEU B 28 -17.69 0.82 4.10
CA LEU B 28 -18.06 0.44 2.74
C LEU B 28 -19.33 -0.39 2.73
N THR B 29 -20.37 0.13 2.08
CA THR B 29 -21.63 -0.58 1.96
C THR B 29 -21.54 -1.63 0.85
N LYS B 30 -22.60 -2.41 0.65
CA LYS B 30 -22.61 -3.44 -0.39
C LYS B 30 -22.39 -2.84 -1.78
N GLY B 31 -23.06 -1.72 -2.03
CA GLY B 31 -22.92 -1.05 -3.32
C GLY B 31 -21.53 -0.52 -3.54
N GLU B 32 -20.98 0.13 -2.51
CA GLU B 32 -19.63 0.69 -2.59
C GLU B 32 -18.59 -0.41 -2.75
N LEU B 33 -18.78 -1.51 -2.02
CA LEU B 33 -17.87 -2.64 -2.10
C LEU B 33 -17.84 -3.18 -3.53
N LYS B 34 -18.99 -3.18 -4.17
CA LYS B 34 -19.10 -3.64 -5.55
C LYS B 34 -18.31 -2.73 -6.47
N VAL B 35 -18.52 -1.42 -6.30
CA VAL B 35 -17.82 -0.42 -7.11
C VAL B 35 -16.30 -0.56 -6.92
N LEU B 36 -15.90 -0.81 -5.68
CA LEU B 36 -14.49 -0.99 -5.34
C LEU B 36 -13.90 -2.19 -6.07
N MET B 37 -14.63 -3.31 -6.04
CA MET B 37 -14.19 -4.53 -6.69
C MET B 37 -14.20 -4.39 -8.20
N GLU B 38 -15.04 -3.50 -8.72
CA GLU B 38 -15.12 -3.28 -10.15
C GLU B 38 -14.17 -2.17 -10.60
N LYS B 39 -13.20 -1.84 -9.75
CA LYS B 39 -12.25 -0.79 -10.07
C LYS B 39 -10.83 -1.16 -9.65
N GLU B 40 -10.63 -1.40 -8.37
CA GLU B 40 -9.32 -1.73 -7.85
C GLU B 40 -8.90 -3.16 -8.18
N LEU B 41 -9.76 -4.13 -7.89
CA LEU B 41 -9.45 -5.53 -8.17
C LEU B 41 -10.52 -6.19 -9.05
N PRO B 42 -10.74 -5.67 -10.28
CA PRO B 42 -11.73 -6.23 -11.19
C PRO B 42 -11.25 -7.53 -11.80
N GLY B 43 -11.76 -8.64 -11.28
CA GLY B 43 -11.37 -9.95 -11.78
C GLY B 43 -11.34 -10.99 -10.69
N PHE B 44 -11.25 -10.54 -9.45
CA PHE B 44 -11.22 -11.46 -8.30
C PHE B 44 -12.63 -11.96 -7.99
N LEU B 45 -13.62 -11.40 -8.66
CA LEU B 45 -15.00 -11.79 -8.46
C LEU B 45 -15.35 -13.02 -9.29
N GLN B 46 -15.94 -14.01 -8.63
CA GLN B 46 -16.32 -15.26 -9.31
C GLN B 46 -17.43 -15.00 -10.33
N SER B 47 -18.24 -13.99 -10.07
CA SER B 47 -19.35 -13.64 -10.93
C SER B 47 -18.97 -12.52 -11.91
N GLY B 48 -17.67 -12.30 -12.08
CA GLY B 48 -17.21 -11.26 -12.97
C GLY B 48 -17.43 -9.87 -12.42
N LYS B 49 -18.61 -9.31 -12.68
CA LYS B 49 -18.96 -7.99 -12.18
C LYS B 49 -20.39 -7.98 -11.65
N ASP B 50 -20.88 -9.17 -11.32
CA ASP B 50 -22.23 -9.31 -10.79
C ASP B 50 -22.20 -9.13 -9.28
N LYS B 51 -23.38 -9.04 -8.66
CA LYS B 51 -23.46 -8.83 -7.22
C LYS B 51 -23.65 -10.15 -6.46
N ASP B 52 -23.27 -11.25 -7.09
CA ASP B 52 -23.38 -12.57 -6.48
C ASP B 52 -22.33 -12.75 -5.38
N ALA B 53 -21.05 -12.65 -5.75
CA ALA B 53 -19.97 -12.81 -4.79
C ALA B 53 -19.83 -11.59 -3.88
N VAL B 54 -20.40 -10.47 -4.30
CA VAL B 54 -20.34 -9.25 -3.52
C VAL B 54 -21.06 -9.42 -2.19
N ASP B 55 -22.19 -10.11 -2.24
CA ASP B 55 -22.99 -10.38 -1.05
C ASP B 55 -22.22 -11.26 -0.08
N LYS B 56 -21.48 -12.21 -0.65
CA LYS B 56 -20.67 -13.13 0.14
C LYS B 56 -19.50 -12.40 0.79
N LEU B 57 -18.79 -11.61 -0.01
CA LEU B 57 -17.62 -10.86 0.48
C LEU B 57 -18.01 -9.90 1.60
N LEU B 58 -19.15 -9.25 1.45
CA LEU B 58 -19.62 -8.31 2.46
C LEU B 58 -19.80 -8.99 3.81
N LYS B 59 -20.54 -10.10 3.80
CA LYS B 59 -20.81 -10.85 5.03
C LYS B 59 -19.55 -11.53 5.57
N ASP B 60 -18.57 -11.72 4.70
CA ASP B 60 -17.31 -12.34 5.10
C ASP B 60 -16.42 -11.33 5.80
N LEU B 61 -16.33 -10.14 5.24
CA LEU B 61 -15.50 -9.08 5.81
C LEU B 61 -16.18 -8.46 7.03
N ASP B 62 -17.51 -8.36 6.97
CA ASP B 62 -18.28 -7.80 8.08
C ASP B 62 -18.16 -8.69 9.30
N ALA B 63 -17.27 -8.29 10.21
CA ALA B 63 -17.04 -9.03 11.43
C ALA B 63 -17.76 -8.36 12.59
N ASN B 64 -17.93 -7.06 12.48
CA ASN B 64 -18.62 -6.30 13.51
C ASN B 64 -20.11 -6.66 13.51
N GLY B 65 -20.64 -6.97 12.33
CA GLY B 65 -22.03 -7.38 12.23
C GLY B 65 -22.99 -6.22 12.04
N ASP B 66 -22.72 -5.38 11.05
CA ASP B 66 -23.60 -4.25 10.77
C ASP B 66 -23.79 -4.09 9.26
N ALA B 67 -23.19 -5.00 8.50
CA ALA B 67 -23.28 -5.00 7.03
C ALA B 67 -22.54 -3.80 6.43
N GLN B 68 -21.43 -3.45 7.05
CA GLN B 68 -20.61 -2.34 6.60
C GLN B 68 -19.14 -2.66 6.85
N VAL B 69 -18.37 -2.78 5.78
CA VAL B 69 -16.96 -3.08 5.90
C VAL B 69 -16.17 -1.85 6.34
N ASP B 70 -15.69 -1.88 7.56
CA ASP B 70 -14.90 -0.79 8.12
C ASP B 70 -13.44 -0.92 7.66
N PHE B 71 -12.65 0.12 7.86
CA PHE B 71 -11.25 0.11 7.44
C PHE B 71 -10.47 -1.03 8.12
N SER B 72 -10.81 -1.33 9.37
CA SER B 72 -10.14 -2.39 10.10
C SER B 72 -10.41 -3.74 9.46
N GLU B 73 -11.66 -3.96 9.05
CA GLU B 73 -12.04 -5.21 8.39
C GLU B 73 -11.48 -5.23 6.96
N PHE B 74 -11.49 -4.06 6.34
CA PHE B 74 -11.01 -3.91 4.97
C PHE B 74 -9.50 -4.16 4.86
N ILE B 75 -8.74 -3.60 5.80
CA ILE B 75 -7.29 -3.75 5.79
C ILE B 75 -6.87 -5.23 5.90
N VAL B 76 -7.70 -6.03 6.56
CA VAL B 76 -7.42 -7.46 6.70
C VAL B 76 -7.52 -8.14 5.34
N PHE B 77 -8.51 -7.72 4.56
CA PHE B 77 -8.73 -8.28 3.23
C PHE B 77 -7.54 -7.98 2.33
N VAL B 78 -7.09 -6.73 2.35
CA VAL B 78 -5.95 -6.32 1.55
C VAL B 78 -4.70 -7.10 1.94
N ALA B 79 -4.50 -7.25 3.25
CA ALA B 79 -3.35 -7.99 3.77
C ALA B 79 -3.35 -9.43 3.27
N ALA B 80 -4.50 -10.07 3.37
CA ALA B 80 -4.65 -11.46 2.92
C ALA B 80 -4.35 -11.60 1.44
N ILE B 81 -4.92 -10.70 0.63
CA ILE B 81 -4.72 -10.73 -0.81
C ILE B 81 -3.24 -10.57 -1.15
N THR B 82 -2.59 -9.58 -0.53
CA THR B 82 -1.18 -9.32 -0.78
C THR B 82 -0.33 -10.53 -0.34
N SER B 83 -0.67 -11.13 0.79
CA SER B 83 0.05 -12.28 1.31
C SER B 83 -0.06 -13.46 0.35
N ALA B 84 -1.27 -13.67 -0.19
CA ALA B 84 -1.51 -14.76 -1.12
C ALA B 84 -0.68 -14.59 -2.38
N CYS B 85 -0.55 -13.36 -2.85
CA CYS B 85 0.21 -13.06 -4.04
C CYS B 85 1.69 -13.38 -3.83
N HIS B 86 2.22 -12.96 -2.68
CA HIS B 86 3.63 -13.20 -2.37
C HIS B 86 3.90 -14.68 -2.17
N LYS B 87 2.90 -15.40 -1.69
CA LYS B 87 3.02 -16.85 -1.47
C LYS B 87 3.25 -17.55 -2.81
N TYR B 88 2.55 -17.08 -3.83
CA TYR B 88 2.67 -17.65 -5.16
C TYR B 88 4.01 -17.27 -5.79
N PHE B 89 4.59 -16.16 -5.34
CA PHE B 89 5.87 -15.71 -5.84
C PHE B 89 7.00 -16.49 -5.16
N GLU B 90 6.77 -16.87 -3.92
CA GLU B 90 7.75 -17.65 -3.15
C GLU B 90 7.92 -19.01 -3.81
N LYS B 91 6.81 -19.57 -4.27
CA LYS B 91 6.81 -20.87 -4.92
C LYS B 91 7.21 -20.73 -6.39
N ALA B 92 7.53 -19.50 -6.80
CA ALA B 92 7.94 -19.24 -8.17
C ALA B 92 9.43 -19.43 -8.31
N GLY B 93 10.15 -19.24 -7.21
CA GLY B 93 11.58 -19.42 -7.21
C GLY B 93 11.96 -20.87 -7.43
N LEU B 94 11.11 -21.76 -6.95
CA LEU B 94 11.32 -23.19 -7.10
C LEU B 94 10.85 -23.65 -8.48
N MET C 1 -1.80 -1.56 -13.44
CA MET C 1 -1.42 -1.09 -12.09
C MET C 1 -2.34 0.03 -11.65
N THR C 2 -3.48 -0.35 -11.11
CA THR C 2 -4.46 0.60 -10.62
C THR C 2 -3.99 1.12 -9.25
N GLU C 3 -4.72 2.06 -8.68
CA GLU C 3 -4.35 2.64 -7.39
C GLU C 3 -4.02 1.58 -6.34
N LEU C 4 -4.96 0.66 -6.09
CA LEU C 4 -4.73 -0.39 -5.10
C LEU C 4 -3.62 -1.34 -5.55
N GLU C 5 -3.58 -1.63 -6.85
CA GLU C 5 -2.57 -2.53 -7.41
C GLU C 5 -1.16 -1.97 -7.16
N THR C 6 -1.00 -0.67 -7.37
CA THR C 6 0.28 -0.01 -7.15
C THR C 6 0.65 -0.01 -5.68
N ALA C 7 -0.33 0.28 -4.83
CA ALA C 7 -0.12 0.31 -3.38
C ALA C 7 0.35 -1.05 -2.87
N MET C 8 -0.35 -2.10 -3.30
CA MET C 8 -0.01 -3.46 -2.90
C MET C 8 1.37 -3.84 -3.41
N GLY C 9 1.63 -3.53 -4.67
CA GLY C 9 2.92 -3.82 -5.26
C GLY C 9 4.05 -3.07 -4.57
N MET C 10 3.76 -1.85 -4.13
CA MET C 10 4.74 -1.02 -3.44
C MET C 10 5.18 -1.69 -2.15
N ILE C 11 4.21 -2.24 -1.41
CA ILE C 11 4.52 -2.91 -0.14
C ILE C 11 5.47 -4.07 -0.38
N ILE C 12 5.21 -4.81 -1.46
CA ILE C 12 6.04 -5.95 -1.84
C ILE C 12 7.46 -5.48 -2.15
N ASP C 13 7.54 -4.41 -2.96
CA ASP C 13 8.82 -3.82 -3.35
C ASP C 13 9.62 -3.40 -2.13
N VAL C 14 8.96 -2.72 -1.19
CA VAL C 14 9.61 -2.28 0.03
C VAL C 14 10.22 -3.48 0.77
N PHE C 15 9.45 -4.56 0.88
CA PHE C 15 9.91 -5.77 1.56
C PHE C 15 11.13 -6.36 0.85
N SER C 16 11.03 -6.53 -0.47
CA SER C 16 12.11 -7.13 -1.26
C SER C 16 13.37 -6.26 -1.29
N ARG C 17 13.31 -5.06 -0.71
CA ARG C 17 14.46 -4.18 -0.69
C ARG C 17 15.15 -4.18 0.66
N TYR C 18 14.63 -4.97 1.60
CA TYR C 18 15.23 -5.06 2.92
C TYR C 18 15.55 -6.50 3.28
N SER C 19 14.67 -7.43 2.91
CA SER C 19 14.89 -8.83 3.19
C SER C 19 15.83 -9.42 2.14
N GLY C 20 16.95 -9.95 2.59
CA GLY C 20 17.92 -10.53 1.68
C GLY C 20 19.31 -10.01 1.94
N SER C 21 19.52 -9.47 3.12
CA SER C 21 20.81 -8.95 3.52
C SER C 21 21.61 -10.06 4.19
N GLU C 22 20.89 -10.96 4.86
CA GLU C 22 21.50 -12.09 5.54
C GLU C 22 20.43 -13.07 5.98
N GLY C 23 20.72 -14.36 5.89
CA GLY C 23 19.77 -15.37 6.29
C GLY C 23 18.90 -15.86 5.15
N SER C 24 18.04 -14.97 4.64
CA SER C 24 17.15 -15.33 3.56
C SER C 24 16.62 -14.06 2.88
N THR C 25 16.04 -14.24 1.70
CA THR C 25 15.50 -13.12 0.94
C THR C 25 13.99 -13.00 1.12
N GLN C 26 13.38 -14.01 1.76
CA GLN C 26 11.93 -14.01 1.98
C GLN C 26 11.56 -13.74 3.43
N THR C 27 12.55 -13.45 4.26
CA THR C 27 12.29 -13.18 5.66
C THR C 27 13.15 -12.02 6.17
N LEU C 28 12.66 -11.34 7.18
CA LEU C 28 13.38 -10.22 7.78
C LEU C 28 13.98 -10.63 9.12
N THR C 29 15.30 -10.58 9.21
CA THR C 29 16.00 -10.94 10.43
C THR C 29 16.04 -9.73 11.38
N LYS C 30 16.62 -9.92 12.56
CA LYS C 30 16.73 -8.85 13.54
C LYS C 30 17.44 -7.63 12.96
N GLY C 31 18.55 -7.87 12.26
CA GLY C 31 19.31 -6.79 11.67
C GLY C 31 18.53 -6.05 10.60
N GLU C 32 17.94 -6.80 9.68
CA GLU C 32 17.17 -6.21 8.59
C GLU C 32 15.94 -5.47 9.13
N LEU C 33 15.29 -6.05 10.14
CA LEU C 33 14.11 -5.44 10.74
C LEU C 33 14.46 -4.07 11.32
N LYS C 34 15.64 -3.98 11.94
CA LYS C 34 16.10 -2.73 12.52
C LYS C 34 16.29 -1.69 11.43
N VAL C 35 16.97 -2.08 10.36
CA VAL C 35 17.22 -1.18 9.23
C VAL C 35 15.90 -0.70 8.63
N LEU C 36 14.93 -1.60 8.56
CA LEU C 36 13.61 -1.27 8.04
C LEU C 36 12.94 -0.20 8.89
N MET C 37 13.03 -0.37 10.20
CA MET C 37 12.44 0.57 11.14
C MET C 37 13.18 1.90 11.15
N GLU C 38 14.43 1.89 10.72
CA GLU C 38 15.24 3.10 10.68
C GLU C 38 15.17 3.76 9.31
N LYS C 39 14.27 3.29 8.46
CA LYS C 39 14.13 3.85 7.13
C LYS C 39 12.68 4.09 6.75
N GLU C 40 11.86 3.05 6.86
CA GLU C 40 10.45 3.15 6.50
C GLU C 40 9.64 3.85 7.59
N LEU C 41 9.70 3.34 8.82
CA LEU C 41 8.95 3.95 9.92
C LEU C 41 9.87 4.39 11.07
N PRO C 42 10.80 5.31 10.80
CA PRO C 42 11.73 5.81 11.82
C PRO C 42 11.03 6.81 12.74
N GLY C 43 10.64 6.35 13.91
CA GLY C 43 9.98 7.22 14.86
C GLY C 43 8.99 6.46 15.73
N PHE C 44 8.59 5.27 15.28
CA PHE C 44 7.65 4.46 16.05
C PHE C 44 8.38 3.61 17.09
N LEU C 45 9.70 3.64 17.03
CA LEU C 45 10.52 2.87 17.95
C LEU C 45 10.67 3.62 19.28
N GLN C 46 10.43 2.92 20.38
CA GLN C 46 10.52 3.52 21.71
C GLN C 46 11.98 3.81 22.07
N SER C 47 12.89 3.14 21.39
CA SER C 47 14.31 3.31 21.62
C SER C 47 14.92 4.25 20.58
N GLY C 48 14.06 4.86 19.76
CA GLY C 48 14.52 5.76 18.73
C GLY C 48 15.11 5.03 17.53
N LYS C 49 16.40 4.73 17.62
CA LYS C 49 17.09 4.02 16.55
C LYS C 49 17.99 2.93 17.14
N ASP C 50 17.74 2.59 18.39
CA ASP C 50 18.50 1.55 19.07
C ASP C 50 17.78 0.21 18.96
N LYS C 51 18.27 -0.79 19.66
CA LYS C 51 17.65 -2.11 19.64
C LYS C 51 16.41 -2.09 20.52
N ASP C 52 16.55 -2.61 21.74
CA ASP C 52 15.46 -2.66 22.73
C ASP C 52 14.15 -3.17 22.13
N ALA C 53 13.29 -2.25 21.69
CA ALA C 53 12.00 -2.60 21.10
C ALA C 53 12.16 -3.48 19.88
N VAL C 54 13.27 -3.36 19.17
CA VAL C 54 13.51 -4.17 17.98
C VAL C 54 13.51 -5.66 18.33
N ASP C 55 14.08 -5.97 19.49
CA ASP C 55 14.14 -7.34 19.97
C ASP C 55 12.75 -7.85 20.32
N LYS C 56 11.95 -6.96 20.89
CA LYS C 56 10.58 -7.29 21.30
C LYS C 56 9.68 -7.42 20.07
N LEU C 57 9.79 -6.46 19.15
CA LEU C 57 8.98 -6.45 17.94
C LEU C 57 9.22 -7.71 17.12
N LEU C 58 10.48 -8.14 17.07
CA LEU C 58 10.85 -9.33 16.33
C LEU C 58 10.12 -10.55 16.88
N LYS C 59 10.16 -10.71 18.19
CA LYS C 59 9.52 -11.85 18.86
C LYS C 59 8.00 -11.73 18.81
N ASP C 60 7.48 -10.50 18.79
CA ASP C 60 6.04 -10.29 18.73
C ASP C 60 5.50 -10.68 17.36
N LEU C 61 6.18 -10.21 16.31
CA LEU C 61 5.78 -10.51 14.94
C LEU C 61 6.03 -11.97 14.61
N ASP C 62 7.12 -12.51 15.15
CA ASP C 62 7.48 -13.91 14.94
C ASP C 62 6.46 -14.83 15.60
N ALA C 63 5.56 -15.36 14.80
CA ALA C 63 4.54 -16.26 15.28
C ALA C 63 4.89 -17.69 14.86
N ASN C 64 5.68 -17.78 13.80
CA ASN C 64 6.10 -19.07 13.27
C ASN C 64 7.22 -19.67 14.13
N GLY C 65 7.90 -18.83 14.90
CA GLY C 65 8.96 -19.30 15.78
C GLY C 65 10.25 -19.60 15.06
N ASP C 66 10.85 -18.60 14.45
CA ASP C 66 12.10 -18.79 13.73
C ASP C 66 12.98 -17.54 13.84
N ALA C 67 12.50 -16.56 14.59
CA ALA C 67 13.21 -15.29 14.79
C ALA C 67 13.37 -14.57 13.45
N GLN C 68 12.48 -14.91 12.52
CA GLN C 68 12.48 -14.32 11.20
C GLN C 68 11.08 -13.89 10.84
N VAL C 69 10.90 -12.63 10.49
CA VAL C 69 9.59 -12.11 10.14
C VAL C 69 9.27 -12.42 8.68
N ASP C 70 8.31 -13.31 8.48
CA ASP C 70 7.87 -13.69 7.14
C ASP C 70 6.86 -12.67 6.62
N PHE C 71 6.66 -12.63 5.31
CA PHE C 71 5.74 -11.66 4.69
C PHE C 71 4.34 -11.72 5.31
N SER C 72 3.88 -12.93 5.64
CA SER C 72 2.56 -13.08 6.23
C SER C 72 2.48 -12.38 7.59
N GLU C 73 3.56 -12.46 8.36
CA GLU C 73 3.60 -11.84 9.67
C GLU C 73 3.88 -10.34 9.53
N PHE C 74 4.65 -9.99 8.51
CA PHE C 74 5.01 -8.61 8.24
C PHE C 74 3.80 -7.81 7.78
N ILE C 75 2.99 -8.39 6.90
CA ILE C 75 1.81 -7.72 6.37
C ILE C 75 0.80 -7.42 7.48
N VAL C 76 0.80 -8.26 8.53
CA VAL C 76 -0.11 -8.08 9.65
C VAL C 76 0.27 -6.81 10.41
N PHE C 77 1.58 -6.61 10.57
CA PHE C 77 2.10 -5.43 11.26
C PHE C 77 1.69 -4.17 10.53
N VAL C 78 1.90 -4.16 9.22
CA VAL C 78 1.55 -3.02 8.39
C VAL C 78 0.05 -2.73 8.48
N ALA C 79 -0.75 -3.79 8.41
CA ALA C 79 -2.20 -3.66 8.49
C ALA C 79 -2.62 -3.03 9.82
N ALA C 80 -2.02 -3.50 10.90
CA ALA C 80 -2.32 -2.99 12.24
C ALA C 80 -1.97 -1.51 12.36
N ILE C 81 -0.78 -1.14 11.89
CA ILE C 81 -0.33 0.25 11.95
C ILE C 81 -1.26 1.15 11.15
N THR C 82 -1.62 0.73 9.95
CA THR C 82 -2.50 1.50 9.08
C THR C 82 -3.88 1.64 9.70
N SER C 83 -4.36 0.56 10.32
CA SER C 83 -5.67 0.56 10.95
C SER C 83 -5.71 1.57 12.11
N ALA C 84 -4.65 1.56 12.92
CA ALA C 84 -4.55 2.47 14.05
C ALA C 84 -4.55 3.93 13.60
N CYS C 85 -3.84 4.18 12.50
CA CYS C 85 -3.75 5.52 11.94
C CYS C 85 -5.13 6.00 11.51
N HIS C 86 -5.87 5.15 10.81
CA HIS C 86 -7.20 5.48 10.33
C HIS C 86 -8.16 5.64 11.50
N LYS C 87 -7.96 4.87 12.55
CA LYS C 87 -8.80 4.94 13.73
C LYS C 87 -8.69 6.32 14.36
N TYR C 88 -7.47 6.89 14.34
CA TYR C 88 -7.24 8.21 14.90
C TYR C 88 -7.87 9.27 14.00
N PHE C 89 -7.96 8.98 12.71
CA PHE C 89 -8.56 9.90 11.75
C PHE C 89 -10.07 9.89 11.91
N GLU C 90 -10.60 8.75 12.35
CA GLU C 90 -12.04 8.60 12.58
C GLU C 90 -12.46 9.51 13.73
N LYS C 91 -11.57 9.64 14.71
CA LYS C 91 -11.83 10.48 15.88
C LYS C 91 -11.49 11.94 15.57
N ALA C 92 -10.94 12.18 14.39
CA ALA C 92 -10.56 13.52 13.97
C ALA C 92 -11.76 14.28 13.42
N GLY C 93 -12.75 13.52 12.93
CA GLY C 93 -13.94 14.13 12.40
C GLY C 93 -14.82 14.74 13.47
N LEU C 94 -14.83 14.09 14.64
CA LEU C 94 -15.63 14.57 15.76
C LEU C 94 -15.07 15.88 16.28
N ALA D 1 -15.32 18.45 14.15
CA ALA D 1 -13.88 18.75 14.02
C ALA D 1 -13.56 20.14 14.54
N MET D 2 -12.28 20.45 14.67
CA MET D 2 -11.84 21.76 15.14
C MET D 2 -10.40 22.00 14.71
N ALA D 3 -10.13 23.20 14.20
CA ALA D 3 -8.79 23.54 13.74
C ALA D 3 -8.63 25.06 13.65
N GLN D 4 -7.46 25.55 14.04
CA GLN D 4 -7.19 26.98 14.00
C GLN D 4 -6.78 27.40 12.60
N ASN D 5 -7.50 28.36 12.03
CA ASN D 5 -7.22 28.84 10.69
C ASN D 5 -6.12 29.89 10.70
N ILE D 6 -5.11 29.69 9.86
CA ILE D 6 -3.97 30.60 9.75
C ILE D 6 -3.69 30.92 8.28
N THR D 7 -3.71 32.19 7.94
CA THR D 7 -3.46 32.62 6.58
C THR D 7 -1.97 32.84 6.31
N ALA D 8 -1.51 32.43 5.13
CA ALA D 8 -0.11 32.58 4.76
C ALA D 8 0.03 32.84 3.26
N ARG D 9 1.26 33.09 2.83
CA ARG D 9 1.54 33.36 1.42
C ARG D 9 2.39 32.24 0.84
N ILE D 10 2.20 31.93 -0.43
CA ILE D 10 2.95 30.88 -1.09
C ILE D 10 4.41 31.31 -1.29
N GLY D 11 5.32 30.44 -0.90
CA GLY D 11 6.74 30.75 -1.04
C GLY D 11 7.27 31.55 0.13
N GLU D 12 6.48 31.63 1.19
CA GLU D 12 6.87 32.37 2.38
C GLU D 12 7.25 31.42 3.51
N PRO D 13 8.36 31.69 4.22
CA PRO D 13 8.81 30.87 5.35
C PRO D 13 7.92 31.05 6.57
N LEU D 14 7.53 29.96 7.20
CA LEU D 14 6.67 30.01 8.38
C LEU D 14 7.25 29.16 9.50
N VAL D 15 7.06 29.61 10.72
CA VAL D 15 7.55 28.88 11.89
C VAL D 15 6.40 28.60 12.86
N LEU D 16 6.07 27.33 12.99
CA LEU D 16 4.99 26.91 13.87
C LEU D 16 5.55 26.32 15.16
N LYS D 17 4.73 26.25 16.18
CA LYS D 17 5.15 25.69 17.46
C LYS D 17 4.24 24.54 17.84
N CYS D 18 4.80 23.34 17.91
CA CYS D 18 4.02 22.16 18.25
C CYS D 18 4.46 21.59 19.60
N LYS D 19 3.57 21.66 20.56
CA LYS D 19 3.85 21.16 21.89
C LYS D 19 3.30 19.74 22.04
N GLY D 20 3.47 19.17 23.22
CA GLY D 20 2.98 17.83 23.45
C GLY D 20 3.95 17.02 24.28
N ALA D 21 5.22 17.39 24.20
CA ALA D 21 6.26 16.70 24.95
C ALA D 21 6.32 17.20 26.39
N PRO D 22 5.99 16.33 27.37
CA PRO D 22 6.02 16.70 28.79
C PRO D 22 7.44 16.73 29.33
N LYS D 23 7.58 16.74 30.65
CA LYS D 23 8.89 16.76 31.28
C LYS D 23 9.48 15.35 31.32
N LYS D 24 9.33 14.65 30.20
CA LYS D 24 9.81 13.28 30.07
C LYS D 24 10.86 13.22 28.96
N PRO D 25 11.70 12.16 28.97
CA PRO D 25 12.73 11.99 27.94
C PRO D 25 12.12 11.85 26.55
N PRO D 26 12.88 12.23 25.50
CA PRO D 26 12.42 12.15 24.11
C PRO D 26 11.86 10.77 23.77
N GLN D 27 10.56 10.72 23.55
CA GLN D 27 9.88 9.48 23.21
C GLN D 27 9.57 9.44 21.72
N ARG D 28 8.51 8.73 21.34
CA ARG D 28 8.14 8.63 19.94
C ARG D 28 7.08 9.66 19.57
N LEU D 29 7.25 10.28 18.41
CA LEU D 29 6.33 11.30 17.93
C LEU D 29 5.79 10.92 16.55
N GLU D 30 4.62 10.31 16.54
CA GLU D 30 4.01 9.89 15.29
C GLU D 30 3.19 11.02 14.68
N TRP D 31 3.88 11.91 14.00
CA TRP D 31 3.27 13.07 13.34
C TRP D 31 2.25 12.65 12.29
N LYS D 32 1.15 13.40 12.19
CA LYS D 32 0.09 13.11 11.24
C LYS D 32 -0.57 14.40 10.77
N LEU D 33 -1.54 14.28 9.88
CA LEU D 33 -2.29 15.42 9.36
C LEU D 33 -3.51 14.93 8.61
N ASN D 34 -4.47 15.83 8.39
CA ASN D 34 -5.70 15.46 7.68
C ASN D 34 -5.79 16.23 6.36
N THR D 35 -5.63 15.51 5.26
CA THR D 35 -5.68 16.12 3.94
C THR D 35 -6.27 15.15 2.91
N GLY D 36 -6.42 15.63 1.68
CA GLY D 36 -6.93 14.79 0.62
C GLY D 36 -5.80 14.09 -0.12
N ARG D 37 -4.69 14.80 -0.26
CA ARG D 37 -3.50 14.25 -0.93
C ARG D 37 -2.58 13.64 0.12
N THR D 38 -2.21 14.45 1.12
CA THR D 38 -1.36 14.00 2.22
C THR D 38 0.04 13.61 1.75
N GLU D 39 0.62 14.43 0.89
CA GLU D 39 1.97 14.19 0.37
C GLU D 39 3.02 14.66 1.37
N ALA D 40 2.62 15.56 2.26
CA ALA D 40 3.51 16.12 3.26
C ALA D 40 3.50 15.30 4.55
N TRP D 41 3.05 14.06 4.48
CA TRP D 41 3.00 13.21 5.66
C TRP D 41 4.31 12.45 5.82
N LYS D 42 4.80 12.39 7.05
CA LYS D 42 6.02 11.69 7.36
C LYS D 42 6.15 11.53 8.88
N VAL D 43 6.52 10.34 9.32
CA VAL D 43 6.68 10.06 10.74
C VAL D 43 7.92 10.77 11.29
N LEU D 44 7.75 11.50 12.37
CA LEU D 44 8.86 12.22 12.98
C LEU D 44 9.60 11.35 13.98
N SER D 45 10.80 11.76 14.35
CA SER D 45 11.62 11.02 15.30
C SER D 45 12.67 11.94 15.90
N PRO D 46 12.93 11.79 17.21
CA PRO D 46 13.96 12.59 17.89
C PRO D 46 15.35 12.01 17.64
N GLN D 47 15.40 10.88 16.94
CA GLN D 47 16.66 10.22 16.64
C GLN D 47 16.80 9.99 15.13
N GLY D 48 15.69 9.63 14.48
CA GLY D 48 15.70 9.40 13.05
C GLY D 48 15.14 10.56 12.27
N GLY D 49 15.20 10.48 10.95
CA GLY D 49 14.68 11.56 10.13
C GLY D 49 13.88 11.06 8.94
N GLY D 50 14.18 11.57 7.76
CA GLY D 50 13.48 11.16 6.56
C GLY D 50 13.48 12.25 5.50
N PRO D 51 12.82 12.00 4.35
CA PRO D 51 12.76 12.97 3.24
C PRO D 51 12.06 14.27 3.63
N TRP D 52 11.26 14.20 4.69
CA TRP D 52 10.53 15.36 5.19
C TRP D 52 11.49 16.40 5.74
N ASP D 53 12.66 15.95 6.18
CA ASP D 53 13.67 16.84 6.73
C ASP D 53 14.17 17.81 5.67
N SER D 54 14.04 17.41 4.41
CA SER D 54 14.44 18.23 3.29
C SER D 54 13.34 19.22 2.94
N VAL D 55 12.18 19.03 3.55
CA VAL D 55 11.03 19.88 3.32
C VAL D 55 10.88 20.87 4.47
N ALA D 56 10.79 20.33 5.69
CA ALA D 56 10.66 21.15 6.88
C ALA D 56 11.61 20.68 7.95
N ARG D 57 12.03 21.59 8.82
CA ARG D 57 12.96 21.25 9.88
C ARG D 57 12.34 21.52 11.24
N VAL D 58 12.68 20.70 12.22
CA VAL D 58 12.15 20.85 13.56
C VAL D 58 13.25 21.26 14.53
N LEU D 59 13.08 22.41 15.15
CA LEU D 59 14.06 22.92 16.10
C LEU D 59 13.90 22.18 17.43
N PRO D 60 15.00 22.05 18.20
CA PRO D 60 14.99 21.34 19.50
C PRO D 60 13.95 21.86 20.49
N ASN D 61 13.49 23.08 20.29
CA ASN D 61 12.49 23.68 21.17
C ASN D 61 11.08 23.24 20.81
N GLY D 62 10.94 22.56 19.66
CA GLY D 62 9.64 22.08 19.23
C GLY D 62 8.99 23.00 18.21
N SER D 63 9.80 23.69 17.44
CA SER D 63 9.29 24.59 16.41
C SER D 63 9.45 23.99 15.02
N LEU D 64 8.40 24.11 14.22
CA LEU D 64 8.39 23.59 12.87
C LEU D 64 8.72 24.72 11.90
N PHE D 65 9.89 24.64 11.26
CA PHE D 65 10.32 25.66 10.33
C PHE D 65 10.07 25.23 8.89
N LEU D 66 9.24 26.00 8.20
CA LEU D 66 8.92 25.75 6.81
C LEU D 66 9.59 26.81 5.94
N PRO D 67 10.65 26.42 5.20
CA PRO D 67 11.40 27.36 4.34
C PRO D 67 10.51 28.09 3.33
N ALA D 68 9.54 27.38 2.77
CA ALA D 68 8.65 27.97 1.79
C ALA D 68 7.33 27.21 1.73
N VAL D 69 6.27 27.81 2.26
CA VAL D 69 4.96 27.19 2.27
C VAL D 69 4.36 27.19 0.87
N GLY D 70 4.05 26.01 0.36
CA GLY D 70 3.49 25.89 -0.97
C GLY D 70 2.08 25.32 -0.93
N ILE D 71 1.66 24.73 -2.05
CA ILE D 71 0.33 24.13 -2.14
C ILE D 71 0.31 22.70 -1.63
N GLN D 72 1.46 22.22 -1.18
CA GLN D 72 1.56 20.85 -0.66
C GLN D 72 1.39 20.86 0.85
N ASP D 73 1.57 22.05 1.43
CA ASP D 73 1.46 22.24 2.86
C ASP D 73 0.08 22.79 3.22
N GLU D 74 -0.83 22.76 2.26
CA GLU D 74 -2.17 23.25 2.48
C GLU D 74 -3.05 22.15 3.07
N GLY D 75 -3.25 22.20 4.37
CA GLY D 75 -4.07 21.21 5.03
C GLY D 75 -4.15 21.41 6.52
N ILE D 76 -4.55 20.36 7.23
CA ILE D 76 -4.66 20.42 8.68
C ILE D 76 -3.59 19.57 9.33
N PHE D 77 -2.55 20.23 9.85
CA PHE D 77 -1.45 19.54 10.50
C PHE D 77 -1.88 19.03 11.87
N ARG D 78 -1.36 17.88 12.26
CA ARG D 78 -1.69 17.29 13.56
C ARG D 78 -0.43 16.76 14.26
N CYS D 79 0.18 17.62 15.06
CA CYS D 79 1.37 17.24 15.81
C CYS D 79 0.97 16.38 16.99
N GLN D 80 1.15 15.08 16.86
CA GLN D 80 0.78 14.15 17.92
C GLN D 80 1.97 13.31 18.37
N ALA D 81 2.10 13.18 19.68
CA ALA D 81 3.14 12.37 20.27
C ALA D 81 2.49 11.18 20.94
N MET D 82 3.22 10.10 21.13
CA MET D 82 2.64 8.92 21.75
C MET D 82 3.62 8.25 22.71
N ASN D 83 3.21 8.13 23.96
CA ASN D 83 4.03 7.49 24.97
C ASN D 83 3.61 6.03 25.14
N ARG D 84 4.49 5.22 25.70
CA ARG D 84 4.21 3.80 25.92
C ARG D 84 3.08 3.61 26.93
N ASN D 85 2.80 4.64 27.71
CA ASN D 85 1.73 4.60 28.70
C ASN D 85 0.40 4.97 28.07
N GLY D 86 0.41 5.16 26.75
CA GLY D 86 -0.80 5.52 26.04
C GLY D 86 -1.18 6.97 26.30
N LYS D 87 -0.64 7.87 25.50
CA LYS D 87 -0.93 9.29 25.65
C LYS D 87 -0.65 10.03 24.36
N GLU D 88 -1.67 10.69 23.83
CA GLU D 88 -1.55 11.47 22.61
C GLU D 88 -2.18 12.85 22.79
N THR D 89 -2.35 13.58 21.70
CA THR D 89 -2.93 14.92 21.77
C THR D 89 -3.66 15.25 20.47
N LYS D 90 -4.87 15.79 20.60
CA LYS D 90 -5.67 16.17 19.45
C LYS D 90 -5.44 17.63 19.10
N SER D 91 -4.32 17.89 18.43
CA SER D 91 -3.98 19.24 18.02
C SER D 91 -4.02 19.37 16.50
N ASN D 92 -4.83 20.28 16.00
CA ASN D 92 -4.96 20.48 14.55
C ASN D 92 -4.83 21.95 14.17
N TYR D 93 -4.03 22.21 13.15
CA TYR D 93 -3.81 23.57 12.64
C TYR D 93 -4.13 23.62 11.15
N ARG D 94 -4.93 24.58 10.73
CA ARG D 94 -5.30 24.70 9.33
C ARG D 94 -4.66 25.93 8.69
N VAL D 95 -3.71 25.69 7.81
CA VAL D 95 -3.04 26.77 7.12
C VAL D 95 -3.64 26.97 5.74
N ARG D 96 -3.87 28.22 5.37
CA ARG D 96 -4.45 28.55 4.08
C ARG D 96 -3.63 29.62 3.37
N VAL D 97 -3.29 29.39 2.12
CA VAL D 97 -2.51 30.36 1.35
C VAL D 97 -3.41 31.35 0.64
N TYR D 98 -2.81 32.43 0.13
CA TYR D 98 -3.55 33.47 -0.58
C TYR D 98 -3.86 33.03 -2.00
N GLN D 99 -2.95 32.28 -2.62
CA GLN D 99 -3.14 31.81 -3.97
C GLN D 99 -3.34 30.30 -3.97
N ILE D 100 -4.57 29.89 -3.76
CA ILE D 100 -4.92 28.49 -3.73
C ILE D 100 -4.98 27.89 -5.14
N PRO D 101 -4.79 26.56 -5.27
CA PRO D 101 -4.83 25.88 -6.56
C PRO D 101 -6.23 25.87 -7.15
N ALA A 1 12.78 -21.90 -11.03
CA ALA A 1 11.80 -21.21 -11.89
C ALA A 1 12.11 -21.46 -13.35
N MET A 2 11.22 -22.17 -14.04
CA MET A 2 11.42 -22.48 -15.44
C MET A 2 10.69 -21.45 -16.32
N ALA A 3 11.46 -20.71 -17.10
CA ALA A 3 10.90 -19.69 -17.98
C ALA A 3 11.44 -19.84 -19.40
N GLN A 4 10.56 -19.66 -20.38
CA GLN A 4 10.95 -19.77 -21.78
C GLN A 4 11.35 -18.40 -22.32
N ASN A 5 12.53 -18.33 -22.92
CA ASN A 5 13.04 -17.08 -23.48
C ASN A 5 12.44 -16.82 -24.87
N ILE A 6 11.98 -15.59 -25.07
CA ILE A 6 11.40 -15.19 -26.34
C ILE A 6 11.96 -13.83 -26.76
N THR A 7 12.64 -13.80 -27.90
CA THR A 7 13.23 -12.57 -28.41
C THR A 7 12.19 -11.71 -29.12
N ALA A 8 12.19 -10.41 -28.86
CA ALA A 8 11.24 -9.50 -29.48
C ALA A 8 11.90 -8.17 -29.83
N ARG A 9 11.22 -7.41 -30.68
CA ARG A 9 11.72 -6.10 -31.11
C ARG A 9 10.97 -4.98 -30.38
N ILE A 10 11.66 -3.87 -30.12
CA ILE A 10 11.03 -2.74 -29.44
C ILE A 10 10.00 -2.06 -30.33
N GLY A 11 8.77 -1.96 -29.83
CA GLY A 11 7.70 -1.33 -30.59
C GLY A 11 7.04 -2.29 -31.57
N GLU A 12 7.23 -3.58 -31.33
CA GLU A 12 6.66 -4.60 -32.19
C GLU A 12 5.44 -5.24 -31.54
N PRO A 13 4.34 -5.41 -32.30
CA PRO A 13 3.12 -6.05 -31.79
C PRO A 13 3.30 -7.56 -31.62
N LEU A 14 3.25 -8.02 -30.38
CA LEU A 14 3.43 -9.43 -30.10
C LEU A 14 2.12 -10.07 -29.66
N VAL A 15 1.86 -11.29 -30.13
CA VAL A 15 0.67 -12.01 -29.78
C VAL A 15 1.04 -13.29 -29.02
N LEU A 16 0.70 -13.32 -27.74
CA LEU A 16 1.00 -14.48 -26.90
C LEU A 16 -0.23 -15.33 -26.69
N LYS A 17 -0.04 -16.57 -26.25
CA LYS A 17 -1.16 -17.47 -26.02
C LYS A 17 -1.06 -18.11 -24.63
N CYS A 18 -2.09 -17.94 -23.84
CA CYS A 18 -2.11 -18.49 -22.49
C CYS A 18 -3.33 -19.37 -22.28
N LYS A 19 -3.16 -20.67 -22.54
CA LYS A 19 -4.23 -21.63 -22.39
C LYS A 19 -4.24 -22.23 -20.98
N GLY A 20 -4.80 -21.49 -20.04
CA GLY A 20 -4.85 -21.97 -18.66
C GLY A 20 -6.26 -22.33 -18.22
N ALA A 21 -7.22 -22.18 -19.13
CA ALA A 21 -8.61 -22.48 -18.82
C ALA A 21 -9.02 -23.82 -19.40
N PRO A 22 -9.78 -24.61 -18.61
CA PRO A 22 -10.28 -25.92 -19.05
C PRO A 22 -11.58 -25.80 -19.83
N LYS A 23 -12.25 -26.92 -20.07
CA LYS A 23 -13.52 -26.91 -20.79
C LYS A 23 -14.68 -26.60 -19.84
N LYS A 24 -14.55 -25.53 -19.09
CA LYS A 24 -15.55 -25.12 -18.12
C LYS A 24 -15.81 -23.62 -18.27
N PRO A 25 -16.90 -23.11 -17.67
CA PRO A 25 -17.24 -21.67 -17.75
C PRO A 25 -16.09 -20.77 -17.27
N PRO A 26 -15.90 -19.62 -17.95
CA PRO A 26 -14.83 -18.66 -17.61
C PRO A 26 -14.82 -18.34 -16.12
N GLN A 27 -13.70 -18.63 -15.47
CA GLN A 27 -13.55 -18.39 -14.05
C GLN A 27 -12.65 -17.18 -13.78
N ARG A 28 -12.22 -17.05 -12.53
CA ARG A 28 -11.36 -15.96 -12.07
C ARG A 28 -9.93 -16.11 -12.61
N LEU A 29 -9.47 -15.11 -13.33
CA LEU A 29 -8.14 -15.11 -13.92
C LEU A 29 -7.25 -14.06 -13.27
N GLU A 30 -6.51 -14.47 -12.24
CA GLU A 30 -5.62 -13.55 -11.54
C GLU A 30 -4.23 -13.56 -12.16
N TRP A 31 -4.09 -12.79 -13.23
CA TRP A 31 -2.84 -12.68 -13.96
C TRP A 31 -1.73 -12.11 -13.08
N LYS A 32 -0.51 -12.60 -13.29
CA LYS A 32 0.64 -12.15 -12.51
C LYS A 32 1.90 -12.19 -13.37
N LEU A 33 3.01 -11.79 -12.78
CA LEU A 33 4.28 -11.79 -13.48
C LEU A 33 5.40 -11.71 -12.45
N ASN A 34 6.64 -11.76 -12.92
CA ASN A 34 7.80 -11.69 -12.04
C ASN A 34 8.74 -10.60 -12.52
N THR A 35 8.80 -9.51 -11.77
CA THR A 35 9.66 -8.40 -12.12
C THR A 35 10.26 -7.78 -10.86
N GLY A 36 11.28 -6.95 -11.03
CA GLY A 36 11.92 -6.31 -9.90
C GLY A 36 11.07 -5.22 -9.31
N ARG A 37 10.60 -4.31 -10.17
CA ARG A 37 9.75 -3.21 -9.73
C ARG A 37 8.30 -3.51 -10.04
N THR A 38 8.08 -4.27 -11.12
CA THR A 38 6.74 -4.67 -11.56
C THR A 38 5.96 -3.49 -12.12
N GLU A 39 5.97 -3.37 -13.44
CA GLU A 39 5.29 -2.27 -14.12
C GLU A 39 3.93 -2.71 -14.67
N ALA A 40 3.96 -3.73 -15.53
CA ALA A 40 2.74 -4.23 -16.16
C ALA A 40 2.07 -5.33 -15.33
N TRP A 41 1.19 -4.93 -14.43
CA TRP A 41 0.46 -5.88 -13.60
C TRP A 41 -0.99 -5.43 -13.47
N LYS A 42 -1.92 -6.37 -13.46
CA LYS A 42 -3.34 -6.08 -13.34
C LYS A 42 -4.15 -7.37 -13.30
N VAL A 43 -5.09 -7.46 -12.37
CA VAL A 43 -5.93 -8.64 -12.25
C VAL A 43 -6.97 -8.64 -13.37
N LEU A 44 -6.93 -9.65 -14.23
CA LEU A 44 -7.85 -9.75 -15.35
C LEU A 44 -9.23 -10.24 -14.90
N SER A 45 -10.23 -9.89 -15.69
CA SER A 45 -11.60 -10.28 -15.43
C SER A 45 -12.25 -10.74 -16.72
N PRO A 46 -13.09 -11.79 -16.66
CA PRO A 46 -13.79 -12.31 -17.83
C PRO A 46 -14.90 -11.37 -18.30
N GLN A 47 -15.16 -10.32 -17.52
CA GLN A 47 -16.21 -9.37 -17.86
C GLN A 47 -15.77 -7.93 -17.60
N GLY A 48 -14.67 -7.75 -16.87
CA GLY A 48 -14.19 -6.41 -16.59
C GLY A 48 -12.78 -6.20 -17.12
N GLY A 49 -12.49 -4.96 -17.54
CA GLY A 49 -11.18 -4.66 -18.06
C GLY A 49 -10.30 -3.96 -17.05
N GLY A 50 -10.00 -2.70 -17.31
CA GLY A 50 -9.16 -1.93 -16.41
C GLY A 50 -8.14 -1.10 -17.16
N PRO A 51 -7.23 -0.40 -16.44
CA PRO A 51 -6.20 0.43 -17.06
C PRO A 51 -5.23 -0.37 -17.94
N TRP A 52 -5.21 -1.68 -17.75
CA TRP A 52 -4.31 -2.54 -18.51
C TRP A 52 -4.95 -2.97 -19.83
N ASP A 53 -6.25 -2.72 -19.97
CA ASP A 53 -6.98 -3.08 -21.19
C ASP A 53 -6.45 -2.29 -22.38
N SER A 54 -5.93 -1.11 -22.10
CA SER A 54 -5.37 -0.25 -23.14
C SER A 54 -3.88 -0.54 -23.32
N VAL A 55 -3.39 -1.55 -22.62
CA VAL A 55 -1.99 -1.95 -22.71
C VAL A 55 -1.90 -3.29 -23.40
N ALA A 56 -2.70 -4.24 -22.93
CA ALA A 56 -2.74 -5.57 -23.51
C ALA A 56 -4.18 -6.03 -23.65
N ARG A 57 -4.54 -6.45 -24.85
CA ARG A 57 -5.89 -6.90 -25.12
C ARG A 57 -5.97 -8.43 -25.09
N VAL A 58 -6.97 -8.95 -24.39
CA VAL A 58 -7.14 -10.39 -24.29
C VAL A 58 -8.21 -10.86 -25.27
N LEU A 59 -7.84 -11.77 -26.15
CA LEU A 59 -8.77 -12.29 -27.13
C LEU A 59 -9.56 -13.45 -26.53
N PRO A 60 -10.82 -13.65 -26.96
CA PRO A 60 -11.69 -14.73 -26.43
C PRO A 60 -11.16 -16.13 -26.73
N ASN A 61 -10.08 -16.22 -27.49
CA ASN A 61 -9.50 -17.51 -27.84
C ASN A 61 -8.40 -17.88 -26.83
N GLY A 62 -8.03 -16.93 -25.98
CA GLY A 62 -7.00 -17.19 -24.99
C GLY A 62 -5.65 -16.63 -25.38
N SER A 63 -5.66 -15.58 -26.19
CA SER A 63 -4.42 -14.94 -26.64
C SER A 63 -4.32 -13.51 -26.13
N LEU A 64 -3.09 -13.04 -25.96
CA LEU A 64 -2.84 -11.69 -25.49
C LEU A 64 -2.17 -10.88 -26.59
N PHE A 65 -2.81 -9.78 -26.99
CA PHE A 65 -2.26 -8.94 -28.03
C PHE A 65 -1.63 -7.68 -27.45
N LEU A 66 -0.36 -7.48 -27.74
CA LEU A 66 0.37 -6.31 -27.29
C LEU A 66 0.61 -5.37 -28.47
N PRO A 67 -0.04 -4.20 -28.47
CA PRO A 67 0.09 -3.21 -29.56
C PRO A 67 1.54 -2.86 -29.87
N ALA A 68 2.33 -2.61 -28.83
CA ALA A 68 3.73 -2.26 -28.99
C ALA A 68 4.53 -2.59 -27.74
N VAL A 69 5.33 -3.64 -27.81
CA VAL A 69 6.14 -4.06 -26.68
C VAL A 69 7.23 -3.03 -26.40
N GLY A 70 7.24 -2.49 -25.20
CA GLY A 70 8.22 -1.50 -24.84
C GLY A 70 9.20 -2.01 -23.80
N ILE A 71 9.58 -1.15 -22.86
CA ILE A 71 10.52 -1.52 -21.81
C ILE A 71 9.77 -1.92 -20.55
N GLN A 72 8.47 -1.64 -20.52
CA GLN A 72 7.64 -1.97 -19.37
C GLN A 72 7.20 -3.42 -19.42
N ASP A 73 7.20 -3.97 -20.63
CA ASP A 73 6.80 -5.35 -20.87
C ASP A 73 8.03 -6.27 -20.82
N GLU A 74 9.17 -5.70 -20.52
CA GLU A 74 10.41 -6.46 -20.43
C GLU A 74 10.50 -7.20 -19.10
N GLY A 75 9.95 -8.41 -19.06
CA GLY A 75 9.99 -9.19 -17.84
C GLY A 75 9.50 -10.61 -18.05
N ILE A 76 9.08 -11.25 -16.97
CA ILE A 76 8.58 -12.62 -17.04
C ILE A 76 7.08 -12.67 -16.77
N PHE A 77 6.30 -12.96 -17.81
CA PHE A 77 4.86 -13.04 -17.68
C PHE A 77 4.42 -14.36 -17.09
N ARG A 78 3.26 -14.37 -16.44
CA ARG A 78 2.72 -15.58 -15.82
C ARG A 78 1.19 -15.60 -15.88
N CYS A 79 0.65 -16.31 -16.85
CA CYS A 79 -0.80 -16.42 -16.99
C CYS A 79 -1.33 -17.50 -16.06
N GLN A 80 -1.71 -17.08 -14.86
CA GLN A 80 -2.23 -18.01 -13.86
C GLN A 80 -3.73 -17.86 -13.69
N ALA A 81 -4.43 -18.99 -13.69
CA ALA A 81 -5.87 -19.01 -13.50
C ALA A 81 -6.17 -19.64 -12.15
N MET A 82 -7.27 -19.25 -11.53
CA MET A 82 -7.62 -19.81 -10.23
C MET A 82 -9.04 -20.33 -10.19
N ASN A 83 -9.16 -21.65 -10.10
CA ASN A 83 -10.46 -22.28 -10.01
C ASN A 83 -10.85 -22.36 -8.54
N ARG A 84 -12.14 -22.27 -8.25
CA ARG A 84 -12.61 -22.30 -6.86
C ARG A 84 -12.44 -23.68 -6.22
N ASN A 85 -11.89 -24.61 -7.00
CA ASN A 85 -11.64 -25.97 -6.51
C ASN A 85 -10.18 -26.11 -6.11
N GLY A 86 -9.46 -24.98 -6.17
CA GLY A 86 -8.05 -24.99 -5.82
C GLY A 86 -7.18 -25.53 -6.93
N LYS A 87 -7.09 -24.77 -8.02
CA LYS A 87 -6.30 -25.19 -9.17
C LYS A 87 -5.72 -23.98 -9.87
N GLU A 88 -4.41 -24.00 -10.10
CA GLU A 88 -3.72 -22.90 -10.77
C GLU A 88 -2.69 -23.42 -11.76
N THR A 89 -2.11 -22.53 -12.53
CA THR A 89 -1.12 -22.89 -13.54
C THR A 89 0.16 -22.08 -13.40
N LYS A 90 1.28 -22.77 -13.21
CA LYS A 90 2.57 -22.09 -13.07
C LYS A 90 3.32 -22.09 -14.39
N SER A 91 3.06 -21.07 -15.20
CA SER A 91 3.72 -20.91 -16.49
C SER A 91 4.52 -19.61 -16.47
N ASN A 92 5.66 -19.58 -17.16
CA ASN A 92 6.48 -18.38 -17.17
C ASN A 92 7.16 -18.17 -18.52
N TYR A 93 6.89 -17.02 -19.11
CA TYR A 93 7.48 -16.65 -20.39
C TYR A 93 8.32 -15.39 -20.23
N ARG A 94 9.58 -15.48 -20.61
CA ARG A 94 10.49 -14.36 -20.49
C ARG A 94 10.76 -13.71 -21.84
N VAL A 95 10.17 -12.56 -22.05
CA VAL A 95 10.36 -11.83 -23.28
C VAL A 95 11.56 -10.91 -23.16
N ARG A 96 12.43 -10.92 -24.15
CA ARG A 96 13.63 -10.10 -24.14
C ARG A 96 13.73 -9.31 -25.43
N VAL A 97 13.93 -8.01 -25.31
CA VAL A 97 14.05 -7.14 -26.48
C VAL A 97 15.49 -7.02 -26.94
N TYR A 98 15.68 -6.58 -28.17
CA TYR A 98 17.02 -6.42 -28.74
C TYR A 98 17.70 -5.17 -28.20
N GLN A 99 16.90 -4.22 -27.72
CA GLN A 99 17.45 -2.99 -27.18
C GLN A 99 17.06 -2.84 -25.71
N ILE A 100 17.88 -3.42 -24.85
CA ILE A 100 17.63 -3.37 -23.41
C ILE A 100 18.24 -2.12 -22.79
N PRO A 101 17.52 -1.50 -21.85
CA PRO A 101 17.98 -0.29 -21.17
C PRO A 101 19.01 -0.60 -20.09
N MET B 1 7.37 11.22 3.37
CA MET B 1 6.56 10.07 2.93
C MET B 1 7.45 9.06 2.21
N THR B 2 7.97 8.12 2.98
CA THR B 2 8.84 7.08 2.46
C THR B 2 8.01 6.06 1.66
N GLU B 3 8.66 5.02 1.15
CA GLU B 3 7.96 4.00 0.36
C GLU B 3 6.78 3.38 1.10
N LEU B 4 7.06 2.79 2.26
CA LEU B 4 6.02 2.16 3.07
C LEU B 4 4.97 3.18 3.49
N GLU B 5 5.42 4.38 3.86
CA GLU B 5 4.51 5.45 4.27
C GLU B 5 3.54 5.80 3.15
N THR B 6 4.05 5.86 1.92
CA THR B 6 3.23 6.18 0.75
C THR B 6 2.25 5.04 0.45
N ALA B 7 2.74 3.81 0.51
CA ALA B 7 1.91 2.64 0.24
C ALA B 7 0.72 2.58 1.20
N MET B 8 1.00 2.83 2.48
CA MET B 8 -0.03 2.83 3.50
C MET B 8 -1.04 3.95 3.26
N GLY B 9 -0.52 5.14 2.97
CA GLY B 9 -1.38 6.29 2.71
C GLY B 9 -2.25 6.10 1.49
N MET B 10 -1.71 5.40 0.49
CA MET B 10 -2.44 5.14 -0.74
C MET B 10 -3.70 4.34 -0.47
N ILE B 11 -3.59 3.37 0.44
CA ILE B 11 -4.74 2.53 0.81
C ILE B 11 -5.83 3.40 1.42
N ILE B 12 -5.42 4.36 2.24
CA ILE B 12 -6.36 5.28 2.88
C ILE B 12 -7.07 6.12 1.83
N ASP B 13 -6.30 6.60 0.86
CA ASP B 13 -6.83 7.42 -0.22
C ASP B 13 -7.85 6.64 -1.04
N VAL B 14 -7.52 5.40 -1.35
CA VAL B 14 -8.41 4.53 -2.12
C VAL B 14 -9.74 4.35 -1.39
N PHE B 15 -9.66 4.02 -0.10
CA PHE B 15 -10.84 3.81 0.72
C PHE B 15 -11.74 5.04 0.73
N SER B 16 -11.16 6.19 1.12
CA SER B 16 -11.92 7.44 1.22
C SER B 16 -12.45 7.94 -0.13
N ARG B 17 -11.94 7.39 -1.23
CA ARG B 17 -12.39 7.80 -2.55
C ARG B 17 -13.57 6.96 -3.02
N TYR B 18 -13.87 5.91 -2.28
CA TYR B 18 -14.99 5.03 -2.63
C TYR B 18 -16.06 5.11 -1.55
N SER B 19 -15.66 5.11 -0.29
CA SER B 19 -16.60 5.20 0.81
C SER B 19 -17.01 6.65 1.02
N GLY B 20 -18.29 6.92 0.92
CA GLY B 20 -18.78 8.27 1.08
C GLY B 20 -19.77 8.63 0.01
N SER B 21 -20.23 7.61 -0.70
CA SER B 21 -21.19 7.78 -1.75
C SER B 21 -22.59 7.73 -1.15
N GLU B 22 -22.69 6.96 -0.07
CA GLU B 22 -23.95 6.79 0.64
C GLU B 22 -23.70 6.08 1.96
N GLY B 23 -24.67 6.14 2.85
CA GLY B 23 -24.53 5.50 4.15
C GLY B 23 -23.61 6.25 5.10
N SER B 24 -22.32 6.24 4.80
CA SER B 24 -21.33 6.90 5.64
C SER B 24 -20.09 7.23 4.82
N THR B 25 -19.32 8.21 5.28
CA THR B 25 -18.11 8.60 4.59
C THR B 25 -16.89 7.88 5.16
N GLN B 26 -17.14 6.97 6.10
CA GLN B 26 -16.05 6.21 6.73
C GLN B 26 -16.37 4.71 6.72
N THR B 27 -17.33 4.31 5.89
CA THR B 27 -17.71 2.91 5.80
C THR B 27 -18.13 2.56 4.39
N LEU B 28 -17.88 1.33 3.99
CA LEU B 28 -18.23 0.87 2.64
C LEU B 28 -19.53 0.08 2.64
N THR B 29 -20.51 0.57 1.89
CA THR B 29 -21.79 -0.12 1.78
C THR B 29 -21.72 -1.16 0.66
N LYS B 30 -22.78 -1.95 0.49
CA LYS B 30 -22.83 -2.98 -0.54
C LYS B 30 -22.61 -2.38 -1.93
N GLY B 31 -23.22 -1.24 -2.19
CA GLY B 31 -23.09 -0.60 -3.48
C GLY B 31 -21.68 -0.10 -3.74
N GLU B 32 -21.10 0.56 -2.75
CA GLU B 32 -19.74 1.09 -2.87
C GLU B 32 -18.73 -0.04 -3.00
N LEU B 33 -18.96 -1.13 -2.28
CA LEU B 33 -18.07 -2.28 -2.34
C LEU B 33 -18.02 -2.85 -3.76
N LYS B 34 -19.17 -2.87 -4.42
CA LYS B 34 -19.24 -3.37 -5.79
C LYS B 34 -18.41 -2.49 -6.70
N VAL B 35 -18.56 -1.17 -6.54
CA VAL B 35 -17.81 -0.22 -7.34
C VAL B 35 -16.32 -0.37 -7.12
N LEU B 36 -15.92 -0.48 -5.86
CA LEU B 36 -14.52 -0.63 -5.51
C LEU B 36 -13.92 -1.88 -6.13
N MET B 37 -14.62 -3.00 -5.99
CA MET B 37 -14.14 -4.28 -6.52
C MET B 37 -14.29 -4.34 -8.04
N GLU B 38 -15.00 -3.38 -8.61
CA GLU B 38 -15.21 -3.34 -10.05
C GLU B 38 -14.27 -2.34 -10.71
N LYS B 39 -13.50 -1.63 -9.90
CA LYS B 39 -12.57 -0.64 -10.44
C LYS B 39 -11.14 -0.92 -10.00
N GLU B 40 -10.95 -1.14 -8.70
CA GLU B 40 -9.61 -1.39 -8.17
C GLU B 40 -9.15 -2.82 -8.46
N LEU B 41 -9.93 -3.80 -8.04
CA LEU B 41 -9.58 -5.21 -8.26
C LEU B 41 -10.65 -5.94 -9.06
N PRO B 42 -10.92 -5.52 -10.31
CA PRO B 42 -11.92 -6.17 -11.15
C PRO B 42 -11.36 -7.43 -11.80
N GLY B 43 -11.66 -8.57 -11.20
CA GLY B 43 -11.17 -9.83 -11.73
C GLY B 43 -11.13 -10.92 -10.69
N PHE B 44 -11.10 -10.53 -9.41
CA PHE B 44 -11.07 -11.50 -8.32
C PHE B 44 -12.47 -12.06 -8.07
N LEU B 45 -13.39 -11.76 -8.97
CA LEU B 45 -14.76 -12.23 -8.87
C LEU B 45 -15.05 -13.23 -9.96
N GLN B 46 -15.59 -14.38 -9.57
CA GLN B 46 -15.92 -15.43 -10.53
C GLN B 46 -17.17 -15.06 -11.33
N SER B 47 -17.98 -14.18 -10.78
CA SER B 47 -19.19 -13.73 -11.45
C SER B 47 -18.89 -12.57 -12.40
N GLY B 48 -17.64 -12.47 -12.83
CA GLY B 48 -17.23 -11.40 -13.73
C GLY B 48 -17.15 -10.07 -13.03
N LYS B 49 -18.30 -9.42 -12.90
CA LYS B 49 -18.39 -8.12 -12.24
C LYS B 49 -19.81 -7.89 -11.73
N ASP B 50 -20.57 -8.99 -11.60
CA ASP B 50 -21.93 -8.91 -11.11
C ASP B 50 -21.96 -8.91 -9.59
N LYS B 51 -23.10 -8.50 -9.03
CA LYS B 51 -23.25 -8.42 -7.57
C LYS B 51 -23.40 -9.80 -6.93
N ASP B 52 -23.41 -10.84 -7.75
CA ASP B 52 -23.55 -12.22 -7.27
C ASP B 52 -22.56 -12.56 -6.15
N ALA B 53 -21.28 -12.43 -6.43
CA ALA B 53 -20.25 -12.76 -5.44
C ALA B 53 -20.00 -11.58 -4.50
N VAL B 54 -20.35 -10.38 -4.95
CA VAL B 54 -20.15 -9.16 -4.17
C VAL B 54 -20.95 -9.23 -2.86
N ASP B 55 -22.18 -9.70 -2.96
CA ASP B 55 -23.06 -9.82 -1.80
C ASP B 55 -22.45 -10.74 -0.74
N LYS B 56 -21.85 -11.82 -1.21
CA LYS B 56 -21.22 -12.79 -0.32
C LYS B 56 -19.97 -12.22 0.33
N LEU B 57 -19.19 -11.47 -0.45
CA LEU B 57 -17.96 -10.86 0.06
C LEU B 57 -18.27 -9.84 1.14
N LEU B 58 -19.35 -9.08 0.93
CA LEU B 58 -19.76 -8.07 1.91
C LEU B 58 -20.08 -8.73 3.25
N LYS B 59 -20.82 -9.83 3.19
CA LYS B 59 -21.20 -10.56 4.39
C LYS B 59 -19.98 -11.19 5.05
N ASP B 60 -19.01 -11.59 4.24
CA ASP B 60 -17.79 -12.21 4.73
C ASP B 60 -16.88 -11.19 5.42
N LEU B 61 -16.85 -9.98 4.89
CA LEU B 61 -16.02 -8.92 5.46
C LEU B 61 -16.72 -8.26 6.65
N ASP B 62 -18.04 -8.36 6.69
CA ASP B 62 -18.82 -7.78 7.78
C ASP B 62 -18.59 -8.55 9.07
N ALA B 63 -17.73 -8.01 9.92
CA ALA B 63 -17.41 -8.63 11.19
C ALA B 63 -18.14 -7.94 12.33
N ASN B 64 -18.54 -6.69 12.10
CA ASN B 64 -19.25 -5.93 13.11
C ASN B 64 -20.70 -6.39 13.19
N GLY B 65 -21.26 -6.82 12.05
CA GLY B 65 -22.62 -7.32 12.04
C GLY B 65 -23.65 -6.27 11.69
N ASP B 66 -23.36 -5.44 10.70
CA ASP B 66 -24.30 -4.42 10.28
C ASP B 66 -24.35 -4.30 8.75
N ALA B 67 -23.60 -5.20 8.09
CA ALA B 67 -23.53 -5.28 6.63
C ALA B 67 -22.72 -4.15 6.00
N GLN B 68 -21.93 -3.45 6.80
CA GLN B 68 -21.09 -2.38 6.29
C GLN B 68 -19.63 -2.69 6.62
N VAL B 69 -18.76 -2.50 5.64
CA VAL B 69 -17.35 -2.79 5.82
C VAL B 69 -16.57 -1.54 6.22
N ASP B 70 -15.98 -1.59 7.41
CA ASP B 70 -15.18 -0.48 7.92
C ASP B 70 -13.72 -0.70 7.49
N PHE B 71 -12.89 0.33 7.60
CA PHE B 71 -11.48 0.23 7.21
C PHE B 71 -10.77 -0.91 7.93
N SER B 72 -11.08 -1.11 9.20
CA SER B 72 -10.45 -2.17 9.99
C SER B 72 -10.78 -3.56 9.42
N GLU B 73 -11.90 -3.67 8.73
CA GLU B 73 -12.30 -4.94 8.13
C GLU B 73 -11.79 -5.01 6.69
N PHE B 74 -11.76 -3.85 6.03
CA PHE B 74 -11.31 -3.75 4.65
C PHE B 74 -9.81 -4.00 4.53
N ILE B 75 -9.05 -3.48 5.49
CA ILE B 75 -7.60 -3.65 5.49
C ILE B 75 -7.22 -5.12 5.55
N VAL B 76 -8.04 -5.92 6.24
CA VAL B 76 -7.77 -7.34 6.37
C VAL B 76 -7.88 -8.02 5.02
N PHE B 77 -8.86 -7.59 4.23
CA PHE B 77 -9.07 -8.14 2.90
C PHE B 77 -7.86 -7.88 2.02
N VAL B 78 -7.42 -6.64 2.00
CA VAL B 78 -6.26 -6.23 1.20
C VAL B 78 -5.01 -7.00 1.65
N ALA B 79 -4.83 -7.09 2.96
CA ALA B 79 -3.69 -7.79 3.53
C ALA B 79 -3.68 -9.26 3.12
N ALA B 80 -4.81 -9.92 3.27
CA ALA B 80 -4.94 -11.34 2.92
C ALA B 80 -4.61 -11.58 1.44
N ILE B 81 -5.17 -10.74 0.58
CA ILE B 81 -4.92 -10.85 -0.85
C ILE B 81 -3.44 -10.69 -1.18
N THR B 82 -2.82 -9.66 -0.61
CA THR B 82 -1.41 -9.40 -0.84
C THR B 82 -0.55 -10.55 -0.33
N SER B 83 -0.91 -11.11 0.83
CA SER B 83 -0.17 -12.23 1.41
C SER B 83 -0.19 -13.44 0.48
N ALA B 84 -1.36 -13.76 -0.06
CA ALA B 84 -1.51 -14.88 -0.96
C ALA B 84 -0.69 -14.69 -2.23
N CYS B 85 -0.56 -13.44 -2.66
CA CYS B 85 0.19 -13.11 -3.86
C CYS B 85 1.69 -13.35 -3.63
N HIS B 86 2.23 -12.80 -2.55
CA HIS B 86 3.65 -12.95 -2.25
C HIS B 86 3.99 -14.41 -1.98
N LYS B 87 3.13 -15.10 -1.25
CA LYS B 87 3.35 -16.50 -0.93
C LYS B 87 3.48 -17.31 -2.21
N TYR B 88 2.70 -16.95 -3.23
CA TYR B 88 2.77 -17.64 -4.50
C TYR B 88 4.09 -17.33 -5.19
N PHE B 89 4.55 -16.10 -5.07
CA PHE B 89 5.82 -15.69 -5.67
C PHE B 89 6.98 -16.41 -5.00
N GLU B 90 6.84 -16.65 -3.69
CA GLU B 90 7.86 -17.35 -2.93
C GLU B 90 7.98 -18.79 -3.45
N LYS B 91 6.83 -19.42 -3.66
CA LYS B 91 6.80 -20.79 -4.16
C LYS B 91 7.03 -20.83 -5.67
N ALA B 92 7.06 -19.66 -6.29
CA ALA B 92 7.28 -19.56 -7.72
C ALA B 92 8.76 -19.69 -8.05
N GLY B 93 9.59 -19.53 -7.03
CA GLY B 93 11.02 -19.62 -7.21
C GLY B 93 11.47 -21.01 -7.59
N LEU B 94 10.85 -22.02 -6.99
CA LEU B 94 11.19 -23.40 -7.28
C LEU B 94 10.51 -23.84 -8.58
N MET C 1 -2.70 -2.08 -12.99
CA MET C 1 -1.91 -1.32 -12.01
C MET C 1 -2.72 -0.15 -11.47
N THR C 2 -3.93 -0.44 -11.00
CA THR C 2 -4.79 0.59 -10.44
C THR C 2 -4.22 1.06 -9.11
N GLU C 3 -4.85 2.04 -8.48
CA GLU C 3 -4.36 2.56 -7.21
C GLU C 3 -4.12 1.45 -6.19
N LEU C 4 -5.13 0.63 -5.95
CA LEU C 4 -5.01 -0.46 -4.98
C LEU C 4 -3.94 -1.47 -5.44
N GLU C 5 -3.92 -1.77 -6.74
CA GLU C 5 -2.95 -2.72 -7.28
C GLU C 5 -1.52 -2.18 -7.07
N THR C 6 -1.36 -0.87 -7.22
CA THR C 6 -0.07 -0.22 -7.04
C THR C 6 0.34 -0.23 -5.56
N ALA C 7 -0.60 0.10 -4.69
CA ALA C 7 -0.34 0.12 -3.26
C ALA C 7 0.09 -1.26 -2.77
N MET C 8 -0.63 -2.28 -3.23
CA MET C 8 -0.33 -3.66 -2.87
C MET C 8 1.05 -4.06 -3.37
N GLY C 9 1.31 -3.75 -4.64
CA GLY C 9 2.58 -4.07 -5.25
C GLY C 9 3.73 -3.37 -4.57
N MET C 10 3.51 -2.13 -4.15
CA MET C 10 4.53 -1.34 -3.49
C MET C 10 4.95 -1.99 -2.17
N ILE C 11 3.98 -2.55 -1.45
CA ILE C 11 4.27 -3.22 -0.18
C ILE C 11 5.23 -4.39 -0.41
N ILE C 12 5.01 -5.09 -1.51
CA ILE C 12 5.86 -6.23 -1.86
C ILE C 12 7.27 -5.75 -2.18
N ASP C 13 7.35 -4.69 -3.00
CA ASP C 13 8.64 -4.11 -3.39
C ASP C 13 9.42 -3.66 -2.16
N VAL C 14 8.74 -3.01 -1.23
CA VAL C 14 9.38 -2.54 0.01
C VAL C 14 9.98 -3.72 0.77
N PHE C 15 9.26 -4.84 0.77
CA PHE C 15 9.70 -6.04 1.45
C PHE C 15 10.96 -6.62 0.78
N SER C 16 10.87 -6.86 -0.53
CA SER C 16 11.98 -7.44 -1.27
C SER C 16 13.22 -6.54 -1.29
N ARG C 17 13.02 -5.24 -1.11
CA ARG C 17 14.13 -4.30 -1.13
C ARG C 17 14.96 -4.39 0.15
N TYR C 18 14.40 -5.01 1.18
CA TYR C 18 15.11 -5.14 2.45
C TYR C 18 15.44 -6.60 2.75
N SER C 19 14.51 -7.50 2.46
CA SER C 19 14.72 -8.92 2.72
C SER C 19 15.65 -9.51 1.66
N GLY C 20 16.74 -10.11 2.11
CA GLY C 20 17.69 -10.69 1.20
C GLY C 20 19.11 -10.29 1.50
N SER C 21 19.27 -9.54 2.58
CA SER C 21 20.58 -9.08 2.99
C SER C 21 21.31 -10.22 3.69
N GLU C 22 20.53 -11.06 4.36
CA GLU C 22 21.04 -12.21 5.08
C GLU C 22 19.91 -13.16 5.40
N GLY C 23 20.23 -14.43 5.61
CA GLY C 23 19.23 -15.42 5.95
C GLY C 23 18.46 -15.92 4.75
N SER C 24 17.58 -15.08 4.21
CA SER C 24 16.76 -15.45 3.06
C SER C 24 16.28 -14.22 2.31
N THR C 25 16.01 -14.39 1.02
CA THR C 25 15.53 -13.28 0.18
C THR C 25 14.02 -13.15 0.26
N GLN C 26 13.39 -13.97 1.10
CA GLN C 26 11.94 -13.95 1.25
C GLN C 26 11.56 -13.89 2.73
N THR C 27 12.47 -13.42 3.56
CA THR C 27 12.22 -13.32 5.00
C THR C 27 13.02 -12.18 5.62
N LEU C 28 12.49 -11.58 6.68
CA LEU C 28 13.18 -10.47 7.35
C LEU C 28 13.81 -10.94 8.66
N THR C 29 15.12 -10.73 8.78
CA THR C 29 15.85 -11.10 9.98
C THR C 29 15.86 -9.94 10.97
N LYS C 30 16.52 -10.14 12.12
CA LYS C 30 16.60 -9.09 13.14
C LYS C 30 17.32 -7.85 12.59
N GLY C 31 18.42 -8.08 11.89
CA GLY C 31 19.18 -6.99 11.33
C GLY C 31 18.41 -6.24 10.27
N GLU C 32 17.79 -6.98 9.35
CA GLU C 32 17.01 -6.37 8.28
C GLU C 32 15.80 -5.63 8.83
N LEU C 33 15.16 -6.21 9.86
CA LEU C 33 13.99 -5.58 10.47
C LEU C 33 14.38 -4.23 11.05
N LYS C 34 15.56 -4.17 11.67
CA LYS C 34 16.05 -2.92 12.25
C LYS C 34 16.23 -1.88 11.15
N VAL C 35 16.85 -2.30 10.05
CA VAL C 35 17.10 -1.41 8.92
C VAL C 35 15.78 -0.92 8.32
N LEU C 36 14.84 -1.84 8.13
CA LEU C 36 13.54 -1.50 7.57
C LEU C 36 12.82 -0.48 8.44
N MET C 37 12.75 -0.76 9.73
CA MET C 37 12.07 0.13 10.67
C MET C 37 12.84 1.43 10.87
N GLU C 38 14.12 1.42 10.53
CA GLU C 38 14.96 2.60 10.68
C GLU C 38 15.01 3.41 9.38
N LYS C 39 14.26 2.98 8.38
CA LYS C 39 14.25 3.68 7.09
C LYS C 39 12.83 3.92 6.58
N GLU C 40 11.98 2.92 6.64
CA GLU C 40 10.60 3.05 6.18
C GLU C 40 9.73 3.78 7.19
N LEU C 41 9.79 3.33 8.44
CA LEU C 41 8.99 3.94 9.50
C LEU C 41 9.86 4.33 10.71
N PRO C 42 10.83 5.23 10.51
CA PRO C 42 11.73 5.66 11.57
C PRO C 42 11.08 6.71 12.45
N GLY C 43 10.49 6.26 13.55
CA GLY C 43 9.83 7.18 14.46
C GLY C 43 8.83 6.49 15.36
N PHE C 44 8.35 5.32 14.94
CA PHE C 44 7.38 4.56 15.72
C PHE C 44 8.08 3.75 16.80
N LEU C 45 9.36 3.98 16.97
CA LEU C 45 10.15 3.27 17.96
C LEU C 45 10.44 4.19 19.14
N GLN C 46 10.03 3.76 20.33
CA GLN C 46 10.24 4.52 21.55
C GLN C 46 11.73 4.60 21.91
N SER C 47 12.52 3.77 21.26
CA SER C 47 13.97 3.75 21.48
C SER C 47 14.68 4.63 20.46
N GLY C 48 13.91 5.47 19.78
CA GLY C 48 14.47 6.36 18.77
C GLY C 48 14.70 5.64 17.46
N LYS C 49 15.77 4.85 17.42
CA LYS C 49 16.11 4.08 16.22
C LYS C 49 17.17 3.02 16.57
N ASP C 50 17.30 2.75 17.86
CA ASP C 50 18.25 1.76 18.36
C ASP C 50 17.59 0.38 18.32
N LYS C 51 18.26 -0.64 18.87
CA LYS C 51 17.71 -1.98 18.91
C LYS C 51 16.59 -2.01 19.96
N ASP C 52 16.94 -2.37 21.19
CA ASP C 52 16.00 -2.41 22.34
C ASP C 52 14.61 -2.97 21.96
N ALA C 53 13.71 -2.08 21.54
CA ALA C 53 12.35 -2.46 21.16
C ALA C 53 12.31 -3.27 19.88
N VAL C 54 13.32 -3.13 19.03
CA VAL C 54 13.39 -3.87 17.77
C VAL C 54 13.36 -5.37 18.03
N ASP C 55 14.14 -5.80 19.03
CA ASP C 55 14.20 -7.20 19.40
C ASP C 55 12.84 -7.70 19.87
N LYS C 56 12.16 -6.84 20.62
CA LYS C 56 10.83 -7.15 21.13
C LYS C 56 9.81 -7.24 20.01
N LEU C 57 9.92 -6.31 19.05
CA LEU C 57 9.01 -6.27 17.92
C LEU C 57 9.19 -7.52 17.06
N LEU C 58 10.43 -7.96 16.90
CA LEU C 58 10.72 -9.15 16.10
C LEU C 58 10.04 -10.36 16.73
N LYS C 59 10.20 -10.51 18.04
CA LYS C 59 9.62 -11.62 18.76
C LYS C 59 8.09 -11.54 18.76
N ASP C 60 7.57 -10.32 18.75
CA ASP C 60 6.14 -10.10 18.74
C ASP C 60 5.53 -10.50 17.40
N LEU C 61 6.22 -10.16 16.32
CA LEU C 61 5.75 -10.49 14.98
C LEU C 61 5.98 -11.97 14.67
N ASP C 62 7.06 -12.51 15.21
CA ASP C 62 7.42 -13.92 15.02
C ASP C 62 6.34 -14.84 15.58
N ALA C 63 5.46 -15.30 14.71
CA ALA C 63 4.38 -16.19 15.11
C ALA C 63 4.73 -17.61 14.73
N ASN C 64 5.74 -17.77 13.88
CA ASN C 64 6.18 -19.07 13.43
C ASN C 64 7.09 -19.74 14.46
N GLY C 65 7.97 -18.96 15.07
CA GLY C 65 8.86 -19.49 16.10
C GLY C 65 10.28 -19.69 15.61
N ASP C 66 10.64 -19.02 14.53
CA ASP C 66 11.99 -19.13 13.97
C ASP C 66 12.74 -17.80 14.12
N ALA C 67 12.07 -16.82 14.73
CA ALA C 67 12.65 -15.49 14.96
C ALA C 67 12.88 -14.75 13.64
N GLN C 68 12.12 -15.16 12.63
CA GLN C 68 12.21 -14.54 11.31
C GLN C 68 10.81 -14.15 10.86
N VAL C 69 10.68 -12.93 10.39
CA VAL C 69 9.37 -12.41 9.97
C VAL C 69 9.12 -12.62 8.48
N ASP C 70 8.07 -13.37 8.17
CA ASP C 70 7.68 -13.63 6.78
C ASP C 70 6.70 -12.55 6.34
N PHE C 71 6.43 -12.46 5.05
CA PHE C 71 5.51 -11.46 4.52
C PHE C 71 4.12 -11.60 5.14
N SER C 72 3.70 -12.85 5.39
CA SER C 72 2.39 -13.10 5.97
C SER C 72 2.29 -12.54 7.40
N GLU C 73 3.44 -12.37 8.04
CA GLU C 73 3.47 -11.83 9.39
C GLU C 73 3.78 -10.33 9.34
N PHE C 74 4.60 -9.93 8.37
CA PHE C 74 4.97 -8.54 8.19
C PHE C 74 3.78 -7.71 7.73
N ILE C 75 2.95 -8.30 6.87
CA ILE C 75 1.77 -7.62 6.36
C ILE C 75 0.80 -7.27 7.48
N VAL C 76 0.78 -8.11 8.52
CA VAL C 76 -0.09 -7.88 9.67
C VAL C 76 0.32 -6.61 10.39
N PHE C 77 1.62 -6.41 10.52
CA PHE C 77 2.16 -5.22 11.17
C PHE C 77 1.72 -3.97 10.42
N VAL C 78 1.93 -3.97 9.10
CA VAL C 78 1.56 -2.85 8.26
C VAL C 78 0.06 -2.59 8.35
N ALA C 79 -0.73 -3.65 8.26
CA ALA C 79 -2.18 -3.54 8.33
C ALA C 79 -2.62 -2.91 9.65
N ALA C 80 -2.09 -3.42 10.76
CA ALA C 80 -2.44 -2.92 12.09
C ALA C 80 -2.13 -1.43 12.21
N ILE C 81 -0.94 -1.03 11.77
CA ILE C 81 -0.52 0.37 11.84
C ILE C 81 -1.45 1.25 11.01
N THR C 82 -1.76 0.81 9.80
CA THR C 82 -2.63 1.56 8.91
C THR C 82 -4.04 1.69 9.50
N SER C 83 -4.54 0.61 10.09
CA SER C 83 -5.87 0.60 10.70
C SER C 83 -5.94 1.62 11.83
N ALA C 84 -4.93 1.60 12.69
CA ALA C 84 -4.86 2.51 13.83
C ALA C 84 -4.89 3.97 13.36
N CYS C 85 -4.16 4.25 12.28
CA CYS C 85 -4.09 5.60 11.74
C CYS C 85 -5.46 6.05 11.23
N HIS C 86 -6.11 5.21 10.45
CA HIS C 86 -7.43 5.54 9.89
C HIS C 86 -8.46 5.68 11.00
N LYS C 87 -8.40 4.78 11.98
CA LYS C 87 -9.34 4.82 13.09
C LYS C 87 -9.19 6.13 13.86
N TYR C 88 -7.96 6.62 13.93
CA TYR C 88 -7.69 7.88 14.60
C TYR C 88 -8.28 9.04 13.80
N PHE C 89 -8.18 8.94 12.49
CA PHE C 89 -8.72 9.97 11.60
C PHE C 89 -10.24 9.98 11.68
N GLU C 90 -10.82 8.80 11.87
CA GLU C 90 -12.27 8.66 11.98
C GLU C 90 -12.75 9.40 13.23
N LYS C 91 -12.01 9.24 14.32
CA LYS C 91 -12.34 9.90 15.57
C LYS C 91 -11.82 11.34 15.60
N ALA C 92 -11.15 11.73 14.52
CA ALA C 92 -10.60 13.07 14.41
C ALA C 92 -11.65 14.02 13.83
N GLY C 93 -12.74 13.46 13.33
CA GLY C 93 -13.80 14.25 12.75
C GLY C 93 -14.57 15.02 13.81
N LEU C 94 -14.69 14.43 14.99
CA LEU C 94 -15.41 15.06 16.09
C LEU C 94 -14.49 16.04 16.83
N ALA D 1 -14.20 18.49 14.64
CA ALA D 1 -12.73 18.68 14.61
C ALA D 1 -12.38 20.14 14.86
N MET D 2 -11.72 20.41 15.97
CA MET D 2 -11.31 21.78 16.31
C MET D 2 -9.97 22.10 15.68
N ALA D 3 -9.98 22.98 14.70
CA ALA D 3 -8.75 23.38 14.01
C ALA D 3 -8.65 24.89 13.90
N GLN D 4 -7.52 25.42 14.36
CA GLN D 4 -7.28 26.86 14.30
C GLN D 4 -6.84 27.25 12.89
N ASN D 5 -7.45 28.30 12.36
CA ASN D 5 -7.13 28.76 11.01
C ASN D 5 -6.03 29.80 11.02
N ILE D 6 -5.03 29.61 10.17
CA ILE D 6 -3.91 30.53 10.06
C ILE D 6 -3.68 30.92 8.60
N THR D 7 -3.71 32.21 8.32
CA THR D 7 -3.51 32.69 6.95
C THR D 7 -2.02 32.88 6.66
N ALA D 8 -1.58 32.44 5.50
CA ALA D 8 -0.17 32.57 5.12
C ALA D 8 0.00 32.92 3.64
N ARG D 9 1.18 33.42 3.30
CA ARG D 9 1.51 33.79 1.94
C ARG D 9 2.26 32.65 1.26
N ILE D 10 2.08 32.52 -0.06
CA ILE D 10 2.76 31.47 -0.80
C ILE D 10 4.25 31.77 -0.94
N GLY D 11 5.07 30.81 -0.52
CA GLY D 11 6.51 31.00 -0.59
C GLY D 11 7.02 31.79 0.59
N GLU D 12 6.33 31.66 1.72
CA GLU D 12 6.69 32.36 2.93
C GLU D 12 7.19 31.39 3.99
N PRO D 13 8.31 31.70 4.65
CA PRO D 13 8.86 30.87 5.72
C PRO D 13 8.02 30.99 6.99
N LEU D 14 7.34 29.91 7.35
CA LEU D 14 6.48 29.92 8.52
C LEU D 14 7.10 29.13 9.67
N VAL D 15 6.98 29.66 10.88
CA VAL D 15 7.50 29.02 12.07
C VAL D 15 6.35 28.62 12.98
N LEU D 16 6.17 27.32 13.18
CA LEU D 16 5.10 26.82 14.02
C LEU D 16 5.65 26.28 15.34
N LYS D 17 4.86 26.37 16.40
CA LYS D 17 5.27 25.90 17.71
C LYS D 17 4.38 24.74 18.16
N CYS D 18 5.00 23.62 18.49
CA CYS D 18 4.25 22.44 18.92
C CYS D 18 4.80 21.89 20.24
N LYS D 19 4.13 22.22 21.33
CA LYS D 19 4.53 21.76 22.65
C LYS D 19 3.72 20.54 23.06
N GLY D 20 4.21 19.36 22.71
CA GLY D 20 3.51 18.14 23.05
C GLY D 20 4.32 17.23 23.94
N ALA D 21 5.61 17.51 24.04
CA ALA D 21 6.51 16.72 24.87
C ALA D 21 6.57 17.30 26.29
N PRO D 22 6.33 16.46 27.30
CA PRO D 22 6.36 16.89 28.71
C PRO D 22 7.79 17.00 29.23
N LYS D 23 7.92 17.16 30.55
CA LYS D 23 9.23 17.28 31.17
C LYS D 23 9.84 15.90 31.39
N LYS D 24 10.07 15.19 30.29
CA LYS D 24 10.63 13.85 30.32
C LYS D 24 11.47 13.63 29.08
N PRO D 25 12.31 12.57 29.05
CA PRO D 25 13.16 12.26 27.90
C PRO D 25 12.38 12.20 26.59
N PRO D 26 13.00 12.67 25.49
CA PRO D 26 12.37 12.68 24.16
C PRO D 26 11.87 11.32 23.73
N GLN D 27 10.55 11.19 23.63
CA GLN D 27 9.93 9.95 23.21
C GLN D 27 9.71 9.95 21.70
N ARG D 28 8.92 9.01 21.21
CA ARG D 28 8.65 8.93 19.78
C ARG D 28 7.60 9.96 19.38
N LEU D 29 7.81 10.61 18.24
CA LEU D 29 6.89 11.63 17.75
C LEU D 29 6.25 11.19 16.44
N GLU D 30 5.13 10.49 16.54
CA GLU D 30 4.42 10.00 15.37
C GLU D 30 3.50 11.08 14.81
N TRP D 31 4.11 12.05 14.14
CA TRP D 31 3.39 13.18 13.54
C TRP D 31 2.35 12.70 12.54
N LYS D 32 1.22 13.41 12.49
CA LYS D 32 0.13 13.08 11.58
C LYS D 32 -0.55 14.37 11.12
N LEU D 33 -1.50 14.25 10.20
CA LEU D 33 -2.22 15.41 9.71
C LEU D 33 -3.51 14.98 9.03
N ASN D 34 -4.34 15.94 8.66
CA ASN D 34 -5.60 15.64 8.00
C ASN D 34 -5.64 16.32 6.64
N THR D 35 -5.62 15.52 5.59
CA THR D 35 -5.66 16.03 4.23
C THR D 35 -6.44 15.08 3.32
N GLY D 36 -6.84 15.58 2.16
CA GLY D 36 -7.59 14.76 1.22
C GLY D 36 -6.73 13.68 0.59
N ARG D 37 -5.62 14.08 -0.02
CA ARG D 37 -4.71 13.14 -0.64
C ARG D 37 -3.54 12.87 0.29
N THR D 38 -3.19 13.88 1.09
CA THR D 38 -2.09 13.78 2.05
C THR D 38 -0.73 13.75 1.34
N GLU D 39 -0.08 14.89 1.30
CA GLU D 39 1.22 15.02 0.65
C GLU D 39 2.35 15.08 1.67
N ALA D 40 2.30 16.08 2.54
CA ALA D 40 3.32 16.27 3.56
C ALA D 40 3.09 15.39 4.78
N TRP D 41 3.60 14.17 4.75
CA TRP D 41 3.47 13.25 5.87
C TRP D 41 4.75 12.43 6.03
N LYS D 42 5.16 12.24 7.27
CA LYS D 42 6.35 11.47 7.58
C LYS D 42 6.51 11.36 9.09
N VAL D 43 6.78 10.15 9.58
CA VAL D 43 6.96 9.94 11.01
C VAL D 43 8.30 10.51 11.48
N LEU D 44 8.26 11.36 12.50
CA LEU D 44 9.47 11.98 13.02
C LEU D 44 10.11 11.12 14.10
N SER D 45 11.43 11.28 14.25
CA SER D 45 12.18 10.54 15.25
C SER D 45 13.12 11.51 15.97
N PRO D 46 13.32 11.33 17.28
CA PRO D 46 14.20 12.19 18.07
C PRO D 46 15.68 11.97 17.73
N GLN D 47 15.95 10.96 16.91
CA GLN D 47 17.30 10.64 16.51
C GLN D 47 17.35 10.22 15.04
N GLY D 48 16.31 10.56 14.29
CA GLY D 48 16.26 10.20 12.89
C GLY D 48 15.39 11.17 12.09
N GLY D 49 15.88 11.58 10.94
CA GLY D 49 15.13 12.50 10.10
C GLY D 49 14.36 11.81 8.99
N GLY D 50 14.78 12.04 7.75
CA GLY D 50 14.12 11.44 6.61
C GLY D 50 13.93 12.43 5.47
N PRO D 51 13.14 12.07 4.45
CA PRO D 51 12.89 12.95 3.29
C PRO D 51 12.15 14.23 3.67
N TRP D 52 11.50 14.22 4.83
CA TRP D 52 10.74 15.38 5.28
C TRP D 52 11.64 16.39 5.99
N ASP D 53 12.87 15.99 6.28
CA ASP D 53 13.83 16.86 6.97
C ASP D 53 14.16 18.08 6.11
N SER D 54 14.13 17.89 4.80
CA SER D 54 14.42 18.97 3.87
C SER D 54 13.18 19.82 3.64
N VAL D 55 12.02 19.32 4.06
CA VAL D 55 10.76 20.03 3.90
C VAL D 55 10.47 20.87 5.12
N ALA D 56 10.56 20.25 6.29
CA ALA D 56 10.32 20.94 7.54
C ALA D 56 11.36 20.55 8.57
N ARG D 57 12.06 21.54 9.11
CA ARG D 57 13.09 21.30 10.10
C ARG D 57 12.53 21.50 11.50
N VAL D 58 12.73 20.49 12.34
CA VAL D 58 12.24 20.55 13.71
C VAL D 58 13.33 21.06 14.65
N LEU D 59 13.03 22.13 15.34
CA LEU D 59 13.97 22.72 16.29
C LEU D 59 13.83 22.04 17.66
N PRO D 60 14.95 21.85 18.37
CA PRO D 60 14.96 21.20 19.70
C PRO D 60 14.07 21.88 20.74
N ASN D 61 13.57 23.06 20.43
CA ASN D 61 12.71 23.79 21.36
C ASN D 61 11.23 23.42 21.14
N GLY D 62 10.98 22.61 20.12
CA GLY D 62 9.63 22.18 19.81
C GLY D 62 8.96 23.06 18.78
N SER D 63 9.73 23.53 17.82
CA SER D 63 9.19 24.38 16.76
C SER D 63 9.47 23.78 15.39
N LEU D 64 8.56 24.04 14.45
CA LEU D 64 8.69 23.54 13.10
C LEU D 64 8.98 24.69 12.15
N PHE D 65 10.10 24.64 11.46
CA PHE D 65 10.48 25.69 10.52
C PHE D 65 10.24 25.26 9.09
N LEU D 66 9.38 25.99 8.40
CA LEU D 66 9.07 25.73 7.00
C LEU D 66 9.77 26.75 6.13
N PRO D 67 10.78 26.32 5.36
CA PRO D 67 11.56 27.20 4.48
C PRO D 67 10.69 28.03 3.55
N ALA D 68 9.69 27.39 2.95
CA ALA D 68 8.79 28.07 2.04
C ALA D 68 7.48 27.31 1.90
N VAL D 69 6.42 27.85 2.48
CA VAL D 69 5.11 27.21 2.42
C VAL D 69 4.54 27.26 1.00
N GLY D 70 4.17 26.09 0.48
CA GLY D 70 3.61 26.01 -0.86
C GLY D 70 2.19 25.49 -0.84
N ILE D 71 1.81 24.77 -1.89
CA ILE D 71 0.48 24.21 -1.99
C ILE D 71 0.41 22.82 -1.38
N GLN D 72 1.57 22.22 -1.13
CA GLN D 72 1.63 20.88 -0.56
C GLN D 72 1.42 20.92 0.95
N ASP D 73 1.71 22.07 1.54
CA ASP D 73 1.57 22.26 2.99
C ASP D 73 0.24 22.90 3.32
N GLU D 74 -0.65 22.95 2.33
CA GLU D 74 -1.96 23.54 2.51
C GLU D 74 -2.94 22.52 3.10
N GLY D 75 -2.92 22.39 4.42
CA GLY D 75 -3.81 21.44 5.08
C GLY D 75 -3.88 21.64 6.58
N ILE D 76 -4.28 20.59 7.28
CA ILE D 76 -4.41 20.64 8.74
C ILE D 76 -3.33 19.79 9.41
N PHE D 77 -2.40 20.45 10.09
CA PHE D 77 -1.31 19.76 10.76
C PHE D 77 -1.74 19.24 12.13
N ARG D 78 -1.03 18.23 12.64
CA ARG D 78 -1.35 17.65 13.93
C ARG D 78 -0.09 17.08 14.60
N CYS D 79 0.48 17.85 15.52
CA CYS D 79 1.67 17.40 16.23
C CYS D 79 1.26 16.44 17.35
N GLN D 80 1.29 15.16 17.04
CA GLN D 80 0.90 14.13 17.99
C GLN D 80 2.11 13.34 18.49
N ALA D 81 2.16 13.15 19.80
CA ALA D 81 3.24 12.40 20.43
C ALA D 81 2.63 11.28 21.25
N MET D 82 3.28 10.13 21.29
CA MET D 82 2.76 9.01 22.05
C MET D 82 3.78 8.47 23.05
N ASN D 83 3.40 8.49 24.31
CA ASN D 83 4.25 7.98 25.38
C ASN D 83 3.92 6.52 25.62
N ARG D 84 4.85 5.76 26.19
CA ARG D 84 4.67 4.34 26.46
C ARG D 84 3.57 4.12 27.50
N ASN D 85 3.14 5.19 28.13
CA ASN D 85 2.10 5.14 29.16
C ASN D 85 0.71 5.26 28.53
N GLY D 86 0.68 5.36 27.21
CA GLY D 86 -0.57 5.47 26.50
C GLY D 86 -1.15 6.87 26.57
N LYS D 87 -0.40 7.84 26.06
CA LYS D 87 -0.85 9.23 26.07
C LYS D 87 -0.50 9.91 24.76
N GLU D 88 -1.43 10.68 24.23
CA GLU D 88 -1.23 11.40 22.97
C GLU D 88 -1.68 12.85 23.12
N THR D 89 -1.87 13.53 21.99
CA THR D 89 -2.31 14.92 22.01
C THR D 89 -3.02 15.27 20.70
N LYS D 90 -4.31 15.55 20.79
CA LYS D 90 -5.12 15.89 19.63
C LYS D 90 -5.16 17.40 19.41
N SER D 91 -4.21 17.88 18.62
CA SER D 91 -4.13 19.30 18.30
C SER D 91 -4.15 19.48 16.77
N ASN D 92 -4.96 20.40 16.28
CA ASN D 92 -5.07 20.62 14.85
C ASN D 92 -4.95 22.09 14.47
N TYR D 93 -4.10 22.37 13.49
CA TYR D 93 -3.88 23.71 12.99
C TYR D 93 -4.06 23.72 11.48
N ARG D 94 -4.97 24.54 10.98
CA ARG D 94 -5.24 24.59 9.55
C ARG D 94 -4.65 25.85 8.93
N VAL D 95 -3.65 25.67 8.10
CA VAL D 95 -3.02 26.78 7.42
C VAL D 95 -3.71 27.01 6.07
N ARG D 96 -3.97 28.26 5.75
CA ARG D 96 -4.62 28.62 4.51
C ARG D 96 -3.85 29.72 3.81
N VAL D 97 -3.50 29.49 2.55
CA VAL D 97 -2.74 30.48 1.79
C VAL D 97 -3.67 31.45 1.07
N TYR D 98 -3.12 32.61 0.68
CA TYR D 98 -3.89 33.63 -0.02
C TYR D 98 -4.13 33.22 -1.48
N GLN D 99 -3.25 32.37 -2.00
CA GLN D 99 -3.37 31.91 -3.38
C GLN D 99 -3.64 30.41 -3.40
N ILE D 100 -4.90 30.06 -3.25
CA ILE D 100 -5.29 28.65 -3.25
C ILE D 100 -5.47 28.14 -4.68
N PRO D 101 -5.08 26.87 -4.93
CA PRO D 101 -5.21 26.26 -6.25
C PRO D 101 -6.64 25.85 -6.53
N ALA A 1 12.85 -22.62 -10.44
CA ALA A 1 12.16 -21.63 -11.31
C ALA A 1 12.50 -21.88 -12.77
N MET A 2 11.48 -22.04 -13.59
CA MET A 2 11.65 -22.28 -15.01
C MET A 2 10.84 -21.27 -15.82
N ALA A 3 11.50 -20.56 -16.71
CA ALA A 3 10.85 -19.56 -17.54
C ALA A 3 11.47 -19.52 -18.92
N GLN A 4 10.64 -19.57 -19.96
CA GLN A 4 11.12 -19.56 -21.33
C GLN A 4 11.36 -18.12 -21.77
N ASN A 5 12.55 -17.85 -22.31
CA ASN A 5 12.89 -16.50 -22.75
C ASN A 5 12.58 -16.30 -24.23
N ILE A 6 12.07 -15.12 -24.56
CA ILE A 6 11.74 -14.78 -25.94
C ILE A 6 12.34 -13.43 -26.30
N THR A 7 13.12 -13.42 -27.37
CA THR A 7 13.76 -12.19 -27.83
C THR A 7 12.81 -11.33 -28.64
N ALA A 8 12.56 -10.12 -28.18
CA ALA A 8 11.65 -9.21 -28.86
C ALA A 8 12.32 -7.87 -29.14
N ARG A 9 11.58 -6.98 -29.80
CA ARG A 9 12.08 -5.66 -30.15
C ARG A 9 11.15 -4.59 -29.59
N ILE A 10 11.71 -3.51 -29.08
CA ILE A 10 10.89 -2.43 -28.53
C ILE A 10 10.13 -1.72 -29.65
N GLY A 11 8.85 -1.49 -29.42
CA GLY A 11 8.02 -0.84 -30.41
C GLY A 11 7.42 -1.83 -31.40
N GLU A 12 7.68 -3.11 -31.18
CA GLU A 12 7.18 -4.15 -32.05
C GLU A 12 5.96 -4.84 -31.43
N PRO A 13 4.86 -4.97 -32.20
CA PRO A 13 3.65 -5.65 -31.72
C PRO A 13 3.87 -7.15 -31.55
N LEU A 14 3.32 -7.71 -30.50
CA LEU A 14 3.48 -9.13 -30.23
C LEU A 14 2.18 -9.74 -29.72
N VAL A 15 1.89 -10.96 -30.17
CA VAL A 15 0.69 -11.67 -29.74
C VAL A 15 1.08 -12.92 -28.97
N LEU A 16 0.78 -12.92 -27.68
CA LEU A 16 1.11 -14.06 -26.82
C LEU A 16 -0.13 -14.89 -26.54
N LYS A 17 0.03 -16.21 -26.52
CA LYS A 17 -1.08 -17.11 -26.26
C LYS A 17 -0.93 -17.72 -24.87
N CYS A 18 -1.96 -17.58 -24.04
CA CYS A 18 -1.93 -18.11 -22.70
C CYS A 18 -3.17 -18.94 -22.40
N LYS A 19 -2.98 -20.23 -22.23
CA LYS A 19 -4.06 -21.15 -21.95
C LYS A 19 -4.23 -21.33 -20.45
N GLY A 20 -5.27 -22.05 -20.05
CA GLY A 20 -5.51 -22.28 -18.64
C GLY A 20 -6.96 -22.60 -18.37
N ALA A 21 -7.84 -21.98 -19.12
CA ALA A 21 -9.28 -22.20 -18.97
C ALA A 21 -9.71 -23.45 -19.74
N PRO A 22 -10.22 -24.46 -19.03
CA PRO A 22 -10.68 -25.71 -19.65
C PRO A 22 -12.08 -25.57 -20.25
N LYS A 23 -12.76 -26.69 -20.44
CA LYS A 23 -14.11 -26.69 -21.01
C LYS A 23 -15.15 -26.36 -19.93
N LYS A 24 -14.97 -25.23 -19.30
CA LYS A 24 -15.88 -24.76 -18.26
C LYS A 24 -16.17 -23.28 -18.47
N PRO A 25 -17.23 -22.74 -17.83
CA PRO A 25 -17.56 -21.32 -17.96
C PRO A 25 -16.41 -20.42 -17.55
N PRO A 26 -16.26 -19.26 -18.22
CA PRO A 26 -15.18 -18.30 -17.95
C PRO A 26 -15.11 -17.90 -16.47
N GLN A 27 -14.06 -18.34 -15.79
CA GLN A 27 -13.87 -18.01 -14.39
C GLN A 27 -12.95 -16.80 -14.26
N ARG A 28 -12.59 -16.45 -13.03
CA ARG A 28 -11.73 -15.30 -12.78
C ARG A 28 -10.28 -15.60 -13.17
N LEU A 29 -9.61 -14.60 -13.73
CA LEU A 29 -8.23 -14.75 -14.18
C LEU A 29 -7.35 -13.72 -13.48
N GLU A 30 -6.82 -14.08 -12.33
CA GLU A 30 -5.99 -13.18 -11.55
C GLU A 30 -4.51 -13.29 -11.96
N TRP A 31 -4.12 -12.48 -12.93
CA TRP A 31 -2.74 -12.46 -13.41
C TRP A 31 -1.78 -12.20 -12.25
N LYS A 32 -0.62 -12.85 -12.30
CA LYS A 32 0.38 -12.71 -11.25
C LYS A 32 1.78 -12.91 -11.83
N LEU A 33 2.31 -11.88 -12.46
CA LEU A 33 3.63 -11.95 -13.07
C LEU A 33 4.72 -11.83 -12.03
N ASN A 34 5.97 -11.89 -12.47
CA ASN A 34 7.10 -11.80 -11.56
C ASN A 34 8.02 -10.66 -11.97
N THR A 35 8.01 -9.59 -11.18
CA THR A 35 8.84 -8.43 -11.45
C THR A 35 9.38 -7.84 -10.16
N GLY A 36 10.26 -6.85 -10.28
CA GLY A 36 10.82 -6.21 -9.11
C GLY A 36 9.82 -5.28 -8.46
N ARG A 37 9.50 -4.19 -9.15
CA ARG A 37 8.54 -3.23 -8.63
C ARG A 37 7.14 -3.60 -9.11
N THR A 38 7.09 -4.18 -10.30
CA THR A 38 5.84 -4.62 -10.92
C THR A 38 4.98 -3.44 -11.38
N GLU A 39 4.99 -3.21 -12.69
CA GLU A 39 4.22 -2.11 -13.28
C GLU A 39 3.04 -2.66 -14.08
N ALA A 40 3.34 -3.54 -15.04
CA ALA A 40 2.31 -4.11 -15.90
C ALA A 40 1.54 -5.24 -15.21
N TRP A 41 0.91 -4.92 -14.10
CA TRP A 41 0.12 -5.90 -13.36
C TRP A 41 -1.32 -5.46 -13.30
N LYS A 42 -2.24 -6.40 -13.45
CA LYS A 42 -3.67 -6.12 -13.41
C LYS A 42 -4.48 -7.42 -13.44
N VAL A 43 -5.49 -7.51 -12.59
CA VAL A 43 -6.35 -8.68 -12.54
C VAL A 43 -7.31 -8.70 -13.73
N LEU A 44 -7.22 -9.72 -14.56
CA LEU A 44 -8.07 -9.82 -15.75
C LEU A 44 -9.48 -10.28 -15.39
N SER A 45 -10.45 -9.85 -16.18
CA SER A 45 -11.84 -10.20 -15.97
C SER A 45 -12.50 -10.61 -17.27
N PRO A 46 -13.27 -11.72 -17.25
CA PRO A 46 -13.98 -12.20 -18.43
C PRO A 46 -15.32 -11.48 -18.58
N GLN A 47 -15.53 -10.45 -17.79
CA GLN A 47 -16.77 -9.68 -17.81
C GLN A 47 -16.49 -8.18 -17.68
N GLY A 48 -15.53 -7.83 -16.84
CA GLY A 48 -15.20 -6.43 -16.66
C GLY A 48 -13.93 -6.04 -17.39
N GLY A 49 -13.55 -4.77 -17.28
CA GLY A 49 -12.35 -4.29 -17.95
C GLY A 49 -11.36 -3.69 -16.98
N GLY A 50 -10.75 -2.58 -17.38
CA GLY A 50 -9.77 -1.92 -16.54
C GLY A 50 -8.81 -1.06 -17.35
N PRO A 51 -7.99 -0.25 -16.68
CA PRO A 51 -7.03 0.65 -17.38
C PRO A 51 -5.97 -0.11 -18.17
N TRP A 52 -5.72 -1.35 -17.82
CA TRP A 52 -4.72 -2.16 -18.50
C TRP A 52 -5.26 -2.65 -19.84
N ASP A 53 -6.58 -2.65 -19.99
CA ASP A 53 -7.23 -3.09 -21.22
C ASP A 53 -6.87 -2.16 -22.38
N SER A 54 -6.50 -0.93 -22.04
CA SER A 54 -6.11 0.05 -23.03
C SER A 54 -4.66 -0.16 -23.45
N VAL A 55 -3.94 -0.98 -22.69
CA VAL A 55 -2.55 -1.27 -22.97
C VAL A 55 -2.44 -2.60 -23.72
N ALA A 56 -3.11 -3.61 -23.20
CA ALA A 56 -3.10 -4.93 -23.81
C ALA A 56 -4.51 -5.47 -23.95
N ARG A 57 -4.86 -5.92 -25.14
CA ARG A 57 -6.20 -6.44 -25.38
C ARG A 57 -6.19 -7.95 -25.47
N VAL A 58 -7.12 -8.58 -24.78
CA VAL A 58 -7.22 -10.03 -24.78
C VAL A 58 -8.21 -10.50 -25.83
N LEU A 59 -7.77 -11.46 -26.64
CA LEU A 59 -8.61 -12.03 -27.68
C LEU A 59 -9.44 -13.17 -27.09
N PRO A 60 -10.68 -13.36 -27.59
CA PRO A 60 -11.59 -14.40 -27.09
C PRO A 60 -11.04 -15.83 -27.20
N ASN A 61 -10.01 -16.02 -28.01
CA ASN A 61 -9.42 -17.34 -28.19
C ASN A 61 -8.29 -17.60 -27.18
N GLY A 62 -8.01 -16.61 -26.34
CA GLY A 62 -6.98 -16.76 -25.32
C GLY A 62 -5.63 -16.19 -25.74
N SER A 63 -5.64 -15.06 -26.43
CA SER A 63 -4.41 -14.42 -26.87
C SER A 63 -4.32 -12.99 -26.35
N LEU A 64 -3.11 -12.54 -26.11
CA LEU A 64 -2.87 -11.19 -25.63
C LEU A 64 -2.14 -10.38 -26.69
N PHE A 65 -2.76 -9.30 -27.14
CA PHE A 65 -2.17 -8.47 -28.17
C PHE A 65 -1.51 -7.24 -27.58
N LEU A 66 -0.21 -7.12 -27.82
CA LEU A 66 0.58 -5.99 -27.35
C LEU A 66 0.89 -5.07 -28.53
N PRO A 67 0.25 -3.90 -28.60
CA PRO A 67 0.46 -2.93 -29.69
C PRO A 67 1.93 -2.56 -29.87
N ALA A 68 2.60 -2.28 -28.77
CA ALA A 68 4.00 -1.91 -28.81
C ALA A 68 4.66 -2.18 -27.47
N VAL A 69 5.58 -3.15 -27.47
CA VAL A 69 6.30 -3.51 -26.25
C VAL A 69 7.41 -2.50 -25.98
N GLY A 70 7.45 -1.98 -24.76
CA GLY A 70 8.46 -1.00 -24.41
C GLY A 70 9.40 -1.53 -23.34
N ILE A 71 9.52 -0.80 -22.25
CA ILE A 71 10.41 -1.20 -21.16
C ILE A 71 9.59 -1.44 -19.89
N GLN A 72 8.30 -1.22 -19.97
CA GLN A 72 7.41 -1.40 -18.84
C GLN A 72 6.85 -2.82 -18.85
N ASP A 73 6.69 -3.36 -20.05
CA ASP A 73 6.17 -4.71 -20.25
C ASP A 73 7.30 -5.72 -20.24
N GLU A 74 8.52 -5.22 -20.12
CA GLU A 74 9.70 -6.07 -20.09
C GLU A 74 9.87 -6.70 -18.72
N GLY A 75 9.64 -8.02 -18.66
CA GLY A 75 9.77 -8.74 -17.41
C GLY A 75 9.36 -10.19 -17.57
N ILE A 76 8.96 -10.81 -16.47
CA ILE A 76 8.54 -12.20 -16.50
C ILE A 76 7.03 -12.31 -16.33
N PHE A 77 6.33 -12.47 -17.45
CA PHE A 77 4.88 -12.60 -17.43
C PHE A 77 4.47 -13.96 -16.89
N ARG A 78 3.27 -14.04 -16.33
CA ARG A 78 2.77 -15.28 -15.77
C ARG A 78 1.24 -15.27 -15.73
N CYS A 79 0.65 -16.20 -16.43
CA CYS A 79 -0.79 -16.32 -16.48
C CYS A 79 -1.24 -17.32 -15.42
N GLN A 80 -2.00 -16.86 -14.44
CA GLN A 80 -2.49 -17.71 -13.37
C GLN A 80 -4.00 -17.62 -13.25
N ALA A 81 -4.66 -18.76 -13.40
CA ALA A 81 -6.11 -18.82 -13.28
C ALA A 81 -6.47 -19.36 -11.91
N MET A 82 -7.64 -19.02 -11.41
CA MET A 82 -8.05 -19.49 -10.10
C MET A 82 -9.48 -20.03 -10.11
N ASN A 83 -9.59 -21.34 -10.05
CA ASN A 83 -10.88 -21.99 -10.02
C ASN A 83 -11.29 -22.17 -8.57
N ARG A 84 -12.59 -22.10 -8.28
CA ARG A 84 -13.07 -22.22 -6.91
C ARG A 84 -12.88 -23.64 -6.37
N ASN A 85 -12.37 -24.53 -7.20
CA ASN A 85 -12.11 -25.90 -6.78
C ASN A 85 -10.65 -26.03 -6.37
N GLY A 86 -9.93 -24.91 -6.42
CA GLY A 86 -8.52 -24.90 -6.06
C GLY A 86 -7.65 -25.38 -7.21
N LYS A 87 -7.65 -24.64 -8.30
CA LYS A 87 -6.86 -24.99 -9.48
C LYS A 87 -6.18 -23.77 -10.08
N GLU A 88 -4.89 -23.89 -10.34
CA GLU A 88 -4.11 -22.80 -10.93
C GLU A 88 -3.10 -23.35 -11.93
N THR A 89 -2.11 -22.54 -12.28
CA THR A 89 -1.09 -22.95 -13.23
C THR A 89 0.21 -22.14 -13.00
N LYS A 90 1.32 -22.68 -13.48
CA LYS A 90 2.61 -22.05 -13.33
C LYS A 90 3.28 -21.83 -14.69
N SER A 91 2.74 -20.89 -15.47
CA SER A 91 3.28 -20.60 -16.78
C SER A 91 4.02 -19.27 -16.77
N ASN A 92 5.35 -19.33 -16.82
CA ASN A 92 6.17 -18.12 -16.80
C ASN A 92 6.85 -17.89 -18.15
N TYR A 93 6.75 -16.66 -18.64
CA TYR A 93 7.38 -16.28 -19.90
C TYR A 93 8.28 -15.08 -19.69
N ARG A 94 9.52 -15.19 -20.11
CA ARG A 94 10.48 -14.10 -19.95
C ARG A 94 10.73 -13.38 -21.27
N VAL A 95 10.10 -12.24 -21.43
CA VAL A 95 10.27 -11.44 -22.64
C VAL A 95 11.49 -10.54 -22.47
N ARG A 96 12.38 -10.55 -23.45
CA ARG A 96 13.59 -9.73 -23.39
C ARG A 96 13.75 -8.95 -24.69
N VAL A 97 13.98 -7.65 -24.58
CA VAL A 97 14.15 -6.82 -25.76
C VAL A 97 15.63 -6.64 -26.08
N TYR A 98 15.92 -6.27 -27.33
CA TYR A 98 17.29 -6.06 -27.76
C TYR A 98 17.86 -4.78 -27.15
N GLN A 99 17.06 -3.74 -27.14
CA GLN A 99 17.48 -2.46 -26.58
C GLN A 99 17.07 -2.35 -25.11
N ILE A 100 17.97 -2.75 -24.22
CA ILE A 100 17.69 -2.68 -22.79
C ILE A 100 18.24 -1.39 -22.19
N PRO A 101 17.49 -0.78 -21.25
CA PRO A 101 17.90 0.46 -20.59
C PRO A 101 19.10 0.27 -19.66
N MET B 1 7.51 10.54 4.08
CA MET B 1 7.06 10.17 2.72
C MET B 1 7.94 9.06 2.13
N THR B 2 8.21 8.03 2.92
CA THR B 2 9.01 6.92 2.45
C THR B 2 8.15 5.98 1.61
N GLU B 3 8.76 4.96 1.01
CA GLU B 3 8.04 4.03 0.16
C GLU B 3 6.87 3.38 0.89
N LEU B 4 7.14 2.81 2.07
CA LEU B 4 6.09 2.16 2.85
C LEU B 4 5.02 3.19 3.25
N GLU B 5 5.46 4.38 3.66
CA GLU B 5 4.54 5.44 4.05
C GLU B 5 3.63 5.81 2.89
N THR B 6 4.18 5.85 1.68
CA THR B 6 3.41 6.18 0.49
C THR B 6 2.36 5.11 0.19
N ALA B 7 2.77 3.84 0.24
CA ALA B 7 1.87 2.73 -0.01
C ALA B 7 0.72 2.72 1.00
N MET B 8 1.07 2.92 2.27
CA MET B 8 0.07 2.95 3.34
C MET B 8 -0.92 4.08 3.13
N GLY B 9 -0.39 5.27 2.85
CA GLY B 9 -1.23 6.43 2.63
C GLY B 9 -2.14 6.24 1.43
N MET B 10 -1.62 5.59 0.39
CA MET B 10 -2.38 5.34 -0.83
C MET B 10 -3.60 4.46 -0.54
N ILE B 11 -3.41 3.46 0.32
CA ILE B 11 -4.49 2.55 0.69
C ILE B 11 -5.64 3.33 1.33
N ILE B 12 -5.28 4.30 2.16
CA ILE B 12 -6.25 5.15 2.83
C ILE B 12 -7.04 5.96 1.80
N ASP B 13 -6.30 6.55 0.87
CA ASP B 13 -6.89 7.35 -0.21
C ASP B 13 -7.92 6.54 -0.98
N VAL B 14 -7.54 5.32 -1.37
CA VAL B 14 -8.42 4.43 -2.12
C VAL B 14 -9.73 4.21 -1.35
N PHE B 15 -9.61 3.90 -0.08
CA PHE B 15 -10.77 3.65 0.77
C PHE B 15 -11.67 4.89 0.85
N SER B 16 -11.07 6.04 1.08
CA SER B 16 -11.82 7.28 1.20
C SER B 16 -12.42 7.73 -0.13
N ARG B 17 -11.99 7.12 -1.23
CA ARG B 17 -12.50 7.49 -2.55
C ARG B 17 -13.74 6.67 -2.91
N TYR B 18 -14.03 5.64 -2.13
CA TYR B 18 -15.19 4.81 -2.40
C TYR B 18 -16.21 4.94 -1.29
N SER B 19 -15.77 4.80 -0.04
CA SER B 19 -16.65 4.93 1.09
C SER B 19 -17.09 6.38 1.27
N GLY B 20 -18.39 6.62 1.22
CA GLY B 20 -18.89 7.96 1.36
C GLY B 20 -19.93 8.28 0.31
N SER B 21 -20.28 7.29 -0.48
CA SER B 21 -21.27 7.45 -1.51
C SER B 21 -22.66 7.24 -0.91
N GLU B 22 -22.71 6.33 0.06
CA GLU B 22 -23.94 6.01 0.77
C GLU B 22 -23.60 5.37 2.11
N GLY B 23 -24.53 5.43 3.05
CA GLY B 23 -24.30 4.84 4.35
C GLY B 23 -23.43 5.70 5.24
N SER B 24 -22.12 5.57 5.10
CA SER B 24 -21.18 6.34 5.90
C SER B 24 -19.89 6.57 5.13
N THR B 25 -19.12 7.55 5.58
CA THR B 25 -17.85 7.88 4.93
C THR B 25 -16.70 7.08 5.52
N GLN B 26 -16.98 6.31 6.56
CA GLN B 26 -15.96 5.51 7.22
C GLN B 26 -16.24 4.01 7.09
N THR B 27 -17.23 3.67 6.27
CA THR B 27 -17.59 2.28 6.08
C THR B 27 -17.98 2.01 4.63
N LEU B 28 -17.74 0.80 4.17
CA LEU B 28 -18.07 0.41 2.81
C LEU B 28 -19.34 -0.41 2.76
N THR B 29 -20.35 0.12 2.08
CA THR B 29 -21.62 -0.58 1.93
C THR B 29 -21.50 -1.64 0.84
N LYS B 30 -22.56 -2.42 0.64
CA LYS B 30 -22.56 -3.45 -0.39
C LYS B 30 -22.46 -2.81 -1.77
N GLY B 31 -23.07 -1.65 -1.91
CA GLY B 31 -23.06 -0.94 -3.17
C GLY B 31 -21.68 -0.41 -3.51
N GLU B 32 -21.06 0.24 -2.54
CA GLU B 32 -19.71 0.79 -2.73
C GLU B 32 -18.68 -0.32 -2.87
N LEU B 33 -18.90 -1.43 -2.17
CA LEU B 33 -17.99 -2.57 -2.24
C LEU B 33 -17.91 -3.09 -3.67
N LYS B 34 -19.05 -3.17 -4.33
CA LYS B 34 -19.11 -3.64 -5.71
C LYS B 34 -18.35 -2.67 -6.61
N VAL B 35 -18.54 -1.37 -6.36
CA VAL B 35 -17.87 -0.34 -7.14
C VAL B 35 -16.35 -0.48 -7.02
N LEU B 36 -15.89 -0.72 -5.80
CA LEU B 36 -14.47 -0.88 -5.52
C LEU B 36 -13.92 -2.12 -6.22
N MET B 37 -14.67 -3.21 -6.16
CA MET B 37 -14.26 -4.46 -6.78
C MET B 37 -14.28 -4.37 -8.30
N GLU B 38 -15.11 -3.49 -8.84
CA GLU B 38 -15.21 -3.33 -10.28
C GLU B 38 -14.17 -2.34 -10.82
N LYS B 39 -13.44 -1.70 -9.91
CA LYS B 39 -12.45 -0.72 -10.32
C LYS B 39 -11.04 -1.11 -9.91
N GLU B 40 -10.86 -1.43 -8.62
CA GLU B 40 -9.54 -1.79 -8.11
C GLU B 40 -9.10 -3.17 -8.57
N LEU B 41 -9.93 -4.18 -8.33
CA LEU B 41 -9.59 -5.54 -8.74
C LEU B 41 -10.69 -6.14 -9.62
N PRO B 42 -10.88 -5.57 -10.83
CA PRO B 42 -11.91 -6.04 -11.76
C PRO B 42 -11.50 -7.35 -12.42
N GLY B 43 -11.81 -8.45 -11.75
CA GLY B 43 -11.48 -9.75 -12.25
C GLY B 43 -11.29 -10.77 -11.14
N PHE B 44 -11.18 -10.29 -9.91
CA PHE B 44 -11.01 -11.18 -8.77
C PHE B 44 -12.33 -11.89 -8.45
N LEU B 45 -13.42 -11.35 -8.99
CA LEU B 45 -14.73 -11.92 -8.77
C LEU B 45 -15.01 -13.02 -9.78
N GLN B 46 -15.34 -14.20 -9.28
CA GLN B 46 -15.64 -15.35 -10.12
C GLN B 46 -16.94 -15.10 -10.91
N SER B 47 -17.71 -14.12 -10.47
CA SER B 47 -18.96 -13.77 -11.11
C SER B 47 -18.74 -12.65 -12.14
N GLY B 48 -17.48 -12.34 -12.41
CA GLY B 48 -17.16 -11.29 -13.36
C GLY B 48 -17.42 -9.91 -12.80
N LYS B 49 -18.57 -9.35 -13.13
CA LYS B 49 -18.96 -8.03 -12.64
C LYS B 49 -20.36 -8.08 -12.05
N ASP B 50 -20.81 -9.30 -11.77
CA ASP B 50 -22.14 -9.50 -11.19
C ASP B 50 -22.11 -9.19 -9.69
N LYS B 51 -23.18 -9.53 -9.00
CA LYS B 51 -23.28 -9.26 -7.56
C LYS B 51 -23.29 -10.54 -6.73
N ASP B 52 -23.10 -11.68 -7.40
CA ASP B 52 -23.11 -12.97 -6.72
C ASP B 52 -22.05 -13.09 -5.62
N ALA B 53 -20.78 -13.03 -6.00
CA ALA B 53 -19.71 -13.14 -5.03
C ALA B 53 -19.54 -11.86 -4.22
N VAL B 54 -20.17 -10.78 -4.67
CA VAL B 54 -20.10 -9.49 -3.98
C VAL B 54 -20.80 -9.59 -2.63
N ASP B 55 -22.01 -10.12 -2.66
CA ASP B 55 -22.80 -10.29 -1.44
C ASP B 55 -22.09 -11.23 -0.48
N LYS B 56 -21.41 -12.21 -1.05
CA LYS B 56 -20.67 -13.18 -0.28
C LYS B 56 -19.47 -12.55 0.42
N LEU B 57 -18.73 -11.71 -0.31
CA LEU B 57 -17.56 -11.05 0.23
C LEU B 57 -17.93 -10.14 1.40
N LEU B 58 -19.09 -9.49 1.30
CA LEU B 58 -19.54 -8.60 2.35
C LEU B 58 -19.74 -9.38 3.66
N LYS B 59 -20.44 -10.50 3.57
CA LYS B 59 -20.72 -11.32 4.74
C LYS B 59 -19.46 -12.03 5.22
N ASP B 60 -18.50 -12.17 4.32
CA ASP B 60 -17.24 -12.82 4.64
C ASP B 60 -16.34 -11.88 5.43
N LEU B 61 -16.30 -10.63 5.00
CA LEU B 61 -15.46 -9.62 5.66
C LEU B 61 -16.13 -9.08 6.91
N ASP B 62 -17.46 -8.93 6.87
CA ASP B 62 -18.23 -8.43 8.01
C ASP B 62 -17.99 -9.28 9.25
N ALA B 63 -17.23 -8.74 10.19
CA ALA B 63 -16.92 -9.44 11.42
C ALA B 63 -17.54 -8.72 12.61
N ASN B 64 -17.87 -7.45 12.41
CA ASN B 64 -18.49 -6.66 13.47
C ASN B 64 -20.01 -6.86 13.47
N GLY B 65 -20.53 -7.36 12.36
CA GLY B 65 -21.95 -7.62 12.25
C GLY B 65 -22.77 -6.37 12.04
N ASP B 66 -22.52 -5.69 10.93
CA ASP B 66 -23.26 -4.47 10.60
C ASP B 66 -23.62 -4.44 9.12
N ALA B 67 -23.10 -5.42 8.37
CA ALA B 67 -23.36 -5.53 6.94
C ALA B 67 -22.65 -4.40 6.20
N GLN B 68 -21.65 -3.85 6.86
CA GLN B 68 -20.84 -2.78 6.33
C GLN B 68 -19.39 -3.08 6.66
N VAL B 69 -18.52 -3.03 5.66
CA VAL B 69 -17.11 -3.33 5.86
C VAL B 69 -16.35 -2.12 6.40
N ASP B 70 -15.78 -2.29 7.58
CA ASP B 70 -15.01 -1.22 8.21
C ASP B 70 -13.56 -1.30 7.71
N PHE B 71 -12.81 -0.20 7.86
CA PHE B 71 -11.42 -0.16 7.40
C PHE B 71 -10.57 -1.28 7.99
N SER B 72 -10.79 -1.61 9.25
CA SER B 72 -10.04 -2.67 9.91
C SER B 72 -10.31 -4.02 9.23
N GLU B 73 -11.57 -4.26 8.88
CA GLU B 73 -11.95 -5.48 8.19
C GLU B 73 -11.45 -5.44 6.75
N PHE B 74 -11.53 -4.27 6.14
CA PHE B 74 -11.11 -4.05 4.77
C PHE B 74 -9.60 -4.27 4.61
N ILE B 75 -8.82 -3.76 5.55
CA ILE B 75 -7.36 -3.90 5.48
C ILE B 75 -6.95 -5.37 5.56
N VAL B 76 -7.73 -6.17 6.29
CA VAL B 76 -7.45 -7.59 6.41
C VAL B 76 -7.61 -8.26 5.06
N PHE B 77 -8.62 -7.82 4.32
CA PHE B 77 -8.89 -8.36 2.99
C PHE B 77 -7.71 -8.06 2.08
N VAL B 78 -7.28 -6.80 2.07
CA VAL B 78 -6.15 -6.38 1.24
C VAL B 78 -4.89 -7.14 1.63
N ALA B 79 -4.66 -7.26 2.94
CA ALA B 79 -3.50 -7.97 3.44
C ALA B 79 -3.51 -9.43 2.99
N ALA B 80 -4.68 -10.06 3.04
CA ALA B 80 -4.82 -11.45 2.64
C ALA B 80 -4.45 -11.63 1.17
N ILE B 81 -4.99 -10.76 0.31
CA ILE B 81 -4.71 -10.84 -1.12
C ILE B 81 -3.21 -10.65 -1.39
N THR B 82 -2.62 -9.67 -0.71
CA THR B 82 -1.20 -9.39 -0.86
C THR B 82 -0.34 -10.58 -0.39
N SER B 83 -0.76 -11.20 0.71
CA SER B 83 -0.03 -12.35 1.25
C SER B 83 -0.05 -13.51 0.26
N ALA B 84 -1.22 -13.77 -0.31
CA ALA B 84 -1.39 -14.85 -1.28
C ALA B 84 -0.49 -14.65 -2.49
N CYS B 85 -0.34 -13.39 -2.90
CA CYS B 85 0.50 -13.07 -4.06
C CYS B 85 1.97 -13.38 -3.79
N HIS B 86 2.49 -12.87 -2.67
CA HIS B 86 3.89 -13.10 -2.32
C HIS B 86 4.15 -14.57 -2.03
N LYS B 87 3.23 -15.22 -1.31
CA LYS B 87 3.38 -16.63 -0.98
C LYS B 87 3.48 -17.45 -2.25
N TYR B 88 2.77 -17.02 -3.28
CA TYR B 88 2.81 -17.71 -4.57
C TYR B 88 4.18 -17.53 -5.20
N PHE B 89 4.74 -16.33 -5.05
CA PHE B 89 6.06 -16.04 -5.60
C PHE B 89 7.13 -16.84 -4.87
N GLU B 90 6.90 -17.10 -3.59
CA GLU B 90 7.82 -17.89 -2.78
C GLU B 90 7.95 -19.29 -3.36
N LYS B 91 6.80 -19.86 -3.75
CA LYS B 91 6.76 -21.19 -4.34
C LYS B 91 7.07 -21.12 -5.83
N ALA B 92 7.02 -19.93 -6.38
CA ALA B 92 7.32 -19.73 -7.80
C ALA B 92 8.81 -19.92 -8.06
N GLY B 93 9.60 -19.79 -7.00
CA GLY B 93 11.03 -19.97 -7.12
C GLY B 93 11.42 -21.41 -7.35
N LEU B 94 10.51 -22.33 -7.03
CA LEU B 94 10.76 -23.75 -7.20
C LEU B 94 10.53 -24.15 -8.66
N MET C 1 -3.00 -2.09 -13.18
CA MET C 1 -2.24 -1.10 -12.39
C MET C 1 -3.18 -0.03 -11.86
N THR C 2 -4.16 -0.46 -11.07
CA THR C 2 -5.11 0.46 -10.47
C THR C 2 -4.50 1.10 -9.23
N GLU C 3 -5.33 1.71 -8.40
CA GLU C 3 -4.85 2.35 -7.19
C GLU C 3 -4.39 1.30 -6.19
N LEU C 4 -5.27 0.35 -5.91
CA LEU C 4 -4.98 -0.72 -4.97
C LEU C 4 -3.88 -1.63 -5.50
N GLU C 5 -3.93 -1.93 -6.80
CA GLU C 5 -2.94 -2.81 -7.42
C GLU C 5 -1.54 -2.22 -7.25
N THR C 6 -1.40 -0.92 -7.47
CA THR C 6 -0.12 -0.26 -7.34
C THR C 6 0.33 -0.22 -5.88
N ALA C 7 -0.59 0.11 -4.99
CA ALA C 7 -0.30 0.18 -3.56
C ALA C 7 0.17 -1.19 -3.04
N MET C 8 -0.54 -2.24 -3.43
CA MET C 8 -0.21 -3.59 -3.00
C MET C 8 1.15 -3.99 -3.55
N GLY C 9 1.38 -3.71 -4.83
CA GLY C 9 2.66 -4.04 -5.45
C GLY C 9 3.82 -3.33 -4.78
N MET C 10 3.58 -2.08 -4.41
CA MET C 10 4.60 -1.26 -3.76
C MET C 10 5.02 -1.90 -2.43
N ILE C 11 4.06 -2.43 -1.68
CA ILE C 11 4.36 -3.08 -0.41
C ILE C 11 5.29 -4.27 -0.62
N ILE C 12 5.03 -5.01 -1.70
CA ILE C 12 5.86 -6.16 -2.03
C ILE C 12 7.28 -5.71 -2.37
N ASP C 13 7.37 -4.67 -3.20
CA ASP C 13 8.65 -4.10 -3.61
C ASP C 13 9.47 -3.70 -2.39
N VAL C 14 8.84 -2.96 -1.47
CA VAL C 14 9.50 -2.52 -0.25
C VAL C 14 10.09 -3.72 0.49
N PHE C 15 9.30 -4.78 0.62
CA PHE C 15 9.73 -5.99 1.31
C PHE C 15 10.93 -6.64 0.61
N SER C 16 10.80 -6.87 -0.70
CA SER C 16 11.86 -7.51 -1.47
C SER C 16 13.14 -6.68 -1.53
N ARG C 17 13.06 -5.41 -1.17
CA ARG C 17 14.23 -4.55 -1.20
C ARG C 17 14.92 -4.53 0.16
N TYR C 18 14.44 -5.34 1.09
CA TYR C 18 15.05 -5.41 2.42
C TYR C 18 15.43 -6.85 2.76
N SER C 19 14.50 -7.79 2.56
CA SER C 19 14.76 -9.18 2.85
C SER C 19 15.63 -9.78 1.74
N GLY C 20 16.77 -10.31 2.12
CA GLY C 20 17.67 -10.92 1.15
C GLY C 20 19.09 -10.50 1.37
N SER C 21 19.32 -9.78 2.47
CA SER C 21 20.64 -9.32 2.81
C SER C 21 21.35 -10.41 3.61
N GLU C 22 20.54 -11.25 4.26
CA GLU C 22 21.05 -12.36 5.05
C GLU C 22 19.90 -13.32 5.37
N GLY C 23 20.23 -14.59 5.55
CA GLY C 23 19.22 -15.58 5.86
C GLY C 23 18.48 -16.08 4.64
N SER C 24 17.37 -15.43 4.31
CA SER C 24 16.57 -15.82 3.16
C SER C 24 15.97 -14.58 2.50
N THR C 25 15.77 -14.64 1.19
CA THR C 25 15.21 -13.53 0.44
C THR C 25 13.70 -13.41 0.64
N GLN C 26 13.11 -14.36 1.36
CA GLN C 26 11.67 -14.35 1.58
C GLN C 26 11.31 -14.08 3.05
N THR C 27 12.31 -13.81 3.88
CA THR C 27 12.07 -13.54 5.29
C THR C 27 12.93 -12.38 5.80
N LEU C 28 12.39 -11.63 6.74
CA LEU C 28 13.11 -10.50 7.32
C LEU C 28 13.77 -10.89 8.63
N THR C 29 15.10 -10.85 8.65
CA THR C 29 15.85 -11.18 9.86
C THR C 29 15.85 -10.01 10.82
N LYS C 30 16.40 -10.21 12.02
CA LYS C 30 16.46 -9.16 13.01
C LYS C 30 17.27 -7.97 12.50
N GLY C 31 18.29 -8.25 11.72
CA GLY C 31 19.13 -7.20 11.16
C GLY C 31 18.40 -6.38 10.11
N GLU C 32 17.80 -7.06 9.15
CA GLU C 32 17.06 -6.39 8.08
C GLU C 32 15.85 -5.64 8.63
N LEU C 33 15.22 -6.22 9.66
CA LEU C 33 14.05 -5.60 10.28
C LEU C 33 14.41 -4.23 10.84
N LYS C 34 15.59 -4.14 11.44
CA LYS C 34 16.04 -2.87 11.99
C LYS C 34 16.26 -1.86 10.88
N VAL C 35 16.88 -2.32 9.79
CA VAL C 35 17.14 -1.46 8.63
C VAL C 35 15.84 -0.91 8.07
N LEU C 36 14.83 -1.76 7.98
CA LEU C 36 13.53 -1.38 7.47
C LEU C 36 12.90 -0.32 8.35
N MET C 37 12.98 -0.51 9.66
CA MET C 37 12.41 0.42 10.62
C MET C 37 13.16 1.75 10.63
N GLU C 38 14.46 1.70 10.35
CA GLU C 38 15.29 2.90 10.33
C GLU C 38 15.18 3.63 8.99
N LYS C 39 14.37 3.11 8.07
CA LYS C 39 14.23 3.73 6.77
C LYS C 39 12.78 4.06 6.44
N GLU C 40 11.92 3.05 6.48
CA GLU C 40 10.51 3.25 6.15
C GLU C 40 9.78 4.04 7.22
N LEU C 41 9.87 3.60 8.48
CA LEU C 41 9.19 4.30 9.58
C LEU C 41 10.18 4.70 10.67
N PRO C 42 11.13 5.60 10.37
CA PRO C 42 12.12 6.06 11.33
C PRO C 42 11.54 7.07 12.31
N GLY C 43 11.02 6.57 13.42
CA GLY C 43 10.43 7.44 14.42
C GLY C 43 9.40 6.73 15.26
N PHE C 44 8.85 5.65 14.71
CA PHE C 44 7.85 4.86 15.41
C PHE C 44 8.50 4.08 16.55
N LEU C 45 9.80 3.84 16.41
CA LEU C 45 10.55 3.12 17.43
C LEU C 45 10.76 3.99 18.65
N GLN C 46 10.23 3.54 19.78
CA GLN C 46 10.34 4.28 21.04
C GLN C 46 11.81 4.37 21.51
N SER C 47 12.66 3.55 20.92
CA SER C 47 14.08 3.55 21.27
C SER C 47 14.88 4.35 20.25
N GLY C 48 14.17 5.05 19.36
CA GLY C 48 14.83 5.86 18.35
C GLY C 48 15.36 5.03 17.20
N LYS C 49 16.66 4.79 17.18
CA LYS C 49 17.29 4.00 16.13
C LYS C 49 18.16 2.91 16.76
N ASP C 50 17.91 2.64 18.02
CA ASP C 50 18.66 1.62 18.74
C ASP C 50 17.96 0.27 18.60
N LYS C 51 18.33 -0.68 19.45
CA LYS C 51 17.73 -2.00 19.44
C LYS C 51 16.46 -1.98 20.29
N ASP C 52 16.53 -2.57 21.49
CA ASP C 52 15.42 -2.64 22.44
C ASP C 52 14.11 -3.07 21.77
N ALA C 53 13.34 -2.11 21.27
CA ALA C 53 12.07 -2.37 20.63
C ALA C 53 12.22 -3.26 19.40
N VAL C 54 13.39 -3.22 18.76
CA VAL C 54 13.65 -4.04 17.58
C VAL C 54 13.51 -5.53 17.91
N ASP C 55 14.15 -5.92 19.00
CA ASP C 55 14.11 -7.31 19.45
C ASP C 55 12.69 -7.66 19.90
N LYS C 56 12.04 -6.70 20.51
CA LYS C 56 10.68 -6.87 21.00
C LYS C 56 9.69 -7.04 19.85
N LEU C 57 9.88 -6.26 18.79
CA LEU C 57 9.00 -6.32 17.62
C LEU C 57 9.16 -7.65 16.91
N LEU C 58 10.39 -8.13 16.81
CA LEU C 58 10.65 -9.41 16.15
C LEU C 58 9.91 -10.53 16.86
N LYS C 59 9.99 -10.53 18.19
CA LYS C 59 9.34 -11.54 19.01
C LYS C 59 7.85 -11.24 19.18
N ASP C 60 7.39 -10.18 18.54
CA ASP C 60 5.98 -9.79 18.61
C ASP C 60 5.29 -10.16 17.32
N LEU C 61 6.05 -10.18 16.23
CA LEU C 61 5.53 -10.51 14.92
C LEU C 61 5.74 -11.98 14.61
N ASP C 62 6.89 -12.51 15.03
CA ASP C 62 7.23 -13.92 14.79
C ASP C 62 6.17 -14.84 15.40
N ALA C 63 5.28 -15.33 14.54
CA ALA C 63 4.21 -16.21 14.97
C ALA C 63 4.55 -17.66 14.65
N ASN C 64 5.30 -17.84 13.57
CA ASN C 64 5.71 -19.17 13.15
C ASN C 64 6.77 -19.73 14.09
N GLY C 65 7.55 -18.84 14.69
CA GLY C 65 8.58 -19.25 15.64
C GLY C 65 9.90 -19.58 14.98
N ASP C 66 10.38 -18.69 14.12
CA ASP C 66 11.66 -18.92 13.44
C ASP C 66 12.60 -17.75 13.68
N ALA C 67 12.12 -16.73 14.41
CA ALA C 67 12.90 -15.53 14.70
C ALA C 67 13.13 -14.75 13.41
N GLN C 68 12.29 -15.05 12.43
CA GLN C 68 12.34 -14.43 11.13
C GLN C 68 10.93 -14.05 10.73
N VAL C 69 10.74 -12.79 10.37
CA VAL C 69 9.42 -12.31 9.99
C VAL C 69 9.12 -12.61 8.53
N ASP C 70 8.11 -13.42 8.29
CA ASP C 70 7.71 -13.76 6.93
C ASP C 70 6.74 -12.70 6.42
N PHE C 71 6.50 -12.68 5.11
CA PHE C 71 5.60 -11.70 4.51
C PHE C 71 4.19 -11.77 5.11
N SER C 72 3.72 -12.98 5.37
CA SER C 72 2.39 -13.17 5.92
C SER C 72 2.29 -12.50 7.30
N GLU C 73 3.37 -12.55 8.06
CA GLU C 73 3.41 -11.93 9.37
C GLU C 73 3.67 -10.43 9.25
N PHE C 74 4.55 -10.09 8.31
CA PHE C 74 4.93 -8.70 8.06
C PHE C 74 3.74 -7.85 7.60
N ILE C 75 2.94 -8.41 6.69
CA ILE C 75 1.78 -7.69 6.17
C ILE C 75 0.78 -7.36 7.28
N VAL C 76 0.73 -8.20 8.31
CA VAL C 76 -0.16 -7.96 9.44
C VAL C 76 0.28 -6.72 10.21
N PHE C 77 1.59 -6.56 10.32
CA PHE C 77 2.17 -5.41 11.00
C PHE C 77 1.80 -4.13 10.28
N VAL C 78 2.00 -4.13 8.96
CA VAL C 78 1.68 -2.98 8.14
C VAL C 78 0.19 -2.66 8.23
N ALA C 79 -0.63 -3.70 8.16
CA ALA C 79 -2.07 -3.55 8.25
C ALA C 79 -2.48 -2.92 9.58
N ALA C 80 -1.85 -3.38 10.66
CA ALA C 80 -2.13 -2.87 12.00
C ALA C 80 -1.85 -1.37 12.07
N ILE C 81 -0.67 -0.97 11.60
CA ILE C 81 -0.28 0.44 11.63
C ILE C 81 -1.25 1.29 10.81
N THR C 82 -1.62 0.78 9.63
CA THR C 82 -2.54 1.49 8.75
C THR C 82 -3.92 1.63 9.40
N SER C 83 -4.38 0.56 10.05
CA SER C 83 -5.68 0.57 10.72
C SER C 83 -5.69 1.58 11.86
N ALA C 84 -4.61 1.60 12.64
CA ALA C 84 -4.51 2.52 13.77
C ALA C 84 -4.60 3.97 13.31
N CYS C 85 -4.00 4.26 12.16
CA CYS C 85 -4.02 5.61 11.60
C CYS C 85 -5.43 6.02 11.19
N HIS C 86 -6.10 5.17 10.42
CA HIS C 86 -7.45 5.47 9.96
C HIS C 86 -8.44 5.53 11.12
N LYS C 87 -8.29 4.61 12.07
CA LYS C 87 -9.16 4.58 13.24
C LYS C 87 -9.04 5.89 14.01
N TYR C 88 -7.84 6.48 13.96
CA TYR C 88 -7.59 7.74 14.63
C TYR C 88 -8.29 8.87 13.88
N PHE C 89 -8.25 8.80 12.55
CA PHE C 89 -8.88 9.81 11.70
C PHE C 89 -10.40 9.78 11.88
N GLU C 90 -10.93 8.59 12.14
CA GLU C 90 -12.35 8.43 12.36
C GLU C 90 -12.78 9.21 13.61
N LYS C 91 -11.92 9.18 14.61
CA LYS C 91 -12.18 9.88 15.86
C LYS C 91 -11.69 11.33 15.77
N ALA C 92 -10.92 11.63 14.72
CA ALA C 92 -10.38 12.97 14.52
C ALA C 92 -11.46 13.94 14.05
N GLY C 93 -12.62 13.39 13.70
CA GLY C 93 -13.72 14.19 13.23
C GLY C 93 -14.47 14.88 14.34
N LEU C 94 -14.46 14.28 15.53
CA LEU C 94 -15.16 14.85 16.68
C LEU C 94 -14.51 16.17 17.08
N ALA D 1 -14.82 18.66 14.58
CA ALA D 1 -13.46 18.97 15.05
C ALA D 1 -13.23 20.48 15.06
N MET D 2 -12.10 20.90 15.61
CA MET D 2 -11.77 22.32 15.67
C MET D 2 -10.34 22.56 15.20
N ALA D 3 -10.18 23.39 14.20
CA ALA D 3 -8.87 23.72 13.66
C ALA D 3 -8.79 25.20 13.33
N GLN D 4 -7.81 25.89 13.92
CA GLN D 4 -7.63 27.31 13.66
C GLN D 4 -6.95 27.50 12.32
N ASN D 5 -7.35 28.52 11.59
CA ASN D 5 -6.78 28.78 10.28
C ASN D 5 -5.85 29.98 10.29
N ILE D 6 -4.78 29.89 9.51
CA ILE D 6 -3.80 30.95 9.39
C ILE D 6 -3.57 31.27 7.92
N THR D 7 -3.71 32.54 7.56
CA THR D 7 -3.50 32.97 6.18
C THR D 7 -2.02 33.18 5.89
N ALA D 8 -1.48 32.36 5.00
CA ALA D 8 -0.07 32.45 4.65
C ALA D 8 0.12 32.76 3.16
N ARG D 9 1.37 32.93 2.78
CA ARG D 9 1.71 33.25 1.39
C ARG D 9 2.63 32.16 0.84
N ILE D 10 2.46 31.82 -0.44
CA ILE D 10 3.29 30.80 -1.06
C ILE D 10 4.73 31.31 -1.17
N GLY D 11 5.68 30.46 -0.83
CA GLY D 11 7.08 30.83 -0.91
C GLY D 11 7.50 31.72 0.24
N GLU D 12 6.71 31.74 1.30
CA GLU D 12 7.01 32.56 2.47
C GLU D 12 7.39 31.67 3.65
N PRO D 13 8.65 31.78 4.13
CA PRO D 13 9.14 31.01 5.28
C PRO D 13 8.29 31.24 6.52
N LEU D 14 7.86 30.15 7.15
CA LEU D 14 7.03 30.24 8.35
C LEU D 14 7.54 29.29 9.42
N VAL D 15 7.37 29.70 10.68
CA VAL D 15 7.78 28.88 11.82
C VAL D 15 6.57 28.55 12.68
N LEU D 16 6.29 27.27 12.84
CA LEU D 16 5.15 26.82 13.62
C LEU D 16 5.60 26.26 14.96
N LYS D 17 4.89 26.65 16.02
CA LYS D 17 5.20 26.17 17.36
C LYS D 17 4.28 25.02 17.74
N CYS D 18 4.86 23.87 18.06
CA CYS D 18 4.06 22.72 18.44
C CYS D 18 4.58 22.09 19.71
N LYS D 19 3.76 22.10 20.75
CA LYS D 19 4.14 21.54 22.03
C LYS D 19 3.52 20.16 22.21
N GLY D 20 3.91 19.47 23.27
CA GLY D 20 3.38 18.15 23.53
C GLY D 20 4.26 17.39 24.49
N ALA D 21 5.57 17.52 24.29
CA ALA D 21 6.54 16.84 25.13
C ALA D 21 6.71 17.60 26.44
N PRO D 22 6.31 16.98 27.57
CA PRO D 22 6.43 17.59 28.89
C PRO D 22 7.81 17.39 29.50
N LYS D 23 7.89 17.48 30.81
CA LYS D 23 9.14 17.29 31.53
C LYS D 23 9.46 15.81 31.62
N LYS D 24 9.84 15.23 30.50
CA LYS D 24 10.18 13.82 30.40
C LYS D 24 11.14 13.62 29.24
N PRO D 25 11.90 12.52 29.22
CA PRO D 25 12.85 12.23 28.12
C PRO D 25 12.15 12.19 26.76
N PRO D 26 12.88 12.54 25.69
CA PRO D 26 12.35 12.55 24.32
C PRO D 26 11.68 11.25 23.92
N GLN D 27 10.37 11.31 23.70
CA GLN D 27 9.57 10.16 23.31
C GLN D 27 9.32 10.20 21.80
N ARG D 28 8.70 9.15 21.27
CA ARG D 28 8.41 9.07 19.84
C ARG D 28 7.32 10.08 19.47
N LEU D 29 7.50 10.76 18.34
CA LEU D 29 6.54 11.74 17.87
C LEU D 29 5.99 11.34 16.50
N GLU D 30 4.84 10.69 16.52
CA GLU D 30 4.22 10.23 15.29
C GLU D 30 3.21 11.23 14.74
N TRP D 31 3.68 12.11 13.86
CA TRP D 31 2.83 13.12 13.24
C TRP D 31 1.65 12.45 12.53
N LYS D 32 0.49 13.06 12.62
CA LYS D 32 -0.70 12.51 11.99
C LYS D 32 -1.64 13.64 11.55
N LEU D 33 -1.34 14.23 10.40
CA LEU D 33 -2.15 15.33 9.87
C LEU D 33 -3.46 14.80 9.29
N ASN D 34 -4.32 15.69 8.83
CA ASN D 34 -5.60 15.31 8.27
C ASN D 34 -5.74 15.83 6.84
N THR D 35 -5.38 14.99 5.88
CA THR D 35 -5.48 15.37 4.47
C THR D 35 -6.21 14.29 3.68
N GLY D 36 -6.54 14.61 2.43
CA GLY D 36 -7.22 13.66 1.57
C GLY D 36 -6.28 12.59 1.03
N ARG D 37 -5.30 13.03 0.26
CA ARG D 37 -4.32 12.10 -0.31
C ARG D 37 -3.09 12.03 0.60
N THR D 38 -2.80 13.15 1.25
CA THR D 38 -1.67 13.25 2.18
C THR D 38 -0.32 13.24 1.44
N GLU D 39 0.38 14.37 1.49
CA GLU D 39 1.67 14.51 0.83
C GLU D 39 2.79 14.69 1.85
N ALA D 40 2.69 15.76 2.63
CA ALA D 40 3.69 16.08 3.63
C ALA D 40 3.48 15.28 4.93
N TRP D 41 3.77 14.00 4.87
CA TRP D 41 3.61 13.15 6.04
C TRP D 41 4.90 12.36 6.29
N LYS D 42 5.26 12.22 7.56
CA LYS D 42 6.46 11.50 7.96
C LYS D 42 6.55 11.43 9.48
N VAL D 43 6.82 10.24 10.01
CA VAL D 43 6.96 10.06 11.45
C VAL D 43 8.24 10.72 11.95
N LEU D 44 8.11 11.62 12.91
CA LEU D 44 9.28 12.32 13.45
C LEU D 44 10.03 11.44 14.44
N SER D 45 11.31 11.73 14.63
CA SER D 45 12.14 10.97 15.53
C SER D 45 13.08 11.89 16.30
N PRO D 46 13.16 11.71 17.62
CA PRO D 46 14.05 12.50 18.47
C PRO D 46 15.48 11.96 18.44
N GLN D 47 15.72 11.03 17.52
CA GLN D 47 17.03 10.41 17.37
C GLN D 47 17.45 10.36 15.91
N GLY D 48 16.52 9.99 15.03
CA GLY D 48 16.81 9.91 13.62
C GLY D 48 16.26 11.10 12.85
N GLY D 49 16.24 10.99 11.53
CA GLY D 49 15.72 12.08 10.70
C GLY D 49 14.76 11.59 9.64
N GLY D 50 15.13 11.76 8.38
CA GLY D 50 14.28 11.33 7.29
C GLY D 50 14.26 12.32 6.14
N PRO D 51 13.69 11.94 4.99
CA PRO D 51 13.63 12.81 3.80
C PRO D 51 12.77 14.06 4.02
N TRP D 52 11.98 14.07 5.07
CA TRP D 52 11.10 15.20 5.38
C TRP D 52 11.88 16.30 6.10
N ASP D 53 13.04 15.96 6.62
CA ASP D 53 13.87 16.91 7.35
C ASP D 53 14.41 17.98 6.41
N SER D 54 14.50 17.65 5.12
CA SER D 54 14.97 18.58 4.12
C SER D 54 13.85 19.55 3.74
N VAL D 55 12.63 19.18 4.11
CA VAL D 55 11.46 19.99 3.83
C VAL D 55 11.15 20.89 5.02
N ALA D 56 11.06 20.28 6.19
CA ALA D 56 10.78 21.00 7.41
C ALA D 56 11.79 20.64 8.49
N ARG D 57 12.40 21.64 9.08
CA ARG D 57 13.39 21.43 10.13
C ARG D 57 12.77 21.63 11.50
N VAL D 58 13.06 20.72 12.42
CA VAL D 58 12.52 20.79 13.78
C VAL D 58 13.55 21.38 14.73
N LEU D 59 13.16 22.44 15.43
CA LEU D 59 14.04 23.09 16.40
C LEU D 59 13.86 22.42 17.77
N PRO D 60 14.95 22.34 18.56
CA PRO D 60 14.92 21.68 19.89
C PRO D 60 13.93 22.31 20.88
N ASN D 61 13.45 23.50 20.59
CA ASN D 61 12.52 24.18 21.48
C ASN D 61 11.07 23.78 21.16
N GLY D 62 10.89 23.01 20.09
CA GLY D 62 9.57 22.57 19.70
C GLY D 62 8.96 23.43 18.62
N SER D 63 9.76 23.80 17.64
CA SER D 63 9.29 24.63 16.54
C SER D 63 9.63 23.99 15.19
N LEU D 64 8.76 24.19 14.22
CA LEU D 64 8.96 23.65 12.89
C LEU D 64 9.22 24.79 11.92
N PHE D 65 10.35 24.76 11.24
CA PHE D 65 10.71 25.80 10.30
C PHE D 65 10.46 25.36 8.86
N LEU D 66 9.64 26.13 8.16
CA LEU D 66 9.33 25.86 6.77
C LEU D 66 10.01 26.91 5.89
N PRO D 67 11.04 26.49 5.13
CA PRO D 67 11.80 27.40 4.24
C PRO D 67 10.92 28.08 3.20
N ALA D 68 9.94 27.36 2.68
CA ALA D 68 9.04 27.90 1.68
C ALA D 68 7.78 27.04 1.58
N VAL D 69 6.65 27.63 1.91
CA VAL D 69 5.37 26.92 1.86
C VAL D 69 4.80 26.98 0.44
N GLY D 70 4.44 25.83 -0.10
CA GLY D 70 3.90 25.79 -1.44
C GLY D 70 2.45 25.35 -1.46
N ILE D 71 2.16 24.29 -2.21
CA ILE D 71 0.81 23.76 -2.31
C ILE D 71 0.75 22.34 -1.76
N GLN D 72 1.92 21.81 -1.41
CA GLN D 72 2.03 20.47 -0.89
C GLN D 72 1.93 20.48 0.63
N ASP D 73 2.37 21.58 1.22
CA ASP D 73 2.33 21.75 2.67
C ASP D 73 1.04 22.45 3.08
N GLU D 74 0.16 22.65 2.12
CA GLU D 74 -1.11 23.32 2.38
C GLU D 74 -2.20 22.31 2.76
N GLY D 75 -2.55 22.27 4.03
CA GLY D 75 -3.56 21.36 4.51
C GLY D 75 -3.84 21.53 5.99
N ILE D 76 -4.27 20.46 6.64
CA ILE D 76 -4.55 20.50 8.07
C ILE D 76 -3.48 19.75 8.85
N PHE D 77 -2.56 20.49 9.44
CA PHE D 77 -1.47 19.90 10.23
C PHE D 77 -1.97 19.45 11.59
N ARG D 78 -1.27 18.48 12.17
CA ARG D 78 -1.63 17.96 13.49
C ARG D 78 -0.43 17.30 14.14
N CYS D 79 -0.03 17.83 15.29
CA CYS D 79 1.08 17.29 16.05
C CYS D 79 0.54 16.30 17.09
N GLN D 80 0.88 15.03 16.92
CA GLN D 80 0.43 13.99 17.84
C GLN D 80 1.60 13.27 18.47
N ALA D 81 1.62 13.22 19.79
CA ALA D 81 2.68 12.55 20.52
C ALA D 81 2.16 11.23 21.05
N MET D 82 3.04 10.27 21.27
CA MET D 82 2.63 8.98 21.76
C MET D 82 3.52 8.51 22.90
N ASN D 83 2.98 8.52 24.11
CA ASN D 83 3.72 8.07 25.28
C ASN D 83 3.25 6.67 25.65
N ARG D 84 4.15 5.88 26.22
CA ARG D 84 3.85 4.50 26.61
C ARG D 84 2.66 4.44 27.58
N ASN D 85 2.39 5.54 28.26
CA ASN D 85 1.28 5.62 29.21
C ASN D 85 -0.06 5.74 28.49
N GLY D 86 -0.01 5.93 27.18
CA GLY D 86 -1.22 6.04 26.39
C GLY D 86 -1.82 7.43 26.43
N LYS D 87 -1.07 8.41 25.95
CA LYS D 87 -1.56 9.78 25.94
C LYS D 87 -1.15 10.47 24.64
N GLU D 88 -2.05 11.30 24.12
CA GLU D 88 -1.82 12.04 22.90
C GLU D 88 -2.34 13.48 23.02
N THR D 89 -2.60 14.12 21.88
CA THR D 89 -3.10 15.48 21.87
C THR D 89 -3.79 15.77 20.54
N LYS D 90 -4.89 16.54 20.59
CA LYS D 90 -5.61 16.88 19.37
C LYS D 90 -5.35 18.34 19.00
N SER D 91 -4.18 18.58 18.42
CA SER D 91 -3.80 19.92 17.99
C SER D 91 -3.85 20.01 16.47
N ASN D 92 -4.83 20.74 15.96
CA ASN D 92 -4.99 20.88 14.51
C ASN D 92 -4.81 22.33 14.06
N TYR D 93 -4.04 22.52 12.99
CA TYR D 93 -3.78 23.84 12.44
C TYR D 93 -4.05 23.82 10.94
N ARG D 94 -4.91 24.73 10.48
CA ARG D 94 -5.24 24.80 9.06
C ARG D 94 -4.56 25.99 8.39
N VAL D 95 -3.54 25.71 7.60
CA VAL D 95 -2.82 26.76 6.89
C VAL D 95 -3.44 26.97 5.52
N ARG D 96 -3.72 28.21 5.18
CA ARG D 96 -4.32 28.53 3.88
C ARG D 96 -3.51 29.62 3.20
N VAL D 97 -3.15 29.39 1.95
CA VAL D 97 -2.37 30.37 1.20
C VAL D 97 -3.27 31.34 0.45
N TYR D 98 -2.70 32.48 0.05
CA TYR D 98 -3.45 33.50 -0.68
C TYR D 98 -3.68 33.09 -2.14
N GLN D 99 -2.85 32.19 -2.64
CA GLN D 99 -2.96 31.72 -4.01
C GLN D 99 -3.20 30.22 -4.05
N ILE D 100 -4.47 29.84 -4.17
CA ILE D 100 -4.85 28.43 -4.21
C ILE D 100 -5.09 27.98 -5.64
N PRO D 101 -4.75 26.70 -5.94
CA PRO D 101 -4.94 26.13 -7.27
C PRO D 101 -6.40 26.06 -7.68
N ALA A 1 13.39 -22.69 -10.51
CA ALA A 1 12.32 -21.97 -11.22
C ALA A 1 12.44 -22.21 -12.73
N MET A 2 11.32 -22.05 -13.43
CA MET A 2 11.29 -22.25 -14.87
C MET A 2 10.68 -21.03 -15.55
N ALA A 3 11.18 -20.71 -16.73
CA ALA A 3 10.69 -19.58 -17.51
C ALA A 3 11.22 -19.64 -18.93
N GLN A 4 10.32 -19.70 -19.90
CA GLN A 4 10.72 -19.75 -21.30
C GLN A 4 11.11 -18.36 -21.78
N ASN A 5 12.36 -18.22 -22.21
CA ASN A 5 12.85 -16.92 -22.66
C ASN A 5 12.57 -16.69 -24.15
N ILE A 6 12.09 -15.50 -24.46
CA ILE A 6 11.79 -15.10 -25.82
C ILE A 6 12.34 -13.70 -26.08
N THR A 7 13.17 -13.57 -27.10
CA THR A 7 13.76 -12.29 -27.44
C THR A 7 12.85 -11.50 -28.37
N ALA A 8 12.64 -10.23 -28.06
CA ALA A 8 11.79 -9.39 -28.87
C ALA A 8 12.43 -8.02 -29.16
N ARG A 9 11.76 -7.24 -29.99
CA ARG A 9 12.23 -5.92 -30.36
C ARG A 9 11.30 -4.86 -29.79
N ILE A 10 11.85 -3.73 -29.38
CA ILE A 10 11.03 -2.66 -28.82
C ILE A 10 10.14 -2.04 -29.88
N GLY A 11 8.85 -1.95 -29.58
CA GLY A 11 7.89 -1.38 -30.50
C GLY A 11 7.31 -2.41 -31.45
N GLU A 12 7.72 -3.66 -31.27
CA GLU A 12 7.25 -4.75 -32.12
C GLU A 12 6.00 -5.40 -31.52
N PRO A 13 4.96 -5.62 -32.33
CA PRO A 13 3.73 -6.26 -31.87
C PRO A 13 3.95 -7.75 -31.59
N LEU A 14 3.45 -8.23 -30.47
CA LEU A 14 3.60 -9.63 -30.11
C LEU A 14 2.28 -10.25 -29.69
N VAL A 15 2.08 -11.50 -30.06
CA VAL A 15 0.87 -12.23 -29.71
C VAL A 15 1.23 -13.45 -28.87
N LEU A 16 0.83 -13.44 -27.60
CA LEU A 16 1.12 -14.53 -26.70
C LEU A 16 -0.10 -15.42 -26.51
N LYS A 17 0.12 -16.63 -26.03
CA LYS A 17 -0.96 -17.58 -25.79
C LYS A 17 -0.94 -18.01 -24.32
N CYS A 18 -2.01 -17.72 -23.61
CA CYS A 18 -2.08 -18.08 -22.20
C CYS A 18 -3.26 -19.01 -21.94
N LYS A 19 -2.98 -20.30 -22.07
CA LYS A 19 -3.99 -21.33 -21.84
C LYS A 19 -4.09 -21.65 -20.35
N GLY A 20 -5.19 -22.26 -19.95
CA GLY A 20 -5.39 -22.59 -18.56
C GLY A 20 -6.84 -22.87 -18.24
N ALA A 21 -7.73 -22.19 -18.94
CA ALA A 21 -9.16 -22.36 -18.74
C ALA A 21 -9.65 -23.63 -19.43
N PRO A 22 -10.29 -24.54 -18.68
CA PRO A 22 -10.81 -25.80 -19.22
C PRO A 22 -12.15 -25.61 -19.93
N LYS A 23 -12.91 -26.68 -20.06
CA LYS A 23 -14.21 -26.63 -20.72
C LYS A 23 -15.30 -26.25 -19.72
N LYS A 24 -15.04 -25.15 -19.02
CA LYS A 24 -15.96 -24.64 -18.01
C LYS A 24 -16.20 -23.16 -18.24
N PRO A 25 -17.29 -22.60 -17.69
CA PRO A 25 -17.61 -21.18 -17.83
C PRO A 25 -16.43 -20.28 -17.43
N PRO A 26 -16.24 -19.16 -18.17
CA PRO A 26 -15.15 -18.21 -17.92
C PRO A 26 -15.07 -17.78 -16.46
N GLN A 27 -14.05 -18.27 -15.77
CA GLN A 27 -13.85 -17.97 -14.37
C GLN A 27 -12.95 -16.75 -14.22
N ARG A 28 -12.65 -16.38 -12.98
CA ARG A 28 -11.79 -15.24 -12.71
C ARG A 28 -10.32 -15.58 -13.03
N LEU A 29 -9.64 -14.65 -13.67
CA LEU A 29 -8.25 -14.85 -14.04
C LEU A 29 -7.38 -13.78 -13.41
N GLU A 30 -6.78 -14.10 -12.27
CA GLU A 30 -5.93 -13.15 -11.57
C GLU A 30 -4.51 -13.16 -12.15
N TRP A 31 -4.33 -12.34 -13.18
CA TRP A 31 -3.05 -12.21 -13.85
C TRP A 31 -2.01 -11.57 -12.94
N LYS A 32 -0.76 -12.04 -13.08
CA LYS A 32 0.35 -11.54 -12.27
C LYS A 32 1.64 -11.57 -13.09
N LEU A 33 2.74 -11.16 -12.47
CA LEU A 33 4.03 -11.16 -13.13
C LEU A 33 5.13 -11.38 -12.11
N ASN A 34 6.36 -11.48 -12.58
CA ASN A 34 7.50 -11.68 -11.69
C ASN A 34 8.69 -10.85 -12.17
N THR A 35 8.60 -9.54 -12.00
CA THR A 35 9.66 -8.63 -12.40
C THR A 35 9.88 -7.59 -11.31
N GLY A 36 11.11 -7.04 -11.24
CA GLY A 36 11.41 -6.04 -10.23
C GLY A 36 10.97 -4.65 -10.64
N ARG A 37 9.83 -4.57 -11.32
CA ARG A 37 9.27 -3.30 -11.79
C ARG A 37 7.77 -3.28 -11.49
N THR A 38 7.04 -4.20 -12.13
CA THR A 38 5.61 -4.36 -11.92
C THR A 38 4.78 -3.12 -12.33
N GLU A 39 5.16 -2.47 -13.42
CA GLU A 39 4.41 -1.31 -13.88
C GLU A 39 3.33 -1.73 -14.87
N ALA A 40 3.43 -2.96 -15.35
CA ALA A 40 2.47 -3.50 -16.30
C ALA A 40 1.67 -4.63 -15.68
N TRP A 41 1.30 -4.47 -14.41
CA TRP A 41 0.52 -5.49 -13.71
C TRP A 41 -0.91 -5.03 -13.49
N LYS A 42 -1.86 -5.96 -13.62
CA LYS A 42 -3.28 -5.67 -13.42
C LYS A 42 -4.06 -6.98 -13.41
N VAL A 43 -4.96 -7.13 -12.46
CA VAL A 43 -5.77 -8.34 -12.35
C VAL A 43 -6.83 -8.35 -13.46
N LEU A 44 -6.68 -9.28 -14.39
CA LEU A 44 -7.61 -9.41 -15.51
C LEU A 44 -8.97 -9.92 -15.06
N SER A 45 -9.96 -9.77 -15.94
CA SER A 45 -11.31 -10.22 -15.66
C SER A 45 -12.01 -10.60 -16.96
N PRO A 46 -12.85 -11.65 -16.93
CA PRO A 46 -13.60 -12.08 -18.10
C PRO A 46 -14.73 -11.10 -18.41
N GLN A 47 -14.96 -10.20 -17.47
CA GLN A 47 -16.01 -9.19 -17.60
C GLN A 47 -15.55 -7.87 -16.98
N GLY A 48 -14.52 -7.28 -17.59
CA GLY A 48 -13.99 -6.02 -17.08
C GLY A 48 -12.50 -5.90 -17.33
N GLY A 49 -12.12 -5.11 -18.34
CA GLY A 49 -10.72 -4.95 -18.66
C GLY A 49 -9.98 -4.05 -17.68
N GLY A 50 -10.16 -2.75 -17.82
CA GLY A 50 -9.48 -1.80 -16.97
C GLY A 50 -8.40 -1.04 -17.70
N PRO A 51 -7.54 -0.29 -16.99
CA PRO A 51 -6.47 0.49 -17.62
C PRO A 51 -5.45 -0.38 -18.38
N TRP A 52 -5.37 -1.65 -17.99
CA TRP A 52 -4.47 -2.59 -18.63
C TRP A 52 -4.93 -2.92 -20.05
N ASP A 53 -6.24 -2.87 -20.24
CA ASP A 53 -6.86 -3.16 -21.53
C ASP A 53 -6.46 -2.10 -22.56
N SER A 54 -5.99 -0.96 -22.07
CA SER A 54 -5.56 0.14 -22.92
C SER A 54 -4.11 -0.04 -23.35
N VAL A 55 -3.46 -1.05 -22.77
CA VAL A 55 -2.06 -1.33 -23.08
C VAL A 55 -1.96 -2.65 -23.83
N ALA A 56 -2.69 -3.65 -23.36
CA ALA A 56 -2.69 -4.96 -23.97
C ALA A 56 -4.13 -5.45 -24.13
N ARG A 57 -4.40 -6.15 -25.22
CA ARG A 57 -5.74 -6.65 -25.48
C ARG A 57 -5.78 -8.17 -25.40
N VAL A 58 -6.88 -8.69 -24.86
CA VAL A 58 -7.04 -10.13 -24.72
C VAL A 58 -8.07 -10.65 -25.70
N LEU A 59 -7.69 -11.66 -26.46
CA LEU A 59 -8.57 -12.27 -27.44
C LEU A 59 -9.39 -13.37 -26.77
N PRO A 60 -10.68 -13.49 -27.11
CA PRO A 60 -11.59 -14.49 -26.52
C PRO A 60 -11.11 -15.94 -26.68
N ASN A 61 -10.19 -16.16 -27.62
CA ASN A 61 -9.67 -17.51 -27.85
C ASN A 61 -8.60 -17.87 -26.82
N GLY A 62 -8.12 -16.87 -26.09
CA GLY A 62 -7.11 -17.11 -25.07
C GLY A 62 -5.73 -16.60 -25.47
N SER A 63 -5.70 -15.59 -26.33
CA SER A 63 -4.44 -15.03 -26.77
C SER A 63 -4.30 -13.58 -26.29
N LEU A 64 -3.07 -13.17 -26.03
CA LEU A 64 -2.80 -11.82 -25.57
C LEU A 64 -2.09 -11.02 -26.65
N PHE A 65 -2.66 -9.88 -27.00
CA PHE A 65 -2.09 -9.05 -28.04
C PHE A 65 -1.38 -7.84 -27.46
N LEU A 66 -0.11 -7.69 -27.82
CA LEU A 66 0.70 -6.57 -27.36
C LEU A 66 1.03 -5.67 -28.56
N PRO A 67 0.37 -4.50 -28.65
CA PRO A 67 0.57 -3.55 -29.76
C PRO A 67 2.04 -3.16 -29.94
N ALA A 68 2.69 -2.76 -28.86
CA ALA A 68 4.08 -2.34 -28.94
C ALA A 68 4.83 -2.71 -27.67
N VAL A 69 5.58 -3.81 -27.74
CA VAL A 69 6.36 -4.28 -26.60
C VAL A 69 7.54 -3.36 -26.34
N GLY A 70 7.57 -2.72 -25.18
CA GLY A 70 8.65 -1.83 -24.84
C GLY A 70 9.54 -2.41 -23.77
N ILE A 71 10.14 -1.54 -22.96
CA ILE A 71 11.03 -1.98 -21.89
C ILE A 71 10.26 -2.17 -20.59
N GLN A 72 9.00 -1.77 -20.59
CA GLN A 72 8.15 -1.91 -19.42
C GLN A 72 7.47 -3.27 -19.44
N ASP A 73 7.41 -3.84 -20.63
CA ASP A 73 6.79 -5.14 -20.84
C ASP A 73 7.85 -6.24 -20.74
N GLU A 74 8.96 -5.91 -20.10
CA GLU A 74 10.06 -6.85 -19.92
C GLU A 74 9.95 -7.57 -18.59
N GLY A 75 10.60 -8.71 -18.49
CA GLY A 75 10.57 -9.46 -17.25
C GLY A 75 9.94 -10.81 -17.41
N ILE A 76 9.11 -11.18 -16.44
CA ILE A 76 8.45 -12.47 -16.45
C ILE A 76 6.94 -12.31 -16.29
N PHE A 77 6.19 -12.76 -17.29
CA PHE A 77 4.73 -12.70 -17.23
C PHE A 77 4.21 -13.99 -16.60
N ARG A 78 3.09 -13.88 -15.88
CA ARG A 78 2.53 -15.05 -15.22
C ARG A 78 1.02 -15.12 -15.42
N CYS A 79 0.60 -15.86 -16.44
CA CYS A 79 -0.81 -16.04 -16.72
C CYS A 79 -1.39 -17.13 -15.82
N GLN A 80 -2.07 -16.70 -14.76
CA GLN A 80 -2.65 -17.63 -13.80
C GLN A 80 -4.17 -17.45 -13.71
N ALA A 81 -4.86 -18.57 -13.58
CA ALA A 81 -6.32 -18.56 -13.45
C ALA A 81 -6.68 -19.15 -12.10
N MET A 82 -7.78 -18.72 -11.51
CA MET A 82 -8.19 -19.23 -10.21
C MET A 82 -9.61 -19.76 -10.22
N ASN A 83 -9.72 -21.09 -10.12
CA ASN A 83 -11.00 -21.74 -10.07
C ASN A 83 -11.44 -21.85 -8.62
N ARG A 84 -12.74 -21.70 -8.36
CA ARG A 84 -13.27 -21.75 -6.98
C ARG A 84 -13.16 -23.14 -6.36
N ASN A 85 -12.53 -24.06 -7.07
CA ASN A 85 -12.31 -25.41 -6.58
C ASN A 85 -10.89 -25.55 -6.07
N GLY A 86 -10.13 -24.46 -6.18
CA GLY A 86 -8.75 -24.46 -5.72
C GLY A 86 -7.79 -25.01 -6.76
N LYS A 87 -7.74 -24.36 -7.92
CA LYS A 87 -6.85 -24.79 -9.00
C LYS A 87 -6.27 -23.59 -9.73
N GLU A 88 -4.99 -23.67 -10.05
CA GLU A 88 -4.29 -22.61 -10.76
C GLU A 88 -3.31 -23.18 -11.78
N THR A 89 -2.35 -22.37 -12.22
CA THR A 89 -1.36 -22.81 -13.20
C THR A 89 -0.07 -22.00 -13.06
N LYS A 90 1.06 -22.70 -13.09
CA LYS A 90 2.37 -22.07 -12.97
C LYS A 90 2.93 -21.75 -14.35
N SER A 91 2.34 -20.76 -15.00
CA SER A 91 2.77 -20.36 -16.34
C SER A 91 3.69 -19.14 -16.27
N ASN A 92 4.98 -19.33 -16.52
CA ASN A 92 5.96 -18.25 -16.46
C ASN A 92 6.66 -18.05 -17.80
N TYR A 93 6.61 -16.82 -18.32
CA TYR A 93 7.25 -16.49 -19.59
C TYR A 93 8.28 -15.39 -19.38
N ARG A 94 9.47 -15.56 -19.95
CA ARG A 94 10.56 -14.58 -19.81
C ARG A 94 10.72 -13.77 -21.10
N VAL A 95 10.36 -12.51 -21.06
CA VAL A 95 10.48 -11.63 -22.22
C VAL A 95 11.64 -10.66 -22.04
N ARG A 96 12.44 -10.49 -23.09
CA ARG A 96 13.59 -9.60 -23.05
C ARG A 96 13.83 -8.97 -24.42
N VAL A 97 14.10 -7.68 -24.44
CA VAL A 97 14.34 -6.98 -25.70
C VAL A 97 15.83 -6.80 -25.95
N TYR A 98 16.17 -6.38 -27.17
CA TYR A 98 17.56 -6.15 -27.55
C TYR A 98 18.03 -4.77 -27.14
N GLN A 99 17.10 -3.95 -26.67
CA GLN A 99 17.41 -2.59 -26.25
C GLN A 99 17.04 -2.40 -24.79
N ILE A 100 17.72 -3.15 -23.92
CA ILE A 100 17.48 -3.10 -22.49
C ILE A 100 17.99 -1.78 -21.89
N PRO A 101 17.23 -1.21 -20.95
CA PRO A 101 17.59 0.03 -20.28
C PRO A 101 18.73 -0.16 -19.28
N MET B 1 7.07 10.71 3.36
CA MET B 1 6.42 9.88 2.32
C MET B 1 7.42 8.87 1.75
N THR B 2 7.94 8.02 2.62
CA THR B 2 8.89 6.99 2.20
C THR B 2 8.15 5.89 1.43
N GLU B 3 8.88 4.89 0.96
CA GLU B 3 8.31 3.78 0.19
C GLU B 3 7.09 3.17 0.90
N LEU B 4 7.31 2.61 2.08
CA LEU B 4 6.24 1.99 2.84
C LEU B 4 5.17 3.00 3.23
N GLU B 5 5.59 4.22 3.57
CA GLU B 5 4.66 5.29 3.95
C GLU B 5 3.68 5.56 2.81
N THR B 6 4.20 5.64 1.59
CA THR B 6 3.40 5.90 0.41
C THR B 6 2.38 4.78 0.20
N ALA B 7 2.83 3.55 0.40
CA ALA B 7 1.96 2.38 0.24
C ALA B 7 0.81 2.41 1.24
N MET B 8 1.15 2.65 2.50
CA MET B 8 0.15 2.71 3.56
C MET B 8 -0.83 3.86 3.33
N GLY B 9 -0.29 5.03 3.02
CA GLY B 9 -1.12 6.20 2.76
C GLY B 9 -2.03 6.02 1.57
N MET B 10 -1.54 5.31 0.56
CA MET B 10 -2.32 5.06 -0.65
C MET B 10 -3.59 4.29 -0.35
N ILE B 11 -3.48 3.27 0.50
CA ILE B 11 -4.63 2.46 0.89
C ILE B 11 -5.70 3.31 1.56
N ILE B 12 -5.25 4.24 2.38
CA ILE B 12 -6.16 5.13 3.09
C ILE B 12 -6.89 6.06 2.12
N ASP B 13 -6.16 6.57 1.13
CA ASP B 13 -6.73 7.46 0.12
C ASP B 13 -7.75 6.71 -0.74
N VAL B 14 -7.45 5.47 -1.07
CA VAL B 14 -8.36 4.65 -1.87
C VAL B 14 -9.68 4.49 -1.13
N PHE B 15 -9.59 4.18 0.15
CA PHE B 15 -10.79 3.99 0.98
C PHE B 15 -11.65 5.26 0.99
N SER B 16 -11.03 6.39 1.29
CA SER B 16 -11.73 7.66 1.38
C SER B 16 -12.26 8.12 0.01
N ARG B 17 -11.74 7.54 -1.07
CA ARG B 17 -12.18 7.90 -2.40
C ARG B 17 -13.38 7.06 -2.84
N TYR B 18 -13.81 6.15 -1.96
CA TYR B 18 -14.95 5.30 -2.27
C TYR B 18 -16.02 5.41 -1.19
N SER B 19 -15.60 5.39 0.07
CA SER B 19 -16.55 5.50 1.18
C SER B 19 -17.05 6.94 1.29
N GLY B 20 -18.33 7.12 1.06
CA GLY B 20 -18.92 8.44 1.12
C GLY B 20 -19.96 8.64 0.05
N SER B 21 -20.44 7.54 -0.50
CA SER B 21 -21.45 7.58 -1.53
C SER B 21 -22.83 7.46 -0.90
N GLU B 22 -22.90 6.75 0.22
CA GLU B 22 -24.14 6.56 0.93
C GLU B 22 -23.85 6.05 2.35
N GLY B 23 -24.77 6.28 3.27
CA GLY B 23 -24.59 5.81 4.63
C GLY B 23 -23.62 6.66 5.43
N SER B 24 -22.40 6.18 5.58
CA SER B 24 -21.38 6.88 6.34
C SER B 24 -20.15 7.12 5.49
N THR B 25 -19.43 8.21 5.79
CA THR B 25 -18.23 8.56 5.05
C THR B 25 -17.00 7.84 5.57
N GLN B 26 -17.20 6.88 6.48
CA GLN B 26 -16.08 6.12 7.05
C GLN B 26 -16.35 4.62 7.02
N THR B 27 -17.31 4.21 6.20
CA THR B 27 -17.65 2.80 6.08
C THR B 27 -18.04 2.46 4.65
N LEU B 28 -17.76 1.24 4.23
CA LEU B 28 -18.09 0.80 2.88
C LEU B 28 -19.37 -0.03 2.89
N THR B 29 -20.40 0.47 2.23
CA THR B 29 -21.66 -0.24 2.13
C THR B 29 -21.57 -1.31 1.04
N LYS B 30 -22.65 -2.06 0.85
CA LYS B 30 -22.68 -3.11 -0.16
C LYS B 30 -22.52 -2.51 -1.56
N GLY B 31 -22.96 -1.27 -1.71
CA GLY B 31 -22.85 -0.59 -2.99
C GLY B 31 -21.44 -0.10 -3.25
N GLU B 32 -20.89 0.63 -2.30
CA GLU B 32 -19.53 1.15 -2.44
C GLU B 32 -18.53 0.02 -2.56
N LEU B 33 -18.77 -1.07 -1.85
CA LEU B 33 -17.88 -2.23 -1.90
C LEU B 33 -17.86 -2.79 -3.31
N LYS B 34 -19.02 -2.81 -3.96
CA LYS B 34 -19.13 -3.30 -5.33
C LYS B 34 -18.37 -2.39 -6.26
N VAL B 35 -18.55 -1.08 -6.09
CA VAL B 35 -17.86 -0.10 -6.93
C VAL B 35 -16.35 -0.23 -6.77
N LEU B 36 -15.90 -0.40 -5.53
CA LEU B 36 -14.48 -0.54 -5.22
C LEU B 36 -13.90 -1.77 -5.92
N MET B 37 -14.53 -2.91 -5.74
CA MET B 37 -14.06 -4.15 -6.35
C MET B 37 -14.22 -4.12 -7.87
N GLU B 38 -15.11 -3.26 -8.35
CA GLU B 38 -15.37 -3.13 -9.77
C GLU B 38 -14.40 -2.14 -10.41
N LYS B 39 -13.46 -1.62 -9.64
CA LYS B 39 -12.50 -0.66 -10.16
C LYS B 39 -11.08 -0.97 -9.72
N GLU B 40 -10.89 -1.20 -8.43
CA GLU B 40 -9.58 -1.50 -7.89
C GLU B 40 -9.12 -2.91 -8.26
N LEU B 41 -9.95 -3.91 -7.96
CA LEU B 41 -9.60 -5.30 -8.27
C LEU B 41 -10.67 -5.94 -9.16
N PRO B 42 -10.85 -5.44 -10.40
CA PRO B 42 -11.83 -5.99 -11.32
C PRO B 42 -11.34 -7.28 -11.94
N GLY B 43 -11.68 -8.39 -11.31
CA GLY B 43 -11.26 -9.69 -11.80
C GLY B 43 -11.18 -10.72 -10.69
N PHE B 44 -11.25 -10.26 -9.45
CA PHE B 44 -11.20 -11.16 -8.31
C PHE B 44 -12.58 -11.77 -8.04
N LEU B 45 -13.56 -11.33 -8.81
CA LEU B 45 -14.92 -11.81 -8.67
C LEU B 45 -15.23 -12.91 -9.68
N GLN B 46 -15.65 -14.05 -9.19
CA GLN B 46 -15.99 -15.19 -10.04
C GLN B 46 -17.20 -14.87 -10.92
N SER B 47 -18.05 -13.98 -10.43
CA SER B 47 -19.25 -13.59 -11.15
C SER B 47 -18.98 -12.40 -12.08
N GLY B 48 -17.71 -12.11 -12.31
CA GLY B 48 -17.35 -11.01 -13.17
C GLY B 48 -17.52 -9.66 -12.50
N LYS B 49 -18.64 -9.00 -12.80
CA LYS B 49 -18.94 -7.69 -12.22
C LYS B 49 -20.33 -7.70 -11.59
N ASP B 50 -20.85 -8.89 -11.36
CA ASP B 50 -22.18 -9.05 -10.79
C ASP B 50 -22.15 -8.94 -9.27
N LYS B 51 -23.32 -8.83 -8.66
CA LYS B 51 -23.44 -8.70 -7.21
C LYS B 51 -23.44 -10.07 -6.52
N ASP B 52 -23.47 -11.13 -7.32
CA ASP B 52 -23.47 -12.50 -6.82
C ASP B 52 -22.42 -12.76 -5.75
N ALA B 53 -21.17 -12.43 -6.05
CA ALA B 53 -20.09 -12.65 -5.10
C ALA B 53 -19.89 -11.46 -4.17
N VAL B 54 -20.46 -10.32 -4.53
CA VAL B 54 -20.32 -9.11 -3.71
C VAL B 54 -21.00 -9.29 -2.36
N ASP B 55 -22.20 -9.88 -2.38
CA ASP B 55 -22.96 -10.12 -1.15
C ASP B 55 -22.18 -11.08 -0.25
N LYS B 56 -21.52 -12.04 -0.87
CA LYS B 56 -20.74 -13.03 -0.15
C LYS B 56 -19.53 -12.39 0.51
N LEU B 57 -18.84 -11.52 -0.23
CA LEU B 57 -17.66 -10.83 0.28
C LEU B 57 -18.01 -9.90 1.44
N LEU B 58 -19.13 -9.22 1.34
CA LEU B 58 -19.57 -8.32 2.40
C LEU B 58 -19.76 -9.06 3.71
N LYS B 59 -20.45 -10.20 3.64
CA LYS B 59 -20.72 -11.01 4.81
C LYS B 59 -19.47 -11.79 5.25
N ASP B 60 -18.49 -11.86 4.37
CA ASP B 60 -17.25 -12.56 4.67
C ASP B 60 -16.31 -11.64 5.46
N LEU B 61 -16.34 -10.36 5.12
CA LEU B 61 -15.50 -9.38 5.79
C LEU B 61 -16.19 -8.83 7.04
N ASP B 62 -17.52 -8.72 7.00
CA ASP B 62 -18.29 -8.19 8.12
C ASP B 62 -18.03 -9.01 9.38
N ALA B 63 -17.28 -8.43 10.29
CA ALA B 63 -16.95 -9.08 11.55
C ALA B 63 -17.59 -8.33 12.70
N ASN B 64 -17.87 -7.06 12.48
CA ASN B 64 -18.49 -6.23 13.48
C ASN B 64 -20.00 -6.48 13.52
N GLY B 65 -20.56 -6.90 12.38
CA GLY B 65 -21.97 -7.19 12.32
C GLY B 65 -22.82 -5.97 12.08
N ASP B 66 -22.63 -5.32 10.93
CA ASP B 66 -23.41 -4.14 10.60
C ASP B 66 -23.72 -4.07 9.11
N ALA B 67 -23.18 -5.04 8.36
CA ALA B 67 -23.38 -5.12 6.91
C ALA B 67 -22.61 -3.99 6.23
N GLN B 68 -21.69 -3.41 6.97
CA GLN B 68 -20.85 -2.33 6.50
C GLN B 68 -19.40 -2.66 6.83
N VAL B 69 -18.54 -2.57 5.84
CA VAL B 69 -17.14 -2.89 6.03
C VAL B 69 -16.33 -1.67 6.48
N ASP B 70 -15.80 -1.74 7.69
CA ASP B 70 -14.98 -0.67 8.25
C ASP B 70 -13.53 -0.89 7.80
N PHE B 71 -12.71 0.15 7.89
CA PHE B 71 -11.31 0.07 7.48
C PHE B 71 -10.56 -1.06 8.19
N SER B 72 -10.90 -1.33 9.44
CA SER B 72 -10.23 -2.38 10.20
C SER B 72 -10.54 -3.75 9.61
N GLU B 73 -11.71 -3.88 9.00
CA GLU B 73 -12.11 -5.14 8.37
C GLU B 73 -11.59 -5.18 6.94
N PHE B 74 -11.60 -4.00 6.30
CA PHE B 74 -11.14 -3.86 4.92
C PHE B 74 -9.64 -4.07 4.81
N ILE B 75 -8.89 -3.54 5.77
CA ILE B 75 -7.44 -3.67 5.76
C ILE B 75 -7.01 -5.14 5.88
N VAL B 76 -7.82 -5.95 6.55
CA VAL B 76 -7.53 -7.36 6.70
C VAL B 76 -7.63 -8.05 5.34
N PHE B 77 -8.62 -7.62 4.56
CA PHE B 77 -8.84 -8.15 3.22
C PHE B 77 -7.63 -7.86 2.34
N VAL B 78 -7.19 -6.60 2.36
CA VAL B 78 -6.05 -6.17 1.57
C VAL B 78 -4.80 -6.96 1.97
N ALA B 79 -4.62 -7.13 3.28
CA ALA B 79 -3.47 -7.86 3.81
C ALA B 79 -3.47 -9.31 3.31
N ALA B 80 -4.64 -9.94 3.38
CA ALA B 80 -4.79 -11.32 2.94
C ALA B 80 -4.47 -11.50 1.46
N ILE B 81 -5.03 -10.63 0.62
CA ILE B 81 -4.80 -10.70 -0.81
C ILE B 81 -3.32 -10.51 -1.15
N THR B 82 -2.71 -9.50 -0.55
CA THR B 82 -1.30 -9.22 -0.79
C THR B 82 -0.43 -10.39 -0.31
N SER B 83 -0.81 -10.98 0.81
CA SER B 83 -0.08 -12.11 1.38
C SER B 83 -0.13 -13.30 0.42
N ALA B 84 -1.30 -13.55 -0.16
CA ALA B 84 -1.46 -14.65 -1.10
C ALA B 84 -0.62 -14.41 -2.35
N CYS B 85 -0.52 -13.15 -2.75
CA CYS B 85 0.26 -12.78 -3.93
C CYS B 85 1.74 -13.09 -3.71
N HIS B 86 2.27 -12.68 -2.57
CA HIS B 86 3.68 -12.93 -2.26
C HIS B 86 3.94 -14.43 -2.13
N LYS B 87 3.00 -15.15 -1.53
CA LYS B 87 3.13 -16.59 -1.36
C LYS B 87 3.33 -17.27 -2.71
N TYR B 88 2.62 -16.76 -3.72
CA TYR B 88 2.71 -17.31 -5.07
C TYR B 88 4.08 -16.99 -5.66
N PHE B 89 4.70 -15.90 -5.19
CA PHE B 89 6.02 -15.50 -5.66
C PHE B 89 7.11 -16.27 -4.91
N GLU B 90 6.79 -16.65 -3.67
CA GLU B 90 7.73 -17.41 -2.86
C GLU B 90 7.92 -18.80 -3.48
N LYS B 91 6.79 -19.42 -3.84
CA LYS B 91 6.80 -20.74 -4.46
C LYS B 91 7.33 -20.66 -5.89
N ALA B 92 7.56 -19.44 -6.37
CA ALA B 92 8.07 -19.23 -7.71
C ALA B 92 9.58 -19.41 -7.73
N GLY B 93 10.18 -19.32 -6.55
CA GLY B 93 11.62 -19.49 -6.43
C GLY B 93 12.01 -20.95 -6.55
N LEU B 94 11.01 -21.81 -6.49
CA LEU B 94 11.23 -23.24 -6.60
C LEU B 94 11.00 -23.69 -8.05
N MET C 1 -2.66 -1.78 -13.01
CA MET C 1 -1.93 -1.10 -11.93
C MET C 1 -2.80 0.00 -11.34
N THR C 2 -3.98 -0.39 -10.86
CA THR C 2 -4.90 0.55 -10.26
C THR C 2 -4.35 1.07 -8.93
N GLU C 3 -5.09 1.94 -8.28
CA GLU C 3 -4.67 2.51 -7.00
C GLU C 3 -4.34 1.41 -6.00
N LEU C 4 -5.29 0.53 -5.75
CA LEU C 4 -5.09 -0.57 -4.79
C LEU C 4 -3.99 -1.52 -5.28
N GLU C 5 -3.97 -1.81 -6.57
CA GLU C 5 -2.97 -2.70 -7.16
C GLU C 5 -1.56 -2.14 -6.92
N THR C 6 -1.41 -0.84 -7.12
CA THR C 6 -0.12 -0.18 -6.93
C THR C 6 0.29 -0.24 -5.46
N ALA C 7 -0.67 0.00 -4.57
CA ALA C 7 -0.42 -0.03 -3.14
C ALA C 7 0.05 -1.41 -2.70
N MET C 8 -0.68 -2.43 -3.13
CA MET C 8 -0.36 -3.82 -2.78
C MET C 8 1.00 -4.21 -3.33
N GLY C 9 1.22 -3.91 -4.61
CA GLY C 9 2.48 -4.24 -5.25
C GLY C 9 3.66 -3.53 -4.61
N MET C 10 3.45 -2.30 -4.17
CA MET C 10 4.50 -1.51 -3.54
C MET C 10 5.02 -2.19 -2.29
N ILE C 11 4.10 -2.75 -1.49
CA ILE C 11 4.46 -3.44 -0.26
C ILE C 11 5.38 -4.64 -0.55
N ILE C 12 5.07 -5.36 -1.63
CA ILE C 12 5.85 -6.51 -2.03
C ILE C 12 7.26 -6.08 -2.46
N ASP C 13 7.33 -4.96 -3.16
CA ASP C 13 8.61 -4.43 -3.61
C ASP C 13 9.45 -3.98 -2.41
N VAL C 14 8.84 -3.22 -1.50
CA VAL C 14 9.52 -2.75 -0.30
C VAL C 14 10.15 -3.92 0.45
N PHE C 15 9.36 -4.98 0.63
CA PHE C 15 9.82 -6.17 1.32
C PHE C 15 11.00 -6.81 0.59
N SER C 16 10.82 -7.07 -0.69
CA SER C 16 11.84 -7.70 -1.52
C SER C 16 13.12 -6.87 -1.64
N ARG C 17 13.02 -5.58 -1.40
CA ARG C 17 14.19 -4.71 -1.48
C ARG C 17 15.01 -4.74 -0.19
N TYR C 18 14.45 -5.33 0.85
CA TYR C 18 15.14 -5.43 2.13
C TYR C 18 15.53 -6.86 2.44
N SER C 19 14.60 -7.78 2.24
CA SER C 19 14.85 -9.20 2.50
C SER C 19 15.83 -9.75 1.48
N GLY C 20 17.00 -10.15 1.95
CA GLY C 20 18.00 -10.69 1.06
C GLY C 20 19.39 -10.24 1.43
N SER C 21 19.54 -9.73 2.64
CA SER C 21 20.83 -9.29 3.11
C SER C 21 21.56 -10.46 3.75
N GLU C 22 20.80 -11.32 4.40
CA GLU C 22 21.34 -12.49 5.06
C GLU C 22 20.25 -13.54 5.27
N GLY C 23 20.65 -14.79 5.39
CA GLY C 23 19.69 -15.86 5.61
C GLY C 23 18.94 -16.25 4.36
N SER C 24 17.70 -15.78 4.24
CA SER C 24 16.87 -16.12 3.09
C SER C 24 16.35 -14.85 2.41
N THR C 25 16.29 -14.89 1.08
CA THR C 25 15.82 -13.75 0.29
C THR C 25 14.29 -13.64 0.28
N GLN C 26 13.64 -14.26 1.26
CA GLN C 26 12.18 -14.22 1.36
C GLN C 26 11.75 -14.09 2.82
N THR C 27 12.68 -13.65 3.67
CA THR C 27 12.40 -13.49 5.08
C THR C 27 13.20 -12.33 5.65
N LEU C 28 12.68 -11.71 6.70
CA LEU C 28 13.36 -10.58 7.32
C LEU C 28 13.97 -10.98 8.66
N THR C 29 15.30 -10.91 8.73
CA THR C 29 16.02 -11.24 9.94
C THR C 29 15.98 -10.06 10.92
N LYS C 30 16.56 -10.23 12.11
CA LYS C 30 16.58 -9.16 13.11
C LYS C 30 17.36 -7.96 12.59
N GLY C 31 18.35 -8.22 11.76
CA GLY C 31 19.15 -7.16 11.19
C GLY C 31 18.40 -6.40 10.12
N GLU C 32 17.83 -7.14 9.17
CA GLU C 32 17.08 -6.55 8.07
C GLU C 32 15.85 -5.80 8.58
N LEU C 33 15.21 -6.37 9.59
CA LEU C 33 14.03 -5.74 10.18
C LEU C 33 14.39 -4.36 10.73
N LYS C 34 15.57 -4.26 11.30
CA LYS C 34 16.06 -2.99 11.85
C LYS C 34 16.26 -1.99 10.72
N VAL C 35 16.95 -2.41 9.67
CA VAL C 35 17.21 -1.56 8.51
C VAL C 35 15.91 -1.04 7.91
N LEU C 36 14.94 -1.94 7.77
CA LEU C 36 13.64 -1.60 7.21
C LEU C 36 12.95 -0.52 8.05
N MET C 37 12.90 -0.74 9.36
CA MET C 37 12.25 0.21 10.26
C MET C 37 13.06 1.49 10.39
N GLU C 38 14.36 1.39 10.12
CA GLU C 38 15.26 2.53 10.21
C GLU C 38 15.22 3.37 8.93
N LYS C 39 14.34 2.99 8.00
CA LYS C 39 14.22 3.73 6.74
C LYS C 39 12.76 3.98 6.38
N GLU C 40 11.95 2.93 6.43
CA GLU C 40 10.54 3.03 6.08
C GLU C 40 9.74 3.81 7.13
N LEU C 41 9.80 3.36 8.38
CA LEU C 41 9.07 4.03 9.46
C LEU C 41 10.01 4.49 10.57
N PRO C 42 10.91 5.45 10.27
CA PRO C 42 11.86 5.96 11.26
C PRO C 42 11.19 6.95 12.19
N GLY C 43 10.64 6.43 13.28
CA GLY C 43 9.96 7.28 14.24
C GLY C 43 9.02 6.49 15.12
N PHE C 44 8.64 5.31 14.66
CA PHE C 44 7.75 4.45 15.41
C PHE C 44 8.51 3.75 16.53
N LEU C 45 9.82 3.81 16.49
CA LEU C 45 10.66 3.18 17.49
C LEU C 45 10.91 4.13 18.65
N GLN C 46 10.49 3.71 19.83
CA GLN C 46 10.66 4.52 21.04
C GLN C 46 12.14 4.63 21.41
N SER C 47 12.95 3.75 20.85
CA SER C 47 14.39 3.75 21.10
C SER C 47 15.12 4.54 20.01
N GLY C 48 14.35 5.16 19.13
CA GLY C 48 14.93 5.95 18.06
C GLY C 48 15.36 5.10 16.88
N LYS C 49 16.65 4.84 16.79
CA LYS C 49 17.19 4.04 15.69
C LYS C 49 18.07 2.91 16.22
N ASP C 50 17.99 2.69 17.53
CA ASP C 50 18.78 1.64 18.17
C ASP C 50 18.02 0.31 18.11
N LYS C 51 18.59 -0.72 18.70
CA LYS C 51 17.94 -2.02 18.72
C LYS C 51 16.84 -2.01 19.78
N ASP C 52 17.09 -2.63 20.93
CA ASP C 52 16.13 -2.69 22.05
C ASP C 52 14.72 -3.09 21.59
N ALA C 53 13.93 -2.10 21.16
CA ALA C 53 12.57 -2.33 20.69
C ALA C 53 12.56 -3.25 19.47
N VAL C 54 13.62 -3.19 18.67
CA VAL C 54 13.72 -4.03 17.46
C VAL C 54 13.62 -5.51 17.83
N ASP C 55 14.31 -5.88 18.91
CA ASP C 55 14.30 -7.26 19.38
C ASP C 55 12.90 -7.64 19.84
N LYS C 56 12.22 -6.68 20.45
CA LYS C 56 10.87 -6.89 20.94
C LYS C 56 9.88 -7.01 19.79
N LEU C 57 10.07 -6.19 18.76
CA LEU C 57 9.21 -6.20 17.59
C LEU C 57 9.34 -7.50 16.82
N LEU C 58 10.57 -7.99 16.71
CA LEU C 58 10.84 -9.25 16.02
C LEU C 58 10.10 -10.38 16.70
N LYS C 59 10.22 -10.45 18.02
CA LYS C 59 9.57 -11.49 18.80
C LYS C 59 8.06 -11.26 18.88
N ASP C 60 7.64 -10.05 18.57
CA ASP C 60 6.22 -9.70 18.60
C ASP C 60 5.52 -10.18 17.34
N LEU C 61 6.17 -9.95 16.20
CA LEU C 61 5.62 -10.36 14.91
C LEU C 61 5.80 -11.85 14.68
N ASP C 62 6.95 -12.38 15.08
CA ASP C 62 7.26 -13.80 14.94
C ASP C 62 6.15 -14.67 15.51
N ALA C 63 5.44 -15.34 14.63
CA ALA C 63 4.35 -16.23 15.02
C ALA C 63 4.67 -17.65 14.65
N ASN C 64 5.45 -17.81 13.59
CA ASN C 64 5.86 -19.12 13.12
C ASN C 64 6.94 -19.71 14.03
N GLY C 65 7.60 -18.82 14.78
CA GLY C 65 8.63 -19.26 15.70
C GLY C 65 9.93 -19.62 15.01
N ASP C 66 10.59 -18.62 14.45
CA ASP C 66 11.85 -18.85 13.74
C ASP C 66 12.81 -17.68 13.92
N ALA C 67 12.32 -16.60 14.55
CA ALA C 67 13.11 -15.38 14.78
C ALA C 67 13.33 -14.64 13.47
N GLN C 68 12.55 -15.00 12.48
CA GLN C 68 12.60 -14.38 11.16
C GLN C 68 11.18 -14.07 10.73
N VAL C 69 10.92 -12.82 10.40
CA VAL C 69 9.58 -12.40 10.02
C VAL C 69 9.30 -12.66 8.54
N ASP C 70 8.27 -13.44 8.28
CA ASP C 70 7.86 -13.75 6.91
C ASP C 70 6.87 -12.69 6.43
N PHE C 71 6.58 -12.66 5.14
CA PHE C 71 5.64 -11.67 4.59
C PHE C 71 4.25 -11.80 5.21
N SER C 72 3.84 -13.02 5.50
CA SER C 72 2.52 -13.26 6.09
C SER C 72 2.43 -12.59 7.46
N GLU C 73 3.52 -12.64 8.21
CA GLU C 73 3.56 -12.01 9.52
C GLU C 73 3.77 -10.50 9.38
N PHE C 74 4.62 -10.12 8.43
CA PHE C 74 4.94 -8.72 8.16
C PHE C 74 3.73 -7.95 7.66
N ILE C 75 2.93 -8.55 6.79
CA ILE C 75 1.76 -7.89 6.23
C ILE C 75 0.75 -7.54 7.33
N VAL C 76 0.72 -8.35 8.39
CA VAL C 76 -0.17 -8.12 9.51
C VAL C 76 0.24 -6.84 10.24
N PHE C 77 1.55 -6.66 10.37
CA PHE C 77 2.11 -5.48 11.01
C PHE C 77 1.70 -4.22 10.24
N VAL C 78 1.91 -4.25 8.94
CA VAL C 78 1.57 -3.12 8.08
C VAL C 78 0.08 -2.79 8.20
N ALA C 79 -0.76 -3.83 8.11
CA ALA C 79 -2.20 -3.67 8.22
C ALA C 79 -2.60 -3.04 9.55
N ALA C 80 -1.97 -3.50 10.62
CA ALA C 80 -2.25 -2.99 11.96
C ALA C 80 -1.90 -1.52 12.07
N ILE C 81 -0.72 -1.14 11.60
CA ILE C 81 -0.28 0.24 11.66
C ILE C 81 -1.18 1.13 10.82
N THR C 82 -1.55 0.65 9.62
CA THR C 82 -2.42 1.41 8.73
C THR C 82 -3.81 1.59 9.36
N SER C 83 -4.30 0.56 10.01
CA SER C 83 -5.60 0.61 10.66
C SER C 83 -5.58 1.65 11.78
N ALA C 84 -4.49 1.68 12.54
CA ALA C 84 -4.33 2.63 13.63
C ALA C 84 -4.32 4.05 13.09
N CYS C 85 -3.70 4.24 11.94
CA CYS C 85 -3.63 5.54 11.29
C CYS C 85 -5.03 6.02 10.91
N HIS C 86 -5.78 5.14 10.23
CA HIS C 86 -7.14 5.49 9.81
C HIS C 86 -8.05 5.70 11.01
N LYS C 87 -7.85 4.89 12.04
CA LYS C 87 -8.64 5.00 13.26
C LYS C 87 -8.53 6.42 13.83
N TYR C 88 -7.32 6.96 13.76
CA TYR C 88 -7.06 8.30 14.24
C TYR C 88 -7.74 9.35 13.36
N PHE C 89 -7.90 9.03 12.07
CA PHE C 89 -8.55 9.93 11.14
C PHE C 89 -10.06 9.86 11.29
N GLU C 90 -10.56 8.68 11.66
CA GLU C 90 -11.98 8.47 11.87
C GLU C 90 -12.44 9.33 13.05
N LYS C 91 -11.60 9.38 14.07
CA LYS C 91 -11.90 10.15 15.27
C LYS C 91 -11.66 11.64 15.03
N ALA C 92 -11.16 11.98 13.85
CA ALA C 92 -10.91 13.37 13.49
C ALA C 92 -12.16 14.01 12.91
N GLY C 93 -13.18 13.17 12.68
CA GLY C 93 -14.43 13.66 12.14
C GLY C 93 -15.35 14.15 13.24
N LEU C 94 -14.95 13.89 14.48
CA LEU C 94 -15.74 14.31 15.63
C LEU C 94 -15.04 15.45 16.35
N ALA D 1 -15.39 18.63 14.86
CA ALA D 1 -13.92 18.73 15.07
C ALA D 1 -13.52 20.19 15.22
N MET D 2 -12.29 20.42 15.65
CA MET D 2 -11.78 21.77 15.85
C MET D 2 -10.47 21.96 15.10
N ALA D 3 -10.27 23.14 14.54
CA ALA D 3 -9.05 23.46 13.81
C ALA D 3 -8.84 24.96 13.70
N GLN D 4 -7.68 25.42 14.13
CA GLN D 4 -7.36 26.84 14.05
C GLN D 4 -6.89 27.18 12.64
N ASN D 5 -7.59 28.09 11.98
CA ASN D 5 -7.23 28.49 10.63
C ASN D 5 -6.22 29.63 10.63
N ILE D 6 -5.17 29.48 9.83
CA ILE D 6 -4.13 30.48 9.70
C ILE D 6 -3.84 30.75 8.23
N THR D 7 -4.08 31.98 7.80
CA THR D 7 -3.83 32.36 6.42
C THR D 7 -2.35 32.63 6.18
N ALA D 8 -1.81 32.08 5.10
CA ALA D 8 -0.41 32.25 4.77
C ALA D 8 -0.21 32.62 3.31
N ARG D 9 1.02 32.98 2.96
CA ARG D 9 1.37 33.34 1.60
C ARG D 9 2.31 32.28 1.03
N ILE D 10 2.11 31.90 -0.22
CA ILE D 10 2.95 30.89 -0.84
C ILE D 10 4.38 31.39 -1.01
N GLY D 11 5.30 30.70 -0.36
CA GLY D 11 6.71 31.08 -0.43
C GLY D 11 7.15 31.82 0.82
N GLU D 12 6.25 31.92 1.79
CA GLU D 12 6.54 32.60 3.04
C GLU D 12 7.00 31.62 4.10
N PRO D 13 8.13 31.92 4.78
CA PRO D 13 8.64 31.07 5.84
C PRO D 13 7.77 31.18 7.10
N LEU D 14 7.38 30.04 7.64
CA LEU D 14 6.52 30.02 8.81
C LEU D 14 7.12 29.19 9.93
N VAL D 15 6.93 29.63 11.16
CA VAL D 15 7.43 28.91 12.33
C VAL D 15 6.26 28.50 13.21
N LEU D 16 6.01 27.21 13.29
CA LEU D 16 4.93 26.69 14.11
C LEU D 16 5.46 26.14 15.41
N LYS D 17 4.58 25.96 16.39
CA LYS D 17 4.97 25.44 17.70
C LYS D 17 4.06 24.27 18.06
N CYS D 18 4.65 23.09 18.19
CA CYS D 18 3.87 21.90 18.52
C CYS D 18 4.31 21.33 19.86
N LYS D 19 3.48 21.55 20.88
CA LYS D 19 3.75 21.03 22.20
C LYS D 19 3.12 19.65 22.37
N GLY D 20 3.26 19.07 23.55
CA GLY D 20 2.68 17.76 23.79
C GLY D 20 3.57 16.92 24.68
N ALA D 21 4.86 17.02 24.47
CA ALA D 21 5.83 16.28 25.26
C ALA D 21 6.06 16.95 26.60
N PRO D 22 5.82 16.21 27.70
CA PRO D 22 6.02 16.74 29.06
C PRO D 22 7.49 16.75 29.45
N LYS D 23 7.77 16.86 30.74
CA LYS D 23 9.15 16.88 31.22
C LYS D 23 9.68 15.45 31.37
N LYS D 24 9.60 14.70 30.28
CA LYS D 24 10.06 13.32 30.26
C LYS D 24 10.94 13.10 29.05
N PRO D 25 11.77 12.04 29.05
CA PRO D 25 12.65 11.72 27.93
C PRO D 25 11.93 11.74 26.58
N PRO D 26 12.57 12.32 25.55
CA PRO D 26 12.02 12.43 24.20
C PRO D 26 11.48 11.10 23.68
N GLN D 27 10.16 11.00 23.63
CA GLN D 27 9.50 9.79 23.16
C GLN D 27 9.23 9.87 21.66
N ARG D 28 8.69 8.80 21.10
CA ARG D 28 8.40 8.75 19.67
C ARG D 28 7.26 9.71 19.33
N LEU D 29 7.41 10.44 18.23
CA LEU D 29 6.41 11.41 17.81
C LEU D 29 5.80 11.01 16.46
N GLU D 30 4.57 10.54 16.50
CA GLU D 30 3.87 10.11 15.30
C GLU D 30 3.15 11.28 14.64
N TRP D 31 3.90 12.03 13.83
CA TRP D 31 3.34 13.17 13.13
C TRP D 31 2.36 12.72 12.05
N LYS D 32 1.24 13.42 11.93
CA LYS D 32 0.23 13.10 10.94
C LYS D 32 -0.45 14.37 10.43
N LEU D 33 -1.43 14.21 9.56
CA LEU D 33 -2.16 15.35 9.01
C LEU D 33 -3.59 14.93 8.66
N ASN D 34 -4.39 15.88 8.22
CA ASN D 34 -5.77 15.62 7.86
C ASN D 34 -6.14 16.40 6.60
N THR D 35 -5.55 16.02 5.47
CA THR D 35 -5.80 16.68 4.19
C THR D 35 -6.09 15.64 3.11
N GLY D 36 -6.75 16.06 2.03
CA GLY D 36 -7.07 15.15 0.94
C GLY D 36 -5.97 15.08 -0.09
N ARG D 37 -4.72 15.21 0.36
CA ARG D 37 -3.56 15.15 -0.51
C ARG D 37 -2.51 14.25 0.13
N THR D 38 -1.99 14.68 1.28
CA THR D 38 -1.02 13.90 2.04
C THR D 38 0.32 13.69 1.31
N GLU D 39 0.85 14.74 0.69
CA GLU D 39 2.14 14.61 0.01
C GLU D 39 3.26 15.04 0.95
N ALA D 40 2.89 15.74 2.01
CA ALA D 40 3.86 16.21 3.00
C ALA D 40 3.71 15.48 4.32
N TRP D 41 3.58 14.17 4.27
CA TRP D 41 3.42 13.37 5.47
C TRP D 41 4.59 12.42 5.67
N LYS D 42 5.06 12.31 6.91
CA LYS D 42 6.16 11.44 7.28
C LYS D 42 6.24 11.34 8.79
N VAL D 43 6.42 10.12 9.31
CA VAL D 43 6.50 9.92 10.74
C VAL D 43 7.81 10.47 11.29
N LEU D 44 7.71 11.49 12.13
CA LEU D 44 8.89 12.13 12.72
C LEU D 44 9.54 11.22 13.76
N SER D 45 10.77 11.56 14.13
CA SER D 45 11.51 10.80 15.12
C SER D 45 12.49 11.71 15.85
N PRO D 46 12.69 11.50 17.16
CA PRO D 46 13.64 12.27 17.95
C PRO D 46 15.07 11.81 17.69
N GLN D 47 15.20 10.76 16.89
CA GLN D 47 16.50 10.20 16.55
C GLN D 47 16.54 9.83 15.07
N GLY D 48 15.86 10.61 14.24
CA GLY D 48 15.85 10.34 12.81
C GLY D 48 14.88 11.24 12.06
N GLY D 49 15.41 12.04 11.14
CA GLY D 49 14.58 12.93 10.36
C GLY D 49 13.92 12.23 9.18
N GLY D 50 14.66 12.09 8.10
CA GLY D 50 14.13 11.44 6.90
C GLY D 50 13.95 12.43 5.77
N PRO D 51 13.24 12.03 4.69
CA PRO D 51 13.00 12.90 3.53
C PRO D 51 12.18 14.14 3.89
N TRP D 52 11.47 14.07 5.01
CA TRP D 52 10.64 15.18 5.48
C TRP D 52 11.50 16.30 6.03
N ASP D 53 12.65 15.92 6.59
CA ASP D 53 13.59 16.88 7.17
C ASP D 53 14.12 17.82 6.10
N SER D 54 14.18 17.33 4.88
CA SER D 54 14.66 18.11 3.75
C SER D 54 13.63 19.17 3.34
N VAL D 55 12.42 19.05 3.88
CA VAL D 55 11.36 19.99 3.60
C VAL D 55 11.13 20.92 4.79
N ALA D 56 10.88 20.31 5.94
CA ALA D 56 10.63 21.06 7.16
C ALA D 56 11.59 20.62 8.26
N ARG D 57 12.10 21.58 9.02
CA ARG D 57 13.03 21.29 10.09
C ARG D 57 12.35 21.45 11.45
N VAL D 58 12.73 20.60 12.40
CA VAL D 58 12.16 20.65 13.74
C VAL D 58 13.20 21.14 14.73
N LEU D 59 12.82 22.14 15.52
CA LEU D 59 13.71 22.70 16.52
C LEU D 59 13.53 21.97 17.84
N PRO D 60 14.63 21.71 18.56
CA PRO D 60 14.62 20.99 19.86
C PRO D 60 13.63 21.57 20.87
N ASN D 61 13.33 22.86 20.75
CA ASN D 61 12.41 23.51 21.69
C ASN D 61 10.95 23.18 21.39
N GLY D 62 10.70 22.50 20.28
CA GLY D 62 9.35 22.12 19.93
C GLY D 62 8.74 23.00 18.85
N SER D 63 9.58 23.63 18.04
CA SER D 63 9.09 24.48 16.98
C SER D 63 9.35 23.85 15.61
N LEU D 64 8.46 24.09 14.67
CA LEU D 64 8.58 23.55 13.33
C LEU D 64 8.86 24.69 12.36
N PHE D 65 9.96 24.59 11.62
CA PHE D 65 10.35 25.62 10.68
C PHE D 65 10.02 25.24 9.24
N LEU D 66 9.22 26.07 8.59
CA LEU D 66 8.84 25.87 7.21
C LEU D 66 9.50 26.95 6.35
N PRO D 67 10.55 26.58 5.59
CA PRO D 67 11.29 27.52 4.75
C PRO D 67 10.42 28.24 3.73
N ALA D 68 9.50 27.51 3.11
CA ALA D 68 8.60 28.08 2.12
C ALA D 68 7.29 27.31 2.07
N VAL D 69 6.25 27.91 2.62
CA VAL D 69 4.93 27.28 2.61
C VAL D 69 4.29 27.43 1.24
N GLY D 70 4.08 26.31 0.57
CA GLY D 70 3.49 26.34 -0.74
C GLY D 70 2.08 25.79 -0.74
N ILE D 71 1.62 25.33 -1.89
CA ILE D 71 0.29 24.77 -2.02
C ILE D 71 0.30 23.29 -1.64
N GLN D 72 1.48 22.78 -1.35
CA GLN D 72 1.64 21.38 -0.98
C GLN D 72 1.60 21.24 0.53
N ASP D 73 1.85 22.34 1.23
CA ASP D 73 1.85 22.36 2.68
C ASP D 73 0.52 22.91 3.20
N GLU D 74 -0.52 22.74 2.38
CA GLU D 74 -1.84 23.21 2.75
C GLU D 74 -2.67 22.08 3.35
N GLY D 75 -3.70 22.46 4.09
CA GLY D 75 -4.56 21.48 4.71
C GLY D 75 -4.58 21.59 6.22
N ILE D 76 -4.61 20.46 6.89
CA ILE D 76 -4.63 20.43 8.34
C ILE D 76 -3.51 19.57 8.89
N PHE D 77 -2.62 20.19 9.65
CA PHE D 77 -1.50 19.48 10.26
C PHE D 77 -1.95 18.89 11.59
N ARG D 78 -1.32 17.80 12.00
CA ARG D 78 -1.69 17.16 13.25
C ARG D 78 -0.45 16.68 14.02
N CYS D 79 0.02 17.52 14.93
CA CYS D 79 1.19 17.17 15.74
C CYS D 79 0.76 16.26 16.89
N GLN D 80 1.13 14.99 16.79
CA GLN D 80 0.78 14.02 17.81
C GLN D 80 2.00 13.28 18.31
N ALA D 81 2.00 12.94 19.59
CA ALA D 81 3.07 12.20 20.21
C ALA D 81 2.50 10.94 20.82
N MET D 82 3.27 9.87 20.87
CA MET D 82 2.77 8.62 21.43
C MET D 82 3.66 8.13 22.57
N ASN D 83 3.11 8.16 23.76
CA ASN D 83 3.83 7.70 24.94
C ASN D 83 3.49 6.23 25.19
N ARG D 84 4.46 5.48 25.70
CA ARG D 84 4.27 4.06 25.98
C ARG D 84 3.16 3.82 26.99
N ASN D 85 2.83 4.84 27.77
CA ASN D 85 1.78 4.73 28.77
C ASN D 85 0.41 4.94 28.15
N GLY D 86 0.39 5.20 26.85
CA GLY D 86 -0.87 5.43 26.16
C GLY D 86 -1.38 6.84 26.33
N LYS D 87 -0.73 7.79 25.66
CA LYS D 87 -1.13 9.19 25.75
C LYS D 87 -0.77 9.91 24.45
N GLU D 88 -1.66 10.78 24.00
CA GLU D 88 -1.47 11.54 22.78
C GLU D 88 -2.10 12.93 22.91
N THR D 89 -2.27 13.64 21.80
CA THR D 89 -2.85 14.96 21.83
C THR D 89 -3.59 15.27 20.52
N LYS D 90 -4.78 15.85 20.65
CA LYS D 90 -5.59 16.20 19.49
C LYS D 90 -5.30 17.64 19.07
N SER D 91 -4.16 17.84 18.44
CA SER D 91 -3.77 19.17 17.99
C SER D 91 -3.88 19.27 16.47
N ASN D 92 -4.85 20.06 16.01
CA ASN D 92 -5.07 20.23 14.58
C ASN D 92 -4.93 21.69 14.18
N TYR D 93 -4.08 21.95 13.20
CA TYR D 93 -3.86 23.31 12.70
C TYR D 93 -4.20 23.36 11.23
N ARG D 94 -5.04 24.32 10.84
CA ARG D 94 -5.44 24.43 9.45
C ARG D 94 -4.75 25.61 8.78
N VAL D 95 -3.98 25.32 7.74
CA VAL D 95 -3.25 26.35 7.01
C VAL D 95 -3.82 26.47 5.60
N ARG D 96 -4.01 27.71 5.16
CA ARG D 96 -4.53 27.97 3.82
C ARG D 96 -3.86 29.21 3.25
N VAL D 97 -3.42 29.13 2.01
CA VAL D 97 -2.77 30.25 1.37
C VAL D 97 -3.78 31.09 0.59
N TYR D 98 -3.36 32.26 0.15
CA TYR D 98 -4.23 33.15 -0.60
C TYR D 98 -4.30 32.75 -2.07
N GLN D 99 -3.30 31.99 -2.51
CA GLN D 99 -3.22 31.52 -3.88
C GLN D 99 -3.46 30.02 -3.92
N ILE D 100 -4.71 29.63 -3.69
CA ILE D 100 -5.08 28.22 -3.70
C ILE D 100 -5.11 27.66 -5.13
N PRO D 101 -4.67 26.42 -5.30
CA PRO D 101 -4.64 25.77 -6.61
C PRO D 101 -6.03 25.25 -7.01
N ALA A 1 13.23 -22.38 -10.35
CA ALA A 1 12.70 -21.34 -11.25
C ALA A 1 12.87 -21.75 -12.71
N MET A 2 11.87 -21.44 -13.52
CA MET A 2 11.87 -21.78 -14.94
C MET A 2 11.11 -20.73 -15.74
N ALA A 3 11.56 -20.46 -16.96
CA ALA A 3 10.92 -19.48 -17.82
C ALA A 3 11.42 -19.60 -19.25
N GLN A 4 10.52 -19.48 -20.21
CA GLN A 4 10.88 -19.57 -21.62
C GLN A 4 11.33 -18.20 -22.14
N ASN A 5 12.54 -18.14 -22.68
CA ASN A 5 13.07 -16.88 -23.19
C ASN A 5 12.60 -16.63 -24.63
N ILE A 6 12.06 -15.45 -24.87
CA ILE A 6 11.57 -15.08 -26.19
C ILE A 6 12.16 -13.74 -26.63
N THR A 7 12.86 -13.75 -27.76
CA THR A 7 13.47 -12.54 -28.30
C THR A 7 12.44 -11.71 -29.05
N ALA A 8 12.22 -10.49 -28.59
CA ALA A 8 11.26 -9.60 -29.21
C ALA A 8 11.92 -8.30 -29.65
N ARG A 9 11.21 -7.51 -30.43
CA ARG A 9 11.71 -6.24 -30.93
C ARG A 9 10.89 -5.10 -30.35
N ILE A 10 11.56 -3.98 -30.06
CA ILE A 10 10.89 -2.81 -29.50
C ILE A 10 9.99 -2.16 -30.54
N GLY A 11 8.76 -1.86 -30.14
CA GLY A 11 7.82 -1.24 -31.06
C GLY A 11 7.18 -2.24 -32.00
N GLU A 12 7.31 -3.51 -31.67
CA GLU A 12 6.75 -4.58 -32.49
C GLU A 12 5.55 -5.22 -31.80
N PRO A 13 4.46 -5.50 -32.56
CA PRO A 13 3.27 -6.14 -32.02
C PRO A 13 3.46 -7.65 -31.84
N LEU A 14 3.33 -8.11 -30.61
CA LEU A 14 3.50 -9.53 -30.32
C LEU A 14 2.18 -10.18 -29.96
N VAL A 15 2.04 -11.45 -30.34
CA VAL A 15 0.84 -12.22 -30.04
C VAL A 15 1.22 -13.47 -29.27
N LEU A 16 0.86 -13.51 -28.00
CA LEU A 16 1.16 -14.66 -27.15
C LEU A 16 -0.09 -15.51 -26.93
N LYS A 17 0.10 -16.75 -26.53
CA LYS A 17 -1.02 -17.64 -26.29
C LYS A 17 -0.97 -18.16 -24.85
N CYS A 18 -1.93 -17.73 -24.04
CA CYS A 18 -1.98 -18.14 -22.65
C CYS A 18 -3.19 -19.04 -22.41
N LYS A 19 -2.92 -20.28 -22.04
CA LYS A 19 -3.97 -21.25 -21.77
C LYS A 19 -4.14 -21.43 -20.27
N GLY A 20 -5.27 -21.99 -19.87
CA GLY A 20 -5.52 -22.22 -18.46
C GLY A 20 -6.95 -22.65 -18.19
N ALA A 21 -7.88 -21.99 -18.85
CA ALA A 21 -9.30 -22.28 -18.71
C ALA A 21 -9.67 -23.57 -19.44
N PRO A 22 -10.16 -24.57 -18.71
CA PRO A 22 -10.55 -25.86 -19.29
C PRO A 22 -11.96 -25.79 -19.89
N LYS A 23 -12.61 -26.95 -19.99
CA LYS A 23 -13.95 -27.02 -20.55
C LYS A 23 -14.99 -26.69 -19.48
N LYS A 24 -14.93 -25.46 -19.00
CA LYS A 24 -15.85 -24.98 -17.96
C LYS A 24 -16.07 -23.48 -18.14
N PRO A 25 -17.11 -22.92 -17.49
CA PRO A 25 -17.39 -21.48 -17.58
C PRO A 25 -16.18 -20.63 -17.20
N PRO A 26 -15.99 -19.50 -17.91
CA PRO A 26 -14.86 -18.59 -17.67
C PRO A 26 -14.75 -18.16 -16.21
N GLN A 27 -13.66 -18.57 -15.58
CA GLN A 27 -13.40 -18.25 -14.17
C GLN A 27 -12.54 -17.00 -14.08
N ARG A 28 -12.28 -16.56 -12.86
CA ARG A 28 -11.45 -15.37 -12.63
C ARG A 28 -10.00 -15.65 -13.03
N LEU A 29 -9.38 -14.68 -13.70
CA LEU A 29 -8.00 -14.83 -14.15
C LEU A 29 -7.06 -13.94 -13.36
N GLU A 30 -6.39 -14.53 -12.38
CA GLU A 30 -5.45 -13.79 -11.56
C GLU A 30 -4.11 -13.62 -12.29
N TRP A 31 -4.12 -12.75 -13.30
CA TRP A 31 -2.93 -12.49 -14.09
C TRP A 31 -1.83 -11.88 -13.21
N LYS A 32 -0.61 -12.37 -13.39
CA LYS A 32 0.52 -11.89 -12.62
C LYS A 32 1.78 -11.89 -13.48
N LEU A 33 2.86 -11.36 -12.93
CA LEU A 33 4.14 -11.31 -13.61
C LEU A 33 5.24 -11.10 -12.60
N ASN A 34 6.48 -11.23 -13.03
CA ASN A 34 7.62 -11.06 -12.13
C ASN A 34 8.55 -9.97 -12.67
N THR A 35 8.62 -8.86 -11.94
CA THR A 35 9.47 -7.74 -12.32
C THR A 35 9.89 -6.95 -11.09
N GLY A 36 10.63 -5.87 -11.29
CA GLY A 36 11.05 -5.05 -10.18
C GLY A 36 10.06 -3.93 -9.94
N ARG A 37 9.87 -3.08 -10.94
CA ARG A 37 8.93 -1.97 -10.84
C ARG A 37 7.50 -2.51 -10.89
N THR A 38 7.27 -3.40 -11.85
CA THR A 38 5.96 -4.03 -12.03
C THR A 38 4.84 -3.00 -12.23
N GLU A 39 4.80 -2.42 -13.42
CA GLU A 39 3.78 -1.41 -13.75
C GLU A 39 2.76 -1.97 -14.75
N ALA A 40 2.94 -3.23 -15.11
CA ALA A 40 2.05 -3.87 -16.07
C ALA A 40 1.19 -4.94 -15.39
N TRP A 41 1.08 -4.84 -14.07
CA TRP A 41 0.30 -5.79 -13.30
C TRP A 41 -1.16 -5.34 -13.20
N LYS A 42 -2.07 -6.29 -13.41
CA LYS A 42 -3.50 -6.03 -13.33
C LYS A 42 -4.27 -7.35 -13.44
N VAL A 43 -5.23 -7.55 -12.54
CA VAL A 43 -6.03 -8.77 -12.53
C VAL A 43 -7.03 -8.75 -13.68
N LEU A 44 -7.07 -9.83 -14.45
CA LEU A 44 -7.97 -9.92 -15.59
C LEU A 44 -9.32 -10.50 -15.19
N SER A 45 -10.34 -10.22 -16.00
CA SER A 45 -11.69 -10.70 -15.73
C SER A 45 -12.37 -11.07 -17.05
N PRO A 46 -13.18 -12.14 -17.03
CA PRO A 46 -13.93 -12.56 -18.22
C PRO A 46 -15.04 -11.55 -18.53
N GLN A 47 -15.36 -10.74 -17.52
CA GLN A 47 -16.37 -9.71 -17.64
C GLN A 47 -15.83 -8.41 -17.05
N GLY A 48 -14.82 -7.86 -17.69
CA GLY A 48 -14.23 -6.62 -17.21
C GLY A 48 -12.73 -6.55 -17.48
N GLY A 49 -12.28 -5.44 -18.05
CA GLY A 49 -10.88 -5.29 -18.36
C GLY A 49 -10.22 -4.22 -17.52
N GLY A 50 -10.39 -2.98 -17.91
CA GLY A 50 -9.80 -1.88 -17.17
C GLY A 50 -8.66 -1.23 -17.93
N PRO A 51 -7.81 -0.43 -17.24
CA PRO A 51 -6.67 0.25 -17.86
C PRO A 51 -5.67 -0.69 -18.52
N TRP A 52 -5.75 -1.97 -18.17
CA TRP A 52 -4.86 -2.97 -18.74
C TRP A 52 -5.28 -3.31 -20.17
N ASP A 53 -6.59 -3.27 -20.41
CA ASP A 53 -7.15 -3.57 -21.72
C ASP A 53 -6.72 -2.52 -22.74
N SER A 54 -6.42 -1.34 -22.22
CA SER A 54 -5.98 -0.23 -23.06
C SER A 54 -4.51 -0.39 -23.47
N VAL A 55 -3.87 -1.39 -22.88
CA VAL A 55 -2.47 -1.68 -23.18
C VAL A 55 -2.36 -2.99 -23.95
N ALA A 56 -2.97 -4.04 -23.39
CA ALA A 56 -2.95 -5.35 -24.01
C ALA A 56 -4.36 -5.88 -24.19
N ARG A 57 -4.61 -6.56 -25.29
CA ARG A 57 -5.93 -7.10 -25.57
C ARG A 57 -5.92 -8.62 -25.51
N VAL A 58 -6.91 -9.17 -24.82
CA VAL A 58 -7.03 -10.62 -24.68
C VAL A 58 -8.14 -11.14 -25.58
N LEU A 59 -7.76 -11.93 -26.58
CA LEU A 59 -8.71 -12.49 -27.52
C LEU A 59 -9.47 -13.65 -26.88
N PRO A 60 -10.73 -13.87 -27.29
CA PRO A 60 -11.58 -14.96 -26.77
C PRO A 60 -10.94 -16.35 -26.87
N ASN A 61 -9.99 -16.51 -27.79
CA ASN A 61 -9.33 -17.80 -27.98
C ASN A 61 -8.18 -17.98 -26.99
N GLY A 62 -7.88 -16.94 -26.22
CA GLY A 62 -6.81 -17.02 -25.24
C GLY A 62 -5.50 -16.43 -25.73
N SER A 63 -5.57 -15.57 -26.73
CA SER A 63 -4.37 -14.93 -27.26
C SER A 63 -4.19 -13.54 -26.67
N LEU A 64 -2.95 -13.20 -26.37
CA LEU A 64 -2.61 -11.90 -25.80
C LEU A 64 -1.96 -11.04 -26.88
N PHE A 65 -2.66 -9.99 -27.30
CA PHE A 65 -2.14 -9.11 -28.34
C PHE A 65 -1.61 -7.81 -27.76
N LEU A 66 -0.37 -7.50 -28.11
CA LEU A 66 0.28 -6.28 -27.66
C LEU A 66 0.55 -5.39 -28.86
N PRO A 67 -0.11 -4.21 -28.94
CA PRO A 67 0.05 -3.27 -30.05
C PRO A 67 1.51 -2.90 -30.29
N ALA A 68 2.23 -2.58 -29.23
CA ALA A 68 3.64 -2.22 -29.33
C ALA A 68 4.36 -2.50 -28.02
N VAL A 69 5.28 -3.44 -28.07
CA VAL A 69 6.06 -3.80 -26.88
C VAL A 69 7.23 -2.85 -26.71
N GLY A 70 7.40 -2.33 -25.51
CA GLY A 70 8.48 -1.41 -25.24
C GLY A 70 9.40 -1.93 -24.15
N ILE A 71 9.52 -1.18 -23.06
CA ILE A 71 10.37 -1.58 -21.95
C ILE A 71 9.56 -1.76 -20.67
N GLN A 72 8.32 -1.27 -20.70
CA GLN A 72 7.43 -1.36 -19.54
C GLN A 72 6.81 -2.75 -19.48
N ASP A 73 6.61 -3.33 -20.66
CA ASP A 73 6.02 -4.65 -20.79
C ASP A 73 7.12 -5.70 -20.93
N GLU A 74 8.34 -5.32 -20.59
CA GLU A 74 9.47 -6.22 -20.67
C GLU A 74 9.70 -6.89 -19.32
N GLY A 75 9.61 -8.21 -19.30
CA GLY A 75 9.80 -8.95 -18.06
C GLY A 75 9.33 -10.39 -18.18
N ILE A 76 8.92 -10.96 -17.06
CA ILE A 76 8.45 -12.34 -17.04
C ILE A 76 6.96 -12.41 -16.76
N PHE A 77 6.18 -12.71 -17.79
CA PHE A 77 4.72 -12.79 -17.65
C PHE A 77 4.31 -14.14 -17.07
N ARG A 78 3.22 -14.15 -16.32
CA ARG A 78 2.73 -15.38 -15.71
C ARG A 78 1.20 -15.42 -15.76
N CYS A 79 0.68 -16.02 -16.81
CA CYS A 79 -0.77 -16.14 -16.96
C CYS A 79 -1.30 -17.21 -16.02
N GLN A 80 -1.76 -16.77 -14.85
CA GLN A 80 -2.28 -17.68 -13.84
C GLN A 80 -3.80 -17.52 -13.69
N ALA A 81 -4.44 -18.58 -13.24
CA ALA A 81 -5.88 -18.57 -13.02
C ALA A 81 -6.16 -19.15 -11.65
N MET A 82 -7.37 -18.97 -11.14
CA MET A 82 -7.71 -19.51 -9.84
C MET A 82 -9.13 -20.07 -9.81
N ASN A 83 -9.22 -21.38 -9.72
CA ASN A 83 -10.51 -22.07 -9.67
C ASN A 83 -11.04 -22.08 -8.25
N ARG A 84 -12.36 -22.15 -8.09
CA ARG A 84 -12.99 -22.18 -6.78
C ARG A 84 -12.60 -23.42 -5.99
N ASN A 85 -12.09 -24.43 -6.70
CA ASN A 85 -11.66 -25.66 -6.07
C ASN A 85 -10.18 -25.59 -5.71
N GLY A 86 -9.58 -24.43 -5.90
CA GLY A 86 -8.18 -24.26 -5.60
C GLY A 86 -7.29 -24.88 -6.66
N LYS A 87 -7.20 -24.22 -7.80
CA LYS A 87 -6.39 -24.70 -8.92
C LYS A 87 -5.81 -23.52 -9.68
N GLU A 88 -4.52 -23.63 -10.00
CA GLU A 88 -3.82 -22.57 -10.73
C GLU A 88 -2.90 -23.17 -11.79
N THR A 89 -1.91 -22.41 -12.23
CA THR A 89 -0.96 -22.87 -13.23
C THR A 89 0.34 -22.08 -13.14
N LYS A 90 1.46 -22.78 -13.24
CA LYS A 90 2.77 -22.15 -13.14
C LYS A 90 3.41 -22.00 -14.52
N SER A 91 3.04 -20.96 -15.24
CA SER A 91 3.59 -20.72 -16.56
C SER A 91 4.26 -19.34 -16.62
N ASN A 92 5.57 -19.33 -16.84
CA ASN A 92 6.33 -18.08 -16.89
C ASN A 92 7.01 -17.90 -18.25
N TYR A 93 6.79 -16.74 -18.87
CA TYR A 93 7.38 -16.42 -20.16
C TYR A 93 8.28 -15.19 -20.02
N ARG A 94 9.53 -15.32 -20.41
CA ARG A 94 10.49 -14.22 -20.30
C ARG A 94 10.70 -13.55 -21.65
N VAL A 95 10.06 -12.41 -21.84
CA VAL A 95 10.19 -11.66 -23.09
C VAL A 95 11.38 -10.71 -22.97
N ARG A 96 12.28 -10.76 -23.94
CA ARG A 96 13.46 -9.91 -23.93
C ARG A 96 13.57 -9.13 -25.24
N VAL A 97 13.77 -7.83 -25.14
CA VAL A 97 13.90 -6.99 -26.33
C VAL A 97 15.37 -6.92 -26.77
N TYR A 98 15.57 -6.70 -28.06
CA TYR A 98 16.92 -6.62 -28.61
C TYR A 98 17.68 -5.41 -28.08
N GLN A 99 16.96 -4.34 -27.78
CA GLN A 99 17.57 -3.13 -27.27
C GLN A 99 17.07 -2.83 -25.86
N ILE A 100 17.87 -3.18 -24.87
CA ILE A 100 17.52 -2.97 -23.48
C ILE A 100 18.09 -1.66 -22.96
N PRO A 101 17.46 -1.06 -21.94
CA PRO A 101 17.92 0.20 -21.36
C PRO A 101 19.25 0.04 -20.61
N MET B 1 7.32 10.31 3.84
CA MET B 1 6.66 9.66 2.69
C MET B 1 7.60 8.64 2.03
N THR B 2 7.97 7.62 2.79
CA THR B 2 8.83 6.55 2.28
C THR B 2 8.01 5.62 1.40
N GLU B 3 8.61 4.53 0.96
CA GLU B 3 7.90 3.58 0.12
C GLU B 3 6.75 2.96 0.90
N LEU B 4 7.05 2.52 2.11
CA LEU B 4 6.04 1.91 2.97
C LEU B 4 4.98 2.95 3.36
N GLU B 5 5.43 4.15 3.72
CA GLU B 5 4.52 5.24 4.11
C GLU B 5 3.56 5.57 2.97
N THR B 6 4.09 5.60 1.74
CA THR B 6 3.28 5.90 0.56
C THR B 6 2.26 4.80 0.30
N ALA B 7 2.70 3.55 0.44
CA ALA B 7 1.82 2.40 0.22
C ALA B 7 0.64 2.44 1.19
N MET B 8 0.94 2.74 2.45
CA MET B 8 -0.09 2.83 3.49
C MET B 8 -1.09 3.95 3.17
N GLY B 9 -0.55 5.11 2.82
CA GLY B 9 -1.39 6.26 2.51
C GLY B 9 -2.25 6.02 1.28
N MET B 10 -1.71 5.30 0.31
CA MET B 10 -2.44 4.99 -0.92
C MET B 10 -3.71 4.20 -0.61
N ILE B 11 -3.62 3.26 0.33
CA ILE B 11 -4.78 2.45 0.71
C ILE B 11 -5.86 3.35 1.31
N ILE B 12 -5.43 4.33 2.09
CA ILE B 12 -6.35 5.28 2.72
C ILE B 12 -7.08 6.10 1.68
N ASP B 13 -6.33 6.53 0.66
CA ASP B 13 -6.90 7.31 -0.44
C ASP B 13 -7.99 6.52 -1.16
N VAL B 14 -7.66 5.26 -1.47
CA VAL B 14 -8.61 4.36 -2.14
C VAL B 14 -9.92 4.29 -1.36
N PHE B 15 -9.80 4.04 -0.05
CA PHE B 15 -10.96 3.95 0.82
C PHE B 15 -11.77 5.24 0.80
N SER B 16 -11.11 6.35 1.12
CA SER B 16 -11.75 7.66 1.19
C SER B 16 -12.38 8.10 -0.15
N ARG B 17 -11.90 7.55 -1.26
CA ARG B 17 -12.42 7.92 -2.56
C ARG B 17 -13.57 7.01 -2.99
N TYR B 18 -13.94 6.06 -2.14
CA TYR B 18 -15.02 5.14 -2.47
C TYR B 18 -16.13 5.19 -1.42
N SER B 19 -15.77 5.21 -0.14
CA SER B 19 -16.76 5.25 0.92
C SER B 19 -17.30 6.67 1.06
N GLY B 20 -18.62 6.78 1.16
CA GLY B 20 -19.23 8.08 1.29
C GLY B 20 -20.18 8.37 0.15
N SER B 21 -20.59 7.32 -0.52
CA SER B 21 -21.50 7.44 -1.64
C SER B 21 -22.93 7.32 -1.15
N GLU B 22 -23.11 6.59 -0.05
CA GLU B 22 -24.42 6.40 0.53
C GLU B 22 -24.30 5.83 1.95
N GLY B 23 -25.19 6.25 2.83
CA GLY B 23 -25.16 5.76 4.20
C GLY B 23 -24.14 6.49 5.05
N SER B 24 -22.91 6.02 5.02
CA SER B 24 -21.85 6.62 5.82
C SER B 24 -20.67 6.99 4.95
N THR B 25 -19.67 7.63 5.56
CA THR B 25 -18.48 8.05 4.85
C THR B 25 -17.25 7.28 5.34
N GLN B 26 -17.43 6.51 6.42
CA GLN B 26 -16.32 5.76 6.99
C GLN B 26 -16.51 4.25 6.81
N THR B 27 -17.51 3.86 6.05
CA THR B 27 -17.77 2.46 5.81
C THR B 27 -18.17 2.22 4.36
N LEU B 28 -17.97 1.00 3.88
CA LEU B 28 -18.32 0.63 2.53
C LEU B 28 -19.57 -0.24 2.51
N THR B 29 -20.64 0.27 1.92
CA THR B 29 -21.88 -0.47 1.82
C THR B 29 -21.78 -1.53 0.73
N LYS B 30 -22.84 -2.32 0.57
CA LYS B 30 -22.87 -3.36 -0.46
C LYS B 30 -22.69 -2.76 -1.86
N GLY B 31 -23.26 -1.59 -2.05
CA GLY B 31 -23.16 -0.91 -3.33
C GLY B 31 -21.77 -0.35 -3.58
N GLU B 32 -21.22 0.30 -2.57
CA GLU B 32 -19.89 0.89 -2.67
C GLU B 32 -18.82 -0.18 -2.82
N LEU B 33 -18.98 -1.28 -2.08
CA LEU B 33 -18.03 -2.39 -2.15
C LEU B 33 -18.01 -2.97 -3.57
N LYS B 34 -19.18 -3.05 -4.18
CA LYS B 34 -19.29 -3.56 -5.54
C LYS B 34 -18.53 -2.66 -6.51
N VAL B 35 -18.72 -1.36 -6.36
CA VAL B 35 -18.05 -0.39 -7.21
C VAL B 35 -16.53 -0.49 -7.06
N LEU B 36 -16.08 -0.65 -5.82
CA LEU B 36 -14.66 -0.78 -5.53
C LEU B 36 -14.07 -2.00 -6.23
N MET B 37 -14.79 -3.11 -6.17
CA MET B 37 -14.35 -4.36 -6.80
C MET B 37 -14.38 -4.25 -8.31
N GLU B 38 -15.28 -3.42 -8.83
CA GLU B 38 -15.41 -3.23 -10.27
C GLU B 38 -14.45 -2.16 -10.77
N LYS B 39 -13.58 -1.66 -9.89
CA LYS B 39 -12.63 -0.62 -10.27
C LYS B 39 -11.20 -0.98 -9.86
N GLU B 40 -11.01 -1.23 -8.57
CA GLU B 40 -9.68 -1.55 -8.06
C GLU B 40 -9.25 -2.97 -8.42
N LEU B 41 -10.08 -3.96 -8.13
CA LEU B 41 -9.74 -5.34 -8.43
C LEU B 41 -10.79 -6.02 -9.33
N PRO B 42 -11.01 -5.50 -10.55
CA PRO B 42 -11.98 -6.08 -11.47
C PRO B 42 -11.46 -7.36 -12.09
N GLY B 43 -11.80 -8.49 -11.49
CA GLY B 43 -11.34 -9.76 -11.99
C GLY B 43 -11.13 -10.78 -10.89
N PHE B 44 -11.12 -10.30 -9.65
CA PHE B 44 -10.96 -11.19 -8.50
C PHE B 44 -12.29 -11.86 -8.18
N LEU B 45 -13.35 -11.41 -8.84
CA LEU B 45 -14.67 -11.95 -8.64
C LEU B 45 -14.91 -13.10 -9.59
N GLN B 46 -15.34 -14.24 -9.05
CA GLN B 46 -15.61 -15.42 -9.84
C GLN B 46 -16.80 -15.21 -10.77
N SER B 47 -17.62 -14.22 -10.44
CA SER B 47 -18.79 -13.89 -11.24
C SER B 47 -18.52 -12.71 -12.15
N GLY B 48 -17.25 -12.43 -12.40
CA GLY B 48 -16.87 -11.32 -13.25
C GLY B 48 -17.02 -9.99 -12.53
N LYS B 49 -18.22 -9.44 -12.59
CA LYS B 49 -18.51 -8.18 -11.92
C LYS B 49 -19.97 -8.13 -11.48
N ASP B 50 -20.58 -9.31 -11.36
CA ASP B 50 -21.98 -9.40 -10.93
C ASP B 50 -22.05 -9.40 -9.41
N LYS B 51 -23.25 -9.18 -8.87
CA LYS B 51 -23.45 -9.13 -7.42
C LYS B 51 -23.48 -10.53 -6.81
N ASP B 52 -23.32 -11.54 -7.65
CA ASP B 52 -23.34 -12.94 -7.24
C ASP B 52 -22.44 -13.21 -6.04
N ALA B 53 -21.16 -12.87 -6.16
CA ALA B 53 -20.21 -13.11 -5.07
C ALA B 53 -19.98 -11.86 -4.23
N VAL B 54 -20.53 -10.73 -4.67
CA VAL B 54 -20.36 -9.48 -3.95
C VAL B 54 -21.05 -9.55 -2.59
N ASP B 55 -22.25 -10.10 -2.57
CA ASP B 55 -23.03 -10.25 -1.35
C ASP B 55 -22.30 -11.18 -0.39
N LYS B 56 -21.69 -12.23 -0.95
CA LYS B 56 -20.95 -13.21 -0.17
C LYS B 56 -19.69 -12.59 0.43
N LEU B 57 -18.99 -11.80 -0.36
CA LEU B 57 -17.77 -11.14 0.09
C LEU B 57 -18.07 -10.15 1.21
N LEU B 58 -19.18 -9.42 1.06
CA LEU B 58 -19.59 -8.45 2.06
C LEU B 58 -19.79 -9.11 3.41
N LYS B 59 -20.49 -10.22 3.42
CA LYS B 59 -20.77 -10.96 4.65
C LYS B 59 -19.52 -11.64 5.18
N ASP B 60 -18.58 -11.93 4.29
CA ASP B 60 -17.34 -12.58 4.68
C ASP B 60 -16.45 -11.59 5.42
N LEU B 61 -16.45 -10.35 4.93
CA LEU B 61 -15.65 -9.29 5.52
C LEU B 61 -16.32 -8.73 6.77
N ASP B 62 -17.65 -8.61 6.73
CA ASP B 62 -18.42 -8.10 7.86
C ASP B 62 -18.14 -8.91 9.12
N ALA B 63 -17.41 -8.31 10.04
CA ALA B 63 -17.08 -8.96 11.29
C ALA B 63 -17.77 -8.24 12.44
N ASN B 64 -18.09 -6.97 12.20
CA ASN B 64 -18.76 -6.15 13.21
C ASN B 64 -20.23 -6.53 13.31
N GLY B 65 -20.77 -7.10 12.24
CA GLY B 65 -22.15 -7.55 12.24
C GLY B 65 -23.15 -6.46 11.94
N ASP B 66 -22.88 -5.63 10.95
CA ASP B 66 -23.80 -4.56 10.59
C ASP B 66 -23.94 -4.45 9.06
N ALA B 67 -23.20 -5.32 8.36
CA ALA B 67 -23.22 -5.41 6.90
C ALA B 67 -22.42 -4.30 6.22
N GLN B 68 -21.76 -3.46 6.99
CA GLN B 68 -20.94 -2.40 6.42
C GLN B 68 -19.47 -2.70 6.66
N VAL B 69 -18.69 -2.70 5.59
CA VAL B 69 -17.27 -2.99 5.68
C VAL B 69 -16.50 -1.76 6.14
N ASP B 70 -15.90 -1.85 7.32
CA ASP B 70 -15.12 -0.75 7.87
C ASP B 70 -13.66 -0.92 7.47
N PHE B 71 -12.85 0.11 7.71
CA PHE B 71 -11.44 0.08 7.34
C PHE B 71 -10.69 -1.06 8.04
N SER B 72 -11.09 -1.38 9.27
CA SER B 72 -10.44 -2.45 10.01
C SER B 72 -10.65 -3.79 9.32
N GLU B 73 -11.84 -3.98 8.74
CA GLU B 73 -12.16 -5.20 8.01
C GLU B 73 -11.58 -5.15 6.60
N PHE B 74 -11.64 -3.97 6.00
CA PHE B 74 -11.14 -3.75 4.65
C PHE B 74 -9.63 -3.98 4.57
N ILE B 75 -8.89 -3.48 5.56
CA ILE B 75 -7.44 -3.62 5.57
C ILE B 75 -7.03 -5.09 5.67
N VAL B 76 -7.87 -5.89 6.33
CA VAL B 76 -7.60 -7.33 6.48
C VAL B 76 -7.67 -8.01 5.11
N PHE B 77 -8.67 -7.61 4.34
CA PHE B 77 -8.86 -8.17 3.00
C PHE B 77 -7.64 -7.87 2.13
N VAL B 78 -7.26 -6.60 2.08
CA VAL B 78 -6.10 -6.18 1.30
C VAL B 78 -4.85 -6.93 1.71
N ALA B 79 -4.63 -7.01 3.03
CA ALA B 79 -3.47 -7.71 3.57
C ALA B 79 -3.47 -9.18 3.16
N ALA B 80 -4.62 -9.83 3.28
CA ALA B 80 -4.75 -11.24 2.93
C ALA B 80 -4.45 -11.48 1.46
N ILE B 81 -5.03 -10.65 0.58
CA ILE B 81 -4.82 -10.79 -0.85
C ILE B 81 -3.34 -10.61 -1.20
N THR B 82 -2.71 -9.61 -0.61
CA THR B 82 -1.30 -9.35 -0.85
C THR B 82 -0.43 -10.52 -0.36
N SER B 83 -0.77 -11.05 0.81
CA SER B 83 -0.02 -12.16 1.37
C SER B 83 -0.17 -13.41 0.50
N ALA B 84 -1.39 -13.63 -0.01
CA ALA B 84 -1.66 -14.78 -0.87
C ALA B 84 -0.86 -14.69 -2.16
N CYS B 85 -0.74 -13.48 -2.70
CA CYS B 85 0.00 -13.25 -3.93
C CYS B 85 1.48 -13.53 -3.73
N HIS B 86 2.03 -13.03 -2.63
CA HIS B 86 3.45 -13.22 -2.33
C HIS B 86 3.73 -14.68 -2.00
N LYS B 87 2.75 -15.36 -1.41
CA LYS B 87 2.90 -16.77 -1.06
C LYS B 87 3.19 -17.57 -2.32
N TYR B 88 2.55 -17.18 -3.41
CA TYR B 88 2.75 -17.85 -4.69
C TYR B 88 4.12 -17.47 -5.26
N PHE B 89 4.56 -16.25 -4.98
CA PHE B 89 5.85 -15.78 -5.45
C PHE B 89 6.96 -16.52 -4.74
N GLU B 90 6.73 -16.85 -3.47
CA GLU B 90 7.71 -17.58 -2.68
C GLU B 90 7.95 -18.95 -3.30
N LYS B 91 6.85 -19.62 -3.67
CA LYS B 91 6.93 -20.93 -4.27
C LYS B 91 7.34 -20.86 -5.74
N ALA B 92 7.51 -19.65 -6.27
CA ALA B 92 7.91 -19.47 -7.65
C ALA B 92 9.41 -19.69 -7.82
N GLY B 93 10.14 -19.62 -6.71
CA GLY B 93 11.57 -19.82 -6.76
C GLY B 93 11.93 -21.23 -7.13
N LEU B 94 11.07 -22.17 -6.76
CA LEU B 94 11.29 -23.57 -7.07
C LEU B 94 10.60 -23.94 -8.39
N MET C 1 -3.03 -2.12 -12.92
CA MET C 1 -2.19 -1.13 -12.22
C MET C 1 -3.06 -0.04 -11.59
N THR C 2 -4.13 -0.46 -10.90
CA THR C 2 -5.02 0.47 -10.25
C THR C 2 -4.34 1.02 -8.99
N GLU C 3 -5.04 1.84 -8.23
CA GLU C 3 -4.46 2.40 -7.02
C GLU C 3 -4.21 1.29 -6.00
N LEU C 4 -5.19 0.40 -5.85
CA LEU C 4 -5.07 -0.70 -4.91
C LEU C 4 -3.98 -1.68 -5.37
N GLU C 5 -3.98 -1.99 -6.66
CA GLU C 5 -2.99 -2.91 -7.22
C GLU C 5 -1.58 -2.36 -7.02
N THR C 6 -1.42 -1.06 -7.21
CA THR C 6 -0.13 -0.41 -7.04
C THR C 6 0.31 -0.44 -5.58
N ALA C 7 -0.62 -0.14 -4.68
CA ALA C 7 -0.34 -0.14 -3.24
C ALA C 7 0.13 -1.52 -2.79
N MET C 8 -0.56 -2.56 -3.26
CA MET C 8 -0.22 -3.93 -2.91
C MET C 8 1.16 -4.30 -3.45
N GLY C 9 1.39 -3.97 -4.71
CA GLY C 9 2.68 -4.27 -5.33
C GLY C 9 3.82 -3.52 -4.68
N MET C 10 3.55 -2.29 -4.24
CA MET C 10 4.57 -1.46 -3.60
C MET C 10 5.05 -2.12 -2.31
N ILE C 11 4.13 -2.72 -1.56
CA ILE C 11 4.48 -3.38 -0.31
C ILE C 11 5.42 -4.56 -0.59
N ILE C 12 5.16 -5.26 -1.69
CA ILE C 12 5.98 -6.39 -2.08
C ILE C 12 7.41 -5.94 -2.41
N ASP C 13 7.50 -4.78 -3.06
CA ASP C 13 8.80 -4.21 -3.42
C ASP C 13 9.59 -3.86 -2.17
N VAL C 14 8.93 -3.23 -1.21
CA VAL C 14 9.55 -2.85 0.06
C VAL C 14 10.18 -4.07 0.72
N PHE C 15 9.39 -5.14 0.83
CA PHE C 15 9.86 -6.38 1.43
C PHE C 15 11.04 -6.97 0.67
N SER C 16 10.87 -7.14 -0.63
CA SER C 16 11.89 -7.73 -1.49
C SER C 16 13.20 -6.92 -1.54
N ARG C 17 13.14 -5.65 -1.17
CA ARG C 17 14.33 -4.81 -1.20
C ARG C 17 15.02 -4.76 0.16
N TYR C 18 14.55 -5.55 1.11
CA TYR C 18 15.14 -5.57 2.43
C TYR C 18 15.48 -7.00 2.86
N SER C 19 14.58 -7.94 2.61
CA SER C 19 14.84 -9.33 2.97
C SER C 19 15.75 -9.99 1.96
N GLY C 20 16.73 -10.73 2.45
CA GLY C 20 17.66 -11.40 1.57
C GLY C 20 19.08 -10.98 1.83
N SER C 21 19.28 -10.32 2.97
CA SER C 21 20.59 -9.86 3.36
C SER C 21 21.34 -10.98 4.06
N GLU C 22 20.63 -11.78 4.83
CA GLU C 22 21.23 -12.88 5.57
C GLU C 22 20.18 -13.94 5.91
N GLY C 23 20.60 -15.19 5.93
CA GLY C 23 19.71 -16.28 6.27
C GLY C 23 18.84 -16.73 5.10
N SER C 24 17.86 -15.92 4.74
CA SER C 24 16.95 -16.25 3.66
C SER C 24 16.56 -15.00 2.88
N THR C 25 15.84 -15.20 1.77
CA THR C 25 15.41 -14.11 0.93
C THR C 25 13.91 -13.85 1.07
N GLN C 26 13.23 -14.71 1.82
CA GLN C 26 11.78 -14.57 1.99
C GLN C 26 11.39 -14.29 3.44
N THR C 27 12.35 -13.86 4.25
CA THR C 27 12.07 -13.54 5.65
C THR C 27 12.95 -12.40 6.13
N LEU C 28 12.47 -11.68 7.14
CA LEU C 28 13.21 -10.57 7.71
C LEU C 28 13.78 -10.95 9.07
N THR C 29 15.10 -11.02 9.16
CA THR C 29 15.75 -11.35 10.42
C THR C 29 15.83 -10.12 11.32
N LYS C 30 16.39 -10.28 12.51
CA LYS C 30 16.52 -9.18 13.46
C LYS C 30 17.28 -8.01 12.83
N GLY C 31 18.36 -8.30 12.13
CA GLY C 31 19.16 -7.27 11.50
C GLY C 31 18.42 -6.57 10.38
N GLU C 32 17.85 -7.36 9.47
CA GLU C 32 17.10 -6.82 8.33
C GLU C 32 15.89 -6.01 8.78
N LEU C 33 15.19 -6.52 9.79
CA LEU C 33 14.01 -5.84 10.30
C LEU C 33 14.38 -4.48 10.86
N LYS C 34 15.53 -4.40 11.52
CA LYS C 34 16.00 -3.15 12.10
C LYS C 34 16.28 -2.14 10.98
N VAL C 35 16.95 -2.61 9.93
CA VAL C 35 17.26 -1.77 8.79
C VAL C 35 15.98 -1.24 8.14
N LEU C 36 14.99 -2.11 8.03
CA LEU C 36 13.71 -1.72 7.44
C LEU C 36 13.05 -0.64 8.29
N MET C 37 13.05 -0.85 9.60
CA MET C 37 12.45 0.11 10.53
C MET C 37 13.19 1.44 10.53
N GLU C 38 14.50 1.38 10.34
CA GLU C 38 15.32 2.58 10.33
C GLU C 38 15.23 3.32 8.98
N LYS C 39 14.45 2.79 8.05
CA LYS C 39 14.36 3.43 6.74
C LYS C 39 12.91 3.74 6.35
N GLU C 40 12.04 2.74 6.41
CA GLU C 40 10.65 2.93 6.03
C GLU C 40 9.85 3.66 7.10
N LEU C 41 9.98 3.23 8.35
CA LEU C 41 9.23 3.86 9.45
C LEU C 41 10.17 4.34 10.56
N PRO C 42 11.08 5.29 10.27
CA PRO C 42 12.01 5.81 11.24
C PRO C 42 11.35 6.83 12.15
N GLY C 43 10.88 6.37 13.30
CA GLY C 43 10.22 7.26 14.23
C GLY C 43 9.17 6.57 15.06
N PHE C 44 8.69 5.43 14.55
CA PHE C 44 7.67 4.67 15.24
C PHE C 44 8.28 3.89 16.41
N LEU C 45 9.60 3.74 16.38
CA LEU C 45 10.31 3.03 17.43
C LEU C 45 10.46 3.93 18.65
N GLN C 46 9.99 3.44 19.80
CA GLN C 46 10.08 4.21 21.04
C GLN C 46 11.53 4.41 21.48
N SER C 47 12.42 3.63 20.88
CA SER C 47 13.85 3.71 21.18
C SER C 47 14.58 4.49 20.07
N GLY C 48 13.80 5.16 19.22
CA GLY C 48 14.38 5.93 18.13
C GLY C 48 14.76 5.05 16.96
N LYS C 49 16.03 4.66 16.92
CA LYS C 49 16.53 3.79 15.87
C LYS C 49 17.52 2.79 16.45
N ASP C 50 17.46 2.64 17.78
CA ASP C 50 18.32 1.71 18.49
C ASP C 50 17.69 0.32 18.45
N LYS C 51 18.25 -0.63 19.16
CA LYS C 51 17.69 -1.96 19.19
C LYS C 51 16.54 -1.98 20.20
N ASP C 52 16.81 -2.43 21.42
CA ASP C 52 15.81 -2.46 22.51
C ASP C 52 14.43 -2.97 22.04
N ALA C 53 13.59 -2.06 21.57
CA ALA C 53 12.24 -2.38 21.10
C ALA C 53 12.27 -3.25 19.84
N VAL C 54 13.38 -3.21 19.11
CA VAL C 54 13.53 -4.00 17.88
C VAL C 54 13.36 -5.49 18.18
N ASP C 55 13.99 -5.93 19.27
CA ASP C 55 13.91 -7.32 19.69
C ASP C 55 12.48 -7.64 20.11
N LYS C 56 11.85 -6.66 20.75
CA LYS C 56 10.48 -6.82 21.21
C LYS C 56 9.53 -6.96 20.03
N LEU C 57 9.70 -6.11 19.03
CA LEU C 57 8.86 -6.12 17.84
C LEU C 57 9.03 -7.43 17.07
N LEU C 58 10.27 -7.89 16.94
CA LEU C 58 10.55 -9.13 16.24
C LEU C 58 9.79 -10.29 16.88
N LYS C 59 9.85 -10.36 18.20
CA LYS C 59 9.17 -11.41 18.94
C LYS C 59 7.66 -11.18 18.97
N ASP C 60 7.25 -9.93 18.84
CA ASP C 60 5.83 -9.59 18.84
C ASP C 60 5.18 -10.05 17.55
N LEU C 61 5.92 -9.91 16.45
CA LEU C 61 5.44 -10.32 15.14
C LEU C 61 5.59 -11.84 14.96
N ASP C 62 6.68 -12.37 15.51
CA ASP C 62 6.99 -13.80 15.44
C ASP C 62 5.80 -14.66 15.86
N ALA C 63 5.16 -15.27 14.88
CA ALA C 63 4.02 -16.14 15.13
C ALA C 63 4.36 -17.55 14.70
N ASN C 64 5.37 -17.68 13.86
CA ASN C 64 5.82 -18.96 13.36
C ASN C 64 6.80 -19.61 14.34
N GLY C 65 7.34 -18.81 15.26
CA GLY C 65 8.29 -19.31 16.22
C GLY C 65 9.62 -19.67 15.60
N ASP C 66 10.19 -18.73 14.87
CA ASP C 66 11.46 -18.93 14.20
C ASP C 66 12.35 -17.69 14.26
N ALA C 67 11.79 -16.60 14.80
CA ALA C 67 12.50 -15.32 14.93
C ALA C 67 12.71 -14.68 13.56
N GLN C 68 11.99 -15.18 12.58
CA GLN C 68 12.07 -14.66 11.22
C GLN C 68 10.71 -14.16 10.79
N VAL C 69 10.60 -12.85 10.61
CA VAL C 69 9.33 -12.25 10.20
C VAL C 69 9.06 -12.54 8.74
N ASP C 70 8.01 -13.31 8.47
CA ASP C 70 7.63 -13.65 7.11
C ASP C 70 6.68 -12.60 6.57
N PHE C 71 6.41 -12.65 5.26
CA PHE C 71 5.52 -11.68 4.62
C PHE C 71 4.12 -11.70 5.24
N SER C 72 3.67 -12.88 5.65
CA SER C 72 2.35 -13.02 6.25
C SER C 72 2.29 -12.26 7.57
N GLU C 73 3.36 -12.35 8.36
CA GLU C 73 3.43 -11.65 9.63
C GLU C 73 3.65 -10.16 9.39
N PHE C 74 4.51 -9.86 8.41
CA PHE C 74 4.83 -8.49 8.06
C PHE C 74 3.60 -7.73 7.56
N ILE C 75 2.80 -8.37 6.73
CA ILE C 75 1.60 -7.74 6.19
C ILE C 75 0.60 -7.42 7.31
N VAL C 76 0.59 -8.23 8.36
CA VAL C 76 -0.30 -8.01 9.49
C VAL C 76 0.10 -6.74 10.21
N PHE C 77 1.41 -6.56 10.38
CA PHE C 77 1.95 -5.39 11.05
C PHE C 77 1.56 -4.12 10.29
N VAL C 78 1.81 -4.13 8.97
CA VAL C 78 1.49 -2.99 8.12
C VAL C 78 -0.01 -2.68 8.16
N ALA C 79 -0.82 -3.72 8.08
CA ALA C 79 -2.27 -3.57 8.12
C ALA C 79 -2.72 -2.90 9.42
N ALA C 80 -2.15 -3.36 10.53
CA ALA C 80 -2.48 -2.81 11.84
C ALA C 80 -2.10 -1.34 11.93
N ILE C 81 -0.89 -1.01 11.49
CA ILE C 81 -0.42 0.37 11.52
C ILE C 81 -1.32 1.28 10.70
N THR C 82 -1.69 0.82 9.51
CA THR C 82 -2.56 1.58 8.62
C THR C 82 -3.93 1.78 9.28
N SER C 83 -4.45 0.72 9.89
CA SER C 83 -5.75 0.79 10.56
C SER C 83 -5.70 1.76 11.74
N ALA C 84 -4.61 1.68 12.52
CA ALA C 84 -4.44 2.55 13.67
C ALA C 84 -4.46 4.02 13.26
N CYS C 85 -3.84 4.32 12.13
CA CYS C 85 -3.79 5.67 11.61
C CYS C 85 -5.18 6.14 11.17
N HIS C 86 -5.87 5.29 10.42
CA HIS C 86 -7.21 5.63 9.93
C HIS C 86 -8.20 5.75 11.07
N LYS C 87 -8.01 4.95 12.11
CA LYS C 87 -8.88 4.98 13.28
C LYS C 87 -8.84 6.36 13.93
N TYR C 88 -7.67 6.98 13.88
CA TYR C 88 -7.50 8.31 14.45
C TYR C 88 -8.12 9.36 13.54
N PHE C 89 -8.09 9.10 12.24
CA PHE C 89 -8.69 10.02 11.27
C PHE C 89 -10.20 9.99 11.39
N GLU C 90 -10.72 8.85 11.80
CA GLU C 90 -12.16 8.68 12.01
C GLU C 90 -12.59 9.54 13.19
N LYS C 91 -11.76 9.57 14.22
CA LYS C 91 -12.03 10.34 15.42
C LYS C 91 -11.64 11.80 15.23
N ALA C 92 -11.20 12.15 14.03
CA ALA C 92 -10.81 13.52 13.73
C ALA C 92 -12.01 14.34 13.31
N GLY C 93 -13.09 13.67 12.92
CA GLY C 93 -14.29 14.35 12.50
C GLY C 93 -15.01 14.99 13.67
N LEU C 94 -14.92 14.37 14.83
CA LEU C 94 -15.56 14.89 16.03
C LEU C 94 -14.58 15.74 16.82
N ALA D 1 -15.15 18.41 14.77
CA ALA D 1 -13.80 18.78 14.31
C ALA D 1 -13.43 20.16 14.81
N MET D 2 -12.16 20.35 15.12
CA MET D 2 -11.65 21.63 15.60
C MET D 2 -10.26 21.91 15.04
N ALA D 3 -10.08 23.09 14.49
CA ALA D 3 -8.79 23.46 13.91
C ALA D 3 -8.65 24.98 13.87
N GLN D 4 -7.49 25.48 14.21
CA GLN D 4 -7.24 26.92 14.19
C GLN D 4 -6.81 27.34 12.80
N ASN D 5 -7.50 28.33 12.23
CA ASN D 5 -7.16 28.79 10.89
C ASN D 5 -6.10 29.87 10.94
N ILE D 6 -5.09 29.72 10.09
CA ILE D 6 -4.00 30.68 10.02
C ILE D 6 -3.75 31.10 8.57
N THR D 7 -3.93 32.38 8.29
CA THR D 7 -3.72 32.91 6.95
C THR D 7 -2.23 33.09 6.66
N ALA D 8 -1.72 32.35 5.69
CA ALA D 8 -0.31 32.41 5.34
C ALA D 8 -0.11 32.92 3.92
N ARG D 9 1.11 33.34 3.63
CA ARG D 9 1.47 33.87 2.32
C ARG D 9 2.25 32.81 1.54
N ILE D 10 2.00 32.71 0.24
CA ILE D 10 2.70 31.73 -0.59
C ILE D 10 4.19 32.08 -0.72
N GLY D 11 5.03 31.15 -0.30
CA GLY D 11 6.47 31.38 -0.36
C GLY D 11 6.97 32.19 0.81
N GLU D 12 6.31 32.02 1.95
CA GLU D 12 6.68 32.72 3.16
C GLU D 12 7.19 31.74 4.23
N PRO D 13 8.28 32.08 4.93
CA PRO D 13 8.83 31.24 6.00
C PRO D 13 7.99 31.35 7.27
N LEU D 14 7.40 30.24 7.69
CA LEU D 14 6.56 30.24 8.89
C LEU D 14 7.24 29.50 10.04
N VAL D 15 7.01 29.99 11.25
CA VAL D 15 7.56 29.38 12.44
C VAL D 15 6.44 28.97 13.38
N LEU D 16 6.09 27.69 13.35
CA LEU D 16 5.02 27.18 14.19
C LEU D 16 5.58 26.60 15.49
N LYS D 17 4.73 26.47 16.49
CA LYS D 17 5.14 25.92 17.77
C LYS D 17 4.24 24.75 18.15
N CYS D 18 4.85 23.58 18.33
CA CYS D 18 4.09 22.39 18.67
C CYS D 18 4.56 21.79 19.99
N LYS D 19 3.71 21.86 21.00
CA LYS D 19 4.04 21.31 22.31
C LYS D 19 3.46 19.91 22.43
N GLY D 20 3.95 19.15 23.40
CA GLY D 20 3.49 17.80 23.59
C GLY D 20 4.36 17.02 24.54
N ALA D 21 5.67 17.17 24.38
CA ALA D 21 6.64 16.47 25.22
C ALA D 21 6.72 17.12 26.60
N PRO D 22 6.44 16.35 27.65
CA PRO D 22 6.48 16.85 29.03
C PRO D 22 7.91 16.89 29.57
N LYS D 23 8.05 16.93 30.89
CA LYS D 23 9.37 16.97 31.51
C LYS D 23 9.93 15.55 31.63
N LYS D 24 10.00 14.87 30.49
CA LYS D 24 10.49 13.51 30.43
C LYS D 24 11.39 13.35 29.21
N PRO D 25 12.18 12.27 29.14
CA PRO D 25 13.07 12.00 28.00
C PRO D 25 12.34 11.99 26.66
N PRO D 26 12.97 12.53 25.61
CA PRO D 26 12.38 12.60 24.26
C PRO D 26 11.84 11.25 23.79
N GLN D 27 10.55 11.23 23.48
CA GLN D 27 9.89 10.02 23.02
C GLN D 27 9.63 10.09 21.52
N ARG D 28 8.96 9.08 20.97
CA ARG D 28 8.65 9.04 19.54
C ARG D 28 7.58 10.08 19.21
N LEU D 29 7.75 10.77 18.08
CA LEU D 29 6.80 11.79 17.69
C LEU D 29 6.03 11.35 16.44
N GLU D 30 4.82 10.89 16.64
CA GLU D 30 3.98 10.44 15.54
C GLU D 30 3.29 11.62 14.87
N TRP D 31 4.08 12.42 14.16
CA TRP D 31 3.56 13.58 13.46
C TRP D 31 2.58 13.14 12.37
N LYS D 32 1.45 13.82 12.29
CA LYS D 32 0.43 13.50 11.31
C LYS D 32 -0.25 14.78 10.82
N LEU D 33 -1.09 14.64 9.82
CA LEU D 33 -1.81 15.77 9.28
C LEU D 33 -3.07 15.29 8.57
N ASN D 34 -3.96 16.22 8.25
CA ASN D 34 -5.20 15.89 7.58
C ASN D 34 -5.24 16.55 6.22
N THR D 35 -5.09 15.75 5.16
CA THR D 35 -5.11 16.26 3.80
C THR D 35 -5.69 15.22 2.85
N GLY D 36 -5.75 15.56 1.56
CA GLY D 36 -6.26 14.64 0.57
C GLY D 36 -5.15 13.79 0.00
N ARG D 37 -4.18 14.44 -0.61
CA ARG D 37 -3.04 13.75 -1.21
C ARG D 37 -2.08 13.30 -0.12
N THR D 38 -1.87 14.17 0.87
CA THR D 38 -1.00 13.89 2.01
C THR D 38 0.41 13.46 1.57
N GLU D 39 1.16 14.41 1.03
CA GLU D 39 2.52 14.13 0.57
C GLU D 39 3.55 14.65 1.56
N ALA D 40 3.09 15.41 2.55
CA ALA D 40 3.99 15.97 3.55
C ALA D 40 3.94 15.17 4.84
N TRP D 41 3.61 13.89 4.73
CA TRP D 41 3.52 13.02 5.89
C TRP D 41 4.81 12.24 6.10
N LYS D 42 5.25 12.17 7.35
CA LYS D 42 6.45 11.44 7.73
C LYS D 42 6.59 11.45 9.25
N VAL D 43 6.77 10.28 9.84
CA VAL D 43 6.92 10.15 11.30
C VAL D 43 8.23 10.77 11.77
N LEU D 44 8.18 11.53 12.86
CA LEU D 44 9.36 12.20 13.40
C LEU D 44 10.01 11.36 14.50
N SER D 45 11.29 11.63 14.74
CA SER D 45 12.05 10.93 15.76
C SER D 45 13.11 11.84 16.34
N PRO D 46 13.31 11.82 17.67
CA PRO D 46 14.32 12.65 18.34
C PRO D 46 15.74 12.21 18.02
N GLN D 47 15.88 11.06 17.36
CA GLN D 47 17.18 10.53 17.00
C GLN D 47 17.33 10.36 15.49
N GLY D 48 16.29 10.71 14.74
CA GLY D 48 16.35 10.56 13.30
C GLY D 48 15.27 11.36 12.59
N GLY D 49 15.64 12.08 11.54
CA GLY D 49 14.67 12.88 10.80
C GLY D 49 14.22 12.21 9.52
N GLY D 50 15.04 12.30 8.49
CA GLY D 50 14.70 11.70 7.21
C GLY D 50 14.48 12.75 6.14
N PRO D 51 13.76 12.40 5.05
CA PRO D 51 13.50 13.33 3.94
C PRO D 51 12.54 14.47 4.32
N TRP D 52 11.97 14.39 5.51
CA TRP D 52 11.05 15.42 5.99
C TRP D 52 11.84 16.60 6.55
N ASP D 53 13.03 16.29 7.05
CA ASP D 53 13.92 17.28 7.64
C ASP D 53 14.41 18.26 6.59
N SER D 54 14.47 17.80 5.35
CA SER D 54 14.91 18.61 4.24
C SER D 54 13.82 19.59 3.80
N VAL D 55 12.63 19.41 4.33
CA VAL D 55 11.50 20.28 4.01
C VAL D 55 11.19 21.19 5.19
N ALA D 56 10.99 20.58 6.35
CA ALA D 56 10.69 21.33 7.55
C ALA D 56 11.71 21.03 8.64
N ARG D 57 12.22 22.07 9.27
CA ARG D 57 13.22 21.91 10.31
C ARG D 57 12.61 22.14 11.69
N VAL D 58 12.66 21.12 12.53
CA VAL D 58 12.13 21.19 13.88
C VAL D 58 13.25 21.58 14.86
N LEU D 59 13.05 22.69 15.55
CA LEU D 59 14.03 23.17 16.51
C LEU D 59 13.82 22.49 17.86
N PRO D 60 14.90 22.31 18.64
CA PRO D 60 14.85 21.66 19.96
C PRO D 60 13.80 22.24 20.91
N ASN D 61 13.48 23.51 20.74
CA ASN D 61 12.49 24.18 21.60
C ASN D 61 11.06 23.81 21.21
N GLY D 62 10.91 23.00 20.17
CA GLY D 62 9.59 22.59 19.74
C GLY D 62 9.01 23.49 18.67
N SER D 63 9.88 24.16 17.91
CA SER D 63 9.43 25.04 16.86
C SER D 63 9.56 24.37 15.50
N LEU D 64 8.59 24.59 14.64
CA LEU D 64 8.57 24.04 13.30
C LEU D 64 8.84 25.14 12.29
N PHE D 65 10.03 25.15 11.72
CA PHE D 65 10.40 26.17 10.76
C PHE D 65 10.24 25.67 9.32
N LEU D 66 9.48 26.42 8.55
CA LEU D 66 9.24 26.11 7.15
C LEU D 66 9.87 27.20 6.28
N PRO D 67 10.94 26.87 5.53
CA PRO D 67 11.64 27.82 4.67
C PRO D 67 10.71 28.56 3.70
N ALA D 68 9.87 27.81 3.01
CA ALA D 68 8.94 28.40 2.07
C ALA D 68 7.68 27.55 1.97
N VAL D 69 6.58 28.06 2.51
CA VAL D 69 5.31 27.35 2.47
C VAL D 69 4.63 27.53 1.11
N GLY D 70 4.34 26.42 0.45
CA GLY D 70 3.69 26.48 -0.84
C GLY D 70 2.28 25.94 -0.80
N ILE D 71 1.94 25.05 -1.72
CA ILE D 71 0.61 24.46 -1.76
C ILE D 71 0.64 23.01 -1.33
N GLN D 72 1.84 22.45 -1.26
CA GLN D 72 2.03 21.05 -0.86
C GLN D 72 1.96 20.94 0.66
N ASP D 73 2.36 22.01 1.33
CA ASP D 73 2.37 22.06 2.78
C ASP D 73 1.11 22.73 3.31
N GLU D 74 0.10 22.82 2.46
CA GLU D 74 -1.16 23.45 2.84
C GLU D 74 -2.16 22.38 3.28
N GLY D 75 -2.67 22.54 4.49
CA GLY D 75 -3.63 21.59 5.03
C GLY D 75 -3.81 21.75 6.51
N ILE D 76 -4.19 20.67 7.19
CA ILE D 76 -4.39 20.70 8.63
C ILE D 76 -3.32 19.86 9.33
N PHE D 77 -2.37 20.53 9.97
CA PHE D 77 -1.29 19.85 10.67
C PHE D 77 -1.76 19.34 12.03
N ARG D 78 -1.18 18.23 12.46
CA ARG D 78 -1.54 17.63 13.74
C ARG D 78 -0.30 17.05 14.44
N CYS D 79 0.34 17.88 15.25
CA CYS D 79 1.52 17.44 15.98
C CYS D 79 1.12 16.50 17.11
N GLN D 80 1.20 15.20 16.85
CA GLN D 80 0.82 14.19 17.83
C GLN D 80 2.05 13.42 18.31
N ALA D 81 1.97 12.92 19.54
CA ALA D 81 3.05 12.14 20.13
C ALA D 81 2.45 10.89 20.75
N MET D 82 3.29 9.93 21.12
CA MET D 82 2.80 8.71 21.73
C MET D 82 3.72 8.23 22.84
N ASN D 83 3.22 8.24 24.06
CA ASN D 83 3.97 7.80 25.21
C ASN D 83 3.84 6.28 25.35
N ARG D 84 4.80 5.64 26.01
CA ARG D 84 4.78 4.19 26.19
C ARG D 84 3.62 3.73 27.06
N ASN D 85 2.96 4.69 27.72
CA ASN D 85 1.83 4.37 28.57
C ASN D 85 0.53 4.75 27.88
N GLY D 86 0.62 5.06 26.59
CA GLY D 86 -0.55 5.44 25.84
C GLY D 86 -1.01 6.86 26.12
N LYS D 87 -0.31 7.82 25.53
CA LYS D 87 -0.65 9.22 25.72
C LYS D 87 -0.39 10.00 24.43
N GLU D 88 -1.41 10.70 23.96
CA GLU D 88 -1.31 11.48 22.73
C GLU D 88 -1.83 12.90 22.95
N THR D 89 -1.92 13.66 21.86
CA THR D 89 -2.40 15.04 21.92
C THR D 89 -3.15 15.39 20.64
N LYS D 90 -4.42 15.77 20.78
CA LYS D 90 -5.25 16.13 19.65
C LYS D 90 -5.17 17.62 19.39
N SER D 91 -4.21 18.02 18.56
CA SER D 91 -4.03 19.42 18.21
C SER D 91 -4.02 19.58 16.69
N ASN D 92 -4.96 20.36 16.17
CA ASN D 92 -5.05 20.56 14.73
C ASN D 92 -4.96 22.04 14.35
N TYR D 93 -4.05 22.35 13.45
CA TYR D 93 -3.84 23.70 12.97
C TYR D 93 -4.04 23.72 11.45
N ARG D 94 -4.91 24.58 10.97
CA ARG D 94 -5.17 24.65 9.54
C ARG D 94 -4.55 25.90 8.93
N VAL D 95 -3.56 25.67 8.09
CA VAL D 95 -2.88 26.75 7.40
C VAL D 95 -3.54 26.96 6.04
N ARG D 96 -3.87 28.20 5.74
CA ARG D 96 -4.50 28.53 4.47
C ARG D 96 -3.74 29.65 3.78
N VAL D 97 -3.36 29.44 2.54
CA VAL D 97 -2.62 30.44 1.77
C VAL D 97 -3.57 31.43 1.11
N TYR D 98 -3.10 32.66 0.93
CA TYR D 98 -3.90 33.72 0.30
C TYR D 98 -4.27 33.36 -1.13
N GLN D 99 -3.38 32.66 -1.81
CA GLN D 99 -3.62 32.26 -3.19
C GLN D 99 -3.69 30.75 -3.31
N ILE D 100 -4.91 30.23 -3.36
CA ILE D 100 -5.13 28.80 -3.45
C ILE D 100 -5.26 28.34 -4.91
N PRO D 101 -4.75 27.14 -5.22
CA PRO D 101 -4.82 26.58 -6.57
C PRO D 101 -6.21 26.09 -6.93
N ALA A 1 13.51 -22.18 -10.61
CA ALA A 1 12.52 -21.54 -11.51
C ALA A 1 12.76 -21.95 -12.95
N MET A 2 11.71 -21.89 -13.76
CA MET A 2 11.79 -22.25 -15.17
C MET A 2 10.93 -21.30 -15.99
N ALA A 3 11.51 -20.71 -17.03
CA ALA A 3 10.78 -19.78 -17.88
C ALA A 3 11.24 -19.90 -19.33
N GLN A 4 10.29 -19.77 -20.26
CA GLN A 4 10.59 -19.86 -21.68
C GLN A 4 11.19 -18.55 -22.17
N ASN A 5 12.40 -18.62 -22.73
CA ASN A 5 13.07 -17.43 -23.24
C ASN A 5 12.51 -17.03 -24.61
N ILE A 6 12.06 -15.78 -24.72
CA ILE A 6 11.51 -15.27 -25.96
C ILE A 6 12.11 -13.91 -26.31
N THR A 7 12.77 -13.84 -27.46
CA THR A 7 13.40 -12.60 -27.91
C THR A 7 12.39 -11.71 -28.65
N ALA A 8 12.30 -10.46 -28.23
CA ALA A 8 11.38 -9.50 -28.85
C ALA A 8 12.09 -8.18 -29.15
N ARG A 9 11.37 -7.26 -29.78
CA ARG A 9 11.92 -5.96 -30.12
C ARG A 9 11.00 -4.85 -29.61
N ILE A 10 11.60 -3.76 -29.16
CA ILE A 10 10.83 -2.63 -28.65
C ILE A 10 10.05 -1.95 -29.77
N GLY A 11 8.74 -1.82 -29.56
CA GLY A 11 7.90 -1.18 -30.55
C GLY A 11 7.30 -2.17 -31.53
N GLU A 12 7.62 -3.44 -31.32
CA GLU A 12 7.12 -4.50 -32.19
C GLU A 12 5.91 -5.17 -31.55
N PRO A 13 4.89 -5.55 -32.35
CA PRO A 13 3.70 -6.24 -31.85
C PRO A 13 4.01 -7.68 -31.46
N LEU A 14 3.29 -8.20 -30.48
CA LEU A 14 3.51 -9.56 -30.02
C LEU A 14 2.20 -10.22 -29.61
N VAL A 15 2.06 -11.50 -29.91
CA VAL A 15 0.86 -12.26 -29.56
C VAL A 15 1.25 -13.50 -28.76
N LEU A 16 0.81 -13.56 -27.52
CA LEU A 16 1.11 -14.70 -26.65
C LEU A 16 -0.13 -15.54 -26.42
N LYS A 17 0.05 -16.81 -26.10
CA LYS A 17 -1.08 -17.70 -25.86
C LYS A 17 -1.04 -18.20 -24.42
N CYS A 18 -2.16 -18.12 -23.74
CA CYS A 18 -2.25 -18.56 -22.35
C CYS A 18 -3.44 -19.49 -22.15
N LYS A 19 -3.21 -20.78 -22.42
CA LYS A 19 -4.25 -21.79 -22.27
C LYS A 19 -4.40 -22.18 -20.80
N GLY A 20 -5.16 -21.38 -20.07
CA GLY A 20 -5.40 -21.66 -18.66
C GLY A 20 -6.87 -21.77 -18.34
N ALA A 21 -7.64 -22.23 -19.31
CA ALA A 21 -9.08 -22.39 -19.14
C ALA A 21 -9.53 -23.77 -19.59
N PRO A 22 -10.17 -24.53 -18.69
CA PRO A 22 -10.66 -25.87 -19.00
C PRO A 22 -11.99 -25.84 -19.75
N LYS A 23 -12.58 -27.02 -19.96
CA LYS A 23 -13.85 -27.12 -20.66
C LYS A 23 -15.01 -26.79 -19.72
N LYS A 24 -14.95 -25.62 -19.11
CA LYS A 24 -15.95 -25.16 -18.17
C LYS A 24 -16.11 -23.65 -18.30
N PRO A 25 -17.21 -23.09 -17.76
CA PRO A 25 -17.46 -21.64 -17.81
C PRO A 25 -16.26 -20.84 -17.31
N PRO A 26 -15.85 -19.82 -18.07
CA PRO A 26 -14.70 -18.97 -17.72
C PRO A 26 -14.80 -18.41 -16.31
N GLN A 27 -13.84 -18.79 -15.49
CA GLN A 27 -13.79 -18.33 -14.10
C GLN A 27 -12.88 -17.10 -14.01
N ARG A 28 -12.49 -16.73 -12.80
CA ARG A 28 -11.63 -15.57 -12.61
C ARG A 28 -10.18 -15.92 -12.96
N LEU A 29 -9.53 -14.99 -13.66
CA LEU A 29 -8.14 -15.18 -14.08
C LEU A 29 -7.22 -14.22 -13.33
N GLU A 30 -6.47 -14.76 -12.38
CA GLU A 30 -5.54 -13.96 -11.59
C GLU A 30 -4.22 -13.79 -12.35
N TRP A 31 -4.22 -12.87 -13.31
CA TRP A 31 -3.03 -12.61 -14.10
C TRP A 31 -1.93 -12.04 -13.22
N LYS A 32 -0.75 -12.65 -13.29
CA LYS A 32 0.38 -12.22 -12.48
C LYS A 32 1.67 -12.31 -13.29
N LEU A 33 2.78 -12.03 -12.63
CA LEU A 33 4.08 -12.08 -13.27
C LEU A 33 5.17 -11.98 -12.21
N ASN A 34 6.39 -12.33 -12.58
CA ASN A 34 7.51 -12.28 -11.65
C ASN A 34 8.54 -11.27 -12.12
N THR A 35 8.58 -10.12 -11.47
CA THR A 35 9.52 -9.06 -11.81
C THR A 35 9.94 -8.32 -10.56
N GLY A 36 10.97 -7.49 -10.70
CA GLY A 36 11.45 -6.72 -9.56
C GLY A 36 10.51 -5.58 -9.22
N ARG A 37 10.26 -4.72 -10.20
CA ARG A 37 9.36 -3.59 -10.00
C ARG A 37 7.93 -3.97 -10.34
N THR A 38 7.78 -4.71 -11.45
CA THR A 38 6.47 -5.17 -11.89
C THR A 38 5.60 -4.01 -12.39
N GLU A 39 5.58 -3.81 -13.71
CA GLU A 39 4.80 -2.74 -14.31
C GLU A 39 3.47 -3.24 -14.86
N ALA A 40 3.55 -4.28 -15.70
CA ALA A 40 2.35 -4.84 -16.32
C ALA A 40 1.65 -5.86 -15.43
N TRP A 41 0.95 -5.39 -14.42
CA TRP A 41 0.22 -6.27 -13.51
C TRP A 41 -1.24 -5.82 -13.43
N LYS A 42 -2.16 -6.76 -13.62
CA LYS A 42 -3.59 -6.46 -13.55
C LYS A 42 -4.42 -7.73 -13.77
N VAL A 43 -5.31 -8.01 -12.83
CA VAL A 43 -6.18 -9.18 -12.93
C VAL A 43 -7.23 -8.96 -14.03
N LEU A 44 -7.32 -9.88 -14.97
CA LEU A 44 -8.27 -9.74 -16.08
C LEU A 44 -9.28 -10.89 -16.07
N SER A 45 -10.46 -10.63 -16.61
CA SER A 45 -11.52 -11.63 -16.68
C SER A 45 -12.50 -11.25 -17.79
N PRO A 46 -13.16 -12.25 -18.40
CA PRO A 46 -14.11 -12.02 -19.50
C PRO A 46 -15.42 -11.38 -19.02
N GLN A 47 -15.33 -10.17 -18.52
CA GLN A 47 -16.48 -9.42 -18.03
C GLN A 47 -16.03 -8.04 -17.55
N GLY A 48 -14.88 -8.00 -16.89
CA GLY A 48 -14.34 -6.75 -16.41
C GLY A 48 -12.90 -6.57 -16.82
N GLY A 49 -12.59 -5.43 -17.43
CA GLY A 49 -11.24 -5.17 -17.88
C GLY A 49 -10.44 -4.31 -16.92
N GLY A 50 -10.38 -3.02 -17.19
CA GLY A 50 -9.64 -2.11 -16.36
C GLY A 50 -8.65 -1.26 -17.15
N PRO A 51 -7.71 -0.57 -16.47
CA PRO A 51 -6.72 0.28 -17.14
C PRO A 51 -5.78 -0.51 -18.06
N TRP A 52 -5.61 -1.80 -17.76
CA TRP A 52 -4.72 -2.64 -18.56
C TRP A 52 -5.38 -3.07 -19.87
N ASP A 53 -6.69 -2.84 -19.95
CA ASP A 53 -7.47 -3.20 -21.14
C ASP A 53 -7.04 -2.37 -22.34
N SER A 54 -6.45 -1.21 -22.06
CA SER A 54 -5.98 -0.31 -23.10
C SER A 54 -4.53 -0.61 -23.48
N VAL A 55 -3.89 -1.47 -22.69
CA VAL A 55 -2.50 -1.83 -22.93
C VAL A 55 -2.43 -3.20 -23.62
N ALA A 56 -3.03 -4.19 -22.99
CA ALA A 56 -3.02 -5.54 -23.55
C ALA A 56 -4.42 -5.95 -23.97
N ARG A 57 -4.52 -6.55 -25.14
CA ARG A 57 -5.82 -6.97 -25.64
C ARG A 57 -5.98 -8.47 -25.46
N VAL A 58 -7.07 -8.86 -24.79
CA VAL A 58 -7.35 -10.27 -24.56
C VAL A 58 -8.37 -10.77 -25.56
N LEU A 59 -7.97 -11.77 -26.35
CA LEU A 59 -8.85 -12.33 -27.35
C LEU A 59 -9.59 -13.54 -26.77
N PRO A 60 -10.82 -13.79 -27.24
CA PRO A 60 -11.65 -14.91 -26.77
C PRO A 60 -11.05 -16.29 -27.02
N ASN A 61 -9.96 -16.33 -27.79
CA ASN A 61 -9.31 -17.59 -28.11
C ASN A 61 -8.25 -17.93 -27.07
N GLY A 62 -8.05 -17.03 -26.11
CA GLY A 62 -7.08 -17.25 -25.05
C GLY A 62 -5.71 -16.71 -25.40
N SER A 63 -5.66 -15.74 -26.29
CA SER A 63 -4.40 -15.14 -26.69
C SER A 63 -4.34 -13.67 -26.27
N LEU A 64 -3.14 -13.22 -25.96
CA LEU A 64 -2.91 -11.85 -25.54
C LEU A 64 -2.20 -11.08 -26.65
N PHE A 65 -2.80 -9.99 -27.09
CA PHE A 65 -2.21 -9.18 -28.15
C PHE A 65 -1.62 -7.90 -27.59
N LEU A 66 -0.33 -7.72 -27.84
CA LEU A 66 0.38 -6.53 -27.40
C LEU A 66 0.68 -5.65 -28.61
N PRO A 67 0.02 -4.48 -28.69
CA PRO A 67 0.20 -3.54 -29.80
C PRO A 67 1.65 -3.16 -30.01
N ALA A 68 2.31 -2.76 -28.94
CA ALA A 68 3.71 -2.37 -29.00
C ALA A 68 4.43 -2.72 -27.71
N VAL A 69 5.34 -3.67 -27.80
CA VAL A 69 6.10 -4.10 -26.63
C VAL A 69 7.26 -3.15 -26.37
N GLY A 70 7.22 -2.49 -25.23
CA GLY A 70 8.28 -1.56 -24.87
C GLY A 70 9.21 -2.15 -23.83
N ILE A 71 9.70 -1.31 -22.93
CA ILE A 71 10.60 -1.76 -21.89
C ILE A 71 9.83 -2.04 -20.61
N GLN A 72 8.60 -1.54 -20.57
CA GLN A 72 7.74 -1.73 -19.41
C GLN A 72 7.02 -3.06 -19.51
N ASP A 73 6.85 -3.54 -20.73
CA ASP A 73 6.18 -4.81 -20.98
C ASP A 73 7.16 -5.96 -20.99
N GLU A 74 8.37 -5.71 -20.48
CA GLU A 74 9.38 -6.74 -20.43
C GLU A 74 9.44 -7.36 -19.04
N GLY A 75 9.80 -8.63 -18.98
CA GLY A 75 9.88 -9.32 -17.72
C GLY A 75 9.45 -10.77 -17.83
N ILE A 76 9.01 -11.35 -16.73
CA ILE A 76 8.56 -12.73 -16.72
C ILE A 76 7.08 -12.82 -16.40
N PHE A 77 6.26 -12.90 -17.44
CA PHE A 77 4.81 -12.97 -17.28
C PHE A 77 4.37 -14.36 -16.85
N ARG A 78 3.21 -14.45 -16.21
CA ARG A 78 2.68 -15.74 -15.76
C ARG A 78 1.15 -15.74 -15.79
N CYS A 79 0.60 -16.40 -16.80
CA CYS A 79 -0.86 -16.50 -16.93
C CYS A 79 -1.37 -17.59 -16.01
N GLN A 80 -2.19 -17.21 -15.03
CA GLN A 80 -2.73 -18.17 -14.08
C GLN A 80 -4.21 -17.88 -13.82
N ALA A 81 -4.99 -18.95 -13.65
CA ALA A 81 -6.41 -18.84 -13.37
C ALA A 81 -6.72 -19.41 -11.99
N MET A 82 -7.94 -19.21 -11.53
CA MET A 82 -8.33 -19.71 -10.22
C MET A 82 -9.65 -20.48 -10.31
N ASN A 83 -9.56 -21.79 -10.16
CA ASN A 83 -10.73 -22.65 -10.19
C ASN A 83 -11.39 -22.68 -8.82
N ARG A 84 -12.73 -22.77 -8.78
CA ARG A 84 -13.48 -22.81 -7.52
C ARG A 84 -13.10 -24.03 -6.69
N ASN A 85 -12.50 -25.02 -7.35
CA ASN A 85 -12.08 -26.25 -6.69
C ASN A 85 -10.63 -26.15 -6.21
N GLY A 86 -10.02 -24.98 -6.43
CA GLY A 86 -8.64 -24.78 -6.02
C GLY A 86 -7.66 -25.37 -7.00
N LYS A 87 -7.38 -24.64 -8.06
CA LYS A 87 -6.45 -25.09 -9.10
C LYS A 87 -5.86 -23.90 -9.84
N GLU A 88 -4.61 -24.03 -10.26
CA GLU A 88 -3.91 -22.96 -10.98
C GLU A 88 -2.94 -23.56 -12.00
N THR A 89 -1.94 -22.79 -12.43
CA THR A 89 -0.97 -23.27 -13.40
C THR A 89 0.37 -22.54 -13.23
N LYS A 90 1.45 -23.24 -13.52
CA LYS A 90 2.79 -22.68 -13.40
C LYS A 90 3.40 -22.45 -14.79
N SER A 91 2.91 -21.42 -15.47
CA SER A 91 3.39 -21.10 -16.80
C SER A 91 4.03 -19.70 -16.80
N ASN A 92 5.37 -19.68 -16.84
CA ASN A 92 6.11 -18.42 -16.83
C ASN A 92 6.84 -18.19 -18.16
N TYR A 93 6.69 -16.99 -18.71
CA TYR A 93 7.34 -16.64 -19.97
C TYR A 93 8.36 -15.54 -19.74
N ARG A 94 9.56 -15.69 -20.30
CA ARG A 94 10.60 -14.70 -20.14
C ARG A 94 10.80 -13.93 -21.44
N VAL A 95 10.33 -12.70 -21.47
CA VAL A 95 10.46 -11.86 -22.65
C VAL A 95 11.66 -10.94 -22.50
N ARG A 96 12.48 -10.89 -23.53
CA ARG A 96 13.67 -10.04 -23.53
C ARG A 96 13.82 -9.34 -24.87
N VAL A 97 14.02 -8.04 -24.84
CA VAL A 97 14.17 -7.26 -26.07
C VAL A 97 15.64 -7.18 -26.50
N TYR A 98 15.86 -6.75 -27.73
CA TYR A 98 17.21 -6.62 -28.27
C TYR A 98 17.85 -5.30 -27.84
N GLN A 99 17.03 -4.40 -27.30
CA GLN A 99 17.52 -3.10 -26.85
C GLN A 99 17.11 -2.86 -25.39
N ILE A 100 18.00 -3.19 -24.47
CA ILE A 100 17.71 -3.03 -23.06
C ILE A 100 18.20 -1.67 -22.54
N PRO A 101 17.46 -1.06 -21.59
CA PRO A 101 17.81 0.24 -21.02
C PRO A 101 19.07 0.17 -20.17
N MET B 1 7.12 10.76 4.31
CA MET B 1 6.60 10.18 3.06
C MET B 1 7.64 9.24 2.45
N THR B 2 7.98 8.19 3.18
CA THR B 2 8.93 7.20 2.71
C THR B 2 8.26 6.30 1.67
N GLU B 3 8.97 5.28 1.24
CA GLU B 3 8.44 4.36 0.25
C GLU B 3 7.28 3.57 0.85
N LEU B 4 7.41 3.21 2.13
CA LEU B 4 6.38 2.48 2.83
C LEU B 4 5.22 3.42 3.22
N GLU B 5 5.57 4.61 3.71
CA GLU B 5 4.56 5.60 4.13
C GLU B 5 3.65 5.97 2.96
N THR B 6 4.23 6.12 1.78
CA THR B 6 3.46 6.48 0.59
C THR B 6 2.43 5.40 0.24
N ALA B 7 2.86 4.14 0.27
CA ALA B 7 1.97 3.02 -0.04
C ALA B 7 0.79 2.97 0.91
N MET B 8 1.06 3.21 2.19
CA MET B 8 0.03 3.20 3.22
C MET B 8 -0.98 4.32 3.00
N GLY B 9 -0.48 5.52 2.73
CA GLY B 9 -1.35 6.66 2.50
C GLY B 9 -2.20 6.50 1.26
N MET B 10 -1.64 5.88 0.23
CA MET B 10 -2.35 5.66 -1.03
C MET B 10 -3.62 4.81 -0.80
N ILE B 11 -3.52 3.82 0.08
CA ILE B 11 -4.66 2.96 0.38
C ILE B 11 -5.81 3.77 0.99
N ILE B 12 -5.45 4.72 1.85
CA ILE B 12 -6.43 5.58 2.51
C ILE B 12 -7.18 6.42 1.47
N ASP B 13 -6.42 6.96 0.52
CA ASP B 13 -6.99 7.78 -0.54
C ASP B 13 -7.97 6.97 -1.39
N VAL B 14 -7.56 5.75 -1.76
CA VAL B 14 -8.41 4.88 -2.55
C VAL B 14 -9.74 4.62 -1.84
N PHE B 15 -9.66 4.25 -0.56
CA PHE B 15 -10.85 3.98 0.23
C PHE B 15 -11.76 5.19 0.32
N SER B 16 -11.17 6.36 0.55
CA SER B 16 -11.91 7.61 0.69
C SER B 16 -12.63 8.01 -0.61
N ARG B 17 -12.12 7.57 -1.75
CA ARG B 17 -12.72 7.93 -3.03
C ARG B 17 -13.83 6.95 -3.42
N TYR B 18 -14.17 6.03 -2.53
CA TYR B 18 -15.23 5.07 -2.81
C TYR B 18 -16.34 5.14 -1.77
N SER B 19 -15.96 5.36 -0.52
CA SER B 19 -16.94 5.46 0.55
C SER B 19 -17.42 6.90 0.69
N GLY B 20 -18.73 7.10 0.64
CA GLY B 20 -19.29 8.43 0.75
C GLY B 20 -20.36 8.68 -0.27
N SER B 21 -20.64 7.68 -1.09
CA SER B 21 -21.65 7.78 -2.12
C SER B 21 -23.03 7.70 -1.50
N GLU B 22 -23.13 6.91 -0.43
CA GLU B 22 -24.38 6.74 0.30
C GLU B 22 -24.09 6.16 1.67
N GLY B 23 -25.06 6.21 2.57
CA GLY B 23 -24.88 5.69 3.91
C GLY B 23 -24.01 6.58 4.78
N SER B 24 -22.71 6.56 4.54
CA SER B 24 -21.78 7.37 5.30
C SER B 24 -20.52 7.63 4.47
N THR B 25 -19.52 8.22 5.09
CA THR B 25 -18.27 8.53 4.41
C THR B 25 -17.11 7.82 5.09
N GLN B 26 -17.44 6.89 5.99
CA GLN B 26 -16.43 6.13 6.73
C GLN B 26 -16.63 4.62 6.55
N THR B 27 -17.71 4.23 5.93
CA THR B 27 -18.00 2.82 5.71
C THR B 27 -18.37 2.55 4.27
N LEU B 28 -18.18 1.30 3.83
CA LEU B 28 -18.52 0.89 2.48
C LEU B 28 -19.81 0.10 2.47
N THR B 29 -20.82 0.64 1.80
CA THR B 29 -22.09 -0.05 1.68
C THR B 29 -21.99 -1.13 0.61
N LYS B 30 -23.03 -1.95 0.46
CA LYS B 30 -23.02 -3.02 -0.54
C LYS B 30 -22.89 -2.41 -1.94
N GLY B 31 -23.54 -1.27 -2.14
CA GLY B 31 -23.49 -0.60 -3.42
C GLY B 31 -22.10 -0.09 -3.75
N GLU B 32 -21.49 0.59 -2.78
CA GLU B 32 -20.15 1.14 -2.96
C GLU B 32 -19.11 0.03 -3.08
N LEU B 33 -19.32 -1.04 -2.33
CA LEU B 33 -18.42 -2.19 -2.35
C LEU B 33 -18.34 -2.76 -3.75
N LYS B 34 -19.49 -2.82 -4.43
CA LYS B 34 -19.54 -3.33 -5.79
C LYS B 34 -18.77 -2.41 -6.72
N VAL B 35 -18.91 -1.11 -6.51
CA VAL B 35 -18.22 -0.11 -7.33
C VAL B 35 -16.70 -0.28 -7.20
N LEU B 36 -16.25 -0.50 -5.97
CA LEU B 36 -14.84 -0.68 -5.68
C LEU B 36 -14.32 -1.92 -6.40
N MET B 37 -15.08 -3.00 -6.34
CA MET B 37 -14.70 -4.25 -6.98
C MET B 37 -14.78 -4.13 -8.51
N GLU B 38 -15.65 -3.25 -8.99
CA GLU B 38 -15.82 -3.05 -10.42
C GLU B 38 -14.88 -1.95 -10.93
N LYS B 39 -13.87 -1.61 -10.14
CA LYS B 39 -12.93 -0.57 -10.55
C LYS B 39 -11.50 -0.90 -10.14
N GLU B 40 -11.27 -1.08 -8.85
CA GLU B 40 -9.93 -1.37 -8.35
C GLU B 40 -9.51 -2.80 -8.64
N LEU B 41 -10.42 -3.74 -8.39
CA LEU B 41 -10.11 -5.16 -8.62
C LEU B 41 -11.15 -5.85 -9.52
N PRO B 42 -11.45 -5.32 -10.73
CA PRO B 42 -12.42 -5.94 -11.61
C PRO B 42 -11.86 -7.21 -12.23
N GLY B 43 -12.47 -8.34 -11.90
CA GLY B 43 -12.01 -9.60 -12.42
C GLY B 43 -11.59 -10.55 -11.32
N PHE B 44 -11.53 -10.05 -10.09
CA PHE B 44 -11.14 -10.87 -8.95
C PHE B 44 -12.36 -11.61 -8.39
N LEU B 45 -13.48 -11.48 -9.09
CA LEU B 45 -14.72 -12.13 -8.69
C LEU B 45 -15.09 -13.24 -9.65
N GLN B 46 -15.54 -14.35 -9.10
CA GLN B 46 -15.95 -15.50 -9.90
C GLN B 46 -17.16 -15.17 -10.75
N SER B 47 -17.99 -14.26 -10.28
CA SER B 47 -19.19 -13.84 -11.00
C SER B 47 -18.91 -12.65 -11.90
N GLY B 48 -17.63 -12.37 -12.15
CA GLY B 48 -17.26 -11.26 -13.00
C GLY B 48 -17.55 -9.92 -12.36
N LYS B 49 -18.69 -9.34 -12.72
CA LYS B 49 -19.09 -8.05 -12.17
C LYS B 49 -20.53 -8.10 -11.69
N ASP B 50 -20.99 -9.31 -11.37
CA ASP B 50 -22.35 -9.50 -10.88
C ASP B 50 -22.43 -9.16 -9.39
N LYS B 51 -23.56 -9.42 -8.78
CA LYS B 51 -23.74 -9.13 -7.35
C LYS B 51 -23.73 -10.39 -6.50
N ASP B 52 -23.71 -11.55 -7.16
CA ASP B 52 -23.71 -12.84 -6.47
C ASP B 52 -22.61 -12.96 -5.42
N ALA B 53 -21.37 -12.76 -5.84
CA ALA B 53 -20.24 -12.86 -4.91
C ALA B 53 -20.04 -11.59 -4.10
N VAL B 54 -20.65 -10.49 -4.54
CA VAL B 54 -20.53 -9.21 -3.85
C VAL B 54 -21.18 -9.28 -2.47
N ASP B 55 -22.38 -9.84 -2.43
CA ASP B 55 -23.12 -9.98 -1.17
C ASP B 55 -22.36 -10.90 -0.22
N LYS B 56 -21.70 -11.89 -0.80
CA LYS B 56 -20.93 -12.86 -0.03
C LYS B 56 -19.72 -12.19 0.61
N LEU B 57 -18.98 -11.40 -0.17
CA LEU B 57 -17.81 -10.70 0.33
C LEU B 57 -18.19 -9.70 1.42
N LEU B 58 -19.33 -9.07 1.24
CA LEU B 58 -19.82 -8.10 2.22
C LEU B 58 -20.04 -8.77 3.57
N LYS B 59 -20.71 -9.91 3.54
CA LYS B 59 -21.00 -10.65 4.76
C LYS B 59 -19.76 -11.37 5.30
N ASP B 60 -18.76 -11.54 4.45
CA ASP B 60 -17.52 -12.19 4.85
C ASP B 60 -16.62 -11.20 5.58
N LEU B 61 -16.57 -9.97 5.07
CA LEU B 61 -15.75 -8.93 5.67
C LEU B 61 -16.41 -8.34 6.91
N ASP B 62 -17.73 -8.16 6.84
CA ASP B 62 -18.50 -7.61 7.97
C ASP B 62 -18.25 -8.41 9.24
N ALA B 63 -17.50 -7.82 10.15
CA ALA B 63 -17.18 -8.45 11.42
C ALA B 63 -17.83 -7.73 12.57
N ASN B 64 -18.18 -6.47 12.33
CA ASN B 64 -18.83 -5.65 13.34
C ASN B 64 -20.32 -5.94 13.41
N GLY B 65 -20.85 -6.54 12.35
CA GLY B 65 -22.25 -6.89 12.31
C GLY B 65 -23.16 -5.70 12.02
N ASP B 66 -22.95 -5.07 10.87
CA ASP B 66 -23.77 -3.93 10.48
C ASP B 66 -23.97 -3.89 8.96
N ALA B 67 -23.40 -4.88 8.27
CA ALA B 67 -23.51 -4.99 6.81
C ALA B 67 -22.76 -3.85 6.13
N GLN B 68 -21.84 -3.25 6.88
CA GLN B 68 -21.03 -2.15 6.37
C GLN B 68 -19.56 -2.45 6.63
N VAL B 69 -18.78 -2.50 5.57
CA VAL B 69 -17.36 -2.78 5.69
C VAL B 69 -16.60 -1.51 6.06
N ASP B 70 -15.94 -1.53 7.20
CA ASP B 70 -15.17 -0.38 7.65
C ASP B 70 -13.72 -0.52 7.20
N PHE B 71 -12.93 0.54 7.38
CA PHE B 71 -11.53 0.53 6.98
C PHE B 71 -10.75 -0.59 7.65
N SER B 72 -11.07 -0.87 8.90
CA SER B 72 -10.39 -1.92 9.65
C SER B 72 -10.63 -3.29 9.01
N GLU B 73 -11.88 -3.55 8.64
CA GLU B 73 -12.23 -4.81 8.00
C GLU B 73 -11.66 -4.85 6.58
N PHE B 74 -11.68 -3.70 5.93
CA PHE B 74 -11.19 -3.56 4.56
C PHE B 74 -9.68 -3.79 4.48
N ILE B 75 -8.92 -3.18 5.40
CA ILE B 75 -7.46 -3.31 5.41
C ILE B 75 -7.05 -4.78 5.61
N VAL B 76 -7.87 -5.52 6.35
CA VAL B 76 -7.59 -6.94 6.59
C VAL B 76 -7.68 -7.71 5.29
N PHE B 77 -8.67 -7.36 4.47
CA PHE B 77 -8.87 -8.01 3.18
C PHE B 77 -7.68 -7.72 2.26
N VAL B 78 -7.30 -6.45 2.18
CA VAL B 78 -6.18 -6.02 1.33
C VAL B 78 -4.91 -6.76 1.72
N ALA B 79 -4.65 -6.84 3.02
CA ALA B 79 -3.45 -7.51 3.52
C ALA B 79 -3.47 -9.00 3.17
N ALA B 80 -4.65 -9.62 3.25
CA ALA B 80 -4.81 -11.03 2.95
C ALA B 80 -4.49 -11.30 1.48
N ILE B 81 -5.06 -10.49 0.60
CA ILE B 81 -4.84 -10.64 -0.83
C ILE B 81 -3.36 -10.49 -1.18
N THR B 82 -2.73 -9.46 -0.61
CA THR B 82 -1.33 -9.20 -0.84
C THR B 82 -0.47 -10.36 -0.34
N SER B 83 -0.83 -10.92 0.82
CA SER B 83 -0.10 -12.03 1.40
C SER B 83 -0.18 -13.25 0.48
N ALA B 84 -1.37 -13.49 -0.07
CA ALA B 84 -1.59 -14.61 -0.97
C ALA B 84 -0.79 -14.45 -2.26
N CYS B 85 -0.69 -13.22 -2.73
CA CYS B 85 0.05 -12.91 -3.95
C CYS B 85 1.53 -13.25 -3.79
N HIS B 86 2.13 -12.80 -2.69
CA HIS B 86 3.54 -13.06 -2.44
C HIS B 86 3.78 -14.54 -2.18
N LYS B 87 2.82 -15.18 -1.51
CA LYS B 87 2.91 -16.61 -1.20
C LYS B 87 3.03 -17.42 -2.50
N TYR B 88 2.38 -16.93 -3.53
CA TYR B 88 2.39 -17.59 -4.83
C TYR B 88 3.74 -17.39 -5.52
N PHE B 89 4.35 -16.23 -5.29
CA PHE B 89 5.65 -15.92 -5.87
C PHE B 89 6.74 -16.74 -5.20
N GLU B 90 6.53 -17.05 -3.93
CA GLU B 90 7.47 -17.85 -3.15
C GLU B 90 7.63 -19.24 -3.78
N LYS B 91 6.49 -19.83 -4.17
CA LYS B 91 6.49 -21.15 -4.80
C LYS B 91 6.92 -21.08 -6.26
N ALA B 92 7.07 -19.87 -6.77
CA ALA B 92 7.48 -19.67 -8.15
C ALA B 92 9.00 -19.73 -8.29
N GLY B 93 9.69 -19.63 -7.15
CA GLY B 93 11.15 -19.68 -7.15
C GLY B 93 11.68 -21.06 -7.50
N LEU B 94 10.94 -22.09 -7.12
CA LEU B 94 11.35 -23.45 -7.39
C LEU B 94 11.13 -23.79 -8.86
N MET C 1 -2.90 -2.44 -12.97
CA MET C 1 -2.14 -1.45 -12.19
C MET C 1 -3.05 -0.31 -11.77
N THR C 2 -4.11 -0.65 -11.04
CA THR C 2 -5.05 0.33 -10.55
C THR C 2 -4.44 1.08 -9.37
N GLU C 3 -5.23 1.92 -8.73
CA GLU C 3 -4.75 2.69 -7.59
C GLU C 3 -4.45 1.74 -6.44
N LEU C 4 -5.30 0.74 -6.28
CA LEU C 4 -5.11 -0.25 -5.22
C LEU C 4 -3.98 -1.22 -5.58
N GLU C 5 -3.98 -1.68 -6.84
CA GLU C 5 -2.95 -2.61 -7.31
C GLU C 5 -1.55 -2.01 -7.15
N THR C 6 -1.43 -0.71 -7.44
CA THR C 6 -0.14 -0.02 -7.33
C THR C 6 0.35 0.01 -5.88
N ALA C 7 -0.55 0.35 -4.96
CA ALA C 7 -0.20 0.41 -3.54
C ALA C 7 0.25 -0.97 -3.03
N MET C 8 -0.45 -2.01 -3.46
CA MET C 8 -0.13 -3.37 -3.05
C MET C 8 1.26 -3.77 -3.56
N GLY C 9 1.51 -3.51 -4.83
CA GLY C 9 2.79 -3.85 -5.42
C GLY C 9 3.93 -3.06 -4.81
N MET C 10 3.65 -1.81 -4.44
CA MET C 10 4.64 -0.93 -3.83
C MET C 10 5.20 -1.55 -2.55
N ILE C 11 4.33 -2.16 -1.76
CA ILE C 11 4.74 -2.78 -0.50
C ILE C 11 5.72 -3.93 -0.77
N ILE C 12 5.45 -4.70 -1.82
CA ILE C 12 6.30 -5.81 -2.20
C ILE C 12 7.69 -5.32 -2.58
N ASP C 13 7.74 -4.24 -3.35
CA ASP C 13 9.00 -3.64 -3.77
C ASP C 13 9.81 -3.18 -2.56
N VAL C 14 9.15 -2.50 -1.63
CA VAL C 14 9.79 -2.02 -0.41
C VAL C 14 10.43 -3.19 0.33
N PHE C 15 9.64 -4.24 0.54
CA PHE C 15 10.10 -5.43 1.25
C PHE C 15 11.30 -6.08 0.56
N SER C 16 11.18 -6.27 -0.75
CA SER C 16 12.22 -6.91 -1.54
C SER C 16 13.51 -6.09 -1.62
N ARG C 17 13.45 -4.84 -1.18
CA ARG C 17 14.63 -3.98 -1.21
C ARG C 17 15.27 -3.89 0.16
N TYR C 18 14.85 -4.78 1.06
CA TYR C 18 15.41 -4.80 2.41
C TYR C 18 15.82 -6.22 2.82
N SER C 19 15.06 -7.21 2.38
CA SER C 19 15.39 -8.61 2.69
C SER C 19 16.34 -9.18 1.64
N GLY C 20 17.40 -9.82 2.08
CA GLY C 20 18.35 -10.40 1.17
C GLY C 20 19.77 -9.94 1.43
N SER C 21 19.96 -9.26 2.55
CA SER C 21 21.27 -8.76 2.93
C SER C 21 22.05 -9.87 3.64
N GLU C 22 21.31 -10.74 4.31
CA GLU C 22 21.88 -11.86 5.03
C GLU C 22 20.78 -12.88 5.31
N GLY C 23 21.17 -14.12 5.56
CA GLY C 23 20.18 -15.16 5.83
C GLY C 23 19.54 -15.68 4.56
N SER C 24 18.52 -14.97 4.08
CA SER C 24 17.82 -15.37 2.87
C SER C 24 17.27 -14.14 2.16
N THR C 25 16.63 -14.35 1.02
CA THR C 25 16.05 -13.27 0.24
C THR C 25 14.53 -13.23 0.39
N GLN C 26 14.00 -14.01 1.33
CA GLN C 26 12.55 -14.07 1.52
C GLN C 26 12.16 -13.73 2.96
N THR C 27 13.12 -13.62 3.85
CA THR C 27 12.83 -13.32 5.25
C THR C 27 13.67 -12.16 5.76
N LEU C 28 13.12 -11.41 6.71
CA LEU C 28 13.80 -10.29 7.31
C LEU C 28 14.48 -10.71 8.62
N THR C 29 15.80 -10.67 8.64
CA THR C 29 16.54 -11.02 9.84
C THR C 29 16.51 -9.87 10.84
N LYS C 30 17.03 -10.10 12.04
CA LYS C 30 17.05 -9.08 13.08
C LYS C 30 17.79 -7.82 12.59
N GLY C 31 18.89 -8.02 11.89
CA GLY C 31 19.66 -6.91 11.38
C GLY C 31 18.93 -6.14 10.29
N GLU C 32 18.32 -6.86 9.36
CA GLU C 32 17.58 -6.23 8.27
C GLU C 32 16.34 -5.52 8.79
N LEU C 33 15.68 -6.13 9.77
CA LEU C 33 14.49 -5.55 10.37
C LEU C 33 14.82 -4.19 10.97
N LYS C 34 15.98 -4.10 11.60
CA LYS C 34 16.44 -2.86 12.21
C LYS C 34 16.67 -1.81 11.12
N VAL C 35 17.27 -2.23 10.03
CA VAL C 35 17.55 -1.34 8.91
C VAL C 35 16.24 -0.79 8.33
N LEU C 36 15.24 -1.67 8.24
CA LEU C 36 13.94 -1.28 7.73
C LEU C 36 13.31 -0.21 8.60
N MET C 37 13.40 -0.39 9.91
CA MET C 37 12.84 0.55 10.87
C MET C 37 13.63 1.86 10.88
N GLU C 38 14.90 1.78 10.54
CA GLU C 38 15.76 2.95 10.52
C GLU C 38 15.69 3.67 9.17
N LYS C 39 14.76 3.26 8.32
CA LYS C 39 14.61 3.87 7.00
C LYS C 39 13.16 4.17 6.65
N GLU C 40 12.33 3.14 6.62
CA GLU C 40 10.93 3.30 6.26
C GLU C 40 10.10 3.92 7.38
N LEU C 41 10.29 3.45 8.61
CA LEU C 41 9.52 3.98 9.75
C LEU C 41 10.43 4.47 10.88
N PRO C 42 11.31 5.46 10.60
CA PRO C 42 12.21 6.00 11.61
C PRO C 42 11.49 6.94 12.56
N GLY C 43 11.32 6.51 13.80
CA GLY C 43 10.63 7.32 14.78
C GLY C 43 9.50 6.58 15.44
N PHE C 44 9.17 5.41 14.90
CA PHE C 44 8.10 4.59 15.45
C PHE C 44 8.61 3.78 16.65
N LEU C 45 9.92 3.71 16.78
CA LEU C 45 10.54 2.98 17.86
C LEU C 45 10.66 3.84 19.10
N GLN C 46 10.30 3.28 20.25
CA GLN C 46 10.37 3.99 21.51
C GLN C 46 11.83 4.21 21.93
N SER C 47 12.72 3.39 21.39
CA SER C 47 14.14 3.48 21.69
C SER C 47 14.86 4.35 20.65
N GLY C 48 14.12 4.80 19.64
CA GLY C 48 14.70 5.62 18.60
C GLY C 48 15.22 4.81 17.43
N LYS C 49 16.53 4.60 17.39
CA LYS C 49 17.14 3.82 16.32
C LYS C 49 18.04 2.73 16.90
N ASP C 50 17.92 2.51 18.19
CA ASP C 50 18.72 1.50 18.88
C ASP C 50 18.01 0.15 18.83
N LYS C 51 18.50 -0.81 19.60
CA LYS C 51 17.88 -2.13 19.66
C LYS C 51 16.73 -2.12 20.67
N ASP C 52 16.73 -3.07 21.61
CA ASP C 52 15.69 -3.16 22.65
C ASP C 52 14.32 -3.46 22.03
N ALA C 53 13.70 -2.43 21.46
CA ALA C 53 12.39 -2.58 20.84
C ALA C 53 12.47 -3.41 19.56
N VAL C 54 13.62 -3.38 18.90
CA VAL C 54 13.81 -4.15 17.67
C VAL C 54 13.64 -5.64 17.95
N ASP C 55 14.28 -6.10 19.04
CA ASP C 55 14.19 -7.49 19.43
C ASP C 55 12.76 -7.83 19.84
N LYS C 56 12.13 -6.85 20.49
CA LYS C 56 10.75 -7.00 20.94
C LYS C 56 9.80 -7.16 19.76
N LEU C 57 9.98 -6.32 18.75
CA LEU C 57 9.15 -6.36 17.56
C LEU C 57 9.38 -7.67 16.81
N LEU C 58 10.64 -8.11 16.78
CA LEU C 58 10.98 -9.36 16.11
C LEU C 58 10.23 -10.52 16.74
N LYS C 59 10.32 -10.61 18.07
CA LYS C 59 9.65 -11.68 18.81
C LYS C 59 8.15 -11.45 18.88
N ASP C 60 7.70 -10.31 18.39
CA ASP C 60 6.28 -9.97 18.38
C ASP C 60 5.66 -10.35 17.05
N LEU C 61 6.40 -10.09 15.98
CA LEU C 61 5.92 -10.41 14.64
C LEU C 61 6.13 -11.88 14.32
N ASP C 62 7.26 -12.42 14.78
CA ASP C 62 7.61 -13.82 14.57
C ASP C 62 6.50 -14.73 15.10
N ALA C 63 5.75 -15.30 14.17
CA ALA C 63 4.67 -16.20 14.53
C ALA C 63 5.01 -17.61 14.08
N ASN C 64 5.96 -17.71 13.17
CA ASN C 64 6.40 -19.00 12.65
C ASN C 64 7.40 -19.65 13.60
N GLY C 65 8.06 -18.82 14.42
CA GLY C 65 9.01 -19.33 15.39
C GLY C 65 10.37 -19.64 14.80
N ASP C 66 10.99 -18.67 14.16
CA ASP C 66 12.31 -18.86 13.58
C ASP C 66 13.18 -17.62 13.76
N ALA C 67 12.59 -16.58 14.37
CA ALA C 67 13.27 -15.32 14.61
C ALA C 67 13.54 -14.59 13.28
N GLN C 68 12.69 -14.90 12.31
CA GLN C 68 12.78 -14.31 10.98
C GLN C 68 11.39 -13.86 10.56
N VAL C 69 11.25 -12.58 10.26
CA VAL C 69 9.95 -12.04 9.85
C VAL C 69 9.72 -12.27 8.36
N ASP C 70 8.70 -13.04 8.05
CA ASP C 70 8.36 -13.33 6.66
C ASP C 70 7.36 -12.28 6.16
N PHE C 71 7.06 -12.31 4.85
CA PHE C 71 6.14 -11.35 4.26
C PHE C 71 4.74 -11.45 4.87
N SER C 72 4.34 -12.67 5.22
CA SER C 72 3.02 -12.89 5.80
C SER C 72 2.90 -12.18 7.15
N GLU C 73 3.92 -12.32 7.98
CA GLU C 73 3.94 -11.68 9.29
C GLU C 73 4.12 -10.17 9.12
N PHE C 74 4.92 -9.78 8.14
CA PHE C 74 5.20 -8.38 7.85
C PHE C 74 3.95 -7.63 7.39
N ILE C 75 3.20 -8.23 6.48
CA ILE C 75 1.99 -7.59 5.95
C ILE C 75 0.95 -7.35 7.05
N VAL C 76 0.96 -8.20 8.08
CA VAL C 76 0.03 -8.06 9.19
C VAL C 76 0.35 -6.79 9.97
N PHE C 77 1.65 -6.56 10.20
CA PHE C 77 2.13 -5.39 10.92
C PHE C 77 1.72 -4.11 10.18
N VAL C 78 1.96 -4.09 8.88
CA VAL C 78 1.62 -2.94 8.04
C VAL C 78 0.13 -2.63 8.12
N ALA C 79 -0.69 -3.68 8.03
CA ALA C 79 -2.14 -3.53 8.09
C ALA C 79 -2.57 -2.96 9.44
N ALA C 80 -1.98 -3.48 10.51
CA ALA C 80 -2.29 -3.04 11.86
C ALA C 80 -1.97 -1.57 12.05
N ILE C 81 -0.79 -1.16 11.58
CA ILE C 81 -0.36 0.23 11.69
C ILE C 81 -1.32 1.15 10.93
N THR C 82 -1.62 0.78 9.68
CA THR C 82 -2.52 1.56 8.85
C THR C 82 -3.91 1.66 9.49
N SER C 83 -4.39 0.54 10.04
CA SER C 83 -5.70 0.50 10.68
C SER C 83 -5.73 1.48 11.86
N ALA C 84 -4.67 1.51 12.65
CA ALA C 84 -4.58 2.39 13.80
C ALA C 84 -4.55 3.85 13.36
N CYS C 85 -3.91 4.12 12.24
CA CYS C 85 -3.81 5.49 11.72
C CYS C 85 -5.19 6.02 11.35
N HIS C 86 -5.95 5.22 10.60
CA HIS C 86 -7.28 5.63 10.18
C HIS C 86 -8.23 5.69 11.38
N LYS C 87 -7.99 4.80 12.36
CA LYS C 87 -8.81 4.76 13.57
C LYS C 87 -8.64 6.06 14.35
N TYR C 88 -7.47 6.66 14.23
CA TYR C 88 -7.18 7.91 14.92
C TYR C 88 -7.88 9.07 14.19
N PHE C 89 -7.92 8.98 12.86
CA PHE C 89 -8.56 10.00 12.04
C PHE C 89 -10.07 9.96 12.25
N GLU C 90 -10.57 8.77 12.54
CA GLU C 90 -11.99 8.56 12.77
C GLU C 90 -12.47 9.40 13.95
N LYS C 91 -11.68 9.42 15.02
CA LYS C 91 -12.02 10.19 16.20
C LYS C 91 -11.60 11.65 16.07
N ALA C 92 -10.92 11.98 14.98
CA ALA C 92 -10.48 13.35 14.75
C ALA C 92 -11.60 14.20 14.17
N GLY C 93 -12.66 13.55 13.72
CA GLY C 93 -13.78 14.26 13.15
C GLY C 93 -14.66 14.93 14.18
N LEU C 94 -14.71 14.34 15.38
CA LEU C 94 -15.53 14.88 16.45
C LEU C 94 -14.91 16.17 16.98
N ALA D 1 -15.22 18.66 14.53
CA ALA D 1 -13.77 18.92 14.38
C ALA D 1 -13.45 20.37 14.73
N MET D 2 -12.23 20.62 15.17
CA MET D 2 -11.81 21.96 15.53
C MET D 2 -10.38 22.20 15.05
N ALA D 3 -10.17 23.26 14.30
CA ALA D 3 -8.85 23.59 13.78
C ALA D 3 -8.60 25.09 13.78
N GLN D 4 -7.42 25.49 14.19
CA GLN D 4 -7.03 26.90 14.23
C GLN D 4 -6.70 27.38 12.83
N ASN D 5 -7.44 28.36 12.33
CA ASN D 5 -7.20 28.89 10.99
C ASN D 5 -6.02 29.85 10.98
N ILE D 6 -5.05 29.56 10.12
CA ILE D 6 -3.85 30.38 9.99
C ILE D 6 -3.61 30.73 8.52
N THR D 7 -3.62 32.03 8.23
CA THR D 7 -3.40 32.51 6.87
C THR D 7 -1.91 32.60 6.54
N ALA D 8 -1.51 31.95 5.45
CA ALA D 8 -0.12 31.96 5.04
C ALA D 8 0.02 32.38 3.58
N ARG D 9 1.25 32.46 3.12
CA ARG D 9 1.54 32.84 1.74
C ARG D 9 2.52 31.85 1.10
N ILE D 10 2.30 31.54 -0.17
CA ILE D 10 3.15 30.59 -0.88
C ILE D 10 4.57 31.12 -1.03
N GLY D 11 5.52 30.36 -0.49
CA GLY D 11 6.92 30.74 -0.58
C GLY D 11 7.40 31.48 0.65
N GLU D 12 6.50 31.69 1.59
CA GLU D 12 6.84 32.40 2.82
C GLU D 12 7.23 31.41 3.92
N PRO D 13 8.27 31.74 4.70
CA PRO D 13 8.71 30.90 5.81
C PRO D 13 7.71 30.93 6.95
N LEU D 14 7.53 29.81 7.64
CA LEU D 14 6.60 29.75 8.75
C LEU D 14 7.17 28.93 9.90
N VAL D 15 6.95 29.40 11.12
CA VAL D 15 7.45 28.72 12.31
C VAL D 15 6.28 28.37 13.24
N LEU D 16 5.97 27.09 13.31
CA LEU D 16 4.89 26.60 14.15
C LEU D 16 5.44 26.03 15.44
N LYS D 17 4.62 25.99 16.48
CA LYS D 17 5.06 25.47 17.78
C LYS D 17 4.14 24.33 18.23
N CYS D 18 4.72 23.20 18.56
CA CYS D 18 3.94 22.04 18.99
C CYS D 18 4.46 21.52 20.32
N LYS D 19 3.91 22.04 21.41
CA LYS D 19 4.31 21.62 22.75
C LYS D 19 3.61 20.31 23.14
N GLY D 20 4.06 19.23 22.54
CA GLY D 20 3.47 17.92 22.82
C GLY D 20 4.41 17.02 23.60
N ALA D 21 5.29 17.63 24.38
CA ALA D 21 6.24 16.89 25.18
C ALA D 21 6.18 17.31 26.64
N PRO D 22 6.03 16.34 27.56
CA PRO D 22 5.97 16.62 28.99
C PRO D 22 7.37 16.76 29.61
N LYS D 23 7.42 16.85 30.93
CA LYS D 23 8.69 16.97 31.64
C LYS D 23 9.34 15.59 31.83
N LYS D 24 9.63 14.93 30.72
CA LYS D 24 10.24 13.61 30.72
C LYS D 24 11.03 13.39 29.44
N PRO D 25 11.87 12.34 29.38
CA PRO D 25 12.67 12.03 28.21
C PRO D 25 11.83 11.94 26.94
N PRO D 26 12.28 12.60 25.85
CA PRO D 26 11.55 12.62 24.57
C PRO D 26 11.19 11.23 24.07
N GLN D 27 9.90 11.00 23.89
CA GLN D 27 9.40 9.73 23.40
C GLN D 27 9.19 9.80 21.89
N ARG D 28 8.50 8.81 21.32
CA ARG D 28 8.24 8.80 19.89
C ARG D 28 7.13 9.79 19.55
N LEU D 29 7.35 10.54 18.47
CA LEU D 29 6.38 11.54 18.02
C LEU D 29 5.74 11.13 16.70
N GLU D 30 4.55 10.56 16.78
CA GLU D 30 3.84 10.13 15.59
C GLU D 30 3.11 11.30 14.93
N TRP D 31 3.87 12.07 14.16
CA TRP D 31 3.33 13.23 13.47
C TRP D 31 2.28 12.81 12.46
N LYS D 32 1.17 13.54 12.43
CA LYS D 32 0.07 13.24 11.51
C LYS D 32 -0.60 14.54 11.06
N LEU D 33 -1.65 14.39 10.26
CA LEU D 33 -2.41 15.52 9.75
C LEU D 33 -3.72 15.02 9.15
N ASN D 34 -4.62 15.95 8.88
CA ASN D 34 -5.92 15.60 8.31
C ASN D 34 -6.10 16.24 6.94
N THR D 35 -6.01 15.42 5.90
CA THR D 35 -6.15 15.90 4.53
C THR D 35 -6.70 14.79 3.65
N GLY D 36 -7.17 15.15 2.46
CA GLY D 36 -7.69 14.17 1.54
C GLY D 36 -6.58 13.37 0.89
N ARG D 37 -5.66 14.07 0.24
CA ARG D 37 -4.53 13.42 -0.41
C ARG D 37 -3.41 13.19 0.59
N THR D 38 -3.08 14.23 1.35
CA THR D 38 -2.03 14.17 2.37
C THR D 38 -0.63 14.08 1.75
N GLU D 39 0.08 15.20 1.74
CA GLU D 39 1.41 15.26 1.16
C GLU D 39 2.50 15.25 2.24
N ALA D 40 2.40 16.18 3.18
CA ALA D 40 3.39 16.30 4.24
C ALA D 40 3.08 15.39 5.42
N TRP D 41 3.47 14.13 5.31
CA TRP D 41 3.26 13.16 6.37
C TRP D 41 4.53 12.36 6.61
N LYS D 42 4.97 12.30 7.87
CA LYS D 42 6.17 11.56 8.24
C LYS D 42 6.38 11.62 9.75
N VAL D 43 6.56 10.45 10.36
CA VAL D 43 6.80 10.36 11.80
C VAL D 43 8.21 10.86 12.12
N LEU D 44 8.31 11.79 13.06
CA LEU D 44 9.61 12.35 13.42
C LEU D 44 9.98 12.03 14.87
N SER D 45 11.27 12.01 15.15
CA SER D 45 11.79 11.74 16.49
C SER D 45 13.18 12.33 16.63
N PRO D 46 13.58 12.72 17.85
CA PRO D 46 14.91 13.32 18.11
C PRO D 46 16.06 12.32 18.04
N GLN D 47 15.98 11.39 17.08
CA GLN D 47 17.01 10.39 16.89
C GLN D 47 17.02 9.90 15.45
N GLY D 48 16.16 10.48 14.62
CA GLY D 48 16.08 10.08 13.23
C GLY D 48 15.11 10.95 12.44
N GLY D 49 15.61 11.57 11.38
CA GLY D 49 14.78 12.43 10.56
C GLY D 49 14.11 11.69 9.42
N GLY D 50 14.69 11.80 8.23
CA GLY D 50 14.14 11.15 7.06
C GLY D 50 13.97 12.11 5.91
N PRO D 51 13.23 11.73 4.87
CA PRO D 51 13.01 12.58 3.69
C PRO D 51 12.25 13.88 3.99
N TRP D 52 11.60 13.94 5.15
CA TRP D 52 10.84 15.12 5.52
C TRP D 52 11.70 16.13 6.26
N ASP D 53 12.86 15.69 6.73
CA ASP D 53 13.79 16.56 7.47
C ASP D 53 14.32 17.66 6.56
N SER D 54 14.42 17.35 5.27
CA SER D 54 14.89 18.31 4.29
C SER D 54 13.75 19.21 3.83
N VAL D 55 12.56 18.99 4.39
CA VAL D 55 11.40 19.79 4.05
C VAL D 55 11.02 20.67 5.24
N ALA D 56 10.88 20.04 6.40
CA ALA D 56 10.54 20.74 7.63
C ALA D 56 11.58 20.46 8.71
N ARG D 57 12.12 21.51 9.29
CA ARG D 57 13.13 21.34 10.33
C ARG D 57 12.53 21.46 11.72
N VAL D 58 12.87 20.53 12.59
CA VAL D 58 12.37 20.52 13.94
C VAL D 58 13.41 21.08 14.89
N LEU D 59 13.07 22.15 15.59
CA LEU D 59 13.97 22.77 16.53
C LEU D 59 13.85 22.10 17.89
N PRO D 60 14.96 22.02 18.66
CA PRO D 60 15.00 21.37 19.99
C PRO D 60 14.02 22.00 20.99
N ASN D 61 13.51 23.18 20.68
CA ASN D 61 12.59 23.85 21.57
C ASN D 61 11.15 23.40 21.31
N GLY D 62 10.96 22.60 20.27
CA GLY D 62 9.64 22.10 19.95
C GLY D 62 8.93 22.93 18.88
N SER D 63 9.70 23.58 18.03
CA SER D 63 9.14 24.39 16.97
C SER D 63 9.45 23.78 15.60
N LEU D 64 8.53 23.97 14.66
CA LEU D 64 8.70 23.45 13.32
C LEU D 64 8.96 24.60 12.36
N PHE D 65 10.10 24.55 11.70
CA PHE D 65 10.48 25.60 10.76
C PHE D 65 10.24 25.15 9.32
N LEU D 66 9.42 25.91 8.62
CA LEU D 66 9.12 25.65 7.23
C LEU D 66 9.79 26.72 6.37
N PRO D 67 10.86 26.35 5.64
CA PRO D 67 11.61 27.29 4.78
C PRO D 67 10.70 28.04 3.80
N ALA D 68 9.85 27.31 3.11
CA ALA D 68 8.93 27.90 2.15
C ALA D 68 7.64 27.10 2.07
N VAL D 69 6.55 27.69 2.56
CA VAL D 69 5.26 27.03 2.54
C VAL D 69 4.64 27.15 1.16
N GLY D 70 4.46 26.02 0.49
CA GLY D 70 3.88 26.02 -0.83
C GLY D 70 2.43 25.59 -0.83
N ILE D 71 2.05 24.76 -1.79
CA ILE D 71 0.68 24.28 -1.88
C ILE D 71 0.58 22.85 -1.38
N GLN D 72 1.74 22.22 -1.20
CA GLN D 72 1.80 20.84 -0.72
C GLN D 72 1.92 20.85 0.80
N ASP D 73 2.24 22.01 1.34
CA ASP D 73 2.40 22.17 2.78
C ASP D 73 1.15 22.80 3.38
N GLU D 74 0.06 22.69 2.67
CA GLU D 74 -1.21 23.25 3.11
C GLU D 74 -2.11 22.14 3.64
N GLY D 75 -3.07 22.50 4.47
CA GLY D 75 -3.98 21.51 5.02
C GLY D 75 -4.16 21.67 6.52
N ILE D 76 -4.47 20.56 7.19
CA ILE D 76 -4.68 20.57 8.63
C ILE D 76 -3.65 19.69 9.32
N PHE D 77 -2.57 20.31 9.79
CA PHE D 77 -1.51 19.57 10.48
C PHE D 77 -1.92 19.21 11.91
N ARG D 78 -1.29 18.18 12.46
CA ARG D 78 -1.60 17.76 13.82
C ARG D 78 -0.37 17.16 14.50
N CYS D 79 0.23 17.91 15.41
CA CYS D 79 1.39 17.44 16.14
C CYS D 79 0.92 16.55 17.30
N GLN D 80 1.31 15.29 17.27
CA GLN D 80 0.91 14.35 18.31
C GLN D 80 2.05 13.41 18.68
N ALA D 81 2.16 13.12 19.97
CA ALA D 81 3.16 12.20 20.47
C ALA D 81 2.48 11.04 21.17
N MET D 82 3.22 9.97 21.43
CA MET D 82 2.64 8.82 22.10
C MET D 82 3.41 8.47 23.36
N ASN D 83 2.74 8.62 24.50
CA ASN D 83 3.34 8.29 25.78
C ASN D 83 3.27 6.78 26.02
N ARG D 84 4.27 6.22 26.68
CA ARG D 84 4.32 4.78 26.95
C ARG D 84 3.12 4.33 27.78
N ASN D 85 2.55 5.25 28.55
CA ASN D 85 1.39 4.94 29.39
C ASN D 85 0.10 5.04 28.58
N GLY D 86 0.23 5.47 27.33
CA GLY D 86 -0.92 5.63 26.47
C GLY D 86 -1.53 7.00 26.60
N LYS D 87 -1.01 7.95 25.83
CA LYS D 87 -1.50 9.32 25.86
C LYS D 87 -1.13 10.02 24.56
N GLU D 88 -2.00 10.93 24.12
CA GLU D 88 -1.78 11.68 22.90
C GLU D 88 -2.33 13.11 23.04
N THR D 89 -2.55 13.79 21.92
CA THR D 89 -3.07 15.15 21.95
C THR D 89 -3.87 15.44 20.68
N LYS D 90 -4.86 16.31 20.80
CA LYS D 90 -5.71 16.68 19.68
C LYS D 90 -5.49 18.14 19.30
N SER D 91 -4.38 18.41 18.65
CA SER D 91 -4.04 19.76 18.23
C SER D 91 -3.97 19.85 16.72
N ASN D 92 -5.01 20.40 16.10
CA ASN D 92 -5.06 20.52 14.64
C ASN D 92 -4.96 21.98 14.21
N TYR D 93 -4.10 22.24 13.24
CA TYR D 93 -3.90 23.58 12.71
C TYR D 93 -4.30 23.63 11.25
N ARG D 94 -5.12 24.59 10.89
CA ARG D 94 -5.59 24.74 9.52
C ARG D 94 -4.84 25.87 8.82
N VAL D 95 -3.93 25.50 7.94
CA VAL D 95 -3.15 26.48 7.20
C VAL D 95 -3.74 26.68 5.81
N ARG D 96 -3.92 27.93 5.42
CA ARG D 96 -4.46 28.26 4.11
C ARG D 96 -3.71 29.45 3.51
N VAL D 97 -3.28 29.30 2.26
CA VAL D 97 -2.54 30.35 1.59
C VAL D 97 -3.48 31.31 0.86
N TYR D 98 -2.98 32.49 0.54
CA TYR D 98 -3.76 33.50 -0.15
C TYR D 98 -3.89 33.19 -1.65
N GLN D 99 -3.16 32.19 -2.10
CA GLN D 99 -3.19 31.79 -3.50
C GLN D 99 -3.37 30.30 -3.64
N ILE D 100 -4.62 29.86 -3.74
CA ILE D 100 -4.94 28.45 -3.86
C ILE D 100 -4.95 28.00 -5.31
N PRO D 101 -4.38 26.82 -5.60
CA PRO D 101 -4.32 26.27 -6.96
C PRO D 101 -5.69 25.90 -7.51
#